data_7OFX
#
_entry.id   7OFX
#
_cell.length_a   97.534
_cell.length_b   168.396
_cell.length_c   100.687
_cell.angle_alpha   90.000
_cell.angle_beta   116.530
_cell.angle_gamma   90.000
#
_symmetry.space_group_name_H-M   'P 1 21 1'
#
loop_
_entity.id
_entity.type
_entity.pdbx_description
1 polymer 'Alpha-glucosidase yihQ'
2 non-polymer '[(2S,3S,4S,5R,6S)-6-[(2R)-2,3-bis(oxidanyl)propoxy]-3,4,5-tris(oxidanyl)oxan-2-yl]methanesulfonic acid'
3 water water
#
_entity_poly.entity_id   1
_entity_poly.type   'polypeptide(L)'
_entity_poly.pdbx_seq_one_letter_code
;MHFETTKDGFTIAIGNRIILSHSPDKPAFFAGFGEERMDMYRGNFDIEDYVIERTALRHAEVSGDSVTLSSAPGQAPRLR
LTLDGNAIRLTALDETINRLWLRVVAETDEHVWGGGEQMSYFDMRGRRFPLWTSEPGVGRDKTTEITFKSDVSGKAGGDY
YNTNYPQPTWLSSRKYALHVETSAYSVFDFRNGDFHEIEIWAVPEKIEFFAGDSFADIVSALSLHFGRQPELPDWVYNGA
IIGLKDGVNSFARLEKIRAAGTKVSGLWCEDWVGLRQTSFGARLFWDWQANDTRYPHLRQKIAELADQGIRFLGYVNPYL
CVDGPLFPVAESAGYFATDVDGKTALVDFGEFDCGVVDFTNPAAADWFAAAIIGKNMLDFGLSGWMADFGEYLPIDIKLS
NGVDAKLMHNAWPTLWAEVNAKGVESRGKTGEALFFMRAGFTGVQAHCPLIWGGNQSVDFSRHDGLVTVICGALSSGLMG
NAYHHSDIGGYTSLFGNVRTAELIMRWTEMAAFTPVMRTHEGNRPRDNLQIDQDETVLAHFARMTAIYVALAPYLKSLSA
EAAKTGLPVQRPLFLHYENEPQTYAVQDCYLYGADMLVAPVWKAGETQRSLYLPGHGEWVHLWSGKRHAGGRDITVETPL
GEPAVFYRADSSHHRLFEQLRTIGLEHHHHHH
;
_entity_poly.pdbx_strand_id   A,C,D,B
#
loop_
_chem_comp.id
_chem_comp.type
_chem_comp.name
_chem_comp.formula
VCW non-polymer '[(2S,3S,4S,5R,6S)-6-[(2R)-2,3-bis(oxidanyl)propoxy]-3,4,5-tris(oxidanyl)oxan-2-yl]methanesulfonic acid' 'C9 H18 O10 S'
#
# COMPACT_ATOMS: atom_id res chain seq x y z
N MET A 1 23.99 -18.84 25.60
CA MET A 1 25.21 -18.19 26.16
C MET A 1 25.93 -19.15 27.13
N HIS A 2 27.26 -19.16 27.05
CA HIS A 2 28.17 -20.10 27.75
C HIS A 2 28.95 -19.32 28.82
N PHE A 3 28.72 -19.54 30.10
CA PHE A 3 29.62 -19.21 31.23
C PHE A 3 30.82 -20.18 31.17
N GLU A 4 32.05 -19.71 31.39
CA GLU A 4 33.28 -20.55 31.32
C GLU A 4 34.29 -19.98 32.33
N THR A 5 34.96 -20.81 33.11
CA THR A 5 36.02 -20.41 34.06
C THR A 5 37.33 -20.17 33.27
N THR A 6 38.16 -19.25 33.77
CA THR A 6 39.55 -18.96 33.30
C THR A 6 40.48 -19.08 34.51
N LYS A 7 41.78 -18.91 34.29
CA LYS A 7 42.84 -18.81 35.35
C LYS A 7 42.29 -18.02 36.55
N ASP A 8 42.01 -16.72 36.35
CA ASP A 8 41.79 -15.71 37.43
C ASP A 8 40.29 -15.51 37.70
N GLY A 9 39.39 -15.68 36.73
CA GLY A 9 37.93 -15.52 36.95
C GLY A 9 37.09 -16.25 35.92
N PHE A 10 36.21 -15.56 35.18
CA PHE A 10 35.28 -16.18 34.20
C PHE A 10 35.09 -15.35 32.92
N THR A 11 34.52 -15.98 31.90
CA THR A 11 34.03 -15.34 30.65
C THR A 11 32.57 -15.68 30.44
N ILE A 12 31.86 -14.84 29.69
CA ILE A 12 30.53 -15.16 29.10
C ILE A 12 30.64 -14.97 27.60
N ALA A 13 30.14 -15.93 26.82
CA ALA A 13 30.21 -15.96 25.34
C ALA A 13 28.84 -16.18 24.71
N ILE A 14 28.69 -15.85 23.44
CA ILE A 14 27.65 -16.39 22.53
C ILE A 14 28.41 -17.06 21.39
N GLY A 15 28.33 -18.39 21.28
CA GLY A 15 29.08 -19.15 20.26
C GLY A 15 30.57 -19.04 20.50
N ASN A 16 31.33 -18.77 19.44
CA ASN A 16 32.82 -18.62 19.49
C ASN A 16 33.18 -17.27 20.15
N ARG A 17 32.21 -16.40 20.44
CA ARG A 17 32.43 -14.93 20.70
C ARG A 17 32.42 -14.62 22.20
N ILE A 18 33.59 -14.44 22.82
CA ILE A 18 33.67 -13.93 24.22
C ILE A 18 33.15 -12.48 24.23
N ILE A 19 32.22 -12.21 25.15
CA ILE A 19 31.48 -10.92 25.29
C ILE A 19 31.91 -10.22 26.59
N LEU A 20 31.98 -10.94 27.70
CA LEU A 20 32.33 -10.43 29.04
C LEU A 20 33.49 -11.27 29.53
N SER A 21 34.49 -10.64 30.09
CA SER A 21 35.69 -11.26 30.72
C SER A 21 35.86 -10.60 32.10
N HIS A 22 35.83 -11.38 33.16
CA HIS A 22 36.04 -10.89 34.54
C HIS A 22 37.27 -11.54 35.15
N SER A 23 38.09 -10.73 35.81
CA SER A 23 39.15 -11.13 36.78
C SER A 23 39.30 -9.99 37.78
N PRO A 24 39.77 -10.21 39.01
CA PRO A 24 39.98 -9.11 39.95
C PRO A 24 40.81 -7.96 39.34
N ASP A 25 41.82 -8.29 38.52
CA ASP A 25 42.79 -7.32 37.93
C ASP A 25 42.17 -6.64 36.69
N LYS A 26 41.27 -7.30 35.98
CA LYS A 26 40.53 -6.77 34.78
C LYS A 26 39.04 -7.00 35.00
N PRO A 27 38.36 -6.24 35.88
CA PRO A 27 36.95 -6.47 36.14
C PRO A 27 36.07 -6.09 34.94
N ALA A 28 34.85 -6.62 34.91
CA ALA A 28 33.84 -6.40 33.85
C ALA A 28 32.89 -5.27 34.28
N PHE A 29 32.65 -5.12 35.59
CA PHE A 29 31.62 -4.21 36.14
C PHE A 29 32.24 -3.26 37.14
N PHE A 30 31.76 -2.03 37.10
CA PHE A 30 32.06 -0.97 38.10
C PHE A 30 30.73 -0.37 38.52
N ALA A 31 30.61 -0.02 39.79
CA ALA A 31 29.35 0.46 40.37
C ALA A 31 29.64 1.71 41.21
N GLY A 32 28.72 2.64 41.24
CA GLY A 32 28.83 3.80 42.13
C GLY A 32 27.65 4.72 42.03
N PHE A 33 27.92 5.98 42.26
CA PHE A 33 26.91 7.02 42.60
C PHE A 33 27.34 8.31 41.92
N GLY A 34 26.39 9.03 41.35
CA GLY A 34 26.58 10.38 40.77
C GLY A 34 25.43 11.30 41.10
N GLU A 35 25.67 12.60 41.02
CA GLU A 35 24.63 13.67 41.06
C GLU A 35 24.70 14.41 39.72
N GLU A 36 23.70 14.21 38.87
CA GLU A 36 23.65 14.83 37.52
C GLU A 36 23.00 16.21 37.56
N ARG A 37 23.39 17.05 36.62
CA ARG A 37 22.67 18.26 36.19
C ARG A 37 22.20 17.98 34.75
N MET A 38 20.92 18.16 34.48
CA MET A 38 20.33 18.05 33.13
C MET A 38 19.39 19.24 32.91
N ASP A 39 19.96 20.39 32.59
CA ASP A 39 19.19 21.64 32.37
C ASP A 39 18.66 21.65 30.95
N MET A 40 17.36 21.88 30.78
CA MET A 40 16.72 21.93 29.46
C MET A 40 16.51 23.38 29.07
N TYR A 41 16.87 23.73 27.85
CA TYR A 41 16.46 24.99 27.21
C TYR A 41 15.90 24.64 25.81
N ARG A 42 14.58 24.67 25.66
CA ARG A 42 13.89 24.50 24.34
C ARG A 42 14.36 23.20 23.70
N GLY A 43 14.39 22.13 24.48
CA GLY A 43 14.66 20.77 23.97
C GLY A 43 16.14 20.45 23.87
N ASN A 44 17.02 21.44 24.13
CA ASN A 44 18.49 21.24 24.23
C ASN A 44 18.82 20.98 25.70
N PHE A 45 19.64 19.97 25.97
CA PHE A 45 20.05 19.59 27.35
C PHE A 45 21.53 19.93 27.55
N ASP A 46 21.81 20.64 28.63
CA ASP A 46 23.17 20.84 29.18
C ASP A 46 23.34 19.78 30.27
N ILE A 47 24.07 18.73 29.96
CA ILE A 47 24.19 17.52 30.84
C ILE A 47 25.62 17.45 31.38
N GLU A 48 25.76 17.37 32.69
CA GLU A 48 27.07 17.15 33.36
C GLU A 48 26.85 16.25 34.57
N ASP A 49 27.66 15.21 34.69
CA ASP A 49 27.61 14.31 35.86
C ASP A 49 28.67 14.79 36.87
N TYR A 50 28.39 14.65 38.16
CA TYR A 50 29.42 14.66 39.23
C TYR A 50 29.52 13.24 39.81
N VAL A 51 30.54 12.48 39.40
CA VAL A 51 30.78 11.08 39.85
C VAL A 51 31.42 11.14 41.25
N ILE A 52 30.72 10.64 42.25
CA ILE A 52 31.14 10.62 43.67
C ILE A 52 31.81 9.30 43.98
N GLU A 53 31.33 8.18 43.42
CA GLU A 53 32.00 6.86 43.51
C GLU A 53 31.94 6.17 42.15
N ARG A 54 33.05 5.53 41.77
CA ARG A 54 33.13 4.49 40.73
C ARG A 54 34.09 3.45 41.26
N THR A 55 33.57 2.26 41.56
CA THR A 55 34.32 1.19 42.28
C THR A 55 34.24 -0.10 41.50
N ALA A 56 35.38 -0.64 41.08
CA ALA A 56 35.47 -1.94 40.41
C ALA A 56 34.85 -3.01 41.32
N LEU A 57 33.99 -3.86 40.77
CA LEU A 57 33.47 -5.09 41.42
C LEU A 57 34.46 -6.21 41.10
N ARG A 58 35.49 -6.35 41.94
CA ARG A 58 36.68 -7.19 41.68
C ARG A 58 36.38 -8.65 42.05
N HIS A 59 35.42 -8.88 42.95
CA HIS A 59 35.19 -10.22 43.55
C HIS A 59 33.87 -10.82 43.07
N ALA A 60 33.96 -11.98 42.40
CA ALA A 60 32.81 -12.76 41.87
C ALA A 60 32.65 -14.09 42.62
N GLU A 61 31.46 -14.37 43.16
CA GLU A 61 31.05 -15.67 43.76
C GLU A 61 30.04 -16.33 42.80
N VAL A 62 30.42 -17.45 42.18
CA VAL A 62 29.55 -18.24 41.25
C VAL A 62 28.70 -19.24 42.04
N SER A 63 27.37 -19.21 41.86
CA SER A 63 26.36 -20.17 42.42
C SER A 63 25.40 -20.61 41.30
N GLY A 64 25.89 -21.44 40.37
CA GLY A 64 25.13 -22.06 39.27
C GLY A 64 25.03 -21.13 38.05
N ASP A 65 23.82 -20.59 37.83
CA ASP A 65 23.52 -19.62 36.75
C ASP A 65 23.66 -18.17 37.26
N SER A 66 23.89 -17.97 38.56
CA SER A 66 24.01 -16.67 39.25
C SER A 66 25.48 -16.38 39.64
N VAL A 67 25.91 -15.14 39.43
CA VAL A 67 27.20 -14.59 39.90
C VAL A 67 26.88 -13.40 40.81
N THR A 68 27.45 -13.39 41.99
CA THR A 68 27.30 -12.29 42.99
C THR A 68 28.62 -11.52 42.95
N LEU A 69 28.56 -10.20 42.89
CA LEU A 69 29.75 -9.31 42.65
C LEU A 69 29.83 -8.33 43.81
N SER A 70 31.04 -8.21 44.35
CA SER A 70 31.39 -7.31 45.47
C SER A 70 32.66 -6.53 45.09
N SER A 71 32.88 -5.40 45.76
CA SER A 71 34.10 -4.55 45.59
C SER A 71 35.36 -5.40 45.82
N ALA A 72 35.36 -6.23 46.86
CA ALA A 72 36.52 -7.03 47.33
C ALA A 72 36.05 -8.24 48.16
N PRO A 73 36.89 -9.29 48.31
CA PRO A 73 36.53 -10.45 49.15
C PRO A 73 36.20 -10.01 50.59
N GLY A 74 35.07 -10.48 51.12
CA GLY A 74 34.64 -10.20 52.50
C GLY A 74 33.62 -9.07 52.58
N GLN A 75 33.57 -8.19 51.57
CA GLN A 75 32.69 -6.99 51.54
C GLN A 75 31.28 -7.42 51.08
N ALA A 76 30.27 -6.61 51.41
CA ALA A 76 28.84 -6.89 51.14
C ALA A 76 28.59 -6.90 49.62
N PRO A 77 27.90 -7.92 49.09
CA PRO A 77 27.64 -7.98 47.65
C PRO A 77 26.78 -6.81 47.17
N ARG A 78 27.03 -6.31 45.96
CA ARG A 78 26.38 -5.06 45.41
C ARG A 78 25.52 -5.35 44.18
N LEU A 79 25.89 -6.35 43.39
CA LEU A 79 25.23 -6.67 42.10
C LEU A 79 25.10 -8.19 41.93
N ARG A 80 23.98 -8.68 41.42
CA ARG A 80 23.81 -10.10 40.98
C ARG A 80 23.59 -10.16 39.47
N LEU A 81 24.38 -11.00 38.79
CA LEU A 81 24.21 -11.45 37.38
C LEU A 81 23.50 -12.80 37.41
N THR A 82 22.55 -13.00 36.50
CA THR A 82 21.89 -14.29 36.22
C THR A 82 21.95 -14.43 34.71
N LEU A 83 22.61 -15.47 34.20
CA LEU A 83 22.50 -15.88 32.78
C LEU A 83 21.16 -16.61 32.59
N ASP A 84 20.29 -16.07 31.76
CA ASP A 84 18.94 -16.58 31.43
C ASP A 84 18.80 -16.54 29.91
N GLY A 85 19.22 -17.60 29.23
CA GLY A 85 19.16 -17.71 27.76
C GLY A 85 20.06 -16.70 27.09
N ASN A 86 19.51 -15.82 26.25
CA ASN A 86 20.27 -14.80 25.46
C ASN A 86 20.41 -13.51 26.27
N ALA A 87 20.12 -13.53 27.58
CA ALA A 87 20.06 -12.32 28.43
C ALA A 87 20.97 -12.46 29.66
N ILE A 88 21.65 -11.38 30.05
CA ILE A 88 22.27 -11.20 31.39
C ILE A 88 21.31 -10.33 32.20
N ARG A 89 20.66 -10.90 33.21
CA ARG A 89 19.75 -10.19 34.15
C ARG A 89 20.62 -9.59 35.26
N LEU A 90 20.27 -8.39 35.70
CA LEU A 90 21.03 -7.67 36.75
C LEU A 90 20.05 -7.30 37.85
N THR A 91 20.46 -7.54 39.11
CA THR A 91 19.72 -7.15 40.32
C THR A 91 20.70 -6.33 41.17
N ALA A 92 20.32 -5.11 41.50
CA ALA A 92 21.03 -4.26 42.47
C ALA A 92 20.82 -4.84 43.86
N LEU A 93 21.89 -5.24 44.54
CA LEU A 93 21.84 -5.71 45.96
C LEU A 93 22.09 -4.52 46.90
N ASP A 94 22.69 -3.45 46.37
CA ASP A 94 22.95 -2.17 47.06
C ASP A 94 22.00 -1.14 46.43
N GLU A 95 21.07 -0.59 47.22
CA GLU A 95 20.02 0.36 46.74
C GLU A 95 20.66 1.71 46.35
N THR A 96 21.90 2.01 46.77
CA THR A 96 22.55 3.33 46.58
C THR A 96 23.18 3.46 45.18
N ILE A 97 23.43 2.37 44.44
CA ILE A 97 24.02 2.43 43.08
C ILE A 97 23.05 3.16 42.13
N ASN A 98 23.47 4.27 41.50
CA ASN A 98 22.73 4.85 40.35
C ASN A 98 23.70 5.00 39.16
N ARG A 99 24.89 4.41 39.24
CA ARG A 99 25.88 4.44 38.14
C ARG A 99 26.46 3.03 37.99
N LEU A 100 26.34 2.47 36.78
CA LEU A 100 26.90 1.16 36.46
C LEU A 100 27.70 1.28 35.18
N TRP A 101 28.92 0.73 35.19
CA TRP A 101 29.78 0.62 34.00
C TRP A 101 30.01 -0.86 33.72
N LEU A 102 29.85 -1.24 32.46
CA LEU A 102 30.02 -2.63 32.02
C LEU A 102 30.99 -2.63 30.84
N ARG A 103 32.05 -3.42 30.91
CA ARG A 103 33.01 -3.56 29.78
C ARG A 103 32.66 -4.79 28.98
N VAL A 104 32.51 -4.65 27.67
CA VAL A 104 32.42 -5.82 26.77
C VAL A 104 33.66 -5.85 25.90
N VAL A 105 34.18 -7.06 25.76
CA VAL A 105 35.45 -7.37 25.05
C VAL A 105 35.31 -6.88 23.61
N ALA A 106 36.40 -6.31 23.08
CA ALA A 106 36.45 -5.79 21.71
C ALA A 106 37.78 -6.15 21.06
N GLU A 107 37.81 -6.23 19.73
CA GLU A 107 39.04 -6.38 18.93
C GLU A 107 39.39 -4.98 18.41
N THR A 108 40.67 -4.73 18.15
CA THR A 108 41.25 -3.44 17.71
C THR A 108 40.51 -2.92 16.47
N ASP A 109 40.18 -3.81 15.53
CA ASP A 109 39.71 -3.47 14.15
C ASP A 109 38.18 -3.63 14.04
N GLU A 110 37.49 -3.85 15.16
CA GLU A 110 36.02 -4.06 15.23
C GLU A 110 35.26 -2.76 14.94
N HIS A 111 34.20 -2.86 14.15
CA HIS A 111 33.21 -1.80 13.87
C HIS A 111 31.97 -2.05 14.73
N VAL A 112 31.28 -0.97 15.10
CA VAL A 112 30.01 -1.02 15.87
C VAL A 112 29.07 0.00 15.24
N TRP A 113 27.85 -0.44 14.93
CA TRP A 113 26.83 0.43 14.32
C TRP A 113 25.58 0.39 15.18
N GLY A 114 24.67 1.33 14.96
CA GLY A 114 23.37 1.43 15.65
C GLY A 114 23.35 2.67 16.50
N GLY A 115 23.01 2.50 17.77
CA GLY A 115 22.86 3.64 18.69
C GLY A 115 21.59 4.41 18.42
N GLY A 116 20.65 3.81 17.69
CA GLY A 116 19.40 4.44 17.25
C GLY A 116 19.61 5.03 15.88
N GLU A 117 19.17 6.27 15.69
CA GLU A 117 19.37 7.06 14.48
C GLU A 117 20.55 8.01 14.75
N GLN A 118 21.75 7.64 14.30
CA GLN A 118 22.96 8.49 14.45
C GLN A 118 23.07 9.35 13.20
N MET A 119 23.32 10.65 13.35
CA MET A 119 23.30 11.61 12.22
C MET A 119 24.74 11.90 11.72
N SER A 120 25.78 11.76 12.55
CA SER A 120 27.18 12.12 12.20
C SER A 120 28.02 10.90 11.84
N TYR A 121 28.05 9.88 12.69
CA TYR A 121 28.97 8.73 12.57
C TYR A 121 28.17 7.42 12.58
N PHE A 122 28.27 6.67 11.50
CA PHE A 122 27.59 5.37 11.33
C PHE A 122 28.33 4.32 12.12
N ASP A 123 29.60 4.07 11.76
CA ASP A 123 30.55 3.31 12.61
C ASP A 123 30.89 4.20 13.81
N MET A 124 30.45 3.82 15.00
CA MET A 124 30.62 4.60 16.25
C MET A 124 32.01 4.35 16.87
N ARG A 125 32.83 3.47 16.30
CA ARG A 125 34.10 3.09 16.96
C ARG A 125 34.99 4.33 17.09
N GLY A 126 35.61 4.51 18.25
CA GLY A 126 36.62 5.56 18.49
C GLY A 126 36.03 6.77 19.20
N ARG A 127 34.72 6.79 19.44
CA ARG A 127 34.03 7.99 20.00
C ARG A 127 33.06 7.55 21.09
N ARG A 128 32.51 8.51 21.82
CA ARG A 128 31.55 8.26 22.91
C ARG A 128 30.18 8.83 22.49
N PHE A 129 29.14 8.08 22.79
CA PHE A 129 27.76 8.41 22.38
C PHE A 129 26.83 8.31 23.57
N PRO A 130 26.56 9.44 24.25
CA PRO A 130 25.41 9.52 25.16
C PRO A 130 24.10 9.25 24.40
N LEU A 131 23.12 8.69 25.10
CA LEU A 131 21.83 8.22 24.57
C LEU A 131 20.69 8.85 25.37
N TRP A 132 20.29 10.04 24.92
CA TRP A 132 19.28 10.91 25.56
C TRP A 132 18.58 11.69 24.45
N THR A 133 17.29 11.46 24.26
CA THR A 133 16.52 12.08 23.16
C THR A 133 16.50 13.58 23.42
N SER A 134 16.77 14.39 22.40
CA SER A 134 16.79 15.85 22.49
C SER A 134 16.63 16.46 21.09
N GLU A 135 16.56 17.78 21.03
CA GLU A 135 16.95 18.53 19.81
C GLU A 135 18.34 18.01 19.42
N PRO A 136 18.54 17.64 18.14
CA PRO A 136 19.80 17.07 17.69
C PRO A 136 20.90 18.14 17.47
N GLY A 137 20.51 19.41 17.46
CA GLY A 137 21.40 20.56 17.30
C GLY A 137 21.29 21.17 15.91
N VAL A 138 21.58 22.47 15.81
CA VAL A 138 21.68 23.20 14.52
C VAL A 138 23.18 23.39 14.26
N GLY A 139 23.70 22.80 13.19
CA GLY A 139 25.12 22.77 12.81
C GLY A 139 25.82 21.52 13.34
N ARG A 140 25.72 21.29 14.65
CA ARG A 140 26.16 20.01 15.28
C ARG A 140 27.69 19.84 15.13
N ASP A 141 28.44 20.94 14.96
CA ASP A 141 29.90 20.91 14.74
C ASP A 141 30.52 22.21 15.28
N LYS A 142 31.25 22.12 16.39
CA LYS A 142 31.71 23.32 17.14
C LYS A 142 32.68 24.15 16.29
N THR A 143 33.16 23.64 15.16
CA THR A 143 34.06 24.39 14.25
C THR A 143 33.28 25.19 13.21
N THR A 144 31.96 25.12 13.15
CA THR A 144 31.22 25.93 12.14
C THR A 144 30.55 27.14 12.82
N GLU A 145 30.37 28.20 12.04
CA GLU A 145 29.74 29.49 12.44
C GLU A 145 28.28 29.22 12.86
N ILE A 146 27.56 28.40 12.11
CA ILE A 146 26.13 28.08 12.41
C ILE A 146 26.05 27.48 13.81
N THR A 147 26.91 26.54 14.15
CA THR A 147 26.87 25.86 15.47
C THR A 147 27.17 26.90 16.56
N PHE A 148 28.22 27.69 16.36
CA PHE A 148 28.66 28.77 17.27
C PHE A 148 27.49 29.71 17.51
N LYS A 149 26.85 30.20 16.44
CA LYS A 149 25.75 31.18 16.60
C LYS A 149 24.55 30.54 17.30
N SER A 150 24.24 29.28 17.02
CA SER A 150 23.15 28.51 17.67
C SER A 150 23.46 28.36 19.16
N ASP A 151 24.71 28.06 19.52
CA ASP A 151 25.14 27.92 20.94
C ASP A 151 24.99 29.27 21.65
N VAL A 152 25.47 30.36 21.04
CA VAL A 152 25.45 31.70 21.67
C VAL A 152 23.99 32.14 21.84
N SER A 153 23.17 31.99 20.82
CA SER A 153 21.80 32.59 20.85
C SER A 153 20.83 31.67 21.60
N GLY A 154 21.01 30.34 21.58
CA GLY A 154 20.01 29.42 22.19
C GLY A 154 20.54 28.11 22.77
N LYS A 155 21.84 27.96 23.02
CA LYS A 155 22.44 26.67 23.49
C LYS A 155 21.97 25.52 22.60
N ALA A 156 21.90 25.78 21.31
CA ALA A 156 21.12 25.00 20.33
C ALA A 156 22.03 24.37 19.27
N GLY A 157 23.36 24.52 19.39
CA GLY A 157 24.31 24.02 18.37
C GLY A 157 24.40 22.48 18.38
N GLY A 158 24.34 21.88 19.55
CA GLY A 158 24.57 20.45 19.78
C GLY A 158 25.93 19.98 19.26
N ASP A 159 26.03 18.70 18.95
CA ASP A 159 27.31 18.02 18.64
C ASP A 159 26.99 16.68 17.96
N TYR A 160 28.02 15.93 17.59
CA TYR A 160 27.98 14.74 16.71
C TYR A 160 27.04 13.67 17.27
N TYR A 161 26.83 13.61 18.60
CA TYR A 161 26.13 12.48 19.27
C TYR A 161 24.66 12.81 19.53
N ASN A 162 24.27 14.09 19.43
CA ASN A 162 22.88 14.52 19.72
C ASN A 162 21.95 13.90 18.65
N THR A 163 20.78 13.42 19.08
CA THR A 163 19.80 12.76 18.19
C THR A 163 18.40 12.83 18.83
N ASN A 164 17.40 12.94 17.96
CA ASN A 164 15.97 12.83 18.31
C ASN A 164 15.68 11.38 18.71
N TYR A 165 16.51 10.44 18.29
CA TYR A 165 16.23 8.99 18.40
C TYR A 165 17.52 8.25 18.77
N PRO A 166 17.87 8.24 20.05
CA PRO A 166 18.93 7.36 20.52
C PRO A 166 18.32 5.98 20.82
N GLN A 167 19.12 4.93 20.83
CA GLN A 167 18.70 3.59 21.29
C GLN A 167 19.93 2.84 21.80
N PRO A 168 19.87 2.28 23.02
CA PRO A 168 21.02 1.61 23.60
C PRO A 168 21.14 0.19 23.04
N THR A 169 21.35 0.12 21.72
CA THR A 169 21.48 -1.11 20.93
C THR A 169 22.66 -0.93 19.98
N TRP A 170 23.53 -1.93 19.86
CA TRP A 170 24.58 -1.90 18.81
C TRP A 170 24.68 -3.24 18.11
N LEU A 171 25.14 -3.19 16.85
CA LEU A 171 25.54 -4.36 16.06
C LEU A 171 27.05 -4.30 15.96
N SER A 172 27.74 -5.40 16.27
CA SER A 172 29.21 -5.53 16.22
C SER A 172 29.63 -6.26 14.95
N SER A 173 30.76 -5.87 14.37
CA SER A 173 31.34 -6.56 13.18
C SER A 173 31.77 -7.98 13.56
N ARG A 174 31.80 -8.31 14.85
CA ARG A 174 32.01 -9.70 15.34
C ARG A 174 30.72 -10.52 15.23
N LYS A 175 29.65 -10.00 14.62
CA LYS A 175 28.38 -10.72 14.32
C LYS A 175 27.65 -11.05 15.63
N TYR A 176 27.45 -10.06 16.46
CA TYR A 176 26.43 -10.11 17.53
C TYR A 176 25.86 -8.69 17.69
N ALA A 177 24.65 -8.59 18.23
CA ALA A 177 24.03 -7.33 18.66
C ALA A 177 23.84 -7.43 20.17
N LEU A 178 23.86 -6.27 20.80
CA LEU A 178 23.66 -6.09 22.26
C LEU A 178 22.53 -5.06 22.40
N HIS A 179 21.60 -5.33 23.29
CA HIS A 179 20.51 -4.41 23.64
C HIS A 179 20.48 -4.27 25.17
N VAL A 180 20.48 -3.03 25.67
CA VAL A 180 20.29 -2.72 27.11
C VAL A 180 18.81 -2.34 27.32
N GLU A 181 18.10 -3.10 28.16
CA GLU A 181 16.68 -2.84 28.54
C GLU A 181 16.70 -1.82 29.68
N THR A 182 16.66 -0.54 29.31
CA THR A 182 16.58 0.62 30.24
C THR A 182 16.06 1.79 29.41
N SER A 183 15.46 2.75 30.11
CA SER A 183 15.12 4.07 29.54
C SER A 183 15.99 5.15 30.21
N ALA A 184 16.87 4.76 31.13
CA ALA A 184 17.76 5.73 31.81
C ALA A 184 18.77 6.28 30.80
N TYR A 185 19.30 7.45 31.11
CA TYR A 185 20.52 7.99 30.45
C TYR A 185 21.57 6.88 30.44
N SER A 186 22.25 6.75 29.32
CA SER A 186 23.35 5.78 29.12
C SER A 186 24.35 6.34 28.11
N VAL A 187 25.57 5.81 28.09
CA VAL A 187 26.66 6.24 27.19
C VAL A 187 27.30 4.97 26.63
N PHE A 188 27.44 4.90 25.33
CA PHE A 188 28.32 3.94 24.64
C PHE A 188 29.70 4.59 24.47
N ASP A 189 30.70 4.08 25.16
CA ASP A 189 32.10 4.57 25.07
C ASP A 189 32.89 3.59 24.23
N PHE A 190 33.18 3.94 22.98
CA PHE A 190 33.96 3.10 22.04
C PHE A 190 35.39 3.67 21.83
N ARG A 191 35.94 4.34 22.83
CA ARG A 191 37.26 5.03 22.69
C ARG A 191 38.44 4.06 22.93
N ASN A 192 38.24 2.88 23.49
CA ASN A 192 39.35 1.96 23.89
C ASN A 192 39.42 0.78 22.93
N GLY A 193 40.63 0.37 22.57
CA GLY A 193 40.91 -0.70 21.57
C GLY A 193 40.43 -2.06 22.01
N ASP A 194 40.50 -2.37 23.31
CA ASP A 194 40.35 -3.75 23.86
C ASP A 194 38.97 -3.96 24.51
N PHE A 195 38.19 -2.90 24.72
CA PHE A 195 36.84 -3.02 25.30
C PHE A 195 35.96 -1.85 24.90
N HIS A 196 34.66 -2.15 24.77
CA HIS A 196 33.56 -1.17 24.74
C HIS A 196 33.13 -0.96 26.19
N GLU A 197 32.80 0.27 26.58
CA GLU A 197 32.28 0.52 27.94
C GLU A 197 30.88 1.12 27.82
N ILE A 198 29.92 0.50 28.52
CA ILE A 198 28.54 1.00 28.66
C ILE A 198 28.44 1.63 30.03
N GLU A 199 28.04 2.89 30.08
CA GLU A 199 27.64 3.62 31.31
C GLU A 199 26.10 3.70 31.35
N ILE A 200 25.49 3.36 32.47
CA ILE A 200 24.01 3.47 32.66
C ILE A 200 23.79 4.17 33.99
N TRP A 201 22.94 5.19 33.99
CA TRP A 201 22.51 5.90 35.22
C TRP A 201 21.35 5.15 35.86
N ALA A 202 21.49 3.83 35.96
CA ALA A 202 20.57 2.87 36.61
C ALA A 202 21.20 1.49 36.52
N VAL A 203 20.68 0.53 37.27
CA VAL A 203 20.98 -0.91 37.04
C VAL A 203 19.87 -1.43 36.13
N PRO A 204 20.15 -1.72 34.85
CA PRO A 204 19.10 -2.14 33.94
C PRO A 204 18.61 -3.55 34.34
N GLU A 205 17.34 -3.86 34.07
CA GLU A 205 16.76 -5.22 34.37
C GLU A 205 17.61 -6.27 33.65
N LYS A 206 17.96 -6.07 32.38
CA LYS A 206 18.73 -7.07 31.59
C LYS A 206 19.46 -6.44 30.40
N ILE A 207 20.44 -7.18 29.88
CA ILE A 207 21.16 -6.92 28.62
C ILE A 207 20.94 -8.18 27.76
N GLU A 208 20.45 -8.00 26.54
CA GLU A 208 20.01 -9.09 25.64
C GLU A 208 20.99 -9.16 24.49
N PHE A 209 21.26 -10.37 24.00
CA PHE A 209 22.27 -10.64 22.94
C PHE A 209 21.59 -11.38 21.79
N PHE A 210 22.04 -11.11 20.58
CA PHE A 210 21.56 -11.75 19.32
C PHE A 210 22.80 -12.08 18.49
N ALA A 211 22.90 -13.29 17.96
CA ALA A 211 24.07 -13.75 17.17
C ALA A 211 23.54 -14.41 15.92
N GLY A 212 24.38 -14.53 14.89
CA GLY A 212 24.01 -15.25 13.67
C GLY A 212 25.17 -15.32 12.74
N ASP A 213 25.04 -16.09 11.68
CA ASP A 213 26.14 -16.36 10.73
C ASP A 213 26.21 -15.19 9.75
N SER A 214 25.18 -14.34 9.66
CA SER A 214 25.23 -13.10 8.81
C SER A 214 24.65 -11.88 9.55
N PHE A 215 25.03 -10.69 9.13
CA PHE A 215 24.48 -9.40 9.63
C PHE A 215 22.98 -9.35 9.30
N ALA A 216 22.60 -9.76 8.09
CA ALA A 216 21.18 -9.82 7.63
C ALA A 216 20.34 -10.58 8.67
N ASP A 217 20.82 -11.73 9.14
CA ASP A 217 20.09 -12.59 10.10
C ASP A 217 19.97 -11.88 11.44
N ILE A 218 21.01 -11.17 11.88
CA ILE A 218 20.95 -10.46 13.19
C ILE A 218 19.93 -9.31 13.06
N VAL A 219 19.94 -8.59 11.95
CA VAL A 219 18.96 -7.49 11.73
C VAL A 219 17.54 -8.07 11.74
N SER A 220 17.30 -9.19 11.04
CA SER A 220 16.00 -9.90 11.06
C SER A 220 15.58 -10.18 12.50
N ALA A 221 16.47 -10.75 13.32
CA ALA A 221 16.18 -11.08 14.74
C ALA A 221 15.94 -9.82 15.57
N LEU A 222 16.67 -8.74 15.34
CA LEU A 222 16.43 -7.45 16.06
C LEU A 222 15.04 -6.91 15.69
N SER A 223 14.70 -6.90 14.42
CA SER A 223 13.40 -6.34 13.94
C SER A 223 12.24 -7.14 14.54
N LEU A 224 12.40 -8.45 14.66
CA LEU A 224 11.38 -9.33 15.29
C LEU A 224 11.26 -8.96 16.77
N HIS A 225 12.36 -8.63 17.45
CA HIS A 225 12.38 -8.34 18.92
C HIS A 225 11.73 -6.94 19.17
N PHE A 226 12.02 -5.94 18.35
CA PHE A 226 11.46 -4.58 18.57
C PHE A 226 10.09 -4.44 17.90
N GLY A 227 9.78 -5.26 16.90
CA GLY A 227 8.52 -5.27 16.13
C GLY A 227 8.72 -4.63 14.76
N ARG A 228 8.05 -5.15 13.74
CA ARG A 228 8.18 -4.67 12.35
C ARG A 228 7.05 -3.69 11.99
N GLN A 229 7.23 -2.96 10.90
CA GLN A 229 6.27 -1.98 10.41
C GLN A 229 5.38 -2.65 9.36
N PRO A 230 4.13 -2.17 9.20
CA PRO A 230 3.30 -2.56 8.07
C PRO A 230 4.03 -2.21 6.77
N GLU A 231 3.62 -2.84 5.68
CA GLU A 231 3.99 -2.45 4.31
C GLU A 231 3.57 -0.99 4.08
N LEU A 232 4.27 -0.30 3.21
CA LEU A 232 3.87 1.08 2.83
C LEU A 232 2.48 1.01 2.20
N PRO A 233 1.59 1.99 2.46
CA PRO A 233 0.29 2.02 1.81
C PRO A 233 0.45 2.21 0.32
N ASP A 234 -0.48 1.66 -0.46
CA ASP A 234 -0.47 1.70 -1.95
C ASP A 234 -0.48 3.15 -2.43
N TRP A 235 -1.19 4.06 -1.76
CA TRP A 235 -1.34 5.46 -2.25
C TRP A 235 0.00 6.21 -2.30
N VAL A 236 0.97 5.87 -1.46
CA VAL A 236 2.33 6.50 -1.41
C VAL A 236 2.99 6.41 -2.78
N TYR A 237 2.77 5.30 -3.50
CA TYR A 237 3.47 5.03 -4.79
C TYR A 237 2.97 5.93 -5.91
N ASN A 238 1.96 6.73 -5.67
CA ASN A 238 1.42 7.68 -6.69
C ASN A 238 2.35 8.88 -6.90
N GLY A 239 3.28 9.14 -5.98
CA GLY A 239 4.28 10.22 -6.18
C GLY A 239 4.64 10.96 -4.90
N ALA A 240 5.00 12.22 -5.01
CA ALA A 240 5.54 13.03 -3.91
C ALA A 240 4.41 13.56 -3.03
N ILE A 241 4.69 13.69 -1.75
CA ILE A 241 3.87 14.46 -0.78
C ILE A 241 4.37 15.91 -0.82
N ILE A 242 3.56 16.83 -1.36
CA ILE A 242 3.95 18.26 -1.48
C ILE A 242 3.64 18.96 -0.15
N GLY A 243 4.69 19.44 0.53
CA GLY A 243 4.58 20.23 1.77
C GLY A 243 4.41 21.70 1.48
N LEU A 244 3.29 22.28 1.88
CA LEU A 244 2.98 23.72 1.73
C LEU A 244 2.32 24.19 3.01
N LYS A 245 2.64 25.40 3.46
CA LYS A 245 2.06 25.95 4.71
C LYS A 245 1.61 27.37 4.40
N ASP A 246 0.93 27.54 3.27
CA ASP A 246 0.58 28.87 2.68
C ASP A 246 -0.95 29.08 2.72
N GLY A 247 -1.65 28.46 3.66
CA GLY A 247 -3.11 28.61 3.77
C GLY A 247 -3.81 28.28 2.45
N VAL A 248 -4.81 29.09 2.08
CA VAL A 248 -5.63 28.86 0.86
C VAL A 248 -4.74 28.89 -0.37
N ASN A 249 -3.69 29.70 -0.35
CA ASN A 249 -2.74 29.79 -1.49
C ASN A 249 -2.01 28.45 -1.73
N SER A 250 -1.99 27.52 -0.77
CA SER A 250 -1.36 26.17 -0.94
C SER A 250 -1.95 25.48 -2.17
N PHE A 251 -3.28 25.60 -2.38
CA PHE A 251 -4.01 24.86 -3.44
C PHE A 251 -3.64 25.41 -4.82
N ALA A 252 -3.52 26.73 -4.99
CA ALA A 252 -3.05 27.33 -6.26
C ALA A 252 -1.61 26.88 -6.55
N ARG A 253 -0.77 26.77 -5.53
CA ARG A 253 0.65 26.36 -5.70
C ARG A 253 0.68 24.86 -6.05
N LEU A 254 -0.15 24.05 -5.43
CA LEU A 254 -0.28 22.62 -5.80
C LEU A 254 -0.65 22.48 -7.29
N GLU A 255 -1.57 23.31 -7.78
CA GLU A 255 -2.03 23.27 -9.21
C GLU A 255 -0.82 23.55 -10.12
N LYS A 256 -0.02 24.57 -9.82
CA LYS A 256 1.19 24.94 -10.62
C LYS A 256 2.17 23.76 -10.62
N ILE A 257 2.36 23.09 -9.48
CA ILE A 257 3.29 21.94 -9.36
C ILE A 257 2.78 20.79 -10.23
N ARG A 258 1.47 20.52 -10.19
CA ARG A 258 0.85 19.44 -11.00
C ARG A 258 0.94 19.77 -12.50
N ALA A 259 0.74 21.03 -12.89
CA ALA A 259 0.76 21.48 -14.31
C ALA A 259 2.14 21.21 -14.92
N ALA A 260 3.22 21.13 -14.12
CA ALA A 260 4.58 20.88 -14.65
C ALA A 260 4.81 19.38 -14.87
N GLY A 261 3.82 18.53 -14.57
CA GLY A 261 3.89 17.07 -14.78
C GLY A 261 4.29 16.32 -13.51
N THR A 262 4.44 17.01 -12.37
CA THR A 262 4.81 16.38 -11.08
C THR A 262 3.83 15.26 -10.75
N LYS A 263 4.33 14.11 -10.32
CA LYS A 263 3.47 13.04 -9.77
C LYS A 263 3.29 13.31 -8.27
N VAL A 264 2.04 13.45 -7.85
CA VAL A 264 1.68 13.86 -6.47
C VAL A 264 0.81 12.77 -5.85
N SER A 265 1.22 12.23 -4.71
CA SER A 265 0.44 11.27 -3.90
C SER A 265 -0.39 12.01 -2.85
N GLY A 266 0.08 13.19 -2.41
CA GLY A 266 -0.46 13.84 -1.21
C GLY A 266 -0.12 15.31 -1.14
N LEU A 267 -0.98 16.06 -0.47
CA LEU A 267 -0.74 17.46 -0.06
C LEU A 267 -0.62 17.44 1.45
N TRP A 268 0.51 17.93 1.96
CA TRP A 268 0.79 17.96 3.42
C TRP A 268 0.84 19.42 3.87
N CYS A 269 -0.16 19.83 4.65
CA CYS A 269 -0.31 21.22 5.14
C CYS A 269 -0.19 21.20 6.66
N GLU A 270 1.04 21.43 7.17
CA GLU A 270 1.27 21.39 8.64
C GLU A 270 0.55 22.58 9.27
N ASP A 271 0.26 23.64 8.50
CA ASP A 271 -0.49 24.83 9.02
C ASP A 271 -2.01 24.60 8.99
N TRP A 272 -2.49 23.35 8.88
CA TRP A 272 -3.95 23.05 8.93
C TRP A 272 -4.53 23.56 10.26
N VAL A 273 -3.70 23.72 11.29
CA VAL A 273 -4.08 24.23 12.64
C VAL A 273 -3.78 25.74 12.77
N GLY A 274 -3.26 26.39 11.74
CA GLY A 274 -2.90 27.82 11.77
C GLY A 274 -1.44 28.06 12.13
N LEU A 275 -0.98 29.30 11.96
CA LEU A 275 0.43 29.71 12.18
C LEU A 275 0.55 30.42 13.52
N ARG A 276 1.77 30.42 14.06
CA ARG A 276 2.27 31.34 15.11
C ARG A 276 3.65 31.88 14.70
N GLN A 277 3.75 33.17 14.42
CA GLN A 277 5.03 33.86 14.10
C GLN A 277 5.84 34.02 15.39
N THR A 278 7.09 33.55 15.35
CA THR A 278 8.11 33.77 16.44
C THR A 278 9.39 34.28 15.76
N SER A 279 10.42 34.62 16.54
CA SER A 279 11.74 35.01 15.96
C SER A 279 12.35 33.80 15.26
N PHE A 280 11.93 32.57 15.56
CA PHE A 280 12.41 31.36 14.84
C PHE A 280 11.87 31.34 13.39
N GLY A 281 10.62 31.75 13.20
CA GLY A 281 9.99 31.92 11.86
C GLY A 281 8.49 31.65 11.89
N ALA A 282 7.95 31.06 10.84
CA ALA A 282 6.52 30.70 10.70
C ALA A 282 6.27 29.35 11.39
N ARG A 283 6.07 29.36 12.70
CA ARG A 283 5.76 28.12 13.44
C ARG A 283 4.25 27.87 13.41
N LEU A 284 3.79 26.82 14.06
CA LEU A 284 2.37 26.39 14.02
C LEU A 284 1.68 26.73 15.34
N PHE A 285 0.36 26.84 15.31
CA PHE A 285 -0.48 27.06 16.52
C PHE A 285 -0.82 25.67 17.05
N TRP A 286 -0.27 25.31 18.20
CA TRP A 286 -0.36 23.93 18.74
C TRP A 286 -1.69 23.69 19.45
N ASP A 287 -2.73 23.59 18.64
CA ASP A 287 -4.12 23.25 19.06
C ASP A 287 -4.67 22.33 17.97
N TRP A 288 -4.84 21.06 18.29
CA TRP A 288 -4.95 19.99 17.27
C TRP A 288 -6.42 19.83 16.79
N GLN A 289 -6.86 20.84 16.03
CA GLN A 289 -8.11 20.77 15.22
C GLN A 289 -7.99 21.71 14.04
N ALA A 290 -8.70 21.40 12.96
CA ALA A 290 -8.70 22.23 11.72
C ALA A 290 -8.99 23.67 12.11
N ASN A 291 -8.25 24.61 11.53
CA ASN A 291 -8.42 26.05 11.83
C ASN A 291 -9.23 26.68 10.68
N ASP A 292 -10.50 27.01 10.95
CA ASP A 292 -11.50 27.57 10.00
C ASP A 292 -11.05 28.97 9.53
N THR A 293 -10.21 29.67 10.29
CA THR A 293 -9.64 30.98 9.88
C THR A 293 -8.63 30.78 8.74
N ARG A 294 -7.72 29.81 8.86
CA ARG A 294 -6.61 29.57 7.88
C ARG A 294 -7.14 28.78 6.64
N TYR A 295 -7.91 27.72 6.85
CA TYR A 295 -8.49 26.81 5.81
C TYR A 295 -10.02 26.71 6.02
N PRO A 296 -10.79 27.67 5.49
CA PRO A 296 -12.20 27.81 5.85
C PRO A 296 -13.09 26.63 5.41
N HIS A 297 -12.72 25.90 4.36
CA HIS A 297 -13.56 24.80 3.79
C HIS A 297 -12.74 23.50 3.70
N LEU A 298 -11.90 23.23 4.69
CA LEU A 298 -10.85 22.19 4.58
C LEU A 298 -11.49 20.81 4.33
N ARG A 299 -12.58 20.45 5.01
CA ARG A 299 -13.24 19.12 4.85
C ARG A 299 -13.63 18.93 3.37
N GLN A 300 -14.17 19.96 2.74
CA GLN A 300 -14.61 19.91 1.32
C GLN A 300 -13.37 19.82 0.41
N LYS A 301 -12.33 20.61 0.70
CA LYS A 301 -11.06 20.57 -0.08
C LYS A 301 -10.44 19.16 0.03
N ILE A 302 -10.50 18.53 1.17
CA ILE A 302 -9.96 17.14 1.34
C ILE A 302 -10.70 16.18 0.39
N ALA A 303 -12.04 16.28 0.32
CA ALA A 303 -12.85 15.39 -0.55
C ALA A 303 -12.59 15.74 -2.03
N GLU A 304 -12.41 17.02 -2.37
CA GLU A 304 -12.07 17.45 -3.75
C GLU A 304 -10.72 16.86 -4.15
N LEU A 305 -9.70 16.94 -3.29
CA LEU A 305 -8.35 16.38 -3.59
C LEU A 305 -8.46 14.85 -3.72
N ALA A 306 -9.25 14.19 -2.87
CA ALA A 306 -9.41 12.73 -2.92
C ALA A 306 -9.98 12.31 -4.29
N ASP A 307 -10.93 13.05 -4.85
CA ASP A 307 -11.53 12.74 -6.18
C ASP A 307 -10.45 12.90 -7.27
N GLN A 308 -9.35 13.62 -7.02
CA GLN A 308 -8.23 13.73 -8.00
C GLN A 308 -7.12 12.70 -7.70
N GLY A 309 -7.32 11.80 -6.73
CA GLY A 309 -6.32 10.77 -6.35
C GLY A 309 -5.20 11.29 -5.47
N ILE A 310 -5.43 12.39 -4.74
CA ILE A 310 -4.41 13.05 -3.89
C ILE A 310 -4.89 13.03 -2.44
N ARG A 311 -4.11 12.40 -1.55
CA ARG A 311 -4.47 12.35 -0.11
C ARG A 311 -4.10 13.69 0.52
N PHE A 312 -4.57 13.94 1.73
CA PHE A 312 -4.26 15.14 2.51
C PHE A 312 -3.64 14.71 3.85
N LEU A 313 -2.56 15.36 4.25
CA LEU A 313 -1.81 15.06 5.49
C LEU A 313 -1.67 16.33 6.33
N GLY A 314 -1.69 16.18 7.65
CA GLY A 314 -1.56 17.29 8.58
C GLY A 314 -0.37 17.11 9.51
N TYR A 315 -0.56 17.55 10.74
CA TYR A 315 0.51 17.75 11.75
C TYR A 315 -0.12 17.67 13.12
N VAL A 316 0.55 17.00 14.05
CA VAL A 316 0.17 16.96 15.47
C VAL A 316 1.46 16.72 16.29
N ASN A 317 1.46 17.15 17.53
CA ASN A 317 2.54 16.84 18.49
C ASN A 317 1.86 16.72 19.83
N PRO A 318 2.55 16.17 20.85
CA PRO A 318 1.92 15.77 22.10
C PRO A 318 1.84 16.86 23.16
N TYR A 319 1.95 18.13 22.77
CA TYR A 319 1.93 19.31 23.68
C TYR A 319 0.72 20.17 23.31
N LEU A 320 0.20 20.94 24.26
CA LEU A 320 -0.91 21.90 24.00
C LEU A 320 -0.52 23.28 24.51
N CYS A 321 -0.67 24.30 23.68
CA CYS A 321 -0.27 25.69 24.03
C CYS A 321 -1.35 26.31 24.90
N VAL A 322 -0.95 27.18 25.84
CA VAL A 322 -1.82 27.78 26.89
C VAL A 322 -2.94 28.61 26.26
N ASP A 323 -2.71 29.20 25.09
CA ASP A 323 -3.68 30.14 24.44
C ASP A 323 -4.60 29.38 23.46
N GLY A 324 -4.56 28.06 23.44
CA GLY A 324 -5.46 27.24 22.61
C GLY A 324 -6.69 26.77 23.37
N PRO A 325 -7.84 26.59 22.70
CA PRO A 325 -9.06 26.11 23.36
C PRO A 325 -9.00 24.69 23.92
N LEU A 326 -8.12 23.81 23.42
CA LEU A 326 -7.98 22.44 23.96
C LEU A 326 -7.25 22.47 25.31
N PHE A 327 -6.37 23.43 25.59
CA PHE A 327 -5.55 23.44 26.83
C PHE A 327 -6.46 23.35 28.06
N PRO A 328 -7.45 24.26 28.23
CA PRO A 328 -8.32 24.24 29.42
C PRO A 328 -9.17 22.98 29.53
N VAL A 329 -9.57 22.38 28.41
CA VAL A 329 -10.30 21.08 28.41
C VAL A 329 -9.39 20.03 29.05
N ALA A 330 -8.13 19.96 28.61
CA ALA A 330 -7.19 18.92 29.08
C ALA A 330 -6.83 19.21 30.53
N GLU A 331 -6.62 20.49 30.89
CA GLU A 331 -6.27 20.88 32.28
C GLU A 331 -7.42 20.47 33.23
N SER A 332 -8.66 20.72 32.84
CA SER A 332 -9.88 20.38 33.64
C SER A 332 -9.99 18.87 33.86
N ALA A 333 -9.64 18.05 32.85
CA ALA A 333 -9.63 16.58 32.97
C ALA A 333 -8.41 16.04 33.73
N GLY A 334 -7.41 16.88 34.05
CA GLY A 334 -6.18 16.48 34.77
C GLY A 334 -5.22 15.69 33.88
N TYR A 335 -5.05 16.09 32.61
CA TYR A 335 -4.32 15.30 31.60
C TYR A 335 -2.87 15.81 31.43
N PHE A 336 -2.42 16.79 32.20
CA PHE A 336 -1.07 17.40 32.06
C PHE A 336 -0.09 16.87 33.11
N ALA A 337 1.19 16.77 32.73
CA ALA A 337 2.31 16.59 33.69
C ALA A 337 2.34 17.81 34.63
N THR A 338 2.70 17.62 35.89
CA THR A 338 2.59 18.64 36.97
C THR A 338 3.98 19.01 37.49
N ASP A 339 4.11 20.20 38.10
CA ASP A 339 5.37 20.64 38.77
C ASP A 339 5.33 20.12 40.21
N VAL A 340 6.31 20.49 41.03
CA VAL A 340 6.48 19.98 42.42
C VAL A 340 5.23 20.37 43.25
N ASP A 341 4.63 21.56 43.00
CA ASP A 341 3.46 22.12 43.74
C ASP A 341 2.12 21.63 43.16
N GLY A 342 2.10 20.68 42.24
CA GLY A 342 0.86 20.04 41.70
C GLY A 342 0.20 20.85 40.59
N LYS A 343 0.73 22.01 40.21
CA LYS A 343 0.19 22.84 39.10
C LYS A 343 0.63 22.23 37.75
N THR A 344 -0.12 22.48 36.70
CA THR A 344 0.28 22.18 35.31
C THR A 344 1.69 22.73 35.07
N ALA A 345 2.63 21.85 34.69
CA ALA A 345 4.01 22.23 34.32
C ALA A 345 3.98 22.81 32.92
N LEU A 346 4.42 24.06 32.79
CA LEU A 346 4.50 24.81 31.53
C LEU A 346 5.96 24.73 31.06
N VAL A 347 6.17 24.39 29.78
CA VAL A 347 7.50 24.28 29.17
C VAL A 347 7.59 25.38 28.11
N ASP A 348 8.71 26.11 28.06
CA ASP A 348 8.98 27.15 27.01
C ASP A 348 9.52 26.44 25.75
N PHE A 349 8.75 26.47 24.69
CA PHE A 349 9.07 25.85 23.37
C PHE A 349 9.72 26.87 22.44
N GLY A 350 9.79 28.14 22.85
CA GLY A 350 10.42 29.24 22.09
C GLY A 350 9.49 30.41 21.89
N GLU A 351 9.25 31.18 22.96
CA GLU A 351 8.42 32.42 23.01
C GLU A 351 6.93 32.05 23.11
N PHE A 352 6.62 30.79 23.44
CA PHE A 352 5.26 30.35 23.82
C PHE A 352 5.37 29.15 24.78
N ASP A 353 4.36 29.02 25.67
CA ASP A 353 4.33 27.99 26.74
C ASP A 353 3.30 26.93 26.40
N CYS A 354 3.59 25.67 26.71
CA CYS A 354 2.69 24.53 26.41
C CYS A 354 2.72 23.57 27.59
N GLY A 355 1.62 22.86 27.78
CA GLY A 355 1.54 21.72 28.71
C GLY A 355 1.94 20.44 27.99
N VAL A 356 2.42 19.46 28.75
CA VAL A 356 2.81 18.12 28.27
C VAL A 356 1.66 17.16 28.60
N VAL A 357 0.98 16.63 27.59
CA VAL A 357 -0.08 15.61 27.82
C VAL A 357 0.57 14.37 28.45
N ASP A 358 0.14 13.97 29.64
CA ASP A 358 0.81 12.93 30.44
C ASP A 358 0.35 11.55 29.97
N PHE A 359 1.06 10.95 29.03
CA PHE A 359 0.69 9.63 28.45
C PHE A 359 0.89 8.51 29.49
N THR A 360 1.43 8.76 30.68
CA THR A 360 1.48 7.73 31.75
C THR A 360 0.10 7.61 32.43
N ASN A 361 -0.77 8.63 32.26
CA ASN A 361 -2.20 8.63 32.64
C ASN A 361 -2.99 7.97 31.51
N PRO A 362 -3.52 6.74 31.69
CA PRO A 362 -4.19 6.04 30.60
C PRO A 362 -5.36 6.83 30.00
N ALA A 363 -6.09 7.59 30.82
CA ALA A 363 -7.22 8.41 30.36
C ALA A 363 -6.71 9.51 29.42
N ALA A 364 -5.56 10.09 29.71
CA ALA A 364 -4.95 11.16 28.87
C ALA A 364 -4.51 10.57 27.52
N ALA A 365 -3.86 9.41 27.56
CA ALA A 365 -3.45 8.64 26.35
C ALA A 365 -4.67 8.26 25.51
N ASP A 366 -5.73 7.74 26.15
CA ASP A 366 -6.97 7.30 25.45
C ASP A 366 -7.65 8.55 24.87
N TRP A 367 -7.72 9.64 25.62
CA TRP A 367 -8.35 10.89 25.10
C TRP A 367 -7.60 11.36 23.86
N PHE A 368 -6.27 11.40 23.88
CA PHE A 368 -5.47 11.95 22.74
C PHE A 368 -5.70 11.07 21.51
N ALA A 369 -5.70 9.74 21.70
CA ALA A 369 -5.93 8.78 20.60
C ALA A 369 -7.34 8.95 20.01
N ALA A 370 -8.37 9.02 20.86
CA ALA A 370 -9.79 9.01 20.39
C ALA A 370 -10.21 10.42 19.91
N ALA A 371 -9.99 11.47 20.69
CA ALA A 371 -10.49 12.84 20.38
C ALA A 371 -9.62 13.52 19.32
N ILE A 372 -8.29 13.35 19.34
CA ILE A 372 -7.41 14.14 18.43
C ILE A 372 -7.01 13.30 17.22
N ILE A 373 -6.34 12.18 17.41
CA ILE A 373 -5.96 11.32 16.25
C ILE A 373 -7.25 10.82 15.58
N GLY A 374 -8.19 10.26 16.34
CA GLY A 374 -9.44 9.67 15.79
C GLY A 374 -10.39 10.71 15.21
N LYS A 375 -10.97 11.56 16.06
CA LYS A 375 -12.06 12.50 15.65
C LYS A 375 -11.46 13.66 14.83
N ASN A 376 -10.45 14.40 15.34
CA ASN A 376 -10.00 15.68 14.72
C ASN A 376 -9.15 15.42 13.50
N MET A 377 -8.55 14.25 13.35
CA MET A 377 -7.63 13.99 12.22
C MET A 377 -8.21 12.93 11.27
N LEU A 378 -8.30 11.67 11.69
CA LEU A 378 -8.70 10.55 10.78
C LEU A 378 -10.18 10.74 10.33
N ASP A 379 -11.10 11.01 11.25
CA ASP A 379 -12.54 11.20 10.88
C ASP A 379 -12.70 12.49 10.06
N PHE A 380 -11.79 13.45 10.20
CA PHE A 380 -11.83 14.71 9.40
C PHE A 380 -11.40 14.44 7.95
N GLY A 381 -10.70 13.33 7.69
CA GLY A 381 -10.31 12.89 6.33
C GLY A 381 -8.79 12.89 6.09
N LEU A 382 -7.96 13.08 7.12
CA LEU A 382 -6.47 13.00 6.95
C LEU A 382 -6.07 11.54 6.71
N SER A 383 -5.24 11.28 5.69
CA SER A 383 -4.65 9.95 5.42
C SER A 383 -3.29 9.81 6.14
N GLY A 384 -2.83 10.86 6.81
CA GLY A 384 -1.51 10.86 7.44
C GLY A 384 -1.13 12.22 7.99
N TRP A 385 0.02 12.27 8.65
CA TRP A 385 0.51 13.49 9.34
C TRP A 385 1.96 13.28 9.81
N MET A 386 2.63 14.40 9.98
CA MET A 386 3.83 14.51 10.84
C MET A 386 3.39 14.34 12.30
N ALA A 387 3.91 13.34 12.99
CA ALA A 387 3.74 13.14 14.45
C ALA A 387 5.03 13.58 15.14
N ASP A 388 5.07 14.83 15.55
CA ASP A 388 6.31 15.58 15.82
C ASP A 388 6.67 15.49 17.30
N PHE A 389 7.90 15.87 17.61
CA PHE A 389 8.39 16.08 19.00
C PHE A 389 8.37 14.75 19.75
N GLY A 390 8.38 14.83 21.08
CA GLY A 390 8.56 13.65 21.95
C GLY A 390 9.85 13.74 22.77
N GLU A 391 10.69 14.76 22.58
CA GLU A 391 12.05 14.76 23.15
C GLU A 391 12.20 15.87 24.19
N TYR A 392 11.12 16.53 24.61
CA TYR A 392 11.24 17.73 25.46
C TYR A 392 10.83 17.46 26.91
N LEU A 393 10.84 16.23 27.41
CA LEU A 393 10.40 16.02 28.82
C LEU A 393 11.51 16.45 29.77
N PRO A 394 11.35 17.51 30.57
CA PRO A 394 12.39 17.91 31.52
C PRO A 394 12.36 16.97 32.73
N ILE A 395 13.45 16.88 33.46
CA ILE A 395 13.59 15.84 34.53
C ILE A 395 12.99 16.34 35.85
N ASP A 396 12.50 17.57 35.91
CA ASP A 396 11.98 18.18 37.17
C ASP A 396 10.43 18.15 37.19
N ILE A 397 9.76 17.46 36.26
CA ILE A 397 8.27 17.37 36.29
C ILE A 397 7.84 16.00 36.82
N LYS A 398 6.56 15.93 37.22
CA LYS A 398 5.95 14.79 37.93
C LYS A 398 4.93 14.16 36.99
N LEU A 399 4.94 12.85 36.91
CA LEU A 399 4.08 12.07 36.02
C LEU A 399 3.13 11.24 36.87
N SER A 400 1.92 11.08 36.35
CA SER A 400 0.78 10.35 36.96
C SER A 400 1.24 8.97 37.45
N ASN A 401 2.06 8.22 36.70
CA ASN A 401 2.48 6.83 37.12
C ASN A 401 3.51 6.87 38.25
N GLY A 402 3.94 8.03 38.72
CA GLY A 402 4.93 8.16 39.83
C GLY A 402 6.36 7.76 39.44
N VAL A 403 6.65 7.37 38.19
CA VAL A 403 8.04 7.03 37.74
C VAL A 403 8.79 8.35 37.51
N ASP A 404 10.03 8.44 37.98
CA ASP A 404 10.91 9.63 37.85
C ASP A 404 11.01 10.04 36.37
N ALA A 405 10.91 11.34 36.09
CA ALA A 405 11.08 11.92 34.74
C ALA A 405 12.45 11.53 34.15
N LYS A 406 13.45 11.29 34.99
CA LYS A 406 14.79 10.75 34.58
C LYS A 406 14.65 9.42 33.84
N LEU A 407 13.60 8.62 34.14
CA LEU A 407 13.34 7.33 33.47
C LEU A 407 12.29 7.49 32.38
N MET A 408 11.39 8.49 32.48
CA MET A 408 10.29 8.62 31.50
C MET A 408 10.77 9.44 30.29
N HIS A 409 11.81 10.25 30.43
CA HIS A 409 12.28 11.15 29.34
C HIS A 409 12.49 10.35 28.04
N ASN A 410 13.35 9.33 28.07
CA ASN A 410 13.66 8.51 26.88
C ASN A 410 12.45 7.65 26.49
N ALA A 411 11.56 7.30 27.42
CA ALA A 411 10.39 6.44 27.10
C ALA A 411 9.34 7.23 26.31
N TRP A 412 9.40 8.57 26.35
CA TRP A 412 8.30 9.43 25.86
C TRP A 412 8.04 9.20 24.38
N PRO A 413 9.05 9.15 23.47
CA PRO A 413 8.78 8.94 22.05
C PRO A 413 8.00 7.66 21.77
N THR A 414 8.27 6.61 22.53
CA THR A 414 7.65 5.27 22.34
C THR A 414 6.18 5.37 22.78
N LEU A 415 5.90 6.02 23.92
CA LEU A 415 4.51 6.29 24.39
C LEU A 415 3.77 7.11 23.33
N TRP A 416 4.41 8.11 22.76
CA TRP A 416 3.83 9.04 21.78
C TRP A 416 3.51 8.25 20.51
N ALA A 417 4.43 7.38 20.09
CA ALA A 417 4.25 6.55 18.88
C ALA A 417 3.01 5.66 19.08
N GLU A 418 2.84 5.10 20.27
CA GLU A 418 1.76 4.15 20.62
C GLU A 418 0.41 4.88 20.58
N VAL A 419 0.34 6.10 21.13
CA VAL A 419 -0.88 6.93 21.03
C VAL A 419 -1.28 7.07 19.54
N ASN A 420 -0.34 7.40 18.66
CA ASN A 420 -0.63 7.59 17.23
C ASN A 420 -1.15 6.25 16.66
N ALA A 421 -0.46 5.16 16.96
CA ALA A 421 -0.77 3.82 16.41
C ALA A 421 -2.15 3.38 16.91
N LYS A 422 -2.49 3.61 18.18
CA LYS A 422 -3.81 3.26 18.75
C LYS A 422 -4.94 4.03 18.02
N GLY A 423 -4.77 5.32 17.79
CA GLY A 423 -5.77 6.10 17.07
C GLY A 423 -5.98 5.55 15.69
N VAL A 424 -4.90 5.24 14.99
CA VAL A 424 -4.93 4.64 13.63
C VAL A 424 -5.67 3.29 13.69
N GLU A 425 -5.35 2.45 14.68
CA GLU A 425 -5.90 1.08 14.80
C GLU A 425 -7.41 1.19 15.06
N SER A 426 -7.84 2.17 15.85
CA SER A 426 -9.25 2.37 16.26
C SER A 426 -10.15 2.66 15.02
N ARG A 427 -9.59 3.10 13.91
CA ARG A 427 -10.33 3.37 12.65
C ARG A 427 -10.06 2.25 11.63
N GLY A 428 -9.40 1.16 12.02
CA GLY A 428 -8.97 0.06 11.12
C GLY A 428 -8.10 0.56 9.98
N LYS A 429 -7.19 1.53 10.22
CA LYS A 429 -6.44 2.18 9.10
C LYS A 429 -4.93 1.89 9.23
N THR A 430 -4.54 0.90 10.03
CA THR A 430 -3.14 0.41 10.12
C THR A 430 -2.73 -0.09 8.74
N GLY A 431 -1.62 0.39 8.20
CA GLY A 431 -1.17 -0.02 6.85
C GLY A 431 -1.76 0.85 5.76
N GLU A 432 -2.63 1.82 6.11
CA GLU A 432 -3.23 2.76 5.14
C GLU A 432 -2.93 4.21 5.58
N ALA A 433 -3.18 4.57 6.83
CA ALA A 433 -2.82 5.91 7.36
C ALA A 433 -1.30 5.93 7.55
N LEU A 434 -0.66 7.03 7.17
CA LEU A 434 0.82 7.15 7.23
C LEU A 434 1.17 8.31 8.14
N PHE A 435 1.54 8.04 9.38
CA PHE A 435 2.19 9.09 10.20
C PHE A 435 3.70 8.81 10.22
N PHE A 436 4.47 9.86 10.37
CA PHE A 436 5.95 9.80 10.42
C PHE A 436 6.47 10.58 11.62
N MET A 437 7.48 10.00 12.27
CA MET A 437 8.07 10.51 13.53
C MET A 437 9.55 10.84 13.32
N ARG A 438 10.04 11.86 14.02
CA ARG A 438 11.49 12.18 14.08
C ARG A 438 12.08 11.66 15.38
N ALA A 439 11.29 11.56 16.45
CA ALA A 439 11.80 11.12 17.78
C ALA A 439 11.59 9.62 17.93
N GLY A 440 12.37 9.00 18.78
CA GLY A 440 12.32 7.55 18.96
C GLY A 440 13.10 7.11 20.18
N PHE A 441 12.85 5.88 20.58
CA PHE A 441 13.60 5.10 21.57
C PHE A 441 13.20 3.65 21.32
N THR A 442 13.74 2.72 22.11
CA THR A 442 13.40 1.31 22.08
C THR A 442 11.87 1.16 21.96
N GLY A 443 11.39 0.49 20.90
CA GLY A 443 9.98 0.05 20.76
C GLY A 443 9.18 0.91 19.80
N VAL A 444 9.70 2.05 19.41
CA VAL A 444 9.06 2.96 18.41
C VAL A 444 8.85 2.17 17.12
N GLN A 445 9.68 1.16 16.89
CA GLN A 445 9.62 0.29 15.68
C GLN A 445 8.24 -0.39 15.56
N ALA A 446 7.64 -0.77 16.67
CA ALA A 446 6.39 -1.57 16.70
C ALA A 446 5.17 -0.69 16.36
N HIS A 447 5.29 0.63 16.52
CA HIS A 447 4.15 1.59 16.49
C HIS A 447 4.23 2.52 15.28
N CYS A 448 5.42 3.00 14.95
CA CYS A 448 5.61 4.06 13.93
C CYS A 448 5.88 3.40 12.58
N PRO A 449 5.07 3.68 11.53
CA PRO A 449 5.31 3.08 10.21
C PRO A 449 6.39 3.75 9.34
N LEU A 450 6.88 4.93 9.70
CA LEU A 450 7.83 5.71 8.85
C LEU A 450 8.58 6.71 9.73
N ILE A 451 9.92 6.69 9.68
CA ILE A 451 10.80 7.67 10.38
C ILE A 451 11.14 8.77 9.39
N TRP A 452 11.25 10.00 9.86
CA TRP A 452 11.94 11.06 9.07
C TRP A 452 13.13 11.59 9.85
N GLY A 453 14.11 12.14 9.13
CA GLY A 453 15.41 12.48 9.67
C GLY A 453 15.41 13.74 10.50
N GLY A 454 14.23 14.29 10.82
CA GLY A 454 14.11 15.51 11.62
C GLY A 454 14.54 16.72 10.82
N ASN A 455 15.12 17.70 11.50
CA ASN A 455 15.56 18.99 10.93
C ASN A 455 17.03 18.89 10.53
N GLN A 456 17.32 18.95 9.23
CA GLN A 456 18.67 19.29 8.70
C GLN A 456 18.70 20.81 8.47
N SER A 457 19.90 21.40 8.54
CA SER A 457 20.16 22.74 7.98
C SER A 457 19.91 22.69 6.47
N VAL A 458 19.60 23.83 5.88
CA VAL A 458 19.42 23.95 4.41
C VAL A 458 20.80 24.09 3.77
N ASP A 459 21.62 23.05 3.85
CA ASP A 459 23.02 23.15 3.32
C ASP A 459 23.56 21.73 3.08
N PHE A 460 24.79 21.71 2.57
CA PHE A 460 25.62 20.52 2.32
C PHE A 460 26.63 20.28 3.45
N SER A 461 26.40 20.78 4.66
CA SER A 461 27.40 20.62 5.75
C SER A 461 27.52 19.13 6.15
N ARG A 462 28.68 18.75 6.64
CA ARG A 462 29.05 17.37 7.01
C ARG A 462 28.18 16.90 8.19
N HIS A 463 27.86 17.79 9.13
CA HIS A 463 27.26 17.38 10.42
C HIS A 463 25.80 17.83 10.53
N ASP A 464 25.23 18.56 9.56
CA ASP A 464 23.80 18.92 9.67
C ASP A 464 23.13 19.08 8.29
N GLY A 465 23.76 18.64 7.19
CA GLY A 465 23.24 18.79 5.83
C GLY A 465 22.76 17.47 5.26
N LEU A 466 22.63 17.45 3.93
CA LEU A 466 22.08 16.32 3.15
C LEU A 466 22.71 14.99 3.59
N VAL A 467 24.04 14.93 3.71
CA VAL A 467 24.77 13.65 3.97
C VAL A 467 24.33 13.03 5.29
N THR A 468 23.86 13.80 6.27
CA THR A 468 23.53 13.24 7.60
C THR A 468 22.27 12.38 7.50
N VAL A 469 21.44 12.61 6.47
CA VAL A 469 20.19 11.82 6.25
C VAL A 469 20.58 10.37 6.04
N ILE A 470 21.65 10.14 5.26
CA ILE A 470 22.07 8.77 4.84
C ILE A 470 22.54 8.04 6.09
N CYS A 471 23.32 8.70 6.92
CA CYS A 471 23.80 8.13 8.22
C CYS A 471 22.60 7.74 9.07
N GLY A 472 21.59 8.62 9.17
CA GLY A 472 20.34 8.38 9.92
C GLY A 472 19.56 7.18 9.38
N ALA A 473 19.38 7.07 8.06
CA ALA A 473 18.75 5.92 7.41
C ALA A 473 19.51 4.61 7.75
N LEU A 474 20.84 4.58 7.56
CA LEU A 474 21.61 3.33 7.73
C LEU A 474 21.55 2.87 9.19
N SER A 475 21.78 3.78 10.14
CA SER A 475 21.77 3.43 11.58
C SER A 475 20.36 2.95 11.99
N SER A 476 19.32 3.75 11.73
CA SER A 476 17.95 3.46 12.20
C SER A 476 17.46 2.18 11.52
N GLY A 477 17.94 1.89 10.30
CA GLY A 477 17.63 0.68 9.53
C GLY A 477 18.12 -0.58 10.22
N LEU A 478 19.35 -0.58 10.76
CA LEU A 478 19.90 -1.76 11.48
C LEU A 478 19.13 -1.97 12.79
N MET A 479 18.49 -0.92 13.31
CA MET A 479 17.73 -0.97 14.58
C MET A 479 16.30 -1.43 14.32
N GLY A 480 15.94 -1.70 13.07
CA GLY A 480 14.66 -2.35 12.73
C GLY A 480 13.62 -1.36 12.22
N ASN A 481 14.00 -0.12 11.91
CA ASN A 481 13.13 0.87 11.23
C ASN A 481 13.39 0.76 9.73
N ALA A 482 12.51 0.07 9.02
CA ALA A 482 12.74 -0.28 7.61
C ALA A 482 12.57 0.93 6.70
N TYR A 483 11.83 1.96 7.13
CA TYR A 483 11.44 3.09 6.23
C TYR A 483 11.90 4.43 6.82
N HIS A 484 12.75 5.14 6.09
CA HIS A 484 13.34 6.45 6.45
C HIS A 484 13.15 7.42 5.29
N HIS A 485 12.98 8.71 5.56
CA HIS A 485 12.98 9.76 4.52
C HIS A 485 13.35 11.09 5.17
N SER A 486 13.55 12.12 4.36
CA SER A 486 13.93 13.46 4.84
C SER A 486 13.09 14.51 4.13
N ASP A 487 13.05 15.72 4.70
CA ASP A 487 12.52 16.92 4.01
C ASP A 487 13.42 17.20 2.80
N ILE A 488 12.86 17.20 1.59
CA ILE A 488 13.62 17.58 0.38
C ILE A 488 14.03 19.06 0.53
N GLY A 489 15.32 19.34 0.59
CA GLY A 489 15.87 20.70 0.71
C GLY A 489 16.17 21.10 2.14
N GLY A 490 16.02 20.18 3.09
CA GLY A 490 16.27 20.46 4.51
C GLY A 490 15.22 21.37 5.12
N TYR A 491 15.39 21.70 6.39
CA TYR A 491 14.40 22.47 7.20
C TYR A 491 14.97 23.82 7.68
N THR A 492 16.07 23.79 8.43
CA THR A 492 16.50 24.89 9.33
C THR A 492 17.20 25.98 8.53
N SER A 493 16.53 27.13 8.39
CA SER A 493 17.11 28.39 7.88
C SER A 493 17.26 29.38 9.03
N LEU A 494 18.49 29.58 9.52
CA LEU A 494 18.81 30.56 10.60
C LEU A 494 20.10 31.27 10.19
N PHE A 495 20.29 32.51 10.67
CA PHE A 495 21.57 33.26 10.53
C PHE A 495 21.91 33.45 9.06
N GLY A 496 20.88 33.65 8.22
CA GLY A 496 21.01 33.89 6.76
C GLY A 496 21.42 32.64 5.97
N ASN A 497 21.41 31.44 6.56
CA ASN A 497 21.65 30.17 5.83
C ASN A 497 20.31 29.84 5.12
N VAL A 498 20.32 29.89 3.77
CA VAL A 498 19.10 29.72 2.93
C VAL A 498 19.41 28.69 1.84
N ARG A 499 18.38 28.09 1.27
CA ARG A 499 18.51 27.02 0.24
C ARG A 499 19.13 27.60 -1.03
N THR A 500 19.77 26.75 -1.82
CA THR A 500 20.10 27.03 -3.23
C THR A 500 19.27 26.09 -4.11
N ALA A 501 19.08 26.43 -5.37
CA ALA A 501 18.50 25.54 -6.39
C ALA A 501 19.25 24.20 -6.35
N GLU A 502 20.58 24.25 -6.33
CA GLU A 502 21.42 23.03 -6.43
C GLU A 502 21.12 22.09 -5.26
N LEU A 503 21.00 22.64 -4.04
CA LEU A 503 20.68 21.85 -2.83
C LEU A 503 19.36 21.12 -3.02
N ILE A 504 18.31 21.83 -3.41
CA ILE A 504 16.98 21.19 -3.62
C ILE A 504 17.13 20.05 -4.62
N MET A 505 17.76 20.29 -5.76
CA MET A 505 17.83 19.26 -6.84
C MET A 505 18.64 18.05 -6.33
N ARG A 506 19.76 18.26 -5.65
CA ARG A 506 20.57 17.10 -5.16
C ARG A 506 19.75 16.32 -4.13
N TRP A 507 18.98 17.02 -3.30
CA TRP A 507 18.20 16.37 -2.22
C TRP A 507 17.06 15.55 -2.86
N THR A 508 16.45 16.10 -3.91
CA THR A 508 15.37 15.42 -4.69
C THR A 508 15.93 14.13 -5.31
N GLU A 509 17.14 14.20 -5.85
CA GLU A 509 17.83 13.05 -6.51
C GLU A 509 17.95 11.91 -5.50
N MET A 510 18.35 12.21 -4.26
CA MET A 510 18.43 11.14 -3.24
C MET A 510 17.02 10.63 -2.94
N ALA A 511 16.06 11.54 -2.66
CA ALA A 511 14.72 11.20 -2.12
C ALA A 511 13.96 10.26 -3.06
N ALA A 512 14.15 10.39 -4.38
CA ALA A 512 13.51 9.53 -5.40
C ALA A 512 13.93 8.06 -5.22
N PHE A 513 15.06 7.80 -4.56
CA PHE A 513 15.56 6.42 -4.25
C PHE A 513 15.46 6.18 -2.75
N THR A 514 14.36 6.62 -2.16
CA THR A 514 13.94 6.35 -0.76
C THR A 514 12.45 6.05 -0.77
N PRO A 515 11.88 5.49 0.31
CA PRO A 515 10.46 5.15 0.34
C PRO A 515 9.49 6.29 0.02
N VAL A 516 9.77 7.52 0.47
CA VAL A 516 8.81 8.66 0.39
C VAL A 516 9.52 9.93 -0.04
N MET A 517 9.06 10.54 -1.13
CA MET A 517 9.46 11.92 -1.53
C MET A 517 8.50 12.92 -0.86
N ARG A 518 8.99 13.77 0.02
CA ARG A 518 8.18 14.80 0.71
C ARG A 518 8.95 16.13 0.75
N THR A 519 8.30 17.23 0.40
CA THR A 519 8.89 18.58 0.48
C THR A 519 8.38 19.24 1.77
N HIS A 520 8.99 20.36 2.10
CA HIS A 520 8.78 21.12 3.36
C HIS A 520 9.17 22.55 3.05
N GLU A 521 8.31 23.53 3.34
CA GLU A 521 8.66 24.96 3.13
C GLU A 521 9.68 25.42 4.20
N GLY A 522 9.76 24.73 5.34
CA GLY A 522 10.74 25.01 6.41
C GLY A 522 10.28 26.08 7.38
N ASN A 523 11.19 26.58 8.23
CA ASN A 523 10.86 27.52 9.32
C ASN A 523 10.69 28.95 8.77
N ARG A 524 11.27 29.28 7.63
CA ARG A 524 11.17 30.65 7.05
C ARG A 524 10.85 30.59 5.57
N PRO A 525 9.62 30.15 5.22
CA PRO A 525 9.24 29.86 3.86
C PRO A 525 9.55 30.96 2.83
N ARG A 526 9.28 32.22 3.18
CA ARG A 526 9.41 33.37 2.25
C ARG A 526 10.90 33.73 2.02
N ASP A 527 11.82 33.29 2.88
CA ASP A 527 13.28 33.59 2.78
C ASP A 527 13.97 32.49 1.96
N ASN A 528 13.29 31.37 1.71
CA ASN A 528 13.92 30.15 1.10
C ASN A 528 13.24 29.78 -0.22
N LEU A 529 14.05 29.33 -1.16
CA LEU A 529 13.56 28.80 -2.45
C LEU A 529 12.70 27.56 -2.18
N GLN A 530 11.55 27.48 -2.84
CA GLN A 530 10.61 26.35 -2.76
C GLN A 530 10.57 25.70 -4.16
N ILE A 531 10.14 24.44 -4.24
CA ILE A 531 10.24 23.63 -5.49
C ILE A 531 9.45 24.29 -6.62
N ASP A 532 8.42 25.09 -6.31
CA ASP A 532 7.52 25.70 -7.32
C ASP A 532 8.05 27.06 -7.81
N GLN A 533 9.15 27.58 -7.29
CA GLN A 533 9.52 29.01 -7.52
C GLN A 533 10.67 29.16 -8.52
N ASP A 534 11.22 28.08 -9.07
CA ASP A 534 12.25 28.16 -10.14
C ASP A 534 11.90 27.12 -11.19
N GLU A 535 11.73 27.53 -12.46
CA GLU A 535 11.30 26.63 -13.58
C GLU A 535 12.23 25.41 -13.66
N THR A 536 13.55 25.61 -13.56
CA THR A 536 14.57 24.53 -13.66
C THR A 536 14.41 23.54 -12.49
N VAL A 537 14.29 24.05 -11.26
CA VAL A 537 14.12 23.17 -10.06
C VAL A 537 12.81 22.38 -10.22
N LEU A 538 11.73 23.05 -10.61
CA LEU A 538 10.40 22.40 -10.72
C LEU A 538 10.44 21.28 -11.77
N ALA A 539 11.01 21.54 -12.95
CA ALA A 539 11.13 20.55 -14.04
C ALA A 539 11.96 19.36 -13.56
N HIS A 540 13.06 19.64 -12.84
CA HIS A 540 13.94 18.60 -12.28
C HIS A 540 13.13 17.77 -11.29
N PHE A 541 12.35 18.46 -10.46
CA PHE A 541 11.51 17.80 -9.43
C PHE A 541 10.50 16.88 -10.14
N ALA A 542 9.80 17.38 -11.14
CA ALA A 542 8.76 16.60 -11.86
C ALA A 542 9.37 15.31 -12.41
N ARG A 543 10.50 15.43 -13.11
CA ARG A 543 11.22 14.27 -13.68
C ARG A 543 11.55 13.27 -12.56
N MET A 544 12.10 13.72 -11.43
CA MET A 544 12.52 12.75 -10.38
C MET A 544 11.27 12.05 -9.82
N THR A 545 10.12 12.72 -9.76
CA THR A 545 8.88 12.06 -9.27
C THR A 545 8.46 10.99 -10.28
N ALA A 546 8.62 11.24 -11.58
CA ALA A 546 8.29 10.23 -12.63
C ALA A 546 9.20 9.01 -12.45
N ILE A 547 10.47 9.24 -12.14
CA ILE A 547 11.44 8.14 -11.89
C ILE A 547 11.00 7.36 -10.65
N TYR A 548 10.60 8.06 -9.59
CA TYR A 548 10.12 7.39 -8.36
C TYR A 548 8.89 6.51 -8.72
N VAL A 549 7.95 7.03 -9.49
CA VAL A 549 6.68 6.29 -9.81
C VAL A 549 7.03 5.07 -10.67
N ALA A 550 7.90 5.23 -11.65
CA ALA A 550 8.36 4.12 -12.51
C ALA A 550 9.08 3.03 -11.65
N LEU A 551 9.73 3.40 -10.55
CA LEU A 551 10.47 2.45 -9.66
C LEU A 551 9.56 1.81 -8.63
N ALA A 552 8.30 2.22 -8.55
CA ALA A 552 7.32 1.72 -7.56
C ALA A 552 7.33 0.19 -7.44
N PRO A 553 7.29 -0.60 -8.54
CA PRO A 553 7.25 -2.05 -8.40
C PRO A 553 8.46 -2.58 -7.61
N TYR A 554 9.65 -1.98 -7.82
CA TYR A 554 10.87 -2.36 -7.09
C TYR A 554 10.72 -2.00 -5.61
N LEU A 555 10.31 -0.76 -5.30
CA LEU A 555 10.12 -0.34 -3.88
C LEU A 555 9.08 -1.23 -3.19
N LYS A 556 7.97 -1.54 -3.88
CA LYS A 556 6.92 -2.44 -3.32
C LYS A 556 7.56 -3.79 -2.94
N SER A 557 8.47 -4.33 -3.74
CA SER A 557 9.16 -5.63 -3.44
C SER A 557 10.03 -5.46 -2.19
N LEU A 558 10.65 -4.29 -2.00
CA LEU A 558 11.52 -4.02 -0.80
C LEU A 558 10.65 -3.88 0.43
N SER A 559 9.46 -3.28 0.30
CA SER A 559 8.50 -3.17 1.44
C SER A 559 7.99 -4.56 1.83
N ALA A 560 7.68 -5.41 0.85
CA ALA A 560 7.30 -6.83 1.10
C ALA A 560 8.44 -7.54 1.85
N GLU A 561 9.66 -7.37 1.35
CA GLU A 561 10.89 -7.94 1.96
C GLU A 561 11.00 -7.43 3.40
N ALA A 562 10.77 -6.14 3.65
CA ALA A 562 10.88 -5.55 5.01
C ALA A 562 9.88 -6.22 5.94
N ALA A 563 8.63 -6.41 5.49
CA ALA A 563 7.60 -7.06 6.32
C ALA A 563 7.97 -8.53 6.59
N LYS A 564 8.50 -9.26 5.61
CA LYS A 564 8.77 -10.73 5.73
C LYS A 564 10.08 -10.96 6.48
N THR A 565 11.16 -10.15 6.25
CA THR A 565 12.53 -10.42 6.78
C THR A 565 13.02 -9.33 7.75
N GLY A 566 12.43 -8.13 7.75
CA GLY A 566 12.85 -7.07 8.68
C GLY A 566 13.92 -6.17 8.10
N LEU A 567 14.50 -6.53 6.96
CA LEU A 567 15.64 -5.77 6.40
C LEU A 567 15.11 -4.40 5.95
N PRO A 568 15.86 -3.33 6.26
CA PRO A 568 15.45 -1.99 5.87
C PRO A 568 15.60 -1.76 4.36
N VAL A 569 14.83 -0.81 3.85
CA VAL A 569 14.88 -0.45 2.40
C VAL A 569 16.28 0.08 2.05
N GLN A 570 16.84 0.93 2.93
CA GLN A 570 18.21 1.50 2.73
C GLN A 570 19.18 0.71 3.60
N ARG A 571 20.09 0.01 2.95
CA ARG A 571 21.01 -0.97 3.57
C ARG A 571 22.43 -0.50 3.42
N PRO A 572 23.27 -0.75 4.46
CA PRO A 572 24.70 -0.51 4.35
C PRO A 572 25.33 -1.58 3.45
N LEU A 573 26.36 -1.22 2.69
CA LEU A 573 26.98 -2.11 1.71
C LEU A 573 27.43 -3.42 2.43
N PHE A 574 27.86 -3.36 3.67
CA PHE A 574 28.44 -4.54 4.38
C PHE A 574 27.38 -5.60 4.61
N LEU A 575 26.11 -5.25 4.59
CA LEU A 575 25.01 -6.22 4.81
C LEU A 575 24.99 -7.28 3.70
N HIS A 576 25.34 -6.92 2.45
CA HIS A 576 25.30 -7.86 1.30
C HIS A 576 26.74 -8.15 0.80
N TYR A 577 27.78 -7.59 1.40
CA TYR A 577 29.18 -7.76 0.96
C TYR A 577 30.10 -7.91 2.19
N GLU A 578 29.85 -8.93 3.00
CA GLU A 578 30.50 -9.15 4.32
C GLU A 578 32.03 -9.35 4.18
N ASN A 579 32.49 -9.86 3.06
CA ASN A 579 33.91 -10.28 2.87
C ASN A 579 34.71 -9.10 2.29
N GLU A 580 34.10 -7.92 2.16
CA GLU A 580 34.76 -6.73 1.59
C GLU A 580 34.94 -5.67 2.68
N PRO A 581 36.15 -5.59 3.28
CA PRO A 581 36.42 -4.66 4.38
C PRO A 581 36.15 -3.17 4.08
N GLN A 582 36.29 -2.76 2.82
CA GLN A 582 36.09 -1.36 2.34
C GLN A 582 34.63 -0.93 2.56
N THR A 583 33.69 -1.86 2.73
CA THR A 583 32.23 -1.56 2.82
C THR A 583 31.79 -1.27 4.25
N TYR A 584 32.66 -1.44 5.25
CA TYR A 584 32.22 -1.56 6.67
C TYR A 584 31.91 -0.20 7.30
N ALA A 585 32.57 0.87 6.88
CA ALA A 585 32.40 2.21 7.47
C ALA A 585 31.72 3.16 6.49
N VAL A 586 31.45 2.75 5.25
CA VAL A 586 30.86 3.65 4.21
C VAL A 586 29.51 4.12 4.72
N GLN A 587 29.26 5.43 4.73
CA GLN A 587 28.01 6.01 5.28
C GLN A 587 27.43 7.08 4.35
N ASP A 588 27.98 7.30 3.15
CA ASP A 588 27.41 8.28 2.17
C ASP A 588 26.94 7.55 0.91
N CYS A 589 26.76 6.24 1.00
CA CYS A 589 26.23 5.39 -0.08
C CYS A 589 25.34 4.37 0.60
N TYR A 590 24.34 3.86 -0.12
CA TYR A 590 23.50 2.79 0.43
C TYR A 590 23.08 1.86 -0.71
N LEU A 591 22.74 0.65 -0.33
CA LEU A 591 22.06 -0.33 -1.20
C LEU A 591 20.57 -0.07 -1.01
N TYR A 592 19.88 0.25 -2.10
CA TYR A 592 18.41 0.43 -2.13
C TYR A 592 17.88 -0.94 -2.49
N GLY A 593 17.54 -1.74 -1.48
CA GLY A 593 17.37 -3.18 -1.65
C GLY A 593 18.69 -3.82 -2.03
N ALA A 594 18.70 -5.10 -2.39
CA ALA A 594 19.96 -5.83 -2.74
C ALA A 594 20.44 -5.38 -4.13
N ASP A 595 19.58 -4.81 -4.97
CA ASP A 595 19.80 -4.74 -6.44
C ASP A 595 20.22 -3.36 -6.93
N MET A 596 20.10 -2.29 -6.13
CA MET A 596 20.53 -0.93 -6.56
C MET A 596 21.52 -0.36 -5.57
N LEU A 597 22.46 0.42 -6.07
CA LEU A 597 23.46 1.16 -5.27
C LEU A 597 23.27 2.65 -5.53
N VAL A 598 23.14 3.41 -4.45
CA VAL A 598 22.91 4.88 -4.53
C VAL A 598 24.03 5.60 -3.80
N ALA A 599 24.64 6.56 -4.48
CA ALA A 599 25.75 7.38 -3.97
C ALA A 599 25.38 8.86 -4.18
N PRO A 600 24.54 9.43 -3.30
CA PRO A 600 24.12 10.82 -3.44
C PRO A 600 25.33 11.76 -3.44
N VAL A 601 25.27 12.77 -4.28
CA VAL A 601 26.17 13.94 -4.25
C VAL A 601 25.74 14.82 -3.08
N TRP A 602 26.66 15.11 -2.15
CA TRP A 602 26.35 15.85 -0.91
C TRP A 602 27.25 17.08 -0.77
N LYS A 603 27.82 17.56 -1.87
CA LYS A 603 28.66 18.79 -1.89
C LYS A 603 28.28 19.67 -3.09
N ALA A 604 28.31 20.98 -2.87
CA ALA A 604 28.05 22.02 -3.89
C ALA A 604 29.14 21.94 -4.96
N GLY A 605 28.75 22.10 -6.22
CA GLY A 605 29.66 22.35 -7.35
C GLY A 605 30.25 21.07 -7.91
N GLU A 606 29.81 19.89 -7.48
CA GLU A 606 30.36 18.60 -7.96
C GLU A 606 29.65 18.22 -9.27
N THR A 607 30.42 17.83 -10.28
CA THR A 607 29.95 17.32 -11.59
C THR A 607 30.20 15.80 -11.68
N GLN A 608 30.87 15.25 -10.68
CA GLN A 608 31.36 13.85 -10.62
C GLN A 608 31.19 13.28 -9.21
N ARG A 609 31.14 11.96 -9.09
CA ARG A 609 31.07 11.24 -7.81
C ARG A 609 31.96 10.01 -7.88
N SER A 610 32.79 9.85 -6.87
CA SER A 610 33.65 8.67 -6.63
C SER A 610 32.99 7.83 -5.54
N LEU A 611 32.99 6.52 -5.72
CA LEU A 611 32.39 5.57 -4.74
C LEU A 611 33.08 4.21 -4.91
N TYR A 612 33.00 3.39 -3.87
CA TYR A 612 33.38 1.98 -3.90
C TYR A 612 32.21 1.18 -4.47
N LEU A 613 32.46 0.48 -5.57
CA LEU A 613 31.54 -0.50 -6.20
C LEU A 613 31.86 -1.86 -5.60
N PRO A 614 30.94 -2.50 -4.85
CA PRO A 614 31.27 -3.78 -4.21
C PRO A 614 31.02 -4.99 -5.14
N GLY A 615 31.46 -6.17 -4.73
CA GLY A 615 31.09 -7.46 -5.34
C GLY A 615 32.04 -7.92 -6.42
N HIS A 616 31.72 -9.08 -6.99
CA HIS A 616 32.54 -9.76 -8.05
C HIS A 616 31.75 -9.78 -9.37
N GLY A 617 30.59 -9.11 -9.41
CA GLY A 617 29.69 -9.06 -10.58
C GLY A 617 29.88 -7.78 -11.35
N GLU A 618 28.90 -7.43 -12.16
CA GLU A 618 28.86 -6.16 -12.92
C GLU A 618 27.71 -5.31 -12.36
N TRP A 619 27.92 -4.00 -12.29
CA TRP A 619 26.91 -2.98 -11.94
C TRP A 619 26.63 -2.18 -13.22
N VAL A 620 25.37 -1.86 -13.49
CA VAL A 620 24.97 -1.03 -14.67
C VAL A 620 24.64 0.38 -14.17
N HIS A 621 25.27 1.40 -14.76
CA HIS A 621 24.95 2.82 -14.53
C HIS A 621 23.55 3.08 -15.10
N LEU A 622 22.64 3.58 -14.26
CA LEU A 622 21.19 3.68 -14.56
C LEU A 622 20.95 4.55 -15.78
N TRP A 623 21.69 5.66 -15.95
CA TRP A 623 21.38 6.69 -16.99
C TRP A 623 22.05 6.35 -18.33
N SER A 624 23.22 5.71 -18.34
CA SER A 624 24.05 5.47 -19.56
C SER A 624 23.92 4.04 -20.08
N GLY A 625 23.66 3.06 -19.20
CA GLY A 625 23.70 1.62 -19.54
C GLY A 625 25.12 1.04 -19.48
N LYS A 626 26.14 1.87 -19.23
CA LYS A 626 27.57 1.44 -19.18
C LYS A 626 27.76 0.47 -17.99
N ARG A 627 28.40 -0.68 -18.23
CA ARG A 627 28.68 -1.72 -17.20
C ARG A 627 30.00 -1.37 -16.48
N HIS A 628 30.08 -1.68 -15.19
CA HIS A 628 31.28 -1.42 -14.34
C HIS A 628 31.53 -2.66 -13.48
N ALA A 629 32.79 -3.09 -13.36
CA ALA A 629 33.16 -4.29 -12.59
C ALA A 629 33.12 -3.97 -11.08
N GLY A 630 32.55 -4.86 -10.29
CA GLY A 630 32.59 -4.76 -8.82
C GLY A 630 34.01 -4.85 -8.30
N GLY A 631 34.23 -4.42 -7.07
CA GLY A 631 35.45 -4.65 -6.26
C GLY A 631 36.48 -3.54 -6.42
N ARG A 632 36.09 -2.34 -6.84
CA ARG A 632 37.03 -1.20 -7.07
C ARG A 632 36.32 0.16 -6.86
N ASP A 633 37.11 1.20 -6.60
CA ASP A 633 36.67 2.62 -6.62
C ASP A 633 36.46 3.02 -8.10
N ILE A 634 35.39 3.76 -8.38
CA ILE A 634 35.05 4.30 -9.73
C ILE A 634 34.62 5.75 -9.58
N THR A 635 34.65 6.49 -10.68
CA THR A 635 34.16 7.89 -10.79
C THR A 635 33.17 7.95 -11.94
N VAL A 636 31.97 8.50 -11.74
CA VAL A 636 30.99 8.72 -12.84
C VAL A 636 30.61 10.21 -12.89
N GLU A 637 30.17 10.64 -14.07
CA GLU A 637 29.56 11.96 -14.32
C GLU A 637 28.23 11.97 -13.56
N THR A 638 27.98 13.02 -12.78
CA THR A 638 26.69 13.22 -12.06
C THR A 638 26.23 14.65 -12.28
N PRO A 639 25.85 15.02 -13.52
CA PRO A 639 25.21 16.32 -13.74
C PRO A 639 23.84 16.27 -13.05
N LEU A 640 23.22 17.44 -12.89
CA LEU A 640 21.86 17.54 -12.28
C LEU A 640 20.92 16.64 -13.09
N GLY A 641 20.19 15.76 -12.40
CA GLY A 641 19.21 14.86 -13.02
C GLY A 641 19.72 13.41 -13.04
N GLU A 642 21.04 13.20 -12.88
CA GLU A 642 21.68 11.89 -13.12
C GLU A 642 22.53 11.52 -11.92
N PRO A 643 21.91 11.25 -10.75
CA PRO A 643 22.66 10.78 -9.59
C PRO A 643 23.40 9.47 -9.90
N ALA A 644 24.44 9.21 -9.12
CA ALA A 644 25.28 8.02 -9.22
C ALA A 644 24.45 6.85 -8.69
N VAL A 645 23.64 6.28 -9.58
CA VAL A 645 22.82 5.08 -9.25
C VAL A 645 23.20 3.94 -10.21
N PHE A 646 23.34 2.75 -9.66
CA PHE A 646 23.72 1.52 -10.39
C PHE A 646 22.77 0.39 -9.97
N TYR A 647 22.56 -0.58 -10.85
CA TYR A 647 21.82 -1.83 -10.55
C TYR A 647 22.69 -3.02 -10.94
N ARG A 648 22.50 -4.14 -10.25
CA ARG A 648 23.17 -5.41 -10.57
C ARG A 648 22.69 -5.87 -11.95
N ALA A 649 23.64 -6.20 -12.84
CA ALA A 649 23.35 -6.68 -14.22
C ALA A 649 22.42 -7.91 -14.16
N ASP A 650 22.59 -8.74 -13.13
CA ASP A 650 21.83 -10.00 -12.95
C ASP A 650 20.49 -9.76 -12.23
N SER A 651 20.07 -8.51 -12.02
CA SER A 651 18.82 -8.19 -11.28
C SER A 651 17.57 -8.73 -12.02
N SER A 652 16.65 -9.39 -11.32
CA SER A 652 15.36 -9.86 -11.89
C SER A 652 14.53 -8.65 -12.39
N HIS A 653 14.82 -7.45 -11.93
CA HIS A 653 14.10 -6.20 -12.30
C HIS A 653 14.83 -5.43 -13.40
N HIS A 654 15.81 -6.06 -14.07
CA HIS A 654 16.66 -5.41 -15.12
C HIS A 654 15.78 -4.70 -16.16
N ARG A 655 14.64 -5.27 -16.53
CA ARG A 655 13.73 -4.73 -17.58
C ARG A 655 13.15 -3.40 -17.08
N LEU A 656 12.72 -3.32 -15.82
CA LEU A 656 12.25 -2.07 -15.19
C LEU A 656 13.35 -0.99 -15.19
N PHE A 657 14.54 -1.34 -14.68
CA PHE A 657 15.71 -0.43 -14.62
C PHE A 657 16.09 0.06 -16.03
N GLU A 658 16.15 -0.82 -17.02
CA GLU A 658 16.46 -0.46 -18.44
C GLU A 658 15.49 0.64 -18.90
N GLN A 659 14.22 0.63 -18.44
CA GLN A 659 13.15 1.60 -18.85
C GLN A 659 13.48 3.00 -18.31
N LEU A 660 13.97 3.10 -17.07
CA LEU A 660 14.22 4.40 -16.37
C LEU A 660 15.58 4.88 -16.90
N ARG A 661 15.70 5.25 -18.19
CA ARG A 661 17.02 5.55 -18.83
C ARG A 661 16.82 6.59 -19.93
N HIS B 2 -17.61 -15.99 12.00
CA HIS B 2 -16.60 -16.81 12.76
C HIS B 2 -16.60 -18.29 12.35
N PHE B 3 -15.38 -18.87 12.31
CA PHE B 3 -15.09 -20.28 11.96
C PHE B 3 -15.49 -21.15 13.16
N GLU B 4 -16.03 -22.34 12.92
CA GLU B 4 -16.25 -23.39 13.94
C GLU B 4 -15.91 -24.74 13.30
N THR B 5 -15.02 -25.53 13.91
CA THR B 5 -14.61 -26.86 13.40
C THR B 5 -15.69 -27.89 13.78
N THR B 6 -15.89 -28.91 12.93
CA THR B 6 -16.75 -30.12 13.19
C THR B 6 -15.88 -31.36 12.95
N LYS B 7 -16.48 -32.57 13.08
CA LYS B 7 -15.84 -33.89 12.84
C LYS B 7 -14.95 -33.81 11.58
N ASP B 8 -15.59 -33.61 10.41
CA ASP B 8 -15.01 -33.81 9.05
C ASP B 8 -14.41 -32.50 8.49
N GLY B 9 -15.04 -31.35 8.77
CA GLY B 9 -14.60 -30.03 8.26
C GLY B 9 -15.05 -28.89 9.17
N PHE B 10 -15.63 -27.82 8.58
CA PHE B 10 -15.93 -26.55 9.32
C PHE B 10 -17.24 -25.91 8.86
N THR B 11 -17.72 -24.96 9.67
CA THR B 11 -18.82 -24.02 9.34
C THR B 11 -18.33 -22.58 9.51
N ILE B 12 -18.94 -21.64 8.79
CA ILE B 12 -18.80 -20.17 9.00
C ILE B 12 -20.20 -19.62 9.23
N ALA B 13 -20.40 -18.81 10.27
CA ALA B 13 -21.74 -18.30 10.68
C ALA B 13 -21.68 -16.78 10.88
N ILE B 14 -22.82 -16.11 10.78
CA ILE B 14 -23.06 -14.75 11.32
C ILE B 14 -24.20 -14.89 12.33
N GLY B 15 -23.89 -14.70 13.62
CA GLY B 15 -24.84 -14.94 14.72
C GLY B 15 -25.27 -16.39 14.78
N ASN B 16 -26.59 -16.63 14.89
CA ASN B 16 -27.21 -17.97 14.95
C ASN B 16 -27.14 -18.67 13.58
N ARG B 17 -26.75 -17.95 12.52
CA ARG B 17 -27.01 -18.34 11.09
C ARG B 17 -25.77 -18.99 10.46
N ILE B 18 -25.76 -20.31 10.30
CA ILE B 18 -24.70 -21.03 9.50
C ILE B 18 -24.84 -20.58 8.03
N ILE B 19 -23.73 -20.13 7.43
CA ILE B 19 -23.66 -19.56 6.06
C ILE B 19 -22.92 -20.51 5.11
N LEU B 20 -21.74 -20.98 5.53
CA LEU B 20 -20.90 -21.93 4.76
C LEU B 20 -20.73 -23.19 5.63
N SER B 21 -20.91 -24.35 5.03
CA SER B 21 -20.71 -25.69 5.66
C SER B 21 -19.83 -26.51 4.73
N HIS B 22 -18.66 -26.92 5.21
CA HIS B 22 -17.72 -27.75 4.44
C HIS B 22 -17.51 -29.11 5.12
N SER B 23 -17.51 -30.18 4.33
CA SER B 23 -16.99 -31.53 4.65
C SER B 23 -16.51 -32.15 3.34
N PRO B 24 -15.56 -33.11 3.33
CA PRO B 24 -15.16 -33.76 2.07
C PRO B 24 -16.36 -34.31 1.27
N ASP B 25 -17.39 -34.83 1.96
CA ASP B 25 -18.59 -35.47 1.35
C ASP B 25 -19.57 -34.39 0.85
N LYS B 26 -19.63 -33.22 1.50
CA LYS B 26 -20.52 -32.07 1.17
C LYS B 26 -19.66 -30.81 1.09
N PRO B 27 -18.85 -30.62 0.05
CA PRO B 27 -17.97 -29.46 -0.03
C PRO B 27 -18.74 -28.15 -0.24
N ALA B 28 -18.10 -27.02 0.08
CA ALA B 28 -18.64 -25.65 -0.06
C ALA B 28 -18.18 -25.04 -1.38
N PHE B 29 -17.00 -25.42 -1.88
CA PHE B 29 -16.33 -24.74 -3.01
C PHE B 29 -15.96 -25.77 -4.07
N PHE B 30 -16.15 -25.38 -5.33
CA PHE B 30 -15.70 -26.13 -6.52
C PHE B 30 -14.94 -25.14 -7.39
N ALA B 31 -13.90 -25.60 -8.07
CA ALA B 31 -13.01 -24.75 -8.88
C ALA B 31 -12.74 -25.42 -10.20
N GLY B 32 -12.56 -24.63 -11.26
CA GLY B 32 -12.17 -25.18 -12.54
C GLY B 32 -11.96 -24.11 -13.59
N PHE B 33 -12.22 -24.51 -14.83
CA PHE B 33 -11.81 -23.78 -16.05
C PHE B 33 -12.93 -23.90 -17.06
N GLY B 34 -13.21 -22.82 -17.80
CA GLY B 34 -14.19 -22.79 -18.90
C GLY B 34 -13.70 -21.95 -20.05
N GLU B 35 -14.23 -22.19 -21.26
CA GLU B 35 -14.06 -21.33 -22.45
C GLU B 35 -15.46 -20.79 -22.81
N GLU B 36 -15.71 -19.51 -22.59
CA GLU B 36 -17.04 -18.89 -22.83
C GLU B 36 -17.14 -18.36 -24.27
N ARG B 37 -18.36 -18.32 -24.77
CA ARG B 37 -18.80 -17.57 -25.98
C ARG B 37 -19.75 -16.49 -25.47
N MET B 38 -19.48 -15.22 -25.82
CA MET B 38 -20.36 -14.09 -25.42
C MET B 38 -20.51 -13.16 -26.62
N ASP B 39 -21.32 -13.57 -27.59
CA ASP B 39 -21.49 -12.83 -28.88
C ASP B 39 -22.51 -11.71 -28.65
N MET B 40 -22.15 -10.48 -28.99
CA MET B 40 -23.05 -9.32 -28.80
C MET B 40 -23.71 -8.98 -30.13
N TYR B 41 -25.02 -8.75 -30.11
CA TYR B 41 -25.73 -8.11 -31.24
C TYR B 41 -26.62 -7.02 -30.66
N ARG B 42 -26.21 -5.75 -30.86
CA ARG B 42 -27.05 -4.57 -30.49
C ARG B 42 -27.42 -4.65 -29.02
N GLY B 43 -26.47 -5.01 -28.17
CA GLY B 43 -26.62 -4.98 -26.70
C GLY B 43 -27.25 -6.25 -26.16
N ASN B 44 -27.64 -7.18 -27.02
CA ASN B 44 -28.12 -8.53 -26.65
C ASN B 44 -26.93 -9.49 -26.68
N PHE B 45 -26.80 -10.33 -25.66
CA PHE B 45 -25.68 -11.28 -25.54
C PHE B 45 -26.23 -12.70 -25.70
N ASP B 46 -25.60 -13.45 -26.61
CA ASP B 46 -25.76 -14.92 -26.71
C ASP B 46 -24.60 -15.54 -25.92
N ILE B 47 -24.87 -16.03 -24.72
CA ILE B 47 -23.82 -16.49 -23.76
C ILE B 47 -23.94 -18.01 -23.62
N GLU B 48 -22.85 -18.73 -23.84
CA GLU B 48 -22.75 -20.18 -23.56
C GLU B 48 -21.36 -20.49 -23.01
N ASP B 49 -21.30 -21.20 -21.89
CA ASP B 49 -20.01 -21.67 -21.32
C ASP B 49 -19.72 -23.09 -21.87
N TYR B 50 -18.44 -23.40 -22.10
CA TYR B 50 -17.94 -24.78 -22.23
C TYR B 50 -17.09 -25.10 -20.99
N VAL B 51 -17.65 -25.80 -20.01
CA VAL B 51 -16.95 -26.15 -18.73
C VAL B 51 -16.01 -27.33 -19.02
N ILE B 52 -14.71 -27.11 -18.89
CA ILE B 52 -13.65 -28.11 -19.16
C ILE B 52 -13.28 -28.83 -17.85
N GLU B 53 -13.26 -28.13 -16.72
CA GLU B 53 -13.15 -28.76 -15.36
C GLU B 53 -14.10 -28.06 -14.38
N ARG B 54 -14.74 -28.83 -13.53
CA ARG B 54 -15.38 -28.40 -12.27
C ARG B 54 -15.08 -29.48 -11.22
N THR B 55 -14.29 -29.13 -10.21
CA THR B 55 -13.68 -30.11 -9.26
C THR B 55 -13.94 -29.64 -7.84
N ALA B 56 -14.60 -30.46 -7.05
CA ALA B 56 -14.87 -30.21 -5.61
C ALA B 56 -13.53 -30.00 -4.91
N LEU B 57 -13.42 -28.95 -4.09
CA LEU B 57 -12.30 -28.74 -3.15
C LEU B 57 -12.69 -29.44 -1.84
N ARG B 58 -12.35 -30.73 -1.75
CA ARG B 58 -12.85 -31.64 -0.68
C ARG B 58 -12.01 -31.48 0.58
N HIS B 59 -10.75 -31.03 0.45
CA HIS B 59 -9.76 -31.04 1.57
C HIS B 59 -9.49 -29.61 2.05
N ALA B 60 -9.81 -29.35 3.33
CA ALA B 60 -9.59 -28.07 4.03
C ALA B 60 -8.55 -28.25 5.15
N GLU B 61 -7.47 -27.44 5.15
CA GLU B 61 -6.53 -27.26 6.30
C GLU B 61 -6.78 -25.89 6.93
N VAL B 62 -7.31 -25.85 8.17
CA VAL B 62 -7.57 -24.60 8.94
C VAL B 62 -6.30 -24.20 9.73
N SER B 63 -5.81 -22.96 9.54
CA SER B 63 -4.59 -22.36 10.15
C SER B 63 -4.92 -20.97 10.72
N GLY B 64 -5.67 -20.94 11.83
CA GLY B 64 -6.10 -19.73 12.54
C GLY B 64 -7.37 -19.15 11.94
N ASP B 65 -7.25 -17.98 11.30
CA ASP B 65 -8.35 -17.25 10.61
C ASP B 65 -8.34 -17.59 9.10
N SER B 66 -7.34 -18.36 8.64
CA SER B 66 -7.15 -18.76 7.21
C SER B 66 -7.47 -20.26 7.02
N VAL B 67 -8.12 -20.61 5.90
CA VAL B 67 -8.39 -22.02 5.48
C VAL B 67 -7.78 -22.19 4.09
N THR B 68 -7.01 -23.26 3.90
CA THR B 68 -6.41 -23.63 2.59
C THR B 68 -7.23 -24.83 2.07
N LEU B 69 -7.57 -24.80 0.78
CA LEU B 69 -8.50 -25.77 0.13
C LEU B 69 -7.80 -26.41 -1.05
N SER B 70 -7.89 -27.74 -1.14
CA SER B 70 -7.33 -28.57 -2.24
C SER B 70 -8.39 -29.57 -2.71
N SER B 71 -8.22 -30.11 -3.92
CA SER B 71 -9.11 -31.14 -4.52
C SER B 71 -9.20 -32.34 -3.57
N ALA B 72 -8.07 -32.81 -3.04
CA ALA B 72 -7.94 -34.01 -2.17
C ALA B 72 -6.70 -33.93 -1.29
N PRO B 73 -6.64 -34.69 -0.18
CA PRO B 73 -5.45 -34.74 0.68
C PRO B 73 -4.20 -35.11 -0.12
N GLY B 74 -3.13 -34.34 0.05
CA GLY B 74 -1.82 -34.58 -0.57
C GLY B 74 -1.60 -33.72 -1.80
N GLN B 75 -2.68 -33.26 -2.44
CA GLN B 75 -2.61 -32.48 -3.72
C GLN B 75 -2.36 -31.00 -3.39
N ALA B 76 -1.82 -30.25 -4.36
CA ALA B 76 -1.41 -28.83 -4.21
C ALA B 76 -2.64 -27.96 -3.89
N PRO B 77 -2.56 -27.08 -2.87
CA PRO B 77 -3.67 -26.19 -2.55
C PRO B 77 -4.03 -25.25 -3.72
N ARG B 78 -5.32 -24.94 -3.88
CA ARG B 78 -5.85 -24.16 -5.05
C ARG B 78 -6.45 -22.82 -4.61
N LEU B 79 -7.02 -22.77 -3.40
CA LEU B 79 -7.78 -21.59 -2.92
C LEU B 79 -7.48 -21.34 -1.44
N ARG B 80 -7.32 -20.07 -1.02
CA ARG B 80 -7.24 -19.69 0.41
C ARG B 80 -8.42 -18.78 0.78
N LEU B 81 -9.13 -19.13 1.87
CA LEU B 81 -10.17 -18.32 2.57
C LEU B 81 -9.51 -17.64 3.77
N THR B 82 -9.80 -16.36 4.01
CA THR B 82 -9.32 -15.60 5.20
C THR B 82 -10.52 -14.81 5.72
N LEU B 83 -10.89 -14.97 7.00
CA LEU B 83 -11.87 -14.09 7.68
C LEU B 83 -11.21 -12.74 7.99
N ASP B 84 -11.73 -11.64 7.42
CA ASP B 84 -11.43 -10.23 7.79
C ASP B 84 -12.75 -9.52 8.10
N GLY B 85 -13.17 -9.50 9.37
CA GLY B 85 -14.40 -8.87 9.85
C GLY B 85 -15.63 -9.57 9.29
N ASN B 86 -16.48 -8.84 8.57
CA ASN B 86 -17.76 -9.35 8.01
C ASN B 86 -17.51 -9.86 6.57
N ALA B 87 -16.28 -10.19 6.21
CA ALA B 87 -15.86 -10.56 4.84
C ALA B 87 -15.08 -11.88 4.86
N ILE B 88 -15.31 -12.74 3.85
CA ILE B 88 -14.41 -13.87 3.47
C ILE B 88 -13.59 -13.37 2.27
N ARG B 89 -12.28 -13.17 2.44
CA ARG B 89 -11.31 -12.82 1.37
C ARG B 89 -10.88 -14.12 0.69
N LEU B 90 -10.72 -14.10 -0.63
CA LEU B 90 -10.33 -15.31 -1.42
C LEU B 90 -9.07 -14.97 -2.19
N THR B 91 -8.11 -15.90 -2.17
CA THR B 91 -6.89 -15.83 -2.99
C THR B 91 -6.82 -17.13 -3.78
N ALA B 92 -6.73 -17.01 -5.10
CA ALA B 92 -6.43 -18.14 -6.01
C ALA B 92 -4.96 -18.50 -5.80
N LEU B 93 -4.68 -19.74 -5.37
CA LEU B 93 -3.30 -20.29 -5.28
C LEU B 93 -2.93 -20.97 -6.59
N ASP B 94 -3.93 -21.33 -7.41
CA ASP B 94 -3.77 -21.92 -8.77
C ASP B 94 -4.15 -20.84 -9.79
N GLU B 95 -3.20 -20.43 -10.62
CA GLU B 95 -3.33 -19.33 -11.61
C GLU B 95 -4.33 -19.71 -12.71
N THR B 96 -4.67 -21.00 -12.91
CA THR B 96 -5.47 -21.50 -14.06
C THR B 96 -6.99 -21.32 -13.83
N ILE B 97 -7.44 -21.20 -12.58
CA ILE B 97 -8.90 -21.20 -12.23
C ILE B 97 -9.54 -19.96 -12.84
N ASN B 98 -10.55 -20.10 -13.71
CA ASN B 98 -11.42 -18.95 -14.11
C ASN B 98 -12.88 -19.29 -13.82
N ARG B 99 -13.14 -20.36 -13.07
CA ARG B 99 -14.50 -20.77 -12.67
C ARG B 99 -14.46 -21.13 -11.20
N LEU B 100 -15.33 -20.49 -10.40
CA LEU B 100 -15.49 -20.84 -8.98
C LEU B 100 -16.97 -20.99 -8.68
N TRP B 101 -17.32 -22.04 -7.97
CA TRP B 101 -18.69 -22.29 -7.45
C TRP B 101 -18.62 -22.29 -5.92
N LEU B 102 -19.56 -21.63 -5.28
CA LEU B 102 -19.62 -21.54 -3.82
C LEU B 102 -21.05 -21.87 -3.38
N ARG B 103 -21.22 -22.82 -2.48
CA ARG B 103 -22.55 -23.18 -1.93
C ARG B 103 -22.72 -22.49 -0.59
N VAL B 104 -23.82 -21.79 -0.42
CA VAL B 104 -24.21 -21.26 0.91
C VAL B 104 -25.50 -21.94 1.32
N VAL B 105 -25.55 -22.28 2.61
CA VAL B 105 -26.62 -23.09 3.24
C VAL B 105 -27.93 -22.34 3.06
N ALA B 106 -29.01 -23.08 2.83
CA ALA B 106 -30.37 -22.54 2.67
C ALA B 106 -31.37 -23.43 3.40
N GLU B 107 -32.51 -22.87 3.80
CA GLU B 107 -33.67 -23.62 4.33
C GLU B 107 -34.67 -23.75 3.18
N THR B 108 -35.51 -24.80 3.20
CA THR B 108 -36.52 -25.14 2.17
C THR B 108 -37.39 -23.90 1.85
N ASP B 109 -37.80 -23.15 2.88
CA ASP B 109 -38.88 -22.13 2.84
C ASP B 109 -38.29 -20.71 2.75
N GLU B 110 -36.97 -20.60 2.57
CA GLU B 110 -36.22 -19.32 2.51
C GLU B 110 -36.53 -18.56 1.20
N HIS B 111 -36.72 -17.24 1.33
CA HIS B 111 -36.82 -16.28 0.21
C HIS B 111 -35.48 -15.59 0.03
N VAL B 112 -35.15 -15.23 -1.20
CA VAL B 112 -33.96 -14.40 -1.52
C VAL B 112 -34.39 -13.29 -2.50
N TRP B 113 -34.01 -12.06 -2.20
CA TRP B 113 -34.34 -10.89 -3.06
C TRP B 113 -33.07 -10.16 -3.41
N GLY B 114 -33.14 -9.30 -4.41
CA GLY B 114 -32.06 -8.43 -4.86
C GLY B 114 -31.64 -8.82 -6.26
N GLY B 115 -30.36 -9.06 -6.46
CA GLY B 115 -29.82 -9.37 -7.79
C GLY B 115 -29.74 -8.13 -8.65
N GLY B 116 -29.79 -6.96 -8.03
CA GLY B 116 -29.79 -5.66 -8.72
C GLY B 116 -31.22 -5.22 -8.95
N GLU B 117 -31.50 -4.75 -10.15
CA GLU B 117 -32.88 -4.46 -10.62
C GLU B 117 -33.41 -5.68 -11.39
N GLN B 118 -34.19 -6.53 -10.76
CA GLN B 118 -34.84 -7.69 -11.41
C GLN B 118 -36.20 -7.24 -11.92
N MET B 119 -36.53 -7.57 -13.18
CA MET B 119 -37.78 -7.09 -13.84
C MET B 119 -38.90 -8.14 -13.77
N SER B 120 -38.60 -9.44 -13.67
CA SER B 120 -39.62 -10.53 -13.70
C SER B 120 -39.93 -11.06 -12.29
N TYR B 121 -38.93 -11.48 -11.52
CA TYR B 121 -39.14 -12.21 -10.25
C TYR B 121 -38.44 -11.47 -9.11
N PHE B 122 -39.21 -11.07 -8.12
CA PHE B 122 -38.68 -10.35 -6.94
C PHE B 122 -38.00 -11.36 -5.99
N ASP B 123 -38.78 -12.33 -5.49
CA ASP B 123 -38.23 -13.54 -4.83
C ASP B 123 -37.57 -14.43 -5.92
N MET B 124 -36.26 -14.52 -5.92
CA MET B 124 -35.46 -15.27 -6.91
C MET B 124 -35.42 -16.78 -6.59
N ARG B 125 -35.99 -17.22 -5.48
CA ARG B 125 -35.90 -18.64 -5.07
C ARG B 125 -36.52 -19.52 -6.15
N GLY B 126 -35.83 -20.62 -6.49
CA GLY B 126 -36.35 -21.64 -7.44
C GLY B 126 -35.81 -21.47 -8.85
N ARG B 127 -35.05 -20.41 -9.12
CA ARG B 127 -34.61 -20.08 -10.51
C ARG B 127 -33.14 -19.71 -10.51
N ARG B 128 -32.54 -19.60 -11.70
CA ARG B 128 -31.13 -19.21 -11.89
C ARG B 128 -31.09 -17.81 -12.53
N PHE B 129 -30.18 -16.98 -12.04
CA PHE B 129 -30.06 -15.58 -12.48
C PHE B 129 -28.61 -15.29 -12.83
N PRO B 130 -28.23 -15.39 -14.11
CA PRO B 130 -27.01 -14.77 -14.61
C PRO B 130 -27.04 -13.25 -14.36
N LEU B 131 -25.86 -12.67 -14.17
CA LEU B 131 -25.65 -11.27 -13.76
C LEU B 131 -24.65 -10.63 -14.72
N TRP B 132 -25.19 -10.10 -15.81
CA TRP B 132 -24.45 -9.50 -16.94
C TRP B 132 -25.31 -8.40 -17.54
N THR B 133 -24.85 -7.15 -17.45
CA THR B 133 -25.63 -5.99 -17.89
C THR B 133 -25.82 -6.12 -19.41
N SER B 134 -27.04 -5.92 -19.89
CA SER B 134 -27.38 -6.03 -21.33
C SER B 134 -28.69 -5.28 -21.60
N GLU B 135 -29.09 -5.21 -22.86
CA GLU B 135 -30.51 -5.05 -23.22
C GLU B 135 -31.27 -6.11 -22.44
N PRO B 136 -32.34 -5.71 -21.72
CA PRO B 136 -33.11 -6.62 -20.89
C PRO B 136 -34.04 -7.55 -21.67
N GLY B 137 -34.24 -7.24 -22.96
CA GLY B 137 -35.12 -7.99 -23.86
C GLY B 137 -36.42 -7.27 -24.13
N VAL B 138 -37.00 -7.50 -25.32
CA VAL B 138 -38.37 -7.07 -25.70
C VAL B 138 -39.28 -8.29 -25.59
N GLY B 139 -40.24 -8.25 -24.68
CA GLY B 139 -41.17 -9.35 -24.33
C GLY B 139 -40.67 -10.14 -23.14
N ARG B 140 -39.45 -10.65 -23.24
CA ARG B 140 -38.72 -11.28 -22.12
C ARG B 140 -39.44 -12.56 -21.66
N ASP B 141 -40.19 -13.19 -22.56
CA ASP B 141 -41.00 -14.41 -22.24
C ASP B 141 -41.15 -15.24 -23.52
N LYS B 142 -40.45 -16.37 -23.59
CA LYS B 142 -40.33 -17.19 -24.83
C LYS B 142 -41.71 -17.70 -25.30
N THR B 143 -42.75 -17.64 -24.45
CA THR B 143 -44.11 -18.07 -24.83
C THR B 143 -44.90 -16.93 -25.49
N THR B 144 -44.40 -15.70 -25.58
CA THR B 144 -45.18 -14.62 -26.25
C THR B 144 -44.64 -14.39 -27.67
N GLU B 145 -45.51 -13.93 -28.54
CA GLU B 145 -45.27 -13.58 -29.95
C GLU B 145 -44.28 -12.41 -30.01
N ILE B 146 -44.41 -11.43 -29.15
CA ILE B 146 -43.47 -10.26 -29.13
C ILE B 146 -42.04 -10.78 -28.93
N THR B 147 -41.84 -11.66 -27.96
CA THR B 147 -40.49 -12.21 -27.66
C THR B 147 -39.98 -13.00 -28.86
N PHE B 148 -40.82 -13.88 -29.39
CA PHE B 148 -40.52 -14.70 -30.59
C PHE B 148 -40.09 -13.80 -31.74
N LYS B 149 -40.86 -12.77 -32.04
CA LYS B 149 -40.54 -11.88 -33.20
C LYS B 149 -39.26 -11.10 -32.94
N SER B 150 -39.01 -10.66 -31.71
CA SER B 150 -37.76 -9.96 -31.31
C SER B 150 -36.57 -10.90 -31.46
N ASP B 151 -36.73 -12.17 -31.05
CA ASP B 151 -35.64 -13.20 -31.20
C ASP B 151 -35.34 -13.40 -32.68
N VAL B 152 -36.36 -13.60 -33.53
CA VAL B 152 -36.20 -13.88 -34.98
C VAL B 152 -35.55 -12.67 -35.63
N SER B 153 -36.04 -11.46 -35.37
CA SER B 153 -35.58 -10.28 -36.17
C SER B 153 -34.24 -9.76 -35.62
N GLY B 154 -33.95 -9.87 -34.32
CA GLY B 154 -32.72 -9.26 -33.77
C GLY B 154 -32.16 -9.91 -32.52
N LYS B 155 -32.46 -11.18 -32.23
CA LYS B 155 -31.92 -11.89 -31.03
C LYS B 155 -32.19 -11.06 -29.78
N ALA B 156 -33.35 -10.41 -29.73
CA ALA B 156 -33.65 -9.23 -28.89
C ALA B 156 -34.77 -9.54 -27.89
N GLY B 157 -35.25 -10.78 -27.83
CA GLY B 157 -36.38 -11.15 -26.96
C GLY B 157 -36.00 -11.20 -25.50
N GLY B 158 -34.76 -11.65 -25.21
CA GLY B 158 -34.29 -11.89 -23.83
C GLY B 158 -35.18 -12.87 -23.07
N ASP B 159 -35.17 -12.79 -21.74
CA ASP B 159 -35.77 -13.78 -20.85
C ASP B 159 -35.82 -13.17 -19.44
N TYR B 160 -36.36 -13.92 -18.48
CA TYR B 160 -36.82 -13.44 -17.16
C TYR B 160 -35.65 -12.82 -16.37
N TYR B 161 -34.40 -13.20 -16.65
CA TYR B 161 -33.22 -12.82 -15.83
C TYR B 161 -32.49 -11.61 -16.42
N ASN B 162 -32.73 -11.28 -17.68
CA ASN B 162 -31.99 -10.19 -18.37
C ASN B 162 -32.35 -8.84 -17.70
N THR B 163 -31.37 -7.97 -17.55
CA THR B 163 -31.51 -6.67 -16.86
C THR B 163 -30.40 -5.72 -17.29
N ASN B 164 -30.75 -4.42 -17.35
CA ASN B 164 -29.82 -3.29 -17.54
C ASN B 164 -28.92 -3.19 -16.31
N TYR B 165 -29.38 -3.72 -15.17
CA TYR B 165 -28.74 -3.47 -13.86
C TYR B 165 -28.76 -4.76 -13.05
N PRO B 166 -27.83 -5.66 -13.29
CA PRO B 166 -27.63 -6.80 -12.41
C PRO B 166 -26.72 -6.36 -11.25
N GLN B 167 -26.78 -7.07 -10.12
CA GLN B 167 -25.81 -6.87 -9.02
C GLN B 167 -25.69 -8.18 -8.25
N PRO B 168 -24.46 -8.67 -8.03
CA PRO B 168 -24.24 -9.90 -7.28
C PRO B 168 -24.38 -9.68 -5.78
N THR B 169 -25.59 -9.32 -5.37
CA THR B 169 -25.99 -9.05 -3.98
C THR B 169 -27.35 -9.70 -3.73
N TRP B 170 -27.53 -10.40 -2.62
CA TRP B 170 -28.88 -10.86 -2.22
C TRP B 170 -29.14 -10.57 -0.74
N LEU B 171 -30.41 -10.40 -0.41
CA LEU B 171 -30.94 -10.36 0.97
C LEU B 171 -31.70 -11.66 1.16
N SER B 172 -31.40 -12.38 2.25
CA SER B 172 -32.04 -13.67 2.60
C SER B 172 -33.11 -13.45 3.67
N SER B 173 -34.22 -14.19 3.61
CA SER B 173 -35.27 -14.15 4.65
C SER B 173 -34.71 -14.68 5.99
N ARG B 174 -33.52 -15.29 5.99
CA ARG B 174 -32.79 -15.65 7.23
C ARG B 174 -32.08 -14.43 7.85
N LYS B 175 -32.30 -13.21 7.35
CA LYS B 175 -31.82 -11.93 7.96
C LYS B 175 -30.29 -11.82 7.86
N TYR B 176 -29.78 -12.02 6.67
CA TYR B 176 -28.43 -11.59 6.28
C TYR B 176 -28.47 -11.21 4.81
N ALA B 177 -27.53 -10.38 4.38
CA ALA B 177 -27.26 -10.07 2.97
C ALA B 177 -25.86 -10.55 2.66
N LEU B 178 -25.64 -10.91 1.41
CA LEU B 178 -24.36 -11.41 0.87
C LEU B 178 -24.04 -10.52 -0.33
N HIS B 179 -22.80 -10.06 -0.45
CA HIS B 179 -22.33 -9.28 -1.60
C HIS B 179 -21.05 -9.92 -2.09
N VAL B 180 -20.96 -10.17 -3.39
CA VAL B 180 -19.72 -10.65 -4.07
C VAL B 180 -19.04 -9.44 -4.71
N GLU B 181 -17.80 -9.14 -4.28
CA GLU B 181 -16.96 -8.07 -4.87
C GLU B 181 -16.28 -8.66 -6.10
N THR B 182 -16.92 -8.52 -7.25
CA THR B 182 -16.41 -8.91 -8.58
C THR B 182 -17.16 -8.09 -9.61
N SER B 183 -16.55 -7.91 -10.77
CA SER B 183 -17.24 -7.37 -11.97
C SER B 183 -17.37 -8.47 -13.04
N ALA B 184 -16.86 -9.66 -12.74
CA ALA B 184 -16.95 -10.79 -13.70
C ALA B 184 -18.40 -11.24 -13.83
N TYR B 185 -18.70 -11.89 -14.96
CA TYR B 185 -19.93 -12.70 -15.11
C TYR B 185 -20.08 -13.59 -13.88
N SER B 186 -21.30 -13.68 -13.38
CA SER B 186 -21.65 -14.55 -12.24
C SER B 186 -23.10 -15.02 -12.39
N VAL B 187 -23.48 -16.07 -11.67
CA VAL B 187 -24.84 -16.66 -11.70
C VAL B 187 -25.23 -16.95 -10.24
N PHE B 188 -26.41 -16.51 -9.85
CA PHE B 188 -27.11 -16.94 -8.62
C PHE B 188 -28.02 -18.11 -8.99
N ASP B 189 -27.71 -19.31 -8.48
CA ASP B 189 -28.48 -20.54 -8.76
C ASP B 189 -29.27 -20.89 -7.50
N PHE B 190 -30.57 -20.59 -7.50
CA PHE B 190 -31.47 -20.80 -6.35
C PHE B 190 -32.43 -21.99 -6.60
N ARG B 191 -32.01 -22.97 -7.39
CA ARG B 191 -32.90 -24.11 -7.80
C ARG B 191 -32.96 -25.21 -6.72
N ASN B 192 -32.05 -25.25 -5.74
CA ASN B 192 -31.90 -26.41 -4.81
C ASN B 192 -32.44 -26.03 -3.43
N GLY B 193 -33.14 -26.96 -2.77
CA GLY B 193 -33.81 -26.73 -1.48
C GLY B 193 -32.84 -26.43 -0.33
N ASP B 194 -31.64 -27.04 -0.34
CA ASP B 194 -30.74 -27.09 0.84
C ASP B 194 -29.55 -26.13 0.68
N PHE B 195 -29.32 -25.58 -0.51
CA PHE B 195 -28.20 -24.62 -0.73
C PHE B 195 -28.50 -23.69 -1.90
N HIS B 196 -27.95 -22.48 -1.80
CA HIS B 196 -27.77 -21.52 -2.92
C HIS B 196 -26.40 -21.81 -3.51
N GLU B 197 -26.25 -21.76 -4.84
CA GLU B 197 -24.94 -21.86 -5.50
C GLU B 197 -24.65 -20.56 -6.25
N ILE B 198 -23.49 -20.00 -6.00
CA ILE B 198 -22.92 -18.83 -6.73
C ILE B 198 -21.86 -19.40 -7.68
N GLU B 199 -22.00 -19.09 -8.96
CA GLU B 199 -20.96 -19.31 -9.99
C GLU B 199 -20.31 -17.97 -10.32
N ILE B 200 -18.97 -17.92 -10.40
CA ILE B 200 -18.21 -16.68 -10.76
C ILE B 200 -17.18 -17.08 -11.79
N TRP B 201 -17.07 -16.32 -12.89
CA TRP B 201 -16.04 -16.54 -13.92
C TRP B 201 -14.79 -15.76 -13.54
N ALA B 202 -14.41 -15.88 -12.28
CA ALA B 202 -13.18 -15.33 -11.66
C ALA B 202 -13.15 -15.81 -10.20
N VAL B 203 -12.03 -15.63 -9.52
CA VAL B 203 -11.97 -15.72 -8.03
C VAL B 203 -12.18 -14.31 -7.52
N PRO B 204 -13.33 -14.00 -6.90
CA PRO B 204 -13.58 -12.65 -6.41
C PRO B 204 -12.61 -12.31 -5.26
N GLU B 205 -12.23 -11.03 -5.13
CA GLU B 205 -11.36 -10.53 -4.02
C GLU B 205 -11.99 -10.95 -2.68
N LYS B 206 -13.31 -10.74 -2.50
CA LYS B 206 -14.00 -11.02 -1.21
C LYS B 206 -15.51 -11.19 -1.39
N ILE B 207 -16.13 -11.80 -0.39
CA ILE B 207 -17.60 -11.92 -0.22
C ILE B 207 -17.93 -11.31 1.15
N GLU B 208 -18.81 -10.32 1.17
CA GLU B 208 -19.08 -9.47 2.35
C GLU B 208 -20.46 -9.82 2.86
N PHE B 209 -20.66 -9.78 4.18
CA PHE B 209 -21.91 -10.22 4.85
C PHE B 209 -22.43 -9.08 5.71
N PHE B 210 -23.75 -8.97 5.84
CA PHE B 210 -24.45 -7.96 6.65
C PHE B 210 -25.57 -8.67 7.40
N ALA B 211 -25.70 -8.44 8.70
CA ALA B 211 -26.76 -9.09 9.52
C ALA B 211 -27.44 -8.02 10.37
N GLY B 212 -28.64 -8.32 10.85
CA GLY B 212 -29.38 -7.40 11.74
C GLY B 212 -30.58 -8.09 12.32
N ASP B 213 -31.25 -7.44 13.26
CA ASP B 213 -32.46 -7.96 13.92
C ASP B 213 -33.65 -7.79 12.95
N SER B 214 -33.53 -6.87 11.97
CA SER B 214 -34.63 -6.52 11.03
C SER B 214 -34.10 -6.37 9.60
N PHE B 215 -34.99 -6.52 8.62
CA PHE B 215 -34.65 -6.34 7.18
C PHE B 215 -34.26 -4.87 6.97
N ALA B 216 -35.00 -3.96 7.60
CA ALA B 216 -34.77 -2.49 7.53
C ALA B 216 -33.30 -2.21 7.89
N ASP B 217 -32.77 -2.84 8.95
CA ASP B 217 -31.39 -2.60 9.44
C ASP B 217 -30.39 -3.12 8.42
N ILE B 218 -30.67 -4.27 7.80
CA ILE B 218 -29.74 -4.81 6.77
C ILE B 218 -29.73 -3.88 5.55
N VAL B 219 -30.91 -3.40 5.14
CA VAL B 219 -30.98 -2.43 4.00
C VAL B 219 -30.17 -1.17 4.34
N SER B 220 -30.32 -0.62 5.55
CA SER B 220 -29.54 0.56 6.04
C SER B 220 -28.06 0.29 5.89
N ALA B 221 -27.57 -0.87 6.34
CA ALA B 221 -26.13 -1.25 6.26
C ALA B 221 -25.70 -1.44 4.80
N LEU B 222 -26.54 -2.03 3.94
CA LEU B 222 -26.20 -2.16 2.49
C LEU B 222 -26.07 -0.78 1.84
N SER B 223 -27.02 0.12 2.12
CA SER B 223 -27.03 1.48 1.50
C SER B 223 -25.79 2.26 1.94
N LEU B 224 -25.37 2.09 3.18
CA LEU B 224 -24.14 2.74 3.70
C LEU B 224 -22.92 2.18 2.97
N HIS B 225 -22.92 0.88 2.66
CA HIS B 225 -21.77 0.20 2.00
C HIS B 225 -21.68 0.63 0.52
N PHE B 226 -22.79 0.73 -0.20
CA PHE B 226 -22.75 1.09 -1.65
C PHE B 226 -22.75 2.62 -1.82
N GLY B 227 -23.26 3.36 -0.82
CA GLY B 227 -23.38 4.83 -0.85
C GLY B 227 -24.80 5.24 -1.11
N ARG B 228 -25.25 6.31 -0.46
CA ARG B 228 -26.65 6.80 -0.55
C ARG B 228 -26.76 7.92 -1.58
N GLN B 229 -28.00 8.27 -1.95
CA GLN B 229 -28.26 9.32 -2.95
C GLN B 229 -28.53 10.64 -2.21
N PRO B 230 -28.33 11.79 -2.87
CA PRO B 230 -28.80 13.06 -2.35
C PRO B 230 -30.33 13.01 -2.21
N GLU B 231 -30.88 13.89 -1.40
CA GLU B 231 -32.34 14.14 -1.37
C GLU B 231 -32.78 14.63 -2.75
N LEU B 232 -34.02 14.34 -3.13
CA LEU B 232 -34.57 14.85 -4.42
C LEU B 232 -34.53 16.37 -4.38
N PRO B 233 -34.19 17.04 -5.49
CA PRO B 233 -34.22 18.50 -5.56
C PRO B 233 -35.67 18.99 -5.38
N ASP B 234 -35.81 20.19 -4.80
CA ASP B 234 -37.11 20.85 -4.53
C ASP B 234 -37.90 21.03 -5.84
N TRP B 235 -37.25 21.29 -6.98
CA TRP B 235 -38.00 21.63 -8.21
C TRP B 235 -38.80 20.41 -8.73
N VAL B 236 -38.37 19.19 -8.44
CA VAL B 236 -39.07 17.93 -8.86
C VAL B 236 -40.54 17.94 -8.35
N TYR B 237 -40.76 18.48 -7.15
CA TYR B 237 -42.07 18.46 -6.46
C TYR B 237 -43.06 19.40 -7.14
N ASN B 238 -42.64 20.17 -8.13
CA ASN B 238 -43.57 21.10 -8.85
C ASN B 238 -44.51 20.32 -9.79
N GLY B 239 -44.19 19.07 -10.12
CA GLY B 239 -45.10 18.25 -10.95
C GLY B 239 -44.34 17.32 -11.90
N ALA B 240 -44.95 17.01 -13.05
CA ALA B 240 -44.46 15.99 -14.00
C ALA B 240 -43.38 16.60 -14.89
N ILE B 241 -42.44 15.76 -15.28
CA ILE B 241 -41.47 16.04 -16.36
C ILE B 241 -42.12 15.56 -17.66
N ILE B 242 -42.48 16.50 -18.54
CA ILE B 242 -43.16 16.17 -19.82
C ILE B 242 -42.10 15.81 -20.85
N GLY B 243 -42.08 14.55 -21.29
CA GLY B 243 -41.20 14.08 -22.39
C GLY B 243 -41.83 14.33 -23.76
N LEU B 244 -41.17 15.10 -24.59
CA LEU B 244 -41.59 15.42 -25.97
C LEU B 244 -40.32 15.42 -26.83
N LYS B 245 -40.41 14.92 -28.05
CA LYS B 245 -39.26 14.86 -28.99
C LYS B 245 -39.75 15.37 -30.34
N ASP B 246 -40.50 16.49 -30.34
CA ASP B 246 -41.22 17.02 -31.52
C ASP B 246 -40.60 18.35 -31.96
N GLY B 247 -39.32 18.59 -31.66
CA GLY B 247 -38.65 19.84 -32.03
C GLY B 247 -39.40 21.06 -31.52
N VAL B 248 -39.50 22.10 -32.34
CA VAL B 248 -40.12 23.41 -31.94
C VAL B 248 -41.59 23.15 -31.59
N ASN B 249 -42.23 22.18 -32.24
CA ASN B 249 -43.64 21.84 -31.96
C ASN B 249 -43.81 21.34 -30.50
N SER B 250 -42.74 20.90 -29.81
CA SER B 250 -42.81 20.43 -28.40
C SER B 250 -43.41 21.53 -27.52
N PHE B 251 -43.04 22.80 -27.77
CA PHE B 251 -43.47 23.95 -26.92
C PHE B 251 -44.97 24.21 -27.07
N ALA B 252 -45.53 24.15 -28.27
CA ALA B 252 -47.00 24.30 -28.48
C ALA B 252 -47.74 23.15 -27.78
N ARG B 253 -47.19 21.94 -27.81
CA ARG B 253 -47.82 20.77 -27.17
C ARG B 253 -47.72 20.94 -25.63
N LEU B 254 -46.60 21.42 -25.13
CA LEU B 254 -46.45 21.71 -23.67
C LEU B 254 -47.53 22.72 -23.24
N GLU B 255 -47.81 23.75 -24.06
CA GLU B 255 -48.82 24.78 -23.73
C GLU B 255 -50.19 24.11 -23.59
N LYS B 256 -50.57 23.23 -24.52
CA LYS B 256 -51.87 22.47 -24.48
C LYS B 256 -51.92 21.63 -23.18
N ILE B 257 -50.81 20.99 -22.80
CA ILE B 257 -50.74 20.16 -21.57
C ILE B 257 -50.95 21.06 -20.34
N ARG B 258 -50.31 22.22 -20.31
CA ARG B 258 -50.44 23.17 -19.17
C ARG B 258 -51.86 23.75 -19.14
N ALA B 259 -52.48 24.04 -20.29
CA ALA B 259 -53.84 24.63 -20.36
C ALA B 259 -54.86 23.70 -19.71
N ALA B 260 -54.60 22.39 -19.65
CA ALA B 260 -55.53 21.42 -19.03
C ALA B 260 -55.39 21.42 -17.49
N GLY B 261 -54.45 22.18 -16.95
CA GLY B 261 -54.22 22.27 -15.49
C GLY B 261 -53.12 21.36 -15.02
N THR B 262 -52.39 20.71 -15.92
CA THR B 262 -51.27 19.81 -15.57
C THR B 262 -50.24 20.58 -14.74
N LYS B 263 -49.75 19.98 -13.66
CA LYS B 263 -48.62 20.54 -12.90
C LYS B 263 -47.34 19.99 -13.52
N VAL B 264 -46.47 20.90 -13.96
CA VAL B 264 -45.25 20.59 -14.74
C VAL B 264 -44.05 21.12 -13.98
N SER B 265 -43.09 20.24 -13.68
CA SER B 265 -41.78 20.60 -13.09
C SER B 265 -40.74 20.84 -14.18
N GLY B 266 -40.88 20.18 -15.33
CA GLY B 266 -39.78 20.07 -16.32
C GLY B 266 -40.29 19.71 -17.70
N LEU B 267 -39.58 20.15 -18.72
CA LEU B 267 -39.73 19.73 -20.12
C LEU B 267 -38.47 18.93 -20.43
N TRP B 268 -38.65 17.68 -20.84
CA TRP B 268 -37.54 16.78 -21.20
C TRP B 268 -37.61 16.51 -22.70
N CYS B 269 -36.63 17.04 -23.44
CA CYS B 269 -36.52 16.90 -24.90
C CYS B 269 -35.27 16.08 -25.22
N GLU B 270 -35.42 14.77 -25.38
CA GLU B 270 -34.28 13.88 -25.70
C GLU B 270 -33.74 14.24 -27.11
N ASP B 271 -34.56 14.84 -27.96
CA ASP B 271 -34.17 15.26 -29.32
C ASP B 271 -33.50 16.64 -29.30
N TRP B 272 -33.03 17.14 -28.15
CA TRP B 272 -32.28 18.41 -28.08
C TRP B 272 -31.03 18.31 -28.99
N VAL B 273 -30.54 17.10 -29.27
CA VAL B 273 -29.37 16.79 -30.15
C VAL B 273 -29.83 16.45 -31.57
N GLY B 274 -31.14 16.41 -31.85
CA GLY B 274 -31.66 16.02 -33.19
C GLY B 274 -32.02 14.54 -33.29
N LEU B 275 -32.66 14.16 -34.39
CA LEU B 275 -33.22 12.81 -34.64
C LEU B 275 -32.32 12.05 -35.60
N ARG B 276 -32.40 10.72 -35.55
CA ARG B 276 -31.96 9.76 -36.59
C ARG B 276 -33.05 8.70 -36.79
N GLN B 277 -33.67 8.69 -37.96
CA GLN B 277 -34.70 7.70 -38.35
C GLN B 277 -33.99 6.39 -38.70
N THR B 278 -34.43 5.30 -38.08
CA THR B 278 -34.02 3.91 -38.39
C THR B 278 -35.29 3.08 -38.51
N SER B 279 -35.19 1.80 -38.84
CA SER B 279 -36.39 0.90 -38.88
C SER B 279 -36.91 0.72 -37.44
N PHE B 280 -36.09 0.98 -36.40
CA PHE B 280 -36.54 0.89 -34.99
C PHE B 280 -37.55 2.01 -34.69
N GLY B 281 -37.30 3.21 -35.24
CA GLY B 281 -38.24 4.35 -35.24
C GLY B 281 -37.45 5.67 -35.20
N ALA B 282 -37.95 6.63 -34.42
CA ALA B 282 -37.37 7.98 -34.28
C ALA B 282 -36.31 7.93 -33.18
N ARG B 283 -35.08 7.55 -33.53
CA ARG B 283 -33.96 7.52 -32.55
C ARG B 283 -33.27 8.88 -32.57
N LEU B 284 -32.21 9.04 -31.77
CA LEU B 284 -31.54 10.35 -31.58
C LEU B 284 -30.20 10.38 -32.33
N PHE B 285 -29.71 11.58 -32.64
CA PHE B 285 -28.37 11.80 -33.25
C PHE B 285 -27.38 11.88 -32.09
N TRP B 286 -26.52 10.87 -31.95
CA TRP B 286 -25.61 10.71 -30.79
C TRP B 286 -24.35 11.60 -30.95
N ASP B 287 -24.57 12.91 -30.84
CA ASP B 287 -23.49 13.94 -30.77
C ASP B 287 -23.92 14.96 -29.72
N TRP B 288 -23.23 15.01 -28.58
CA TRP B 288 -23.78 15.59 -27.33
C TRP B 288 -23.54 17.12 -27.27
N GLN B 289 -24.25 17.83 -28.14
CA GLN B 289 -24.41 19.31 -28.06
C GLN B 289 -25.77 19.68 -28.64
N ALA B 290 -26.31 20.81 -28.19
CA ALA B 290 -27.60 21.35 -28.66
C ALA B 290 -27.57 21.40 -30.18
N ASN B 291 -28.66 21.02 -30.81
CA ASN B 291 -28.80 21.01 -32.29
C ASN B 291 -29.60 22.27 -32.68
N ASP B 292 -28.89 23.25 -33.25
CA ASP B 292 -29.41 24.59 -33.64
C ASP B 292 -30.40 24.42 -34.80
N THR B 293 -30.36 23.32 -35.56
CA THR B 293 -31.38 23.06 -36.62
C THR B 293 -32.74 22.69 -35.98
N ARG B 294 -32.71 21.81 -34.98
CA ARG B 294 -33.91 21.17 -34.36
C ARG B 294 -34.56 22.15 -33.35
N TYR B 295 -33.75 22.78 -32.50
CA TYR B 295 -34.16 23.82 -31.51
C TYR B 295 -33.31 25.07 -31.74
N PRO B 296 -33.68 25.95 -32.69
CA PRO B 296 -32.82 27.07 -33.07
C PRO B 296 -32.57 28.11 -31.97
N HIS B 297 -33.47 28.19 -31.00
CA HIS B 297 -33.41 29.23 -29.92
C HIS B 297 -33.44 28.55 -28.54
N LEU B 298 -32.80 27.38 -28.40
CA LEU B 298 -32.96 26.52 -27.20
C LEU B 298 -32.53 27.29 -25.94
N ARG B 299 -31.40 27.98 -25.96
CA ARG B 299 -30.89 28.72 -24.78
C ARG B 299 -31.94 29.73 -24.31
N GLN B 300 -32.58 30.44 -25.22
CA GLN B 300 -33.62 31.46 -24.89
C GLN B 300 -34.87 30.73 -24.36
N LYS B 301 -35.30 29.63 -24.99
CA LYS B 301 -36.47 28.83 -24.54
C LYS B 301 -36.18 28.27 -23.15
N ILE B 302 -34.95 27.85 -22.83
CA ILE B 302 -34.63 27.35 -21.47
C ILE B 302 -34.86 28.47 -20.45
N ALA B 303 -34.40 29.69 -20.75
CA ALA B 303 -34.55 30.85 -19.82
C ALA B 303 -36.04 31.24 -19.71
N GLU B 304 -36.79 31.20 -20.82
CA GLU B 304 -38.24 31.49 -20.84
C GLU B 304 -38.98 30.46 -19.98
N LEU B 305 -38.66 29.17 -20.09
CA LEU B 305 -39.31 28.11 -19.28
C LEU B 305 -38.92 28.30 -17.81
N ALA B 306 -37.67 28.68 -17.52
CA ALA B 306 -37.21 28.89 -16.14
C ALA B 306 -38.04 29.99 -15.48
N ASP B 307 -38.37 31.05 -16.20
CA ASP B 307 -39.18 32.17 -15.66
C ASP B 307 -40.59 31.69 -15.34
N GLN B 308 -41.05 30.56 -15.92
CA GLN B 308 -42.38 29.96 -15.58
C GLN B 308 -42.26 28.87 -14.50
N GLY B 309 -41.07 28.64 -13.93
CA GLY B 309 -40.81 27.60 -12.91
C GLY B 309 -40.73 26.18 -13.50
N ILE B 310 -40.34 26.07 -14.76
CA ILE B 310 -40.21 24.78 -15.48
C ILE B 310 -38.75 24.59 -15.88
N ARG B 311 -38.12 23.54 -15.39
CA ARG B 311 -36.72 23.21 -15.75
C ARG B 311 -36.71 22.57 -17.15
N PHE B 312 -35.53 22.45 -17.73
CA PHE B 312 -35.32 21.77 -19.03
C PHE B 312 -34.33 20.63 -18.84
N LEU B 313 -34.65 19.46 -19.40
CA LEU B 313 -33.81 18.23 -19.30
C LEU B 313 -33.50 17.73 -20.70
N GLY B 314 -32.32 17.12 -20.84
CA GLY B 314 -31.88 16.56 -22.13
C GLY B 314 -31.56 15.09 -22.00
N TYR B 315 -30.55 14.69 -22.75
CA TYR B 315 -30.22 13.29 -23.06
C TYR B 315 -28.73 13.22 -23.38
N VAL B 316 -28.05 12.21 -22.88
CA VAL B 316 -26.63 11.90 -23.26
C VAL B 316 -26.41 10.41 -23.03
N ASN B 317 -25.46 9.84 -23.75
CA ASN B 317 -25.02 8.45 -23.52
C ASN B 317 -23.53 8.45 -23.82
N PRO B 318 -22.81 7.38 -23.45
CA PRO B 318 -21.35 7.40 -23.45
C PRO B 318 -20.69 6.92 -24.73
N TYR B 319 -21.43 6.96 -25.85
CA TYR B 319 -20.98 6.53 -27.20
C TYR B 319 -20.99 7.76 -28.11
N LEU B 320 -20.21 7.75 -29.18
CA LEU B 320 -20.23 8.84 -30.20
C LEU B 320 -20.36 8.20 -31.58
N CYS B 321 -21.29 8.69 -32.39
CA CYS B 321 -21.47 8.06 -33.73
C CYS B 321 -20.52 8.69 -34.73
N VAL B 322 -20.13 7.89 -35.71
CA VAL B 322 -19.04 8.17 -36.70
C VAL B 322 -19.34 9.44 -37.50
N ASP B 323 -20.62 9.75 -37.75
CA ASP B 323 -21.04 10.88 -38.62
C ASP B 323 -21.24 12.17 -37.80
N GLY B 324 -20.88 12.17 -36.51
CA GLY B 324 -20.98 13.37 -35.64
C GLY B 324 -19.66 14.15 -35.56
N PRO B 325 -19.71 15.49 -35.39
CA PRO B 325 -18.48 16.30 -35.31
C PRO B 325 -17.59 16.03 -34.09
N LEU B 326 -18.11 15.49 -32.98
CA LEU B 326 -17.26 15.16 -31.80
C LEU B 326 -16.37 13.93 -32.08
N PHE B 327 -16.84 12.98 -32.91
CA PHE B 327 -16.17 11.67 -33.10
C PHE B 327 -14.71 11.87 -33.51
N PRO B 328 -14.39 12.63 -34.61
CA PRO B 328 -13.00 12.76 -35.06
C PRO B 328 -12.07 13.43 -34.03
N VAL B 329 -12.60 14.37 -33.24
CA VAL B 329 -11.82 15.04 -32.17
C VAL B 329 -11.44 13.97 -31.15
N ALA B 330 -12.39 13.14 -30.74
CA ALA B 330 -12.18 12.13 -29.69
C ALA B 330 -11.23 11.04 -30.22
N GLU B 331 -11.39 10.65 -31.49
CA GLU B 331 -10.53 9.63 -32.15
C GLU B 331 -9.08 10.13 -32.15
N SER B 332 -8.87 11.38 -32.53
CA SER B 332 -7.52 12.01 -32.61
C SER B 332 -6.86 12.07 -31.22
N ALA B 333 -7.62 12.34 -30.16
CA ALA B 333 -7.12 12.41 -28.76
C ALA B 333 -6.89 11.00 -28.17
N GLY B 334 -7.35 9.94 -28.85
CA GLY B 334 -7.20 8.55 -28.38
C GLY B 334 -8.15 8.24 -27.22
N TYR B 335 -9.39 8.71 -27.30
CA TYR B 335 -10.38 8.58 -26.21
C TYR B 335 -11.34 7.39 -26.46
N PHE B 336 -11.15 6.61 -27.54
CA PHE B 336 -12.01 5.45 -27.88
C PHE B 336 -11.35 4.12 -27.45
N ALA B 337 -12.19 3.16 -27.06
CA ALA B 337 -11.81 1.74 -26.93
C ALA B 337 -11.38 1.24 -28.31
N THR B 338 -10.41 0.33 -28.37
CA THR B 338 -9.74 -0.09 -29.63
C THR B 338 -10.04 -1.57 -29.89
N ASP B 339 -9.94 -2.00 -31.16
CA ASP B 339 -10.06 -3.42 -31.56
C ASP B 339 -8.67 -4.05 -31.46
N VAL B 340 -8.52 -5.30 -31.92
CA VAL B 340 -7.28 -6.10 -31.80
C VAL B 340 -6.14 -5.38 -32.56
N ASP B 341 -6.42 -4.73 -33.70
CA ASP B 341 -5.42 -4.02 -34.56
C ASP B 341 -5.14 -2.57 -34.10
N GLY B 342 -5.68 -2.11 -32.95
CA GLY B 342 -5.41 -0.77 -32.40
C GLY B 342 -6.27 0.33 -33.02
N LYS B 343 -7.16 0.01 -33.97
CA LYS B 343 -8.12 0.98 -34.56
C LYS B 343 -9.27 1.21 -33.55
N THR B 344 -9.94 2.35 -33.65
CA THR B 344 -11.23 2.63 -32.97
C THR B 344 -12.19 1.46 -33.22
N ALA B 345 -12.64 0.81 -32.15
CA ALA B 345 -13.66 -0.27 -32.19
C ALA B 345 -15.03 0.36 -32.48
N LEU B 346 -15.66 -0.03 -33.57
CA LEU B 346 -17.01 0.45 -33.99
C LEU B 346 -18.01 -0.63 -33.60
N VAL B 347 -19.09 -0.22 -32.95
CA VAL B 347 -20.16 -1.13 -32.46
C VAL B 347 -21.41 -0.76 -33.23
N ASP B 348 -22.16 -1.75 -33.71
CA ASP B 348 -23.45 -1.53 -34.42
C ASP B 348 -24.57 -1.39 -33.37
N PHE B 349 -25.14 -0.19 -33.27
CA PHE B 349 -26.24 0.13 -32.33
C PHE B 349 -27.61 -0.04 -32.98
N GLY B 350 -27.64 -0.32 -34.29
CA GLY B 350 -28.87 -0.58 -35.06
C GLY B 350 -28.95 0.31 -36.30
N GLU B 351 -28.15 0.02 -37.33
CA GLU B 351 -28.11 0.72 -38.65
C GLU B 351 -27.21 1.95 -38.53
N PHE B 352 -26.49 2.13 -37.44
CA PHE B 352 -25.44 3.18 -37.30
C PHE B 352 -24.32 2.67 -36.37
N ASP B 353 -23.10 3.12 -36.64
CA ASP B 353 -21.87 2.68 -35.91
C ASP B 353 -21.38 3.79 -34.97
N CYS B 354 -20.93 3.43 -33.77
CA CYS B 354 -20.47 4.40 -32.76
C CYS B 354 -19.23 3.87 -32.08
N GLY B 355 -18.36 4.79 -31.66
CA GLY B 355 -17.23 4.47 -30.78
C GLY B 355 -17.66 4.48 -29.32
N VAL B 356 -16.93 3.74 -28.51
CA VAL B 356 -17.11 3.66 -27.03
C VAL B 356 -16.06 4.54 -26.37
N VAL B 357 -16.48 5.63 -25.73
CA VAL B 357 -15.54 6.52 -25.00
C VAL B 357 -14.91 5.72 -23.85
N ASP B 358 -13.58 5.60 -23.83
CA ASP B 358 -12.87 4.68 -22.92
C ASP B 358 -12.69 5.34 -21.56
N PHE B 359 -13.64 5.16 -20.64
CA PHE B 359 -13.61 5.77 -19.29
C PHE B 359 -12.48 5.19 -18.44
N THR B 360 -11.75 4.17 -18.89
CA THR B 360 -10.55 3.65 -18.15
C THR B 360 -9.35 4.57 -18.42
N ASN B 361 -9.41 5.37 -19.49
CA ASN B 361 -8.46 6.47 -19.80
C ASN B 361 -8.88 7.72 -19.02
N PRO B 362 -8.13 8.14 -17.97
CA PRO B 362 -8.53 9.27 -17.13
C PRO B 362 -8.80 10.56 -17.91
N ALA B 363 -8.03 10.81 -18.97
CA ALA B 363 -8.16 12.01 -19.80
C ALA B 363 -9.52 11.96 -20.55
N ALA B 364 -9.94 10.78 -21.01
CA ALA B 364 -11.21 10.57 -21.72
C ALA B 364 -12.37 10.85 -20.75
N ALA B 365 -12.29 10.29 -19.54
CA ALA B 365 -13.28 10.48 -18.46
C ALA B 365 -13.37 11.95 -18.08
N ASP B 366 -12.22 12.62 -17.88
CA ASP B 366 -12.16 14.06 -17.51
C ASP B 366 -12.73 14.89 -18.66
N TRP B 367 -12.35 14.59 -19.89
CA TRP B 367 -12.88 15.33 -21.07
C TRP B 367 -14.43 15.22 -21.10
N PHE B 368 -14.98 14.02 -20.93
CA PHE B 368 -16.45 13.79 -21.06
C PHE B 368 -17.15 14.61 -19.98
N ALA B 369 -16.64 14.55 -18.75
CA ALA B 369 -17.20 15.28 -17.59
C ALA B 369 -17.17 16.79 -17.81
N ALA B 370 -16.03 17.33 -18.25
CA ALA B 370 -15.82 18.79 -18.35
C ALA B 370 -16.49 19.34 -19.63
N ALA B 371 -16.20 18.78 -20.79
CA ALA B 371 -16.66 19.32 -22.10
C ALA B 371 -18.18 19.02 -22.33
N ILE B 372 -18.66 17.83 -21.98
CA ILE B 372 -20.04 17.44 -22.38
C ILE B 372 -21.01 17.64 -21.22
N ILE B 373 -20.79 16.96 -20.09
CA ILE B 373 -21.70 17.15 -18.92
C ILE B 373 -21.59 18.63 -18.46
N GLY B 374 -20.39 19.14 -18.27
CA GLY B 374 -20.17 20.52 -17.77
C GLY B 374 -20.57 21.61 -18.73
N LYS B 375 -19.84 21.75 -19.84
CA LYS B 375 -20.00 22.88 -20.80
C LYS B 375 -21.28 22.69 -21.63
N ASN B 376 -21.48 21.55 -22.32
CA ASN B 376 -22.58 21.39 -23.32
C ASN B 376 -23.93 21.15 -22.64
N MET B 377 -23.96 20.71 -21.39
CA MET B 377 -25.25 20.40 -20.73
C MET B 377 -25.52 21.37 -19.57
N LEU B 378 -24.77 21.29 -18.47
CA LEU B 378 -25.05 22.09 -17.25
C LEU B 378 -24.90 23.59 -17.53
N ASP B 379 -23.77 24.02 -18.13
CA ASP B 379 -23.56 25.46 -18.42
C ASP B 379 -24.57 25.94 -19.47
N PHE B 380 -25.09 25.05 -20.31
CA PHE B 380 -26.10 25.40 -21.36
C PHE B 380 -27.46 25.67 -20.70
N GLY B 381 -27.67 25.21 -19.45
CA GLY B 381 -28.91 25.47 -18.70
C GLY B 381 -29.77 24.22 -18.41
N LEU B 382 -29.28 23.01 -18.71
CA LEU B 382 -30.00 21.75 -18.36
C LEU B 382 -29.97 21.55 -16.84
N SER B 383 -31.14 21.27 -16.24
CA SER B 383 -31.26 20.90 -14.80
C SER B 383 -31.15 19.38 -14.65
N GLY B 384 -31.05 18.65 -15.74
CA GLY B 384 -31.04 17.18 -15.69
C GLY B 384 -31.14 16.56 -17.06
N TRP B 385 -31.07 15.23 -17.10
CA TRP B 385 -31.03 14.47 -18.36
C TRP B 385 -31.19 12.98 -18.07
N MET B 386 -31.65 12.28 -19.10
CA MET B 386 -31.47 10.82 -19.24
C MET B 386 -29.99 10.57 -19.50
N ALA B 387 -29.33 9.83 -18.62
CA ALA B 387 -27.95 9.31 -18.81
C ALA B 387 -28.06 7.83 -19.20
N ASP B 388 -28.09 7.59 -20.49
CA ASP B 388 -28.61 6.34 -21.09
C ASP B 388 -27.47 5.35 -21.31
N PHE B 389 -27.82 4.11 -21.59
CA PHE B 389 -26.90 3.04 -22.02
C PHE B 389 -25.85 2.77 -20.93
N GLY B 390 -24.72 2.19 -21.32
CA GLY B 390 -23.71 1.64 -20.39
C GLY B 390 -23.61 0.12 -20.45
N GLU B 391 -24.43 -0.57 -21.23
CA GLU B 391 -24.51 -2.06 -21.13
C GLU B 391 -23.99 -2.71 -22.42
N TYR B 392 -23.39 -1.96 -23.34
CA TYR B 392 -23.01 -2.48 -24.66
C TYR B 392 -21.49 -2.71 -24.80
N LEU B 393 -20.72 -2.94 -23.74
CA LEU B 393 -19.27 -3.18 -23.94
C LEU B 393 -19.06 -4.62 -24.43
N PRO B 394 -18.58 -4.83 -25.67
CA PRO B 394 -18.30 -6.20 -26.15
C PRO B 394 -17.00 -6.71 -25.51
N ILE B 395 -16.83 -8.02 -25.39
CA ILE B 395 -15.68 -8.61 -24.66
C ILE B 395 -14.44 -8.72 -25.56
N ASP B 396 -14.52 -8.33 -26.84
CA ASP B 396 -13.41 -8.49 -27.81
C ASP B 396 -12.72 -7.13 -28.03
N ILE B 397 -13.03 -6.09 -27.24
CA ILE B 397 -12.34 -4.77 -27.37
C ILE B 397 -11.32 -4.58 -26.24
N LYS B 398 -10.41 -3.63 -26.46
CA LYS B 398 -9.21 -3.40 -25.64
C LYS B 398 -9.39 -2.04 -24.97
N LEU B 399 -9.08 -2.00 -23.69
CA LEU B 399 -9.25 -0.76 -22.88
C LEU B 399 -7.87 -0.27 -22.45
N SER B 400 -7.73 1.04 -22.39
CA SER B 400 -6.54 1.81 -21.98
C SER B 400 -5.93 1.24 -20.68
N ASN B 401 -6.72 0.85 -19.67
CA ASN B 401 -6.17 0.35 -18.38
C ASN B 401 -5.66 -1.09 -18.51
N GLY B 402 -5.77 -1.73 -19.67
CA GLY B 402 -5.31 -3.12 -19.93
C GLY B 402 -6.10 -4.20 -19.19
N VAL B 403 -7.19 -3.86 -18.50
CA VAL B 403 -8.07 -4.89 -17.85
C VAL B 403 -8.95 -5.51 -18.93
N ASP B 404 -9.10 -6.84 -18.91
CA ASP B 404 -9.92 -7.60 -19.88
C ASP B 404 -11.35 -7.02 -19.92
N ALA B 405 -11.90 -6.85 -21.12
CA ALA B 405 -13.29 -6.41 -21.34
C ALA B 405 -14.27 -7.34 -20.62
N LYS B 406 -13.92 -8.61 -20.43
CA LYS B 406 -14.71 -9.58 -19.62
C LYS B 406 -14.91 -9.08 -18.18
N LEU B 407 -13.97 -8.29 -17.64
CA LEU B 407 -14.11 -7.70 -16.28
C LEU B 407 -14.63 -6.26 -16.35
N MET B 408 -14.41 -5.54 -17.45
CA MET B 408 -14.81 -4.12 -17.54
C MET B 408 -16.28 -4.01 -17.96
N HIS B 409 -16.85 -5.03 -18.63
CA HIS B 409 -18.24 -4.99 -19.14
C HIS B 409 -19.22 -4.59 -18.04
N ASN B 410 -19.26 -5.34 -16.95
CA ASN B 410 -20.20 -5.05 -15.83
C ASN B 410 -19.80 -3.76 -15.10
N ALA B 411 -18.53 -3.36 -15.13
CA ALA B 411 -18.05 -2.15 -14.40
C ALA B 411 -18.50 -0.89 -15.14
N TRP B 412 -18.85 -1.01 -16.42
CA TRP B 412 -19.06 0.17 -17.33
C TRP B 412 -20.16 1.08 -16.80
N PRO B 413 -21.34 0.59 -16.39
CA PRO B 413 -22.40 1.47 -15.91
C PRO B 413 -21.97 2.32 -14.71
N THR B 414 -21.15 1.75 -13.81
CA THR B 414 -20.66 2.43 -12.60
C THR B 414 -19.67 3.53 -13.02
N LEU B 415 -18.78 3.26 -13.98
CA LEU B 415 -17.84 4.28 -14.53
C LEU B 415 -18.63 5.40 -15.20
N TRP B 416 -19.69 5.04 -15.92
CA TRP B 416 -20.54 6.01 -16.65
C TRP B 416 -21.29 6.88 -15.63
N ALA B 417 -21.77 6.26 -14.57
CA ALA B 417 -22.48 6.98 -13.48
C ALA B 417 -21.53 8.02 -12.87
N GLU B 418 -20.27 7.65 -12.68
CA GLU B 418 -19.24 8.46 -12.00
C GLU B 418 -18.92 9.68 -12.89
N VAL B 419 -18.77 9.48 -14.20
CA VAL B 419 -18.56 10.60 -15.15
C VAL B 419 -19.69 11.62 -14.97
N ASN B 420 -20.95 11.17 -14.96
CA ASN B 420 -22.12 12.06 -14.81
C ASN B 420 -21.99 12.82 -13.48
N ALA B 421 -21.74 12.10 -12.41
CA ALA B 421 -21.70 12.65 -11.04
C ALA B 421 -20.56 13.66 -10.93
N LYS B 422 -19.38 13.38 -11.51
CA LYS B 422 -18.23 14.31 -11.46
C LYS B 422 -18.57 15.63 -12.17
N GLY B 423 -19.18 15.56 -13.36
CA GLY B 423 -19.56 16.78 -14.10
C GLY B 423 -20.52 17.61 -13.26
N VAL B 424 -21.51 16.96 -12.65
CA VAL B 424 -22.51 17.63 -11.78
C VAL B 424 -21.78 18.30 -10.60
N GLU B 425 -20.85 17.58 -9.95
CA GLU B 425 -20.14 18.04 -8.74
C GLU B 425 -19.31 19.27 -9.13
N SER B 426 -18.71 19.27 -10.31
CA SER B 426 -17.79 20.34 -10.78
C SER B 426 -18.54 21.68 -10.91
N ARG B 427 -19.87 21.67 -11.00
CA ARG B 427 -20.71 22.89 -11.10
C ARG B 427 -21.42 23.16 -9.77
N GLY B 428 -21.08 22.42 -8.70
CA GLY B 428 -21.75 22.52 -7.38
C GLY B 428 -23.23 22.23 -7.46
N LYS B 429 -23.67 21.25 -8.28
CA LYS B 429 -25.13 21.05 -8.55
C LYS B 429 -25.55 19.64 -8.07
N THR B 430 -24.75 18.97 -7.25
CA THR B 430 -25.15 17.72 -6.55
C THR B 430 -26.37 18.03 -5.68
N GLY B 431 -27.47 17.30 -5.85
CA GLY B 431 -28.72 17.51 -5.11
C GLY B 431 -29.60 18.56 -5.77
N GLU B 432 -29.21 19.06 -6.93
CA GLU B 432 -30.01 20.05 -7.72
C GLU B 432 -30.20 19.51 -9.14
N ALA B 433 -29.12 19.11 -9.82
CA ALA B 433 -29.20 18.50 -11.15
C ALA B 433 -29.73 17.07 -10.96
N LEU B 434 -30.62 16.65 -11.85
CA LEU B 434 -31.27 15.31 -11.76
C LEU B 434 -30.97 14.54 -13.02
N PHE B 435 -29.97 13.67 -13.01
CA PHE B 435 -29.79 12.70 -14.12
C PHE B 435 -30.33 11.35 -13.66
N PHE B 436 -30.82 10.58 -14.60
CA PHE B 436 -31.40 9.24 -14.31
C PHE B 436 -30.81 8.21 -15.28
N MET B 437 -30.55 7.02 -14.73
CA MET B 437 -29.86 5.92 -15.42
C MET B 437 -30.76 4.68 -15.43
N ARG B 438 -30.68 3.91 -16.50
CA ARG B 438 -31.33 2.57 -16.61
C ARG B 438 -30.30 1.48 -16.31
N ALA B 439 -29.02 1.70 -16.60
CA ALA B 439 -27.96 0.69 -16.44
C ALA B 439 -27.30 0.86 -15.08
N GLY B 440 -26.74 -0.22 -14.57
CA GLY B 440 -26.15 -0.23 -13.24
C GLY B 440 -25.32 -1.47 -13.00
N PHE B 441 -24.52 -1.38 -11.95
CA PHE B 441 -23.77 -2.48 -11.31
C PHE B 441 -23.41 -1.95 -9.92
N THR B 442 -22.73 -2.77 -9.14
CA THR B 442 -22.22 -2.40 -7.80
C THR B 442 -21.60 -0.99 -7.86
N GLY B 443 -22.10 -0.06 -7.06
CA GLY B 443 -21.48 1.27 -6.84
C GLY B 443 -22.21 2.39 -7.57
N VAL B 444 -23.11 2.05 -8.49
CA VAL B 444 -23.92 3.06 -9.22
C VAL B 444 -24.71 3.88 -8.18
N GLN B 445 -25.01 3.27 -7.03
CA GLN B 445 -25.76 3.90 -5.92
C GLN B 445 -25.09 5.20 -5.45
N ALA B 446 -23.75 5.26 -5.45
CA ALA B 446 -22.96 6.37 -4.88
C ALA B 446 -23.00 7.59 -5.81
N HIS B 447 -23.28 7.37 -7.11
CA HIS B 447 -23.10 8.36 -8.19
C HIS B 447 -24.45 8.82 -8.75
N CYS B 448 -25.37 7.88 -8.98
CA CYS B 448 -26.63 8.14 -9.71
C CYS B 448 -27.74 8.50 -8.74
N PRO B 449 -28.37 9.69 -8.86
CA PRO B 449 -29.42 10.09 -7.93
C PRO B 449 -30.81 9.49 -8.18
N LEU B 450 -31.05 8.88 -9.35
CA LEU B 450 -32.39 8.41 -9.75
C LEU B 450 -32.24 7.31 -10.79
N ILE B 451 -32.85 6.14 -10.54
CA ILE B 451 -32.92 5.01 -11.50
C ILE B 451 -34.23 5.14 -12.30
N TRP B 452 -34.21 4.79 -13.58
CA TRP B 452 -35.48 4.48 -14.29
C TRP B 452 -35.46 3.04 -14.82
N GLY B 453 -36.65 2.48 -15.00
CA GLY B 453 -36.87 1.05 -15.25
C GLY B 453 -36.50 0.63 -16.65
N GLY B 454 -35.87 1.51 -17.42
CA GLY B 454 -35.46 1.22 -18.80
C GLY B 454 -36.67 1.15 -19.70
N ASN B 455 -36.62 0.30 -20.73
CA ASN B 455 -37.68 0.17 -21.75
C ASN B 455 -38.62 -0.98 -21.36
N GLN B 456 -39.87 -0.65 -21.03
CA GLN B 456 -41.01 -1.59 -21.01
C GLN B 456 -41.65 -1.56 -22.41
N SER B 457 -42.24 -2.69 -22.81
CA SER B 457 -43.22 -2.72 -23.91
C SER B 457 -44.41 -1.84 -23.53
N VAL B 458 -45.10 -1.31 -24.53
CA VAL B 458 -46.33 -0.49 -24.33
C VAL B 458 -47.50 -1.44 -24.08
N ASP B 459 -47.46 -2.19 -22.98
CA ASP B 459 -48.51 -3.21 -22.73
C ASP B 459 -48.58 -3.52 -21.25
N PHE B 460 -49.54 -4.35 -20.89
CA PHE B 460 -49.79 -4.92 -19.55
C PHE B 460 -49.18 -6.32 -19.43
N SER B 461 -48.20 -6.70 -20.23
CA SER B 461 -47.66 -8.09 -20.19
C SER B 461 -46.94 -8.32 -18.86
N ARG B 462 -46.92 -9.56 -18.42
CA ARG B 462 -46.34 -10.01 -17.13
C ARG B 462 -44.83 -9.77 -17.11
N HIS B 463 -44.15 -9.95 -18.24
CA HIS B 463 -42.68 -10.00 -18.30
C HIS B 463 -42.09 -8.77 -18.99
N ASP B 464 -42.89 -7.84 -19.52
CA ASP B 464 -42.29 -6.62 -20.12
C ASP B 464 -43.22 -5.41 -20.05
N GLY B 465 -44.30 -5.46 -19.29
CA GLY B 465 -45.27 -4.36 -19.17
C GLY B 465 -45.20 -3.64 -17.82
N LEU B 466 -46.24 -2.90 -17.51
CA LEU B 466 -46.39 -2.02 -16.31
C LEU B 466 -45.91 -2.75 -15.06
N VAL B 467 -46.35 -3.99 -14.84
CA VAL B 467 -46.12 -4.72 -13.57
C VAL B 467 -44.61 -4.92 -13.35
N THR B 468 -43.79 -4.96 -14.40
CA THR B 468 -42.35 -5.26 -14.23
C THR B 468 -41.67 -4.06 -13.55
N VAL B 469 -42.24 -2.86 -13.64
CA VAL B 469 -41.67 -1.63 -13.03
C VAL B 469 -41.65 -1.83 -11.51
N ILE B 470 -42.69 -2.42 -10.96
CA ILE B 470 -42.83 -2.57 -9.49
C ILE B 470 -41.74 -3.54 -9.02
N CYS B 471 -41.53 -4.63 -9.74
CA CYS B 471 -40.46 -5.60 -9.45
C CYS B 471 -39.11 -4.89 -9.47
N GLY B 472 -38.86 -4.08 -10.49
CA GLY B 472 -37.62 -3.28 -10.62
C GLY B 472 -37.41 -2.32 -9.45
N ALA B 473 -38.43 -1.59 -9.04
CA ALA B 473 -38.40 -0.69 -7.86
C ALA B 473 -38.08 -1.47 -6.58
N LEU B 474 -38.77 -2.57 -6.31
CA LEU B 474 -38.63 -3.32 -5.03
C LEU B 474 -37.21 -3.91 -4.95
N SER B 475 -36.76 -4.57 -6.01
CA SER B 475 -35.41 -5.19 -6.03
C SER B 475 -34.34 -4.11 -5.89
N SER B 476 -34.35 -3.09 -6.76
CA SER B 476 -33.28 -2.06 -6.81
C SER B 476 -33.28 -1.28 -5.49
N GLY B 477 -34.45 -1.15 -4.86
CA GLY B 477 -34.62 -0.50 -3.56
C GLY B 477 -33.90 -1.22 -2.44
N LEU B 478 -33.98 -2.55 -2.37
CA LEU B 478 -33.27 -3.34 -1.33
C LEU B 478 -31.75 -3.22 -1.55
N MET B 479 -31.32 -2.94 -2.79
CA MET B 479 -29.88 -2.82 -3.15
C MET B 479 -29.36 -1.42 -2.86
N GLY B 480 -30.21 -0.52 -2.37
CA GLY B 480 -29.79 0.80 -1.86
C GLY B 480 -30.00 1.93 -2.87
N ASN B 481 -30.78 1.67 -3.94
CA ASN B 481 -31.26 2.74 -4.85
C ASN B 481 -32.63 3.20 -4.36
N ALA B 482 -32.68 4.33 -3.68
CA ALA B 482 -33.89 4.76 -2.96
C ALA B 482 -34.95 5.29 -3.94
N TYR B 483 -34.57 5.70 -5.13
CA TYR B 483 -35.47 6.44 -6.05
C TYR B 483 -35.54 5.73 -7.40
N HIS B 484 -36.75 5.28 -7.76
CA HIS B 484 -37.06 4.53 -8.99
C HIS B 484 -38.22 5.23 -9.70
N HIS B 485 -38.24 5.21 -11.04
CA HIS B 485 -39.43 5.62 -11.79
C HIS B 485 -39.44 4.94 -13.14
N SER B 486 -40.53 5.12 -13.91
CA SER B 486 -40.62 4.53 -15.26
C SER B 486 -41.15 5.56 -16.22
N ASP B 487 -41.00 5.30 -17.51
CA ASP B 487 -41.72 6.03 -18.57
C ASP B 487 -43.22 5.80 -18.39
N ILE B 488 -44.02 6.83 -18.18
CA ILE B 488 -45.50 6.71 -18.16
C ILE B 488 -45.95 6.26 -19.54
N GLY B 489 -46.54 5.07 -19.63
CA GLY B 489 -47.07 4.49 -20.89
C GLY B 489 -46.08 3.56 -21.55
N GLY B 490 -44.93 3.30 -20.92
CA GLY B 490 -43.88 2.43 -21.49
C GLY B 490 -43.18 3.05 -22.67
N TYR B 491 -42.27 2.31 -23.29
CA TYR B 491 -41.37 2.80 -24.35
C TYR B 491 -41.57 2.01 -25.67
N THR B 492 -41.34 0.70 -25.67
CA THR B 492 -41.08 -0.11 -26.87
C THR B 492 -42.40 -0.44 -27.60
N SER B 493 -42.59 0.18 -28.76
CA SER B 493 -43.62 -0.16 -29.77
C SER B 493 -42.96 -0.84 -30.97
N LEU B 494 -43.10 -2.15 -31.09
CA LEU B 494 -42.61 -2.97 -32.23
C LEU B 494 -43.70 -3.99 -32.56
N PHE B 495 -43.75 -4.44 -33.82
CA PHE B 495 -44.62 -5.54 -34.29
C PHE B 495 -46.09 -5.18 -34.07
N GLY B 496 -46.42 -3.89 -34.21
CA GLY B 496 -47.79 -3.37 -34.05
C GLY B 496 -48.30 -3.38 -32.61
N ASN B 497 -47.43 -3.58 -31.61
CA ASN B 497 -47.79 -3.38 -30.18
C ASN B 497 -47.76 -1.86 -29.93
N VAL B 498 -48.93 -1.27 -29.66
CA VAL B 498 -49.11 0.21 -29.54
C VAL B 498 -49.88 0.49 -28.23
N ARG B 499 -49.75 1.71 -27.72
CA ARG B 499 -50.39 2.12 -26.46
C ARG B 499 -51.90 2.12 -26.61
N THR B 500 -52.63 1.95 -25.50
CA THR B 500 -54.06 2.32 -25.38
C THR B 500 -54.17 3.48 -24.40
N ALA B 501 -55.25 4.23 -24.46
CA ALA B 501 -55.63 5.21 -23.43
C ALA B 501 -55.52 4.57 -22.04
N GLU B 502 -56.08 3.39 -21.88
CA GLU B 502 -56.21 2.74 -20.56
C GLU B 502 -54.82 2.46 -19.99
N LEU B 503 -53.89 1.99 -20.84
CA LEU B 503 -52.49 1.73 -20.43
C LEU B 503 -51.86 3.01 -19.87
N ILE B 504 -51.94 4.11 -20.62
CA ILE B 504 -51.37 5.41 -20.17
C ILE B 504 -51.97 5.76 -18.79
N MET B 505 -53.29 5.72 -18.66
CA MET B 505 -53.96 6.17 -17.41
C MET B 505 -53.52 5.27 -16.24
N ARG B 506 -53.49 3.95 -16.44
CA ARG B 506 -53.09 3.05 -15.32
C ARG B 506 -51.65 3.35 -14.93
N TRP B 507 -50.80 3.62 -15.92
CA TRP B 507 -49.36 3.88 -15.67
C TRP B 507 -49.19 5.21 -14.92
N THR B 508 -49.98 6.21 -15.27
CA THR B 508 -50.01 7.55 -14.61
C THR B 508 -50.42 7.38 -13.14
N GLU B 509 -51.40 6.54 -12.88
CA GLU B 509 -51.93 6.26 -11.52
C GLU B 509 -50.79 5.74 -10.66
N MET B 510 -50.00 4.82 -11.18
CA MET B 510 -48.86 4.28 -10.41
C MET B 510 -47.82 5.40 -10.22
N ALA B 511 -47.45 6.10 -11.29
CA ALA B 511 -46.34 7.08 -11.31
C ALA B 511 -46.55 8.19 -10.27
N ALA B 512 -47.79 8.62 -10.04
CA ALA B 512 -48.15 9.67 -9.06
C ALA B 512 -47.77 9.25 -7.64
N PHE B 513 -47.59 7.95 -7.38
CA PHE B 513 -47.14 7.39 -6.07
C PHE B 513 -45.75 6.80 -6.24
N THR B 514 -44.89 7.52 -6.96
CA THR B 514 -43.44 7.27 -7.10
C THR B 514 -42.74 8.62 -7.05
N PRO B 515 -41.42 8.66 -6.81
CA PRO B 515 -40.69 9.92 -6.68
C PRO B 515 -40.82 10.88 -7.88
N VAL B 516 -40.91 10.37 -9.11
CA VAL B 516 -40.88 11.23 -10.34
C VAL B 516 -41.91 10.73 -11.35
N MET B 517 -42.82 11.61 -11.76
CA MET B 517 -43.74 11.42 -12.89
C MET B 517 -43.03 11.94 -14.16
N ARG B 518 -42.75 11.07 -15.11
CA ARG B 518 -42.12 11.47 -16.40
C ARG B 518 -42.81 10.76 -17.56
N THR B 519 -43.16 11.48 -18.61
CA THR B 519 -43.69 10.87 -19.86
C THR B 519 -42.57 10.69 -20.87
N HIS B 520 -42.86 9.98 -21.95
CA HIS B 520 -41.92 9.58 -23.01
C HIS B 520 -42.77 9.33 -24.24
N GLU B 521 -42.41 9.92 -25.39
CA GLU B 521 -43.14 9.68 -26.65
C GLU B 521 -42.79 8.28 -27.20
N GLY B 522 -41.63 7.73 -26.81
CA GLY B 522 -41.25 6.35 -27.18
C GLY B 522 -40.54 6.28 -28.51
N ASN B 523 -40.34 5.08 -29.04
CA ASN B 523 -39.52 4.84 -30.25
C ASN B 523 -40.34 5.17 -31.52
N ARG B 524 -41.67 5.16 -31.45
CA ARG B 524 -42.52 5.47 -32.63
C ARG B 524 -43.63 6.43 -32.24
N PRO B 525 -43.25 7.70 -31.96
CA PRO B 525 -44.18 8.69 -31.42
C PRO B 525 -45.50 8.83 -32.18
N ARG B 526 -45.46 8.84 -33.52
CA ARG B 526 -46.64 9.15 -34.37
C ARG B 526 -47.58 7.93 -34.44
N ASP B 527 -47.10 6.74 -34.10
CA ASP B 527 -47.90 5.48 -34.14
C ASP B 527 -48.60 5.26 -32.79
N ASN B 528 -48.19 5.99 -31.75
CA ASN B 528 -48.63 5.74 -30.36
C ASN B 528 -49.34 6.97 -29.79
N LEU B 529 -50.37 6.71 -29.01
CA LEU B 529 -51.11 7.76 -28.27
C LEU B 529 -50.13 8.41 -27.27
N GLN B 530 -50.17 9.74 -27.21
CA GLN B 530 -49.40 10.56 -26.25
C GLN B 530 -50.40 11.24 -25.31
N ILE B 531 -49.95 11.67 -24.12
CA ILE B 531 -50.85 12.19 -23.04
C ILE B 531 -51.66 13.37 -23.54
N ASP B 532 -51.16 14.15 -24.54
CA ASP B 532 -51.82 15.40 -25.00
C ASP B 532 -52.86 15.12 -26.08
N GLN B 533 -53.03 13.88 -26.55
CA GLN B 533 -53.82 13.64 -27.80
C GLN B 533 -55.23 13.09 -27.49
N ASP B 534 -55.60 12.85 -26.24
CA ASP B 534 -56.97 12.42 -25.89
C ASP B 534 -57.44 13.22 -24.67
N GLU B 535 -58.57 13.93 -24.77
CA GLU B 535 -59.05 14.85 -23.69
C GLU B 535 -59.20 14.07 -22.36
N THR B 536 -59.72 12.84 -22.38
CA THR B 536 -59.91 12.00 -21.17
C THR B 536 -58.55 11.64 -20.56
N VAL B 537 -57.61 11.17 -21.38
CA VAL B 537 -56.23 10.83 -20.89
C VAL B 537 -55.59 12.08 -20.27
N LEU B 538 -55.67 13.20 -20.98
CA LEU B 538 -55.00 14.46 -20.56
C LEU B 538 -55.60 14.94 -19.23
N ALA B 539 -56.93 14.96 -19.09
CA ALA B 539 -57.64 15.38 -17.85
C ALA B 539 -57.22 14.45 -16.71
N HIS B 540 -57.15 13.15 -16.98
CA HIS B 540 -56.76 12.15 -15.97
C HIS B 540 -55.31 12.45 -15.58
N PHE B 541 -54.48 12.74 -16.56
CA PHE B 541 -53.05 13.07 -16.30
C PHE B 541 -52.96 14.32 -15.41
N ALA B 542 -53.68 15.39 -15.76
CA ALA B 542 -53.66 16.66 -15.00
C ALA B 542 -54.02 16.38 -13.52
N ARG B 543 -55.11 15.66 -13.31
CA ARG B 543 -55.58 15.29 -11.95
C ARG B 543 -54.47 14.53 -11.21
N MET B 544 -53.85 13.52 -11.83
CA MET B 544 -52.85 12.72 -11.09
C MET B 544 -51.65 13.62 -10.74
N THR B 545 -51.31 14.61 -11.58
CA THR B 545 -50.19 15.53 -11.26
C THR B 545 -50.56 16.38 -10.04
N ALA B 546 -51.82 16.81 -9.93
CA ALA B 546 -52.28 17.59 -8.77
C ALA B 546 -52.16 16.73 -7.50
N ILE B 547 -52.48 15.44 -7.61
CA ILE B 547 -52.36 14.49 -6.48
C ILE B 547 -50.89 14.36 -6.11
N TYR B 548 -50.02 14.21 -7.09
CA TYR B 548 -48.56 14.14 -6.83
C TYR B 548 -48.09 15.40 -6.10
N VAL B 549 -48.51 16.58 -6.55
CA VAL B 549 -48.02 17.86 -5.94
C VAL B 549 -48.57 17.97 -4.50
N ALA B 550 -49.83 17.60 -4.29
CA ALA B 550 -50.43 17.60 -2.94
C ALA B 550 -49.67 16.61 -2.02
N LEU B 551 -49.14 15.51 -2.55
CA LEU B 551 -48.41 14.49 -1.77
C LEU B 551 -46.95 14.88 -1.52
N ALA B 552 -46.46 15.96 -2.12
CA ALA B 552 -45.06 16.41 -2.00
C ALA B 552 -44.54 16.40 -0.56
N PRO B 553 -45.26 16.95 0.46
CA PRO B 553 -44.72 16.96 1.82
C PRO B 553 -44.44 15.54 2.33
N TYR B 554 -45.30 14.57 1.98
CA TYR B 554 -45.09 13.15 2.36
C TYR B 554 -43.85 12.61 1.63
N LEU B 555 -43.76 12.79 0.31
CA LEU B 555 -42.59 12.27 -0.47
C LEU B 555 -41.30 12.93 0.04
N LYS B 556 -41.33 14.23 0.34
CA LYS B 556 -40.15 14.95 0.92
C LYS B 556 -39.69 14.24 2.20
N SER B 557 -40.62 13.81 3.07
CA SER B 557 -40.28 13.10 4.34
C SER B 557 -39.62 11.75 4.00
N LEU B 558 -40.07 11.09 2.93
CA LEU B 558 -39.51 9.76 2.51
C LEU B 558 -38.11 9.97 1.95
N SER B 559 -37.87 11.04 1.22
CA SER B 559 -36.53 11.37 0.68
C SER B 559 -35.58 11.68 1.85
N ALA B 560 -36.01 12.44 2.85
CA ALA B 560 -35.21 12.71 4.08
C ALA B 560 -34.89 11.37 4.76
N GLU B 561 -35.89 10.51 4.91
CA GLU B 561 -35.72 9.16 5.49
C GLU B 561 -34.67 8.38 4.67
N ALA B 562 -34.74 8.44 3.34
CA ALA B 562 -33.79 7.72 2.46
C ALA B 562 -32.37 8.22 2.71
N ALA B 563 -32.16 9.53 2.80
CA ALA B 563 -30.82 10.11 3.08
C ALA B 563 -30.32 9.69 4.47
N LYS B 564 -31.19 9.68 5.51
CA LYS B 564 -30.79 9.42 6.91
C LYS B 564 -30.63 7.91 7.15
N THR B 565 -31.52 7.04 6.62
CA THR B 565 -31.56 5.59 6.96
C THR B 565 -31.25 4.67 5.77
N GLY B 566 -31.35 5.17 4.54
CA GLY B 566 -31.06 4.35 3.35
C GLY B 566 -32.27 3.61 2.82
N LEU B 567 -33.39 3.62 3.55
CA LEU B 567 -34.60 2.87 3.13
C LEU B 567 -35.13 3.50 1.85
N PRO B 568 -35.52 2.67 0.86
CA PRO B 568 -36.04 3.18 -0.41
C PRO B 568 -37.45 3.74 -0.24
N VAL B 569 -37.83 4.62 -1.15
CA VAL B 569 -39.20 5.21 -1.14
C VAL B 569 -40.26 4.11 -1.33
N GLN B 570 -39.99 3.18 -2.26
CA GLN B 570 -40.89 2.05 -2.60
C GLN B 570 -40.34 0.80 -1.89
N ARG B 571 -41.09 0.31 -0.93
CA ARG B 571 -40.67 -0.77 0.01
C ARG B 571 -41.55 -1.99 -0.16
N PRO B 572 -40.96 -3.20 -0.03
CA PRO B 572 -41.75 -4.42 -0.01
C PRO B 572 -42.51 -4.51 1.32
N LEU B 573 -43.71 -5.09 1.31
CA LEU B 573 -44.57 -5.21 2.51
C LEU B 573 -43.77 -5.91 3.63
N PHE B 574 -42.88 -6.86 3.31
CA PHE B 574 -42.20 -7.67 4.35
C PHE B 574 -41.25 -6.80 5.17
N LEU B 575 -40.84 -5.65 4.64
CA LEU B 575 -39.90 -4.75 5.37
C LEU B 575 -40.56 -4.18 6.64
N HIS B 576 -41.87 -3.95 6.65
CA HIS B 576 -42.61 -3.37 7.80
C HIS B 576 -43.57 -4.40 8.44
N TYR B 577 -43.63 -5.64 7.92
CA TYR B 577 -44.58 -6.68 8.37
C TYR B 577 -43.88 -8.03 8.36
N GLU B 578 -42.78 -8.15 9.12
CA GLU B 578 -41.86 -9.33 9.10
C GLU B 578 -42.58 -10.59 9.57
N ASN B 579 -43.63 -10.48 10.39
CA ASN B 579 -44.29 -11.63 11.03
C ASN B 579 -45.43 -12.14 10.14
N GLU B 580 -45.61 -11.59 8.94
CA GLU B 580 -46.72 -11.98 8.03
C GLU B 580 -46.14 -12.67 6.78
N PRO B 581 -46.09 -14.02 6.76
CA PRO B 581 -45.43 -14.76 5.68
C PRO B 581 -45.97 -14.50 4.26
N GLN B 582 -47.24 -14.10 4.14
CA GLN B 582 -47.93 -13.79 2.86
C GLN B 582 -47.27 -12.59 2.18
N THR B 583 -46.53 -11.75 2.91
CA THR B 583 -45.97 -10.46 2.40
C THR B 583 -44.61 -10.69 1.74
N TYR B 584 -44.02 -11.89 1.82
CA TYR B 584 -42.59 -12.12 1.53
C TYR B 584 -42.37 -12.22 0.01
N ALA B 585 -43.35 -12.68 -0.77
CA ALA B 585 -43.18 -12.86 -2.23
C ALA B 585 -43.98 -11.84 -3.03
N VAL B 586 -44.82 -11.02 -2.38
CA VAL B 586 -45.69 -10.03 -3.08
C VAL B 586 -44.80 -9.06 -3.86
N GLN B 587 -45.07 -8.89 -5.16
CA GLN B 587 -44.25 -8.02 -6.04
C GLN B 587 -45.11 -7.10 -6.92
N ASP B 588 -46.43 -7.04 -6.74
CA ASP B 588 -47.33 -6.13 -7.53
C ASP B 588 -47.97 -5.11 -6.60
N CYS B 589 -47.46 -4.96 -5.39
CA CYS B 589 -47.90 -3.98 -4.37
C CYS B 589 -46.65 -3.46 -3.69
N TYR B 590 -46.69 -2.24 -3.20
CA TYR B 590 -45.54 -1.69 -2.45
C TYR B 590 -46.07 -0.78 -1.36
N LEU B 591 -45.24 -0.62 -0.34
CA LEU B 591 -45.42 0.45 0.68
C LEU B 591 -44.69 1.68 0.14
N TYR B 592 -45.43 2.77 -0.05
CA TYR B 592 -44.90 4.10 -0.41
C TYR B 592 -44.59 4.78 0.92
N GLY B 593 -43.36 4.64 1.40
CA GLY B 593 -43.02 4.92 2.81
C GLY B 593 -43.72 3.91 3.69
N ALA B 594 -43.68 4.08 5.00
CA ALA B 594 -44.29 3.17 6.00
C ALA B 594 -45.81 3.31 5.99
N ASP B 595 -46.33 4.44 5.50
CA ASP B 595 -47.71 4.91 5.84
C ASP B 595 -48.69 4.72 4.67
N MET B 596 -48.25 4.42 3.44
CA MET B 596 -49.20 4.23 2.31
C MET B 596 -48.95 2.89 1.64
N LEU B 597 -50.02 2.25 1.19
CA LEU B 597 -49.96 0.96 0.46
C LEU B 597 -50.54 1.20 -0.93
N VAL B 598 -49.78 0.82 -1.94
CA VAL B 598 -50.13 1.03 -3.37
C VAL B 598 -50.18 -0.33 -4.08
N ALA B 599 -51.30 -0.58 -4.75
CA ALA B 599 -51.57 -1.83 -5.49
C ALA B 599 -52.00 -1.45 -6.90
N PRO B 600 -51.04 -1.12 -7.79
CA PRO B 600 -51.37 -0.70 -9.15
C PRO B 600 -52.19 -1.78 -9.87
N VAL B 601 -53.15 -1.32 -10.66
CA VAL B 601 -53.84 -2.20 -11.64
C VAL B 601 -52.90 -2.37 -12.82
N TRP B 602 -52.58 -3.62 -13.16
CA TRP B 602 -51.60 -3.96 -14.20
C TRP B 602 -52.20 -4.83 -15.30
N LYS B 603 -53.53 -4.84 -15.42
CA LYS B 603 -54.26 -5.62 -16.45
C LYS B 603 -55.37 -4.79 -17.08
N ALA B 604 -55.55 -4.96 -18.38
CA ALA B 604 -56.61 -4.30 -19.19
C ALA B 604 -57.98 -4.77 -18.67
N GLY B 605 -58.95 -3.85 -18.57
CA GLY B 605 -60.38 -4.12 -18.40
C GLY B 605 -60.75 -4.44 -16.96
N GLU B 606 -59.86 -4.19 -16.00
CA GLU B 606 -60.14 -4.40 -14.56
C GLU B 606 -60.86 -3.15 -14.04
N THR B 607 -61.96 -3.35 -13.30
CA THR B 607 -62.73 -2.30 -12.58
C THR B 607 -62.51 -2.43 -11.07
N GLN B 608 -61.80 -3.48 -10.65
CA GLN B 608 -61.59 -3.88 -9.24
C GLN B 608 -60.15 -4.35 -9.04
N ARG B 609 -59.65 -4.32 -7.81
CA ARG B 609 -58.31 -4.83 -7.46
C ARG B 609 -58.41 -5.55 -6.13
N SER B 610 -57.84 -6.76 -6.09
CA SER B 610 -57.68 -7.60 -4.89
C SER B 610 -56.24 -7.51 -4.41
N LEU B 611 -56.03 -7.37 -3.12
CA LEU B 611 -54.67 -7.31 -2.52
C LEU B 611 -54.74 -7.79 -1.06
N TYR B 612 -53.58 -8.18 -0.52
CA TYR B 612 -53.43 -8.44 0.93
C TYR B 612 -53.17 -7.11 1.64
N LEU B 613 -54.02 -6.77 2.59
CA LEU B 613 -53.86 -5.63 3.54
C LEU B 613 -53.12 -6.16 4.76
N PRO B 614 -51.88 -5.72 5.06
CA PRO B 614 -51.11 -6.26 6.19
C PRO B 614 -51.42 -5.59 7.53
N GLY B 615 -50.91 -6.16 8.63
CA GLY B 615 -50.88 -5.53 9.97
C GLY B 615 -52.13 -5.85 10.80
N HIS B 616 -52.21 -5.30 12.01
CA HIS B 616 -53.35 -5.48 12.96
C HIS B 616 -54.03 -4.13 13.20
N GLY B 617 -53.67 -3.10 12.42
CA GLY B 617 -54.25 -1.74 12.50
C GLY B 617 -55.37 -1.57 11.50
N GLU B 618 -55.77 -0.32 11.22
CA GLU B 618 -56.76 0.01 10.17
C GLU B 618 -56.05 0.70 8.99
N TRP B 619 -56.44 0.36 7.76
CA TRP B 619 -56.01 1.05 6.53
C TRP B 619 -57.20 1.86 6.01
N VAL B 620 -56.98 3.10 5.60
CA VAL B 620 -58.03 3.99 5.04
C VAL B 620 -57.87 4.03 3.53
N HIS B 621 -58.94 3.72 2.80
CA HIS B 621 -58.99 3.86 1.32
C HIS B 621 -58.93 5.35 0.99
N LEU B 622 -57.96 5.75 0.17
CA LEU B 622 -57.62 7.18 -0.07
C LEU B 622 -58.83 7.92 -0.66
N TRP B 623 -59.58 7.30 -1.57
CA TRP B 623 -60.62 8.02 -2.37
C TRP B 623 -61.97 8.06 -1.64
N SER B 624 -62.32 7.05 -0.85
CA SER B 624 -63.65 6.89 -0.20
C SER B 624 -63.61 7.31 1.28
N GLY B 625 -62.48 7.15 1.96
CA GLY B 625 -62.38 7.32 3.44
C GLY B 625 -62.80 6.06 4.20
N LYS B 626 -63.27 5.01 3.52
CA LYS B 626 -63.71 3.74 4.18
C LYS B 626 -62.51 3.06 4.87
N ARG B 627 -62.66 2.66 6.14
CA ARG B 627 -61.57 2.02 6.94
C ARG B 627 -61.67 0.50 6.75
N HIS B 628 -60.55 -0.22 6.74
CA HIS B 628 -60.47 -1.69 6.53
C HIS B 628 -59.48 -2.26 7.54
N ALA B 629 -59.79 -3.40 8.15
CA ALA B 629 -58.94 -4.07 9.15
C ALA B 629 -57.76 -4.75 8.44
N GLY B 630 -56.55 -4.58 8.98
CA GLY B 630 -55.35 -5.28 8.49
C GLY B 630 -55.49 -6.77 8.68
N GLY B 631 -54.67 -7.54 7.96
CA GLY B 631 -54.49 -8.99 8.16
C GLY B 631 -55.41 -9.83 7.29
N ARG B 632 -55.96 -9.28 6.19
CA ARG B 632 -56.86 -10.04 5.28
C ARG B 632 -56.78 -9.53 3.83
N ASP B 633 -57.16 -10.40 2.89
CA ASP B 633 -57.38 -10.07 1.46
C ASP B 633 -58.63 -9.19 1.37
N ILE B 634 -58.59 -8.15 0.53
CA ILE B 634 -59.70 -7.18 0.28
C ILE B 634 -59.82 -6.94 -1.22
N THR B 635 -61.00 -6.53 -1.66
CA THR B 635 -61.28 -6.09 -3.04
C THR B 635 -61.85 -4.67 -3.00
N VAL B 636 -61.30 -3.73 -3.76
CA VAL B 636 -61.89 -2.35 -3.85
C VAL B 636 -62.18 -2.03 -5.32
N GLU B 637 -63.13 -1.12 -5.53
CA GLU B 637 -63.42 -0.52 -6.85
C GLU B 637 -62.19 0.30 -7.25
N THR B 638 -61.69 0.12 -8.46
CA THR B 638 -60.56 0.91 -9.01
C THR B 638 -60.96 1.38 -10.41
N PRO B 639 -61.93 2.30 -10.54
CA PRO B 639 -62.20 2.91 -11.84
C PRO B 639 -60.99 3.79 -12.17
N LEU B 640 -60.89 4.25 -13.41
CA LEU B 640 -59.80 5.15 -13.82
C LEU B 640 -59.84 6.39 -12.93
N GLY B 641 -58.71 6.74 -12.33
CA GLY B 641 -58.57 7.92 -11.46
C GLY B 641 -58.45 7.52 -10.00
N GLU B 642 -58.78 6.27 -9.65
CA GLU B 642 -58.90 5.84 -8.24
C GLU B 642 -58.14 4.55 -8.05
N PRO B 643 -56.80 4.57 -8.15
CA PRO B 643 -56.00 3.38 -7.86
C PRO B 643 -56.21 2.90 -6.43
N ALA B 644 -55.95 1.61 -6.20
CA ALA B 644 -56.08 0.95 -4.89
C ALA B 644 -54.94 1.48 -4.02
N VAL B 645 -55.17 2.63 -3.38
CA VAL B 645 -54.19 3.24 -2.44
C VAL B 645 -54.85 3.39 -1.07
N PHE B 646 -54.13 3.04 -0.02
CA PHE B 646 -54.57 3.08 1.38
C PHE B 646 -53.47 3.75 2.22
N TYR B 647 -53.86 4.34 3.35
CA TYR B 647 -52.92 4.91 4.36
C TYR B 647 -53.29 4.35 5.73
N ARG B 648 -52.28 4.22 6.60
CA ARG B 648 -52.47 3.82 8.00
C ARG B 648 -53.30 4.92 8.70
N ALA B 649 -54.38 4.53 9.36
CA ALA B 649 -55.27 5.44 10.13
C ALA B 649 -54.44 6.26 11.14
N ASP B 650 -53.41 5.64 11.70
CA ASP B 650 -52.55 6.24 12.76
C ASP B 650 -51.38 7.02 12.15
N SER B 651 -51.36 7.24 10.84
CA SER B 651 -50.32 8.04 10.14
C SER B 651 -50.31 9.49 10.65
N SER B 652 -49.12 10.04 10.96
CA SER B 652 -48.95 11.45 11.37
C SER B 652 -49.36 12.38 10.22
N HIS B 653 -49.41 11.87 8.98
CA HIS B 653 -49.78 12.66 7.78
C HIS B 653 -51.27 12.49 7.42
N HIS B 654 -52.09 11.91 8.31
CA HIS B 654 -53.53 11.68 8.09
C HIS B 654 -54.23 12.92 7.54
N ARG B 655 -53.86 14.12 8.02
CA ARG B 655 -54.51 15.41 7.60
C ARG B 655 -54.24 15.65 6.11
N LEU B 656 -53.01 15.40 5.66
CA LEU B 656 -52.62 15.53 4.22
C LEU B 656 -53.43 14.53 3.38
N PHE B 657 -53.42 13.26 3.77
CA PHE B 657 -54.13 12.16 3.07
C PHE B 657 -55.63 12.46 2.99
N GLU B 658 -56.26 12.90 4.09
CA GLU B 658 -57.69 13.27 4.12
C GLU B 658 -57.97 14.30 3.01
N GLN B 659 -57.03 15.22 2.72
CA GLN B 659 -57.20 16.34 1.73
C GLN B 659 -57.25 15.77 0.30
N LEU B 660 -56.50 14.70 -0.03
CA LEU B 660 -56.48 14.10 -1.40
C LEU B 660 -57.86 13.58 -1.84
N ARG B 661 -58.71 13.10 -0.91
CA ARG B 661 -60.11 12.66 -1.18
C ARG B 661 -60.88 13.79 -1.92
N THR B 662 -60.72 15.03 -1.47
CA THR B 662 -61.11 16.28 -2.18
C THR B 662 -60.26 16.40 -3.45
N MET C 1 -5.93 -51.70 -34.15
CA MET C 1 -5.53 -50.49 -33.36
C MET C 1 -4.13 -50.74 -32.76
N HIS C 2 -3.28 -49.71 -32.78
CA HIS C 2 -1.90 -49.71 -32.26
C HIS C 2 -1.88 -48.77 -31.05
N PHE C 3 -1.70 -49.26 -29.81
CA PHE C 3 -1.31 -48.45 -28.62
C PHE C 3 0.17 -48.09 -28.77
N GLU C 4 0.60 -46.88 -28.42
CA GLU C 4 2.03 -46.46 -28.46
C GLU C 4 2.24 -45.50 -27.29
N THR C 5 3.24 -45.74 -26.43
CA THR C 5 3.64 -44.81 -25.33
C THR C 5 4.46 -43.65 -25.93
N THR C 6 4.33 -42.44 -25.36
CA THR C 6 5.10 -41.20 -25.72
C THR C 6 5.74 -40.66 -24.43
N LYS C 7 6.44 -39.52 -24.51
CA LYS C 7 7.07 -38.80 -23.35
C LYS C 7 6.10 -38.85 -22.13
N ASP C 8 4.95 -38.17 -22.26
CA ASP C 8 4.02 -37.77 -21.17
C ASP C 8 2.92 -38.82 -20.94
N GLY C 9 2.43 -39.49 -22.00
CA GLY C 9 1.31 -40.45 -21.96
C GLY C 9 1.32 -41.37 -23.17
N PHE C 10 0.19 -41.51 -23.89
CA PHE C 10 0.04 -42.50 -24.99
C PHE C 10 -0.79 -41.97 -26.17
N THR C 11 -0.70 -42.68 -27.30
CA THR C 11 -1.57 -42.50 -28.49
C THR C 11 -2.23 -43.84 -28.85
N ILE C 12 -3.40 -43.79 -29.48
CA ILE C 12 -4.04 -44.95 -30.16
C ILE C 12 -4.32 -44.50 -31.60
N ALA C 13 -3.93 -45.28 -32.60
CA ALA C 13 -4.05 -44.96 -34.04
C ALA C 13 -4.63 -46.15 -34.79
N ILE C 14 -5.27 -45.88 -35.93
CA ILE C 14 -5.60 -46.87 -36.99
C ILE C 14 -4.87 -46.40 -38.24
N GLY C 15 -3.84 -47.14 -38.66
CA GLY C 15 -2.93 -46.76 -39.76
C GLY C 15 -2.22 -45.45 -39.44
N ASN C 16 -2.22 -44.52 -40.39
CA ASN C 16 -1.56 -43.19 -40.29
C ASN C 16 -2.33 -42.28 -39.31
N ARG C 17 -3.52 -42.70 -38.86
CA ARG C 17 -4.56 -41.81 -38.25
C ARG C 17 -4.52 -41.90 -36.72
N ILE C 18 -3.93 -40.91 -36.03
CA ILE C 18 -4.04 -40.76 -34.55
C ILE C 18 -5.52 -40.50 -34.21
N ILE C 19 -6.08 -41.27 -33.28
CA ILE C 19 -7.50 -41.22 -32.86
C ILE C 19 -7.59 -40.67 -31.43
N LEU C 20 -6.81 -41.24 -30.52
CA LEU C 20 -6.73 -40.83 -29.09
C LEU C 20 -5.29 -40.40 -28.81
N SER C 21 -5.14 -39.22 -28.22
CA SER C 21 -3.85 -38.66 -27.73
C SER C 21 -4.05 -38.28 -26.26
N HIS C 22 -3.28 -38.87 -25.36
CA HIS C 22 -3.30 -38.53 -23.93
C HIS C 22 -1.94 -37.97 -23.51
N SER C 23 -2.00 -36.86 -22.77
CA SER C 23 -0.90 -36.28 -21.96
C SER C 23 -1.53 -35.56 -20.77
N PRO C 24 -0.84 -35.37 -19.64
CA PRO C 24 -1.44 -34.62 -18.52
C PRO C 24 -1.98 -33.24 -18.95
N ASP C 25 -1.33 -32.56 -19.89
CA ASP C 25 -1.66 -31.18 -20.35
C ASP C 25 -2.83 -31.23 -21.35
N LYS C 26 -2.96 -32.31 -22.14
CA LYS C 26 -4.04 -32.54 -23.14
C LYS C 26 -4.64 -33.92 -22.88
N PRO C 27 -5.44 -34.11 -21.82
CA PRO C 27 -6.00 -35.41 -21.52
C PRO C 27 -7.04 -35.85 -22.56
N ALA C 28 -7.30 -37.16 -22.62
CA ALA C 28 -8.23 -37.82 -23.53
C ALA C 28 -9.57 -38.01 -22.82
N PHE C 29 -9.57 -38.22 -21.51
CA PHE C 29 -10.75 -38.59 -20.72
C PHE C 29 -10.96 -37.61 -19.58
N PHE C 30 -12.23 -37.33 -19.29
CA PHE C 30 -12.71 -36.58 -18.11
C PHE C 30 -13.82 -37.40 -17.50
N ALA C 31 -13.92 -37.42 -16.18
CA ALA C 31 -14.92 -38.20 -15.45
C ALA C 31 -15.58 -37.31 -14.40
N GLY C 32 -16.84 -37.60 -14.08
CA GLY C 32 -17.51 -36.92 -12.97
C GLY C 32 -18.91 -37.42 -12.76
N PHE C 33 -19.75 -36.50 -12.30
CA PHE C 33 -21.05 -36.81 -11.69
C PHE C 33 -22.00 -35.68 -12.11
N GLY C 34 -23.25 -36.04 -12.43
CA GLY C 34 -24.33 -35.10 -12.74
C GLY C 34 -25.64 -35.57 -12.13
N GLU C 35 -26.58 -34.65 -11.93
CA GLU C 35 -27.99 -34.92 -11.58
C GLU C 35 -28.85 -34.43 -12.74
N GLU C 36 -29.41 -35.35 -13.53
CA GLU C 36 -30.19 -34.98 -14.73
C GLU C 36 -31.67 -34.79 -14.35
N ARG C 37 -32.35 -33.96 -15.13
CA ARG C 37 -33.82 -33.87 -15.26
C ARG C 37 -34.14 -34.33 -16.68
N MET C 38 -35.03 -35.29 -16.83
CA MET C 38 -35.49 -35.78 -18.15
C MET C 38 -37.01 -35.94 -18.11
N ASP C 39 -37.73 -34.82 -18.18
CA ASP C 39 -39.21 -34.82 -18.03
C ASP C 39 -39.81 -35.11 -19.40
N MET C 40 -40.72 -36.07 -19.46
CA MET C 40 -41.41 -36.41 -20.72
C MET C 40 -42.78 -35.73 -20.75
N TYR C 41 -43.13 -35.14 -21.88
CA TYR C 41 -44.54 -34.80 -22.19
C TYR C 41 -44.84 -35.31 -23.61
N ARG C 42 -45.61 -36.39 -23.71
CA ARG C 42 -46.14 -36.93 -24.99
C ARG C 42 -44.99 -37.20 -25.95
N GLY C 43 -43.91 -37.80 -25.44
CA GLY C 43 -42.77 -38.26 -26.25
C GLY C 43 -41.74 -37.17 -26.49
N ASN C 44 -42.01 -35.94 -26.02
CA ASN C 44 -41.01 -34.82 -26.03
C ASN C 44 -40.30 -34.82 -24.69
N PHE C 45 -38.98 -34.68 -24.72
CA PHE C 45 -38.15 -34.68 -23.48
C PHE C 45 -37.59 -33.28 -23.26
N ASP C 46 -37.79 -32.79 -22.04
CA ASP C 46 -37.11 -31.56 -21.52
C ASP C 46 -35.94 -32.06 -20.68
N ILE C 47 -34.74 -31.99 -21.25
CA ILE C 47 -33.52 -32.60 -20.66
C ILE C 47 -32.57 -31.46 -20.24
N GLU C 48 -32.16 -31.47 -18.97
CA GLU C 48 -31.18 -30.51 -18.41
C GLU C 48 -30.28 -31.27 -17.43
N ASP C 49 -28.97 -31.17 -17.62
CA ASP C 49 -27.99 -31.78 -16.70
C ASP C 49 -27.58 -30.71 -15.68
N TYR C 50 -27.32 -31.12 -14.43
CA TYR C 50 -26.57 -30.30 -13.44
C TYR C 50 -25.23 -31.00 -13.19
N VAL C 51 -24.15 -30.52 -13.81
CA VAL C 51 -22.80 -31.14 -13.68
C VAL C 51 -22.20 -30.69 -12.34
N ILE C 52 -21.98 -31.63 -11.43
CA ILE C 52 -21.46 -31.39 -10.06
C ILE C 52 -19.94 -31.55 -10.07
N GLU C 53 -19.40 -32.51 -10.82
CA GLU C 53 -17.93 -32.65 -11.06
C GLU C 53 -17.71 -33.02 -12.53
N ARG C 54 -16.69 -32.42 -13.13
CA ARG C 54 -16.06 -32.86 -14.40
C ARG C 54 -14.56 -32.64 -14.21
N THR C 55 -13.79 -33.73 -14.14
CA THR C 55 -12.37 -33.71 -13.71
C THR C 55 -11.54 -34.48 -14.73
N ALA C 56 -10.56 -33.84 -15.33
CA ALA C 56 -9.61 -34.48 -16.27
C ALA C 56 -8.93 -35.66 -15.56
N LEU C 57 -8.85 -36.79 -16.24
CA LEU C 57 -7.99 -37.96 -15.86
C LEU C 57 -6.61 -37.71 -16.47
N ARG C 58 -5.74 -36.99 -15.75
CA ARG C 58 -4.46 -36.45 -16.26
C ARG C 58 -3.37 -37.53 -16.20
N HIS C 59 -3.55 -38.55 -15.31
CA HIS C 59 -2.48 -39.54 -15.03
C HIS C 59 -2.85 -40.92 -15.60
N ALA C 60 -2.03 -41.41 -16.52
CA ALA C 60 -2.14 -42.74 -17.15
C ALA C 60 -0.94 -43.63 -16.77
N GLU C 61 -1.20 -44.81 -16.18
CA GLU C 61 -0.22 -45.89 -15.91
C GLU C 61 -0.47 -47.04 -16.91
N VAL C 62 0.46 -47.28 -17.84
CA VAL C 62 0.37 -48.36 -18.89
C VAL C 62 0.96 -49.67 -18.32
N SER C 63 0.18 -50.77 -18.32
CA SER C 63 0.52 -52.12 -17.78
C SER C 63 0.14 -53.20 -18.81
N GLY C 64 0.92 -53.30 -19.90
CA GLY C 64 0.78 -54.32 -20.95
C GLY C 64 -0.21 -53.91 -22.03
N ASP C 65 -1.39 -54.53 -22.06
CA ASP C 65 -2.50 -54.21 -23.00
C ASP C 65 -3.50 -53.25 -22.32
N SER C 66 -3.30 -52.95 -21.03
CA SER C 66 -4.24 -52.19 -20.16
C SER C 66 -3.61 -50.83 -19.76
N VAL C 67 -4.43 -49.78 -19.64
CA VAL C 67 -4.04 -48.45 -19.09
C VAL C 67 -4.98 -48.14 -17.93
N THR C 68 -4.44 -47.69 -16.80
CA THR C 68 -5.21 -47.21 -15.63
C THR C 68 -5.10 -45.67 -15.61
N LEU C 69 -6.22 -44.98 -15.37
CA LEU C 69 -6.35 -43.51 -15.43
C LEU C 69 -6.84 -42.98 -14.08
N SER C 70 -6.20 -41.92 -13.60
CA SER C 70 -6.53 -41.22 -12.32
C SER C 70 -6.51 -39.70 -12.56
N SER C 71 -7.16 -38.94 -11.66
CA SER C 71 -7.23 -37.46 -11.72
C SER C 71 -5.81 -36.88 -11.76
N ALA C 72 -4.92 -37.38 -10.89
CA ALA C 72 -3.52 -36.92 -10.74
C ALA C 72 -2.65 -38.04 -10.15
N PRO C 73 -1.31 -37.97 -10.29
CA PRO C 73 -0.42 -38.99 -9.71
C PRO C 73 -0.64 -39.11 -8.20
N GLY C 74 -0.80 -40.33 -7.70
CA GLY C 74 -0.97 -40.63 -6.26
C GLY C 74 -2.43 -40.79 -5.85
N GLN C 75 -3.37 -40.28 -6.65
CA GLN C 75 -4.84 -40.38 -6.39
C GLN C 75 -5.34 -41.77 -6.85
N ALA C 76 -6.47 -42.22 -6.29
CA ALA C 76 -7.06 -43.57 -6.54
C ALA C 76 -7.49 -43.67 -8.01
N PRO C 77 -7.13 -44.76 -8.72
CA PRO C 77 -7.52 -44.90 -10.12
C PRO C 77 -9.04 -44.93 -10.32
N ARG C 78 -9.55 -44.37 -11.42
CA ARG C 78 -11.01 -44.18 -11.66
C ARG C 78 -11.49 -44.99 -12.87
N LEU C 79 -10.65 -45.18 -13.88
CA LEU C 79 -11.04 -45.81 -15.16
C LEU C 79 -9.93 -46.73 -15.66
N ARG C 80 -10.27 -47.90 -16.22
CA ARG C 80 -9.30 -48.80 -16.92
C ARG C 80 -9.68 -48.91 -18.42
N LEU C 81 -8.71 -48.71 -19.31
CA LEU C 81 -8.74 -49.01 -20.78
C LEU C 81 -8.05 -50.35 -21.02
N THR C 82 -8.59 -51.21 -21.89
CA THR C 82 -7.90 -52.43 -22.41
C THR C 82 -8.12 -52.48 -23.93
N LEU C 83 -7.04 -52.61 -24.71
CA LEU C 83 -7.13 -52.85 -26.18
C LEU C 83 -7.54 -54.32 -26.43
N ASP C 84 -8.69 -54.57 -27.07
CA ASP C 84 -9.17 -55.90 -27.56
C ASP C 84 -9.54 -55.77 -29.06
N GLY C 85 -8.60 -56.01 -29.97
CA GLY C 85 -8.84 -55.99 -31.42
C GLY C 85 -9.09 -54.57 -31.92
N ASN C 86 -10.25 -54.31 -32.53
CA ASN C 86 -10.62 -52.98 -33.08
C ASN C 86 -11.42 -52.19 -32.02
N ALA C 87 -11.28 -52.53 -30.74
CA ALA C 87 -12.12 -51.98 -29.65
C ALA C 87 -11.24 -51.52 -28.47
N ILE C 88 -11.63 -50.41 -27.81
CA ILE C 88 -11.14 -50.02 -26.45
C ILE C 88 -12.24 -50.38 -25.45
N ARG C 89 -11.99 -51.36 -24.58
CA ARG C 89 -12.91 -51.76 -23.47
C ARG C 89 -12.67 -50.81 -22.28
N LEU C 90 -13.74 -50.43 -21.57
CA LEU C 90 -13.66 -49.47 -20.44
C LEU C 90 -14.30 -50.11 -19.23
N THR C 91 -13.66 -49.97 -18.06
CA THR C 91 -14.17 -50.43 -16.76
C THR C 91 -14.07 -49.26 -15.79
N ALA C 92 -15.19 -48.90 -15.17
CA ALA C 92 -15.24 -47.90 -14.09
C ALA C 92 -14.61 -48.55 -12.85
N LEU C 93 -13.53 -47.96 -12.32
CA LEU C 93 -12.91 -48.36 -11.02
C LEU C 93 -13.55 -47.57 -9.88
N ASP C 94 -14.17 -46.43 -10.18
CA ASP C 94 -14.90 -45.57 -9.22
C ASP C 94 -16.41 -45.70 -9.51
N GLU C 95 -17.18 -46.22 -8.55
CA GLU C 95 -18.64 -46.49 -8.70
C GLU C 95 -19.43 -45.17 -8.79
N THR C 96 -18.87 -44.01 -8.42
CA THR C 96 -19.61 -42.71 -8.35
C THR C 96 -19.70 -42.03 -9.74
N ILE C 97 -18.85 -42.39 -10.71
CA ILE C 97 -18.87 -41.78 -12.06
C ILE C 97 -20.20 -42.10 -12.75
N ASN C 98 -20.98 -41.08 -13.14
CA ASN C 98 -22.12 -41.30 -14.09
C ASN C 98 -21.96 -40.35 -15.27
N ARG C 99 -20.81 -39.68 -15.40
CA ARG C 99 -20.50 -38.80 -16.54
C ARG C 99 -19.09 -39.08 -17.02
N LEU C 100 -18.92 -39.36 -18.30
CA LEU C 100 -17.60 -39.58 -18.94
C LEU C 100 -17.53 -38.74 -20.22
N TRP C 101 -16.42 -38.05 -20.42
CA TRP C 101 -16.10 -37.29 -21.63
C TRP C 101 -14.85 -37.88 -22.24
N LEU C 102 -14.86 -38.09 -23.56
CA LEU C 102 -13.74 -38.67 -24.29
C LEU C 102 -13.45 -37.79 -25.50
N ARG C 103 -12.21 -37.35 -25.65
CA ARG C 103 -11.81 -36.48 -26.78
C ARG C 103 -11.12 -37.32 -27.83
N VAL C 104 -11.56 -37.20 -29.07
CA VAL C 104 -10.84 -37.86 -30.18
C VAL C 104 -10.34 -36.76 -31.11
N VAL C 105 -9.10 -36.95 -31.56
CA VAL C 105 -8.33 -35.97 -32.34
C VAL C 105 -9.10 -35.71 -33.63
N ALA C 106 -9.08 -34.47 -34.11
CA ALA C 106 -9.78 -34.02 -35.33
C ALA C 106 -8.89 -33.05 -36.10
N GLU C 107 -9.08 -32.99 -37.42
CA GLU C 107 -8.48 -31.97 -38.31
C GLU C 107 -9.51 -30.86 -38.51
N THR C 108 -9.07 -29.62 -38.76
CA THR C 108 -9.92 -28.41 -38.91
C THR C 108 -11.01 -28.64 -39.96
N ASP C 109 -10.65 -29.31 -41.07
CA ASP C 109 -11.46 -29.39 -42.33
C ASP C 109 -12.19 -30.76 -42.41
N GLU C 110 -12.15 -31.55 -41.34
CA GLU C 110 -12.75 -32.90 -41.24
C GLU C 110 -14.29 -32.79 -41.19
N HIS C 111 -14.96 -33.68 -41.91
CA HIS C 111 -16.42 -33.91 -41.89
C HIS C 111 -16.71 -35.12 -41.00
N VAL C 112 -17.86 -35.12 -40.34
CA VAL C 112 -18.38 -36.31 -39.60
C VAL C 112 -19.85 -36.51 -39.98
N TRP C 113 -20.23 -37.72 -40.32
CA TRP C 113 -21.63 -38.07 -40.69
C TRP C 113 -22.10 -39.21 -39.83
N GLY C 114 -23.42 -39.44 -39.80
CA GLY C 114 -24.07 -40.54 -39.07
C GLY C 114 -24.88 -39.99 -37.93
N GLY C 115 -24.66 -40.49 -36.71
CA GLY C 115 -25.45 -40.09 -35.54
C GLY C 115 -26.85 -40.72 -35.60
N GLY C 116 -27.03 -41.76 -36.41
CA GLY C 116 -28.31 -42.42 -36.63
C GLY C 116 -28.98 -41.80 -37.84
N GLU C 117 -30.27 -41.51 -37.71
CA GLU C 117 -31.07 -40.80 -38.73
C GLU C 117 -31.16 -39.33 -38.31
N GLN C 118 -30.32 -38.48 -38.87
CA GLN C 118 -30.30 -37.02 -38.59
C GLN C 118 -31.19 -36.35 -39.63
N MET C 119 -32.09 -35.46 -39.19
CA MET C 119 -33.13 -34.87 -40.07
C MET C 119 -32.73 -33.46 -40.53
N SER C 120 -31.87 -32.74 -39.80
CA SER C 120 -31.47 -31.34 -40.14
C SER C 120 -30.09 -31.30 -40.80
N TYR C 121 -29.06 -31.88 -40.18
CA TYR C 121 -27.65 -31.70 -40.62
C TYR C 121 -26.98 -33.04 -40.88
N PHE C 122 -26.52 -33.25 -42.10
CA PHE C 122 -25.88 -34.51 -42.53
C PHE C 122 -24.42 -34.52 -42.02
N ASP C 123 -23.61 -33.56 -42.48
CA ASP C 123 -22.30 -33.24 -41.87
C ASP C 123 -22.56 -32.58 -40.51
N MET C 124 -22.25 -33.28 -39.42
CA MET C 124 -22.55 -32.82 -38.05
C MET C 124 -21.47 -31.85 -37.54
N ARG C 125 -20.41 -31.60 -38.32
CA ARG C 125 -19.26 -30.79 -37.84
C ARG C 125 -19.77 -29.39 -37.48
N GLY C 126 -19.34 -28.88 -36.32
CA GLY C 126 -19.63 -27.49 -35.89
C GLY C 126 -20.76 -27.41 -34.89
N ARG C 127 -21.45 -28.51 -34.59
CA ARG C 127 -22.67 -28.50 -33.76
C ARG C 127 -22.61 -29.63 -32.73
N ARG C 128 -23.53 -29.61 -31.77
CA ARG C 128 -23.66 -30.65 -30.72
C ARG C 128 -24.94 -31.46 -30.99
N PHE C 129 -24.83 -32.78 -30.87
CA PHE C 129 -25.96 -33.70 -31.14
C PHE C 129 -26.14 -34.63 -29.96
N PRO C 130 -27.07 -34.29 -29.03
CA PRO C 130 -27.55 -35.27 -28.06
C PRO C 130 -28.23 -36.45 -28.80
N LEU C 131 -28.15 -37.64 -28.18
CA LEU C 131 -28.56 -38.92 -28.79
C LEU C 131 -29.52 -39.61 -27.81
N TRP C 132 -30.80 -39.27 -27.93
CA TRP C 132 -31.90 -39.76 -27.09
C TRP C 132 -33.16 -39.87 -27.96
N THR C 133 -33.67 -41.07 -28.14
CA THR C 133 -34.84 -41.29 -29.04
C THR C 133 -36.03 -40.55 -28.45
N SER C 134 -36.75 -39.80 -29.28
CA SER C 134 -37.91 -39.00 -28.86
C SER C 134 -38.78 -38.66 -30.06
N GLU C 135 -39.91 -38.02 -29.83
CA GLU C 135 -40.57 -37.19 -30.87
C GLU C 135 -39.47 -36.26 -31.41
N PRO C 136 -39.32 -36.18 -32.74
CA PRO C 136 -38.28 -35.38 -33.35
C PRO C 136 -38.59 -33.87 -33.38
N GLY C 137 -39.82 -33.51 -33.05
CA GLY C 137 -40.31 -32.11 -33.01
C GLY C 137 -41.20 -31.79 -34.22
N VAL C 138 -42.14 -30.87 -34.03
CA VAL C 138 -42.95 -30.26 -35.12
C VAL C 138 -42.34 -28.88 -35.40
N GLY C 139 -41.80 -28.68 -36.61
CA GLY C 139 -41.11 -27.46 -37.04
C GLY C 139 -39.60 -27.59 -36.86
N ARG C 140 -39.17 -27.91 -35.64
CA ARG C 140 -37.77 -28.27 -35.32
C ARG C 140 -36.84 -27.08 -35.58
N ASP C 141 -37.36 -25.84 -35.52
CA ASP C 141 -36.61 -24.60 -35.81
C ASP C 141 -37.22 -23.44 -35.02
N LYS C 142 -36.55 -22.95 -33.99
CA LYS C 142 -37.12 -21.98 -33.00
C LYS C 142 -37.44 -20.64 -33.70
N THR C 143 -36.96 -20.40 -34.91
CA THR C 143 -37.31 -19.18 -35.68
C THR C 143 -38.59 -19.37 -36.51
N THR C 144 -39.25 -20.53 -36.52
CA THR C 144 -40.54 -20.66 -37.26
C THR C 144 -41.73 -20.60 -36.30
N GLU C 145 -42.85 -20.06 -36.79
CA GLU C 145 -44.14 -19.95 -36.06
C GLU C 145 -44.66 -21.36 -35.71
N ILE C 146 -44.51 -22.36 -36.59
CA ILE C 146 -44.98 -23.74 -36.30
C ILE C 146 -44.24 -24.24 -35.05
N THR C 147 -42.92 -24.06 -34.96
CA THR C 147 -42.11 -24.55 -33.83
C THR C 147 -42.57 -23.83 -32.57
N PHE C 148 -42.67 -22.50 -32.65
CA PHE C 148 -43.11 -21.63 -31.55
C PHE C 148 -44.47 -22.14 -31.01
N LYS C 149 -45.44 -22.33 -31.90
CA LYS C 149 -46.81 -22.74 -31.47
C LYS C 149 -46.78 -24.15 -30.89
N SER C 150 -45.98 -25.06 -31.45
CA SER C 150 -45.82 -26.44 -30.94
C SER C 150 -45.19 -26.38 -29.53
N ASP C 151 -44.19 -25.53 -29.32
CA ASP C 151 -43.54 -25.36 -27.99
C ASP C 151 -44.55 -24.82 -26.98
N VAL C 152 -45.29 -23.77 -27.32
CA VAL C 152 -46.26 -23.12 -26.40
C VAL C 152 -47.38 -24.10 -26.08
N SER C 153 -47.93 -24.81 -27.06
CA SER C 153 -49.15 -25.62 -26.81
C SER C 153 -48.76 -26.99 -26.23
N GLY C 154 -47.60 -27.56 -26.58
CA GLY C 154 -47.28 -28.95 -26.17
C GLY C 154 -45.80 -29.26 -25.98
N LYS C 155 -44.91 -28.29 -25.82
CA LYS C 155 -43.45 -28.53 -25.64
C LYS C 155 -42.93 -29.43 -26.77
N ALA C 156 -43.48 -29.24 -27.97
CA ALA C 156 -43.49 -30.24 -29.07
C ALA C 156 -42.69 -29.72 -30.28
N GLY C 157 -42.06 -28.55 -30.18
CA GLY C 157 -41.35 -27.94 -31.33
C GLY C 157 -40.06 -28.67 -31.66
N GLY C 158 -39.36 -29.12 -30.64
CA GLY C 158 -38.02 -29.72 -30.76
C GLY C 158 -37.03 -28.79 -31.45
N ASP C 159 -35.99 -29.36 -32.06
CA ASP C 159 -34.81 -28.61 -32.55
C ASP C 159 -34.01 -29.54 -33.47
N TYR C 160 -32.91 -29.04 -34.02
CA TYR C 160 -32.17 -29.60 -35.18
C TYR C 160 -31.67 -31.02 -34.87
N TYR C 161 -31.47 -31.37 -33.60
CA TYR C 161 -30.79 -32.61 -33.17
C TYR C 161 -31.81 -33.70 -32.82
N ASN C 162 -33.07 -33.36 -32.60
CA ASN C 162 -34.09 -34.34 -32.14
C ASN C 162 -34.32 -35.36 -33.26
N THR C 163 -34.45 -36.63 -32.89
CA THR C 163 -34.66 -37.75 -33.85
C THR C 163 -35.34 -38.93 -33.17
N ASN C 164 -36.17 -39.65 -33.95
CA ASN C 164 -36.79 -40.94 -33.57
C ASN C 164 -35.67 -41.98 -33.48
N TYR C 165 -34.55 -41.74 -34.16
CA TYR C 165 -33.48 -42.75 -34.36
C TYR C 165 -32.12 -42.09 -34.22
N PRO C 166 -31.65 -41.89 -32.98
CA PRO C 166 -30.25 -41.54 -32.75
C PRO C 166 -29.39 -42.80 -32.73
N GLN C 167 -28.10 -42.68 -33.01
CA GLN C 167 -27.14 -43.80 -32.84
C GLN C 167 -25.75 -43.22 -32.59
N PRO C 168 -25.07 -43.66 -31.50
CA PRO C 168 -23.76 -43.12 -31.14
C PRO C 168 -22.65 -43.72 -32.02
N THR C 169 -22.74 -43.44 -33.31
CA THR C 169 -21.82 -43.92 -34.36
C THR C 169 -21.55 -42.75 -35.30
N TRP C 170 -20.29 -42.53 -35.68
CA TRP C 170 -19.97 -41.56 -36.74
C TRP C 170 -18.98 -42.15 -37.73
N LEU C 171 -19.05 -41.65 -38.96
CA LEU C 171 -18.05 -41.89 -40.02
C LEU C 171 -17.30 -40.56 -40.17
N SER C 172 -15.98 -40.61 -40.15
CA SER C 172 -15.08 -39.42 -40.28
C SER C 172 -14.53 -39.38 -41.69
N SER C 173 -14.36 -38.18 -42.24
CA SER C 173 -13.73 -37.97 -43.58
C SER C 173 -12.25 -38.39 -43.52
N ARG C 174 -11.68 -38.65 -42.34
CA ARG C 174 -10.34 -39.25 -42.19
C ARG C 174 -10.40 -40.79 -42.40
N LYS C 175 -11.53 -41.36 -42.84
CA LYS C 175 -11.68 -42.79 -43.24
C LYS C 175 -11.56 -43.70 -42.02
N TYR C 176 -12.31 -43.40 -40.99
CA TYR C 176 -12.59 -44.36 -39.91
C TYR C 176 -14.01 -44.09 -39.43
N ALA C 177 -14.65 -45.09 -38.82
CA ALA C 177 -15.89 -44.96 -38.06
C ALA C 177 -15.61 -45.27 -36.62
N LEU C 178 -16.37 -44.66 -35.75
CA LEU C 178 -16.35 -44.88 -34.28
C LEU C 178 -17.77 -45.29 -33.87
N HIS C 179 -17.89 -46.30 -33.04
CA HIS C 179 -19.18 -46.74 -32.44
C HIS C 179 -19.00 -46.86 -30.93
N VAL C 180 -19.90 -46.26 -30.17
CA VAL C 180 -19.96 -46.37 -28.69
C VAL C 180 -21.02 -47.43 -28.36
N GLU C 181 -20.62 -48.53 -27.69
CA GLU C 181 -21.55 -49.56 -27.19
C GLU C 181 -22.10 -49.06 -25.85
N THR C 182 -23.21 -48.34 -25.90
CA THR C 182 -24.01 -47.91 -24.73
C THR C 182 -25.44 -47.64 -25.23
N SER C 183 -26.40 -47.73 -24.32
CA SER C 183 -27.78 -47.26 -24.54
C SER C 183 -28.06 -46.03 -23.65
N ALA C 184 -27.07 -45.57 -22.90
CA ALA C 184 -27.24 -44.36 -22.06
C ALA C 184 -27.33 -43.14 -22.99
N TYR C 185 -27.93 -42.08 -22.47
CA TYR C 185 -27.84 -40.72 -23.04
C TYR C 185 -26.38 -40.43 -23.35
N SER C 186 -26.15 -39.84 -24.51
CA SER C 186 -24.82 -39.41 -24.95
C SER C 186 -24.95 -38.16 -25.82
N VAL C 187 -23.86 -37.42 -25.99
CA VAL C 187 -23.80 -36.21 -26.86
C VAL C 187 -22.53 -36.30 -27.69
N PHE C 188 -22.65 -36.10 -29.00
CA PHE C 188 -21.52 -35.84 -29.90
C PHE C 188 -21.34 -34.33 -29.99
N ASP C 189 -20.21 -33.82 -29.47
CA ASP C 189 -19.88 -32.37 -29.49
C ASP C 189 -18.82 -32.13 -30.56
N PHE C 190 -19.22 -31.61 -31.71
CA PHE C 190 -18.33 -31.34 -32.86
C PHE C 190 -18.03 -29.84 -33.02
N ARG C 191 -18.06 -29.06 -31.93
CA ARG C 191 -17.92 -27.58 -32.00
C ARG C 191 -16.43 -27.15 -32.08
N ASN C 192 -15.45 -28.01 -31.77
CA ASN C 192 -14.03 -27.58 -31.62
C ASN C 192 -13.21 -28.06 -32.82
N GLY C 193 -12.27 -27.23 -33.28
CA GLY C 193 -11.46 -27.48 -34.48
C GLY C 193 -10.53 -28.68 -34.34
N ASP C 194 -10.00 -28.92 -33.14
CA ASP C 194 -8.84 -29.81 -32.91
C ASP C 194 -9.29 -31.17 -32.32
N PHE C 195 -10.52 -31.27 -31.84
CA PHE C 195 -11.03 -32.52 -31.24
C PHE C 195 -12.55 -32.58 -31.33
N HIS C 196 -13.05 -33.82 -31.44
CA HIS C 196 -14.46 -34.19 -31.19
C HIS C 196 -14.54 -34.58 -29.72
N GLU C 197 -15.64 -34.25 -29.05
CA GLU C 197 -15.87 -34.71 -27.67
C GLU C 197 -17.15 -35.54 -27.64
N ILE C 198 -17.06 -36.73 -27.04
CA ILE C 198 -18.22 -37.60 -26.72
C ILE C 198 -18.47 -37.47 -25.24
N GLU C 199 -19.71 -37.15 -24.88
CA GLU C 199 -20.23 -37.19 -23.50
C GLU C 199 -21.14 -38.41 -23.36
N ILE C 200 -20.99 -39.19 -22.30
CA ILE C 200 -21.82 -40.40 -22.02
C ILE C 200 -22.24 -40.31 -20.55
N TRP C 201 -23.52 -40.49 -20.27
CA TRP C 201 -24.06 -40.54 -18.89
C TRP C 201 -23.95 -41.99 -18.39
N ALA C 202 -22.77 -42.56 -18.58
CA ALA C 202 -22.36 -43.90 -18.09
C ALA C 202 -20.90 -44.11 -18.53
N VAL C 203 -20.26 -45.18 -18.02
CA VAL C 203 -19.02 -45.70 -18.63
C VAL C 203 -19.44 -46.79 -19.60
N PRO C 204 -19.29 -46.59 -20.92
CA PRO C 204 -19.69 -47.61 -21.88
C PRO C 204 -18.77 -48.85 -21.76
N GLU C 205 -19.31 -50.05 -22.02
CA GLU C 205 -18.53 -51.32 -22.04
C GLU C 205 -17.35 -51.16 -23.02
N LYS C 206 -17.55 -50.61 -24.23
CA LYS C 206 -16.45 -50.48 -25.23
C LYS C 206 -16.73 -49.41 -26.28
N ILE C 207 -15.67 -48.99 -26.98
CA ILE C 207 -15.72 -48.10 -28.16
C ILE C 207 -15.01 -48.85 -29.29
N GLU C 208 -15.70 -49.03 -30.41
CA GLU C 208 -15.25 -49.92 -31.52
C GLU C 208 -14.88 -49.04 -32.69
N PHE C 209 -13.90 -49.45 -33.48
CA PHE C 209 -13.32 -48.67 -34.60
C PHE C 209 -13.38 -49.50 -35.86
N PHE C 210 -13.57 -48.84 -37.00
CA PHE C 210 -13.61 -49.45 -38.35
C PHE C 210 -12.80 -48.57 -39.27
N ALA C 211 -11.92 -49.13 -40.08
CA ALA C 211 -11.08 -48.36 -41.03
C ALA C 211 -11.11 -49.08 -42.37
N GLY C 212 -10.71 -48.39 -43.43
CA GLY C 212 -10.68 -48.97 -44.78
C GLY C 212 -10.11 -47.96 -45.75
N ASP C 213 -9.85 -48.39 -46.98
CA ASP C 213 -9.23 -47.51 -48.00
C ASP C 213 -10.30 -46.60 -48.59
N SER C 214 -11.57 -46.97 -48.47
CA SER C 214 -12.72 -46.22 -49.05
C SER C 214 -13.85 -46.11 -48.04
N PHE C 215 -14.70 -45.09 -48.20
CA PHE C 215 -15.91 -44.89 -47.38
C PHE C 215 -16.85 -46.09 -47.58
N ALA C 216 -16.99 -46.54 -48.83
CA ALA C 216 -17.81 -47.71 -49.22
C ALA C 216 -17.42 -48.91 -48.35
N ASP C 217 -16.12 -49.17 -48.17
CA ASP C 217 -15.61 -50.34 -47.40
C ASP C 217 -15.94 -50.15 -45.93
N ILE C 218 -15.86 -48.95 -45.39
CA ILE C 218 -16.22 -48.70 -43.96
C ILE C 218 -17.73 -48.90 -43.78
N VAL C 219 -18.53 -48.44 -44.72
CA VAL C 219 -20.01 -48.67 -44.62
C VAL C 219 -20.29 -50.19 -44.66
N SER C 220 -19.64 -50.94 -45.56
CA SER C 220 -19.73 -52.42 -45.63
C SER C 220 -19.41 -53.02 -44.28
N ALA C 221 -18.33 -52.61 -43.64
CA ALA C 221 -17.88 -53.14 -42.32
C ALA C 221 -18.86 -52.75 -41.23
N LEU C 222 -19.40 -51.53 -41.23
CA LEU C 222 -20.43 -51.13 -40.24
C LEU C 222 -21.69 -51.99 -40.42
N SER C 223 -22.14 -52.19 -41.66
CA SER C 223 -23.40 -52.92 -41.94
C SER C 223 -23.25 -54.38 -41.49
N LEU C 224 -22.08 -54.96 -41.66
CA LEU C 224 -21.78 -56.33 -41.19
C LEU C 224 -21.86 -56.38 -39.66
N HIS C 225 -21.38 -55.34 -38.98
CA HIS C 225 -21.36 -55.30 -37.50
C HIS C 225 -22.79 -55.12 -36.94
N PHE C 226 -23.62 -54.26 -37.54
CA PHE C 226 -24.99 -54.00 -37.02
C PHE C 226 -25.98 -55.05 -37.55
N GLY C 227 -25.69 -55.65 -38.71
CA GLY C 227 -26.57 -56.61 -39.38
C GLY C 227 -27.21 -55.97 -40.59
N ARG C 228 -27.33 -56.71 -41.68
CA ARG C 228 -27.95 -56.24 -42.95
C ARG C 228 -29.43 -56.67 -43.01
N GLN C 229 -30.16 -56.07 -43.94
CA GLN C 229 -31.59 -56.31 -44.15
C GLN C 229 -31.73 -57.35 -45.25
N PRO C 230 -32.88 -58.06 -45.30
CA PRO C 230 -33.18 -58.91 -46.45
C PRO C 230 -33.33 -58.01 -47.68
N GLU C 231 -33.23 -58.60 -48.86
CA GLU C 231 -33.68 -57.96 -50.12
C GLU C 231 -35.15 -57.55 -50.00
N LEU C 232 -35.54 -56.50 -50.70
CA LEU C 232 -36.97 -56.07 -50.75
C LEU C 232 -37.78 -57.23 -51.33
N PRO C 233 -39.00 -57.49 -50.82
CA PRO C 233 -39.88 -58.51 -51.39
C PRO C 233 -40.27 -58.15 -52.82
N ASP C 234 -40.46 -59.16 -53.66
CA ASP C 234 -40.82 -58.97 -55.10
C ASP C 234 -42.13 -58.16 -55.26
N TRP C 235 -43.09 -58.31 -54.37
CA TRP C 235 -44.43 -57.67 -54.55
C TRP C 235 -44.33 -56.13 -54.47
N VAL C 236 -43.34 -55.59 -53.75
CA VAL C 236 -43.13 -54.11 -53.58
C VAL C 236 -42.98 -53.47 -54.96
N TYR C 237 -42.34 -54.15 -55.91
CA TYR C 237 -41.99 -53.62 -57.25
C TYR C 237 -43.24 -53.43 -58.11
N ASN C 238 -44.41 -53.89 -57.67
CA ASN C 238 -45.66 -53.78 -58.45
C ASN C 238 -46.19 -52.33 -58.45
N GLY C 239 -45.73 -51.49 -57.52
CA GLY C 239 -46.13 -50.07 -57.50
C GLY C 239 -46.23 -49.51 -56.10
N ALA C 240 -47.09 -48.50 -55.93
CA ALA C 240 -47.16 -47.70 -54.70
C ALA C 240 -48.05 -48.44 -53.68
N ILE C 241 -47.73 -48.23 -52.42
CA ILE C 241 -48.59 -48.59 -51.28
C ILE C 241 -49.50 -47.39 -51.03
N ILE C 242 -50.80 -47.53 -51.29
CA ILE C 242 -51.78 -46.44 -51.10
C ILE C 242 -52.23 -46.44 -49.63
N GLY C 243 -51.93 -45.36 -48.92
CA GLY C 243 -52.39 -45.13 -47.53
C GLY C 243 -53.75 -44.46 -47.48
N LEU C 244 -54.74 -45.13 -46.90
CA LEU C 244 -56.10 -44.61 -46.71
C LEU C 244 -56.56 -45.03 -45.33
N LYS C 245 -57.29 -44.17 -44.63
CA LYS C 245 -57.81 -44.44 -43.28
C LYS C 245 -59.29 -44.05 -43.26
N ASP C 246 -60.02 -44.44 -44.32
CA ASP C 246 -61.41 -43.99 -44.58
C ASP C 246 -62.39 -45.16 -44.44
N GLY C 247 -62.07 -46.16 -43.62
CA GLY C 247 -62.94 -47.33 -43.41
C GLY C 247 -63.34 -47.97 -44.73
N VAL C 248 -64.61 -48.36 -44.85
CA VAL C 248 -65.14 -49.06 -46.05
C VAL C 248 -64.98 -48.17 -47.27
N ASN C 249 -65.08 -46.86 -47.10
CA ASN C 249 -64.87 -45.91 -48.23
C ASN C 249 -63.43 -45.99 -48.80
N SER C 250 -62.46 -46.58 -48.09
CA SER C 250 -61.06 -46.72 -48.57
C SER C 250 -61.07 -47.46 -49.90
N PHE C 251 -61.93 -48.49 -50.02
CA PHE C 251 -61.97 -49.39 -51.21
C PHE C 251 -62.47 -48.64 -52.45
N ALA C 252 -63.49 -47.82 -52.31
CA ALA C 252 -64.03 -47.03 -53.44
C ALA C 252 -62.97 -46.02 -53.88
N ARG C 253 -62.22 -45.45 -52.94
CA ARG C 253 -61.18 -44.43 -53.26
C ARG C 253 -60.01 -45.16 -53.93
N LEU C 254 -59.66 -46.37 -53.48
CA LEU C 254 -58.61 -47.17 -54.17
C LEU C 254 -59.01 -47.40 -55.63
N GLU C 255 -60.29 -47.72 -55.90
CA GLU C 255 -60.76 -48.01 -57.28
C GLU C 255 -60.53 -46.77 -58.16
N LYS C 256 -60.88 -45.56 -57.68
CA LYS C 256 -60.69 -44.28 -58.43
C LYS C 256 -59.19 -44.07 -58.71
N ILE C 257 -58.32 -44.36 -57.74
CA ILE C 257 -56.83 -44.23 -57.90
C ILE C 257 -56.36 -45.19 -58.99
N ARG C 258 -56.85 -46.43 -58.95
CA ARG C 258 -56.49 -47.47 -59.96
C ARG C 258 -57.03 -47.09 -61.34
N ALA C 259 -58.23 -46.51 -61.43
CA ALA C 259 -58.87 -46.14 -62.72
C ALA C 259 -58.02 -45.10 -63.46
N ALA C 260 -57.20 -44.33 -62.75
CA ALA C 260 -56.34 -43.32 -63.40
C ALA C 260 -55.06 -43.94 -63.98
N GLY C 261 -54.86 -45.23 -63.79
CA GLY C 261 -53.68 -45.95 -64.32
C GLY C 261 -52.58 -46.11 -63.26
N THR C 262 -52.84 -45.73 -62.01
CA THR C 262 -51.86 -45.88 -60.91
C THR C 262 -51.44 -47.34 -60.78
N LYS C 263 -50.14 -47.58 -60.65
CA LYS C 263 -49.61 -48.92 -60.34
C LYS C 263 -49.59 -49.06 -58.81
N VAL C 264 -50.30 -50.09 -58.31
CA VAL C 264 -50.55 -50.27 -56.86
C VAL C 264 -50.01 -51.64 -56.45
N SER C 265 -49.09 -51.68 -55.48
CA SER C 265 -48.57 -52.93 -54.89
C SER C 265 -49.41 -53.32 -53.66
N GLY C 266 -49.99 -52.34 -52.97
CA GLY C 266 -50.54 -52.56 -51.63
C GLY C 266 -51.52 -51.47 -51.24
N LEU C 267 -52.49 -51.85 -50.40
CA LEU C 267 -53.41 -50.93 -49.71
C LEU C 267 -53.00 -50.98 -48.25
N TRP C 268 -52.69 -49.82 -47.67
CA TRP C 268 -52.25 -49.71 -46.26
C TRP C 268 -53.30 -48.91 -45.52
N CYS C 269 -54.01 -49.59 -44.62
CA CYS C 269 -55.13 -49.03 -43.83
C CYS C 269 -54.74 -49.07 -42.37
N GLU C 270 -54.15 -47.99 -41.87
CA GLU C 270 -53.69 -47.91 -40.47
C GLU C 270 -54.92 -47.93 -39.55
N ASP C 271 -56.11 -47.54 -40.07
CA ASP C 271 -57.37 -47.58 -39.27
C ASP C 271 -58.00 -48.97 -39.29
N TRP C 272 -57.27 -50.03 -39.65
CA TRP C 272 -57.78 -51.43 -39.61
C TRP C 272 -58.22 -51.76 -38.18
N VAL C 273 -57.67 -51.07 -37.18
CA VAL C 273 -57.99 -51.23 -35.73
C VAL C 273 -59.05 -50.20 -35.28
N GLY C 274 -59.52 -49.33 -36.16
CA GLY C 274 -60.50 -48.28 -35.80
C GLY C 274 -59.85 -46.93 -35.52
N LEU C 275 -60.67 -45.88 -35.44
CA LEU C 275 -60.24 -44.49 -35.18
C LEU C 275 -60.47 -44.14 -33.72
N ARG C 276 -59.69 -43.17 -33.22
CA ARG C 276 -59.96 -42.34 -32.02
C ARG C 276 -59.76 -40.86 -32.34
N GLN C 277 -60.82 -40.05 -32.31
CA GLN C 277 -60.72 -38.58 -32.55
C GLN C 277 -60.17 -37.93 -31.28
N THR C 278 -59.11 -37.13 -31.45
CA THR C 278 -58.55 -36.22 -30.41
C THR C 278 -58.44 -34.83 -31.04
N SER C 279 -58.00 -33.83 -30.28
CA SER C 279 -57.72 -32.46 -30.80
C SER C 279 -56.55 -32.54 -31.76
N PHE C 280 -55.73 -33.59 -31.73
CA PHE C 280 -54.60 -33.76 -32.67
C PHE C 280 -55.15 -34.09 -34.08
N GLY C 281 -56.21 -34.89 -34.13
CA GLY C 281 -56.99 -35.23 -35.33
C GLY C 281 -57.53 -36.65 -35.27
N ALA C 282 -57.57 -37.33 -36.40
CA ALA C 282 -58.08 -38.71 -36.56
C ALA C 282 -56.96 -39.68 -36.21
N ARG C 283 -56.79 -39.99 -34.94
CA ARG C 283 -55.79 -40.97 -34.46
C ARG C 283 -56.40 -42.37 -34.46
N LEU C 284 -55.65 -43.37 -34.06
CA LEU C 284 -56.08 -44.79 -34.17
C LEU C 284 -56.42 -45.35 -32.79
N PHE C 285 -57.26 -46.40 -32.74
CA PHE C 285 -57.63 -47.11 -31.50
C PHE C 285 -56.57 -48.18 -31.25
N TRP C 286 -55.73 -47.99 -30.24
CA TRP C 286 -54.53 -48.83 -30.01
C TRP C 286 -54.90 -50.16 -29.33
N ASP C 287 -55.57 -51.02 -30.09
CA ASP C 287 -55.89 -52.41 -29.69
C ASP C 287 -55.68 -53.29 -30.93
N TRP C 288 -54.66 -54.15 -30.90
CA TRP C 288 -54.03 -54.71 -32.13
C TRP C 288 -54.75 -55.96 -32.64
N GLN C 289 -55.95 -55.76 -33.15
CA GLN C 289 -56.73 -56.78 -33.89
C GLN C 289 -57.67 -56.06 -34.86
N ALA C 290 -58.06 -56.73 -35.94
CA ALA C 290 -58.98 -56.15 -36.96
C ALA C 290 -60.24 -55.68 -36.23
N ASN C 291 -60.73 -54.50 -36.59
CA ASN C 291 -61.92 -53.90 -35.95
C ASN C 291 -63.12 -54.10 -36.89
N ASP C 292 -64.02 -55.02 -36.50
CA ASP C 292 -65.26 -55.42 -37.22
C ASP C 292 -66.22 -54.22 -37.36
N THR C 293 -66.15 -53.24 -36.46
CA THR C 293 -66.92 -51.97 -36.52
C THR C 293 -66.46 -51.13 -37.72
N ARG C 294 -65.17 -50.97 -37.93
CA ARG C 294 -64.61 -50.08 -38.99
C ARG C 294 -64.56 -50.79 -40.36
N TYR C 295 -64.10 -52.05 -40.39
CA TYR C 295 -63.98 -52.91 -41.60
C TYR C 295 -64.69 -54.25 -41.34
N PRO C 296 -66.03 -54.32 -41.55
CA PRO C 296 -66.79 -55.50 -41.13
C PRO C 296 -66.47 -56.76 -41.96
N HIS C 297 -65.90 -56.61 -43.15
CA HIS C 297 -65.61 -57.71 -44.11
C HIS C 297 -64.12 -57.73 -44.46
N LEU C 298 -63.22 -57.43 -43.53
CA LEU C 298 -61.81 -57.15 -43.88
C LEU C 298 -61.16 -58.41 -44.49
N ARG C 299 -61.36 -59.58 -43.90
CA ARG C 299 -60.73 -60.83 -44.39
C ARG C 299 -61.16 -61.05 -45.84
N GLN C 300 -62.43 -60.81 -46.17
CA GLN C 300 -62.95 -61.02 -47.55
C GLN C 300 -62.33 -59.99 -48.51
N LYS C 301 -62.28 -58.73 -48.08
CA LYS C 301 -61.66 -57.64 -48.89
C LYS C 301 -60.16 -57.92 -49.11
N ILE C 302 -59.46 -58.47 -48.12
CA ILE C 302 -58.02 -58.84 -48.29
C ILE C 302 -57.88 -59.88 -49.41
N ALA C 303 -58.75 -60.90 -49.43
CA ALA C 303 -58.69 -61.98 -50.45
C ALA C 303 -59.10 -61.42 -51.82
N GLU C 304 -60.07 -60.50 -51.87
CA GLU C 304 -60.49 -59.84 -53.13
C GLU C 304 -59.31 -59.01 -53.70
N LEU C 305 -58.61 -58.26 -52.85
CA LEU C 305 -57.43 -57.47 -53.30
C LEU C 305 -56.31 -58.40 -53.73
N ALA C 306 -56.11 -59.52 -53.04
CA ALA C 306 -55.06 -60.50 -53.39
C ALA C 306 -55.30 -61.05 -54.80
N ASP C 307 -56.56 -61.32 -55.18
CA ASP C 307 -56.90 -61.81 -56.53
C ASP C 307 -56.57 -60.74 -57.57
N GLN C 308 -56.46 -59.47 -57.20
CA GLN C 308 -56.07 -58.36 -58.13
C GLN C 308 -54.57 -58.07 -58.08
N GLY C 309 -53.78 -58.85 -57.33
CA GLY C 309 -52.32 -58.64 -57.17
C GLY C 309 -51.96 -57.48 -56.23
N ILE C 310 -52.84 -57.15 -55.29
CA ILE C 310 -52.66 -56.04 -54.31
C ILE C 310 -52.59 -56.61 -52.89
N ARG C 311 -51.49 -56.39 -52.20
CA ARG C 311 -51.34 -56.85 -50.79
C ARG C 311 -52.08 -55.88 -49.89
N PHE C 312 -52.22 -56.23 -48.62
CA PHE C 312 -52.87 -55.38 -47.60
C PHE C 312 -51.91 -55.23 -46.43
N LEU C 313 -51.77 -53.99 -45.93
CA LEU C 313 -50.84 -53.63 -44.81
C LEU C 313 -51.65 -52.94 -43.71
N GLY C 314 -51.21 -53.12 -42.47
CA GLY C 314 -51.86 -52.51 -41.31
C GLY C 314 -50.88 -51.69 -40.50
N TYR C 315 -51.08 -51.72 -39.19
CA TYR C 315 -50.48 -50.78 -38.21
C TYR C 315 -50.46 -51.48 -36.87
N VAL C 316 -49.37 -51.34 -36.15
CA VAL C 316 -49.23 -51.80 -34.75
C VAL C 316 -48.18 -50.91 -34.08
N ASN C 317 -48.27 -50.78 -32.79
CA ASN C 317 -47.24 -50.11 -31.97
C ASN C 317 -47.21 -50.88 -30.65
N PRO C 318 -46.17 -50.65 -29.82
CA PRO C 318 -45.90 -51.50 -28.67
C PRO C 318 -46.61 -51.09 -27.36
N TYR C 319 -47.68 -50.30 -27.47
CA TYR C 319 -48.45 -49.78 -26.31
C TYR C 319 -49.88 -50.32 -26.41
N LEU C 320 -50.63 -50.38 -25.31
CA LEU C 320 -52.05 -50.79 -25.30
C LEU C 320 -52.86 -49.76 -24.52
N CYS C 321 -53.94 -49.26 -25.09
CA CYS C 321 -54.79 -48.23 -24.45
C CYS C 321 -55.70 -48.91 -23.40
N VAL C 322 -56.00 -48.19 -22.33
CA VAL C 322 -56.74 -48.68 -21.13
C VAL C 322 -58.16 -49.12 -21.51
N ASP C 323 -58.76 -48.53 -22.53
CA ASP C 323 -60.17 -48.78 -22.94
C ASP C 323 -60.24 -49.90 -24.01
N GLY C 324 -59.13 -50.57 -24.31
CA GLY C 324 -59.11 -51.70 -25.28
C GLY C 324 -59.26 -53.07 -24.62
N PRO C 325 -59.87 -54.06 -25.29
CA PRO C 325 -60.05 -55.38 -24.69
C PRO C 325 -58.77 -56.17 -24.43
N LEU C 326 -57.64 -55.88 -25.11
CA LEU C 326 -56.34 -56.58 -24.83
C LEU C 326 -55.76 -56.11 -23.50
N PHE C 327 -55.98 -54.86 -23.10
CA PHE C 327 -55.29 -54.23 -21.95
C PHE C 327 -55.47 -55.08 -20.69
N PRO C 328 -56.72 -55.41 -20.27
CA PRO C 328 -56.93 -56.15 -19.02
C PRO C 328 -56.27 -57.54 -19.00
N VAL C 329 -56.25 -58.20 -20.15
CA VAL C 329 -55.62 -59.55 -20.29
C VAL C 329 -54.12 -59.38 -20.04
N ALA C 330 -53.51 -58.37 -20.65
CA ALA C 330 -52.04 -58.13 -20.52
C ALA C 330 -51.71 -57.71 -19.09
N GLU C 331 -52.56 -56.87 -18.48
CA GLU C 331 -52.37 -56.40 -17.07
C GLU C 331 -52.40 -57.61 -16.13
N SER C 332 -53.37 -58.51 -16.32
CA SER C 332 -53.55 -59.73 -15.49
C SER C 332 -52.32 -60.65 -15.60
N ALA C 333 -51.74 -60.79 -16.81
CA ALA C 333 -50.54 -61.63 -17.07
C ALA C 333 -49.25 -60.95 -16.57
N GLY C 334 -49.30 -59.67 -16.19
CA GLY C 334 -48.11 -58.90 -15.73
C GLY C 334 -47.19 -58.53 -16.88
N TYR C 335 -47.75 -58.12 -18.01
CA TYR C 335 -46.97 -57.83 -19.25
C TYR C 335 -46.65 -56.33 -19.40
N PHE C 336 -47.05 -55.49 -18.44
CA PHE C 336 -46.82 -54.02 -18.49
C PHE C 336 -45.65 -53.58 -17.60
N ALA C 337 -44.93 -52.55 -18.05
CA ALA C 337 -43.99 -51.77 -17.21
C ALA C 337 -44.76 -51.15 -16.04
N THR C 338 -44.14 -51.05 -14.88
CA THR C 338 -44.82 -50.72 -13.59
C THR C 338 -44.26 -49.40 -13.05
N ASP C 339 -45.02 -48.70 -12.21
CA ASP C 339 -44.56 -47.48 -11.48
C ASP C 339 -43.85 -47.92 -10.20
N VAL C 340 -43.46 -46.98 -9.35
CA VAL C 340 -42.68 -47.26 -8.11
C VAL C 340 -43.50 -48.17 -7.17
N ASP C 341 -44.84 -48.01 -7.12
CA ASP C 341 -45.77 -48.79 -6.24
C ASP C 341 -46.20 -50.13 -6.88
N GLY C 342 -45.62 -50.55 -8.01
CA GLY C 342 -45.89 -51.86 -8.64
C GLY C 342 -47.17 -51.89 -9.49
N LYS C 343 -47.90 -50.78 -9.59
CA LYS C 343 -49.10 -50.66 -10.47
C LYS C 343 -48.63 -50.49 -11.93
N THR C 344 -49.49 -50.87 -12.88
CA THR C 344 -49.31 -50.58 -14.33
C THR C 344 -49.02 -49.08 -14.51
N ALA C 345 -47.86 -48.73 -15.08
CA ALA C 345 -47.50 -47.33 -15.41
C ALA C 345 -48.29 -46.91 -16.66
N LEU C 346 -49.08 -45.85 -16.51
CA LEU C 346 -49.91 -45.29 -17.59
C LEU C 346 -49.20 -44.06 -18.13
N VAL C 347 -49.09 -43.97 -19.44
CA VAL C 347 -48.42 -42.84 -20.14
C VAL C 347 -49.50 -42.09 -20.90
N ASP C 348 -49.49 -40.77 -20.84
CA ASP C 348 -50.40 -39.89 -21.63
C ASP C 348 -49.81 -39.72 -23.04
N PHE C 349 -50.49 -40.25 -24.05
CA PHE C 349 -50.08 -40.17 -25.48
C PHE C 349 -50.77 -38.99 -26.17
N GLY C 350 -51.69 -38.32 -25.48
CA GLY C 350 -52.40 -37.13 -25.95
C GLY C 350 -53.92 -37.29 -25.84
N GLU C 351 -54.45 -37.16 -24.61
CA GLU C 351 -55.89 -37.24 -24.27
C GLU C 351 -56.34 -38.72 -24.21
N PHE C 352 -55.40 -39.67 -24.20
CA PHE C 352 -55.65 -41.09 -23.88
C PHE C 352 -54.42 -41.69 -23.21
N ASP C 353 -54.67 -42.65 -22.31
CA ASP C 353 -53.64 -43.33 -21.47
C ASP C 353 -53.42 -44.76 -21.99
N CYS C 354 -52.17 -45.22 -21.99
CA CYS C 354 -51.78 -46.56 -22.50
C CYS C 354 -50.72 -47.14 -21.58
N GLY C 355 -50.70 -48.47 -21.49
CA GLY C 355 -49.60 -49.22 -20.87
C GLY C 355 -48.50 -49.50 -21.87
N VAL C 356 -47.29 -49.70 -21.36
CA VAL C 356 -46.07 -50.04 -22.13
C VAL C 356 -45.82 -51.55 -21.99
N VAL C 357 -45.97 -52.32 -23.05
CA VAL C 357 -45.70 -53.78 -23.02
C VAL C 357 -44.20 -53.98 -22.71
N ASP C 358 -43.88 -54.67 -21.63
CA ASP C 358 -42.50 -54.73 -21.11
C ASP C 358 -41.71 -55.80 -21.87
N PHE C 359 -41.02 -55.45 -22.94
CA PHE C 359 -40.27 -56.43 -23.77
C PHE C 359 -39.07 -57.00 -23.02
N THR C 360 -38.74 -56.53 -21.82
CA THR C 360 -37.66 -57.15 -20.98
C THR C 360 -38.20 -58.42 -20.29
N ASN C 361 -39.52 -58.56 -20.21
CA ASN C 361 -40.24 -59.78 -19.75
C ASN C 361 -40.38 -60.74 -20.94
N PRO C 362 -39.65 -61.88 -20.96
CA PRO C 362 -39.68 -62.78 -22.12
C PRO C 362 -41.08 -63.28 -22.50
N ALA C 363 -41.94 -63.50 -21.50
CA ALA C 363 -43.33 -63.95 -21.72
C ALA C 363 -44.11 -62.85 -22.46
N ALA C 364 -43.88 -61.58 -22.12
CA ALA C 364 -44.56 -60.41 -22.73
C ALA C 364 -44.09 -60.28 -24.18
N ALA C 365 -42.78 -60.40 -24.42
CA ALA C 365 -42.16 -60.35 -25.76
C ALA C 365 -42.69 -61.50 -26.63
N ASP C 366 -42.74 -62.71 -26.07
CA ASP C 366 -43.24 -63.91 -26.79
C ASP C 366 -44.73 -63.74 -27.07
N TRP C 367 -45.49 -63.29 -26.09
CA TRP C 367 -46.95 -63.05 -26.29
C TRP C 367 -47.16 -62.07 -27.46
N PHE C 368 -46.43 -60.95 -27.47
CA PHE C 368 -46.67 -59.88 -28.49
C PHE C 368 -46.36 -60.47 -29.88
N ALA C 369 -45.25 -61.17 -30.00
CA ALA C 369 -44.80 -61.81 -31.26
C ALA C 369 -45.81 -62.85 -31.74
N ALA C 370 -46.29 -63.72 -30.85
CA ALA C 370 -47.13 -64.88 -31.26
C ALA C 370 -48.58 -64.45 -31.43
N ALA C 371 -49.16 -63.76 -30.45
CA ALA C 371 -50.62 -63.40 -30.48
C ALA C 371 -50.90 -62.23 -31.41
N ILE C 372 -50.06 -61.20 -31.49
CA ILE C 372 -50.38 -59.97 -32.24
C ILE C 372 -49.71 -60.00 -33.61
N ILE C 373 -48.39 -60.06 -33.68
CA ILE C 373 -47.69 -60.10 -34.99
C ILE C 373 -48.09 -61.39 -35.73
N GLY C 374 -48.02 -62.54 -35.04
CA GLY C 374 -48.33 -63.86 -35.65
C GLY C 374 -49.80 -64.04 -35.99
N LYS C 375 -50.65 -64.16 -34.97
CA LYS C 375 -52.09 -64.53 -35.13
C LYS C 375 -52.87 -63.34 -35.69
N ASN C 376 -52.82 -62.15 -35.07
CA ASN C 376 -53.75 -61.03 -35.41
C ASN C 376 -53.32 -60.32 -36.69
N MET C 377 -52.04 -60.44 -37.10
CA MET C 377 -51.56 -59.69 -38.28
C MET C 377 -51.22 -60.63 -39.44
N LEU C 378 -50.14 -61.41 -39.32
CA LEU C 378 -49.69 -62.29 -40.43
C LEU C 378 -50.74 -63.36 -40.79
N ASP C 379 -51.24 -64.09 -39.80
CA ASP C 379 -52.25 -65.16 -40.08
C ASP C 379 -53.57 -64.53 -40.57
N PHE C 380 -53.85 -63.26 -40.24
CA PHE C 380 -55.06 -62.54 -40.73
C PHE C 380 -54.92 -62.21 -42.23
N GLY C 381 -53.69 -62.18 -42.76
CA GLY C 381 -53.39 -61.95 -44.19
C GLY C 381 -52.68 -60.61 -44.48
N LEU C 382 -52.15 -59.93 -43.45
CA LEU C 382 -51.33 -58.71 -43.69
C LEU C 382 -49.98 -59.15 -44.28
N SER C 383 -49.53 -58.50 -45.36
CA SER C 383 -48.18 -58.68 -45.96
C SER C 383 -47.18 -57.70 -45.33
N GLY C 384 -47.66 -56.82 -44.45
CA GLY C 384 -46.81 -55.79 -43.86
C GLY C 384 -47.60 -54.78 -43.05
N TRP C 385 -46.89 -53.85 -42.44
CA TRP C 385 -47.49 -52.86 -41.52
C TRP C 385 -46.46 -51.79 -41.17
N MET C 386 -46.98 -50.64 -40.79
CA MET C 386 -46.27 -49.63 -39.98
C MET C 386 -46.04 -50.24 -38.60
N ALA C 387 -44.78 -50.36 -38.17
CA ALA C 387 -44.40 -50.73 -36.79
C ALA C 387 -43.95 -49.45 -36.09
N ASP C 388 -44.87 -48.77 -35.43
CA ASP C 388 -44.76 -47.36 -35.05
C ASP C 388 -44.18 -47.23 -33.62
N PHE C 389 -43.78 -46.03 -33.25
CA PHE C 389 -43.38 -45.62 -31.88
C PHE C 389 -42.15 -46.42 -31.43
N GLY C 390 -41.95 -46.48 -30.12
CA GLY C 390 -40.72 -47.04 -29.52
C GLY C 390 -39.89 -45.98 -28.79
N GLU C 391 -40.31 -44.70 -28.79
CA GLU C 391 -39.44 -43.62 -28.28
C GLU C 391 -40.02 -42.99 -27.02
N TYR C 392 -41.06 -43.57 -26.42
CA TYR C 392 -41.81 -42.91 -25.32
C TYR C 392 -41.51 -43.54 -23.95
N LEU C 393 -40.38 -44.20 -23.73
CA LEU C 393 -40.15 -44.80 -22.38
C LEU C 393 -39.72 -43.71 -21.40
N PRO C 394 -40.55 -43.37 -20.39
CA PRO C 394 -40.15 -42.38 -19.38
C PRO C 394 -39.13 -43.00 -18.41
N ILE C 395 -38.28 -42.20 -17.79
CA ILE C 395 -37.12 -42.73 -17.01
C ILE C 395 -37.55 -43.09 -15.57
N ASP C 396 -38.80 -42.85 -15.18
CA ASP C 396 -39.30 -43.09 -13.80
C ASP C 396 -40.11 -44.40 -13.72
N ILE C 397 -40.09 -45.26 -14.76
CA ILE C 397 -40.83 -46.57 -14.69
C ILE C 397 -39.86 -47.72 -14.47
N LYS C 398 -40.42 -48.86 -14.05
CA LYS C 398 -39.66 -50.05 -13.59
C LYS C 398 -39.89 -51.16 -14.64
N LEU C 399 -38.82 -51.83 -15.01
CA LEU C 399 -38.83 -52.90 -16.01
C LEU C 399 -38.50 -54.22 -15.32
N SER C 400 -39.14 -55.29 -15.79
CA SER C 400 -39.05 -56.69 -15.30
C SER C 400 -37.56 -57.08 -15.14
N ASN C 401 -36.66 -56.74 -16.08
CA ASN C 401 -35.23 -57.14 -16.00
C ASN C 401 -34.44 -56.32 -14.95
N GLY C 402 -35.07 -55.38 -14.24
CA GLY C 402 -34.42 -54.56 -13.19
C GLY C 402 -33.40 -53.54 -13.74
N VAL C 403 -33.25 -53.38 -15.06
CA VAL C 403 -32.30 -52.37 -15.63
C VAL C 403 -32.99 -51.00 -15.57
N ASP C 404 -32.26 -49.97 -15.17
CA ASP C 404 -32.79 -48.58 -15.04
C ASP C 404 -33.39 -48.13 -16.38
N ALA C 405 -34.55 -47.50 -16.35
CA ALA C 405 -35.22 -46.94 -17.56
C ALA C 405 -34.30 -45.96 -18.27
N LYS C 406 -33.37 -45.31 -17.54
CA LYS C 406 -32.30 -44.45 -18.12
C LYS C 406 -31.44 -45.22 -19.12
N LEU C 407 -31.30 -46.54 -18.96
CA LEU C 407 -30.52 -47.39 -19.92
C LEU C 407 -31.46 -48.10 -20.90
N MET C 408 -32.72 -48.35 -20.53
CA MET C 408 -33.65 -49.11 -21.41
C MET C 408 -34.31 -48.17 -22.44
N HIS C 409 -34.37 -46.86 -22.17
CA HIS C 409 -35.06 -45.89 -23.04
C HIS C 409 -34.55 -46.02 -24.48
N ASN C 410 -33.25 -45.85 -24.70
CA ASN C 410 -32.67 -45.93 -26.06
C ASN C 410 -32.71 -47.36 -26.60
N ALA C 411 -32.74 -48.39 -25.75
CA ALA C 411 -32.72 -49.82 -26.21
C ALA C 411 -34.11 -50.20 -26.72
N TRP C 412 -35.16 -49.44 -26.37
CA TRP C 412 -36.56 -49.84 -26.64
C TRP C 412 -36.82 -50.06 -28.14
N PRO C 413 -36.41 -49.16 -29.05
CA PRO C 413 -36.69 -49.36 -30.47
C PRO C 413 -36.13 -50.69 -31.02
N THR C 414 -34.95 -51.08 -30.54
CA THR C 414 -34.26 -52.32 -30.97
C THR C 414 -35.04 -53.53 -30.45
N LEU C 415 -35.51 -53.51 -29.19
CA LEU C 415 -36.36 -54.60 -28.63
C LEU C 415 -37.66 -54.69 -29.42
N TRP C 416 -38.23 -53.54 -29.79
CA TRP C 416 -39.51 -53.46 -30.53
C TRP C 416 -39.30 -54.03 -31.95
N ALA C 417 -38.16 -53.70 -32.54
CA ALA C 417 -37.81 -54.21 -33.89
C ALA C 417 -37.72 -55.75 -33.83
N GLU C 418 -37.14 -56.27 -32.77
CA GLU C 418 -36.87 -57.72 -32.59
C GLU C 418 -38.21 -58.46 -32.45
N VAL C 419 -39.14 -57.92 -31.67
CA VAL C 419 -40.50 -58.50 -31.54
C VAL C 419 -41.12 -58.65 -32.93
N ASN C 420 -41.06 -57.61 -33.76
CA ASN C 420 -41.65 -57.63 -35.12
C ASN C 420 -40.96 -58.73 -35.91
N ALA C 421 -39.63 -58.74 -35.88
CA ALA C 421 -38.80 -59.66 -36.70
C ALA C 421 -39.09 -61.11 -36.26
N LYS C 422 -39.20 -61.37 -34.97
CA LYS C 422 -39.47 -62.74 -34.45
C LYS C 422 -40.84 -63.23 -34.92
N GLY C 423 -41.88 -62.40 -34.86
CA GLY C 423 -43.22 -62.75 -35.36
C GLY C 423 -43.15 -63.11 -36.81
N VAL C 424 -42.46 -62.31 -37.60
CA VAL C 424 -42.26 -62.52 -39.07
C VAL C 424 -41.54 -63.86 -39.27
N GLU C 425 -40.49 -64.12 -38.51
CA GLU C 425 -39.62 -65.32 -38.69
C GLU C 425 -40.46 -66.57 -38.36
N SER C 426 -41.32 -66.49 -37.36
CA SER C 426 -42.16 -67.62 -36.86
C SER C 426 -43.14 -68.08 -37.96
N ARG C 427 -43.41 -67.27 -38.98
CA ARG C 427 -44.31 -67.61 -40.11
C ARG C 427 -43.48 -67.87 -41.37
N GLY C 428 -42.15 -67.92 -41.27
CA GLY C 428 -41.25 -68.12 -42.42
C GLY C 428 -41.39 -67.00 -43.46
N LYS C 429 -41.62 -65.74 -43.05
CA LYS C 429 -42.01 -64.66 -43.98
C LYS C 429 -40.94 -63.55 -43.99
N THR C 430 -39.74 -63.81 -43.45
CA THR C 430 -38.58 -62.87 -43.54
C THR C 430 -38.23 -62.69 -45.02
N GLY C 431 -38.19 -61.44 -45.49
CA GLY C 431 -37.95 -61.10 -46.90
C GLY C 431 -39.22 -61.18 -47.76
N GLU C 432 -40.38 -61.40 -47.13
CA GLU C 432 -41.70 -61.34 -47.82
C GLU C 432 -42.59 -60.34 -47.09
N ALA C 433 -42.75 -60.45 -45.77
CA ALA C 433 -43.48 -59.45 -44.97
C ALA C 433 -42.64 -58.18 -44.89
N LEU C 434 -43.26 -57.02 -45.05
CA LEU C 434 -42.58 -55.71 -45.06
C LEU C 434 -43.14 -54.87 -43.92
N PHE C 435 -42.45 -54.80 -42.79
CA PHE C 435 -42.80 -53.83 -41.73
C PHE C 435 -41.78 -52.70 -41.82
N PHE C 436 -42.23 -51.49 -41.46
CA PHE C 436 -41.36 -50.30 -41.50
C PHE C 436 -41.46 -49.54 -40.19
N MET C 437 -40.30 -49.05 -39.74
CA MET C 437 -40.13 -48.40 -38.41
C MET C 437 -39.63 -46.97 -38.61
N ARG C 438 -40.06 -46.08 -37.73
CA ARG C 438 -39.52 -44.68 -37.67
C ARG C 438 -38.49 -44.61 -36.53
N ALA C 439 -38.63 -45.40 -35.47
CA ALA C 439 -37.75 -45.32 -34.28
C ALA C 439 -36.61 -46.33 -34.45
N GLY C 440 -35.48 -46.04 -33.81
CA GLY C 440 -34.30 -46.87 -33.95
C GLY C 440 -33.26 -46.52 -32.90
N PHE C 441 -32.31 -47.44 -32.78
CA PHE C 441 -31.06 -47.32 -32.01
C PHE C 441 -30.15 -48.42 -32.55
N THR C 442 -28.95 -48.53 -32.02
CA THR C 442 -27.97 -49.57 -32.37
C THR C 442 -28.68 -50.93 -32.47
N GLY C 443 -28.61 -51.58 -33.63
CA GLY C 443 -29.04 -52.99 -33.79
C GLY C 443 -30.40 -53.12 -34.48
N VAL C 444 -31.13 -52.03 -34.63
CA VAL C 444 -32.43 -52.01 -35.35
C VAL C 444 -32.19 -52.52 -36.77
N GLN C 445 -30.97 -52.33 -37.28
CA GLN C 445 -30.56 -52.74 -38.66
C GLN C 445 -30.77 -54.24 -38.87
N ALA C 446 -30.55 -55.06 -37.84
CA ALA C 446 -30.54 -56.54 -37.94
C ALA C 446 -31.97 -57.08 -38.01
N HIS C 447 -32.96 -56.30 -37.57
CA HIS C 447 -34.36 -56.74 -37.35
C HIS C 447 -35.30 -56.09 -38.36
N CYS C 448 -35.14 -54.78 -38.60
CA CYS C 448 -36.12 -53.98 -39.35
C CYS C 448 -35.72 -53.95 -40.81
N PRO C 449 -36.60 -54.36 -41.74
CA PRO C 449 -36.28 -54.38 -43.16
C PRO C 449 -36.40 -53.04 -43.92
N LEU C 450 -37.04 -52.04 -43.32
CA LEU C 450 -37.34 -50.74 -44.00
C LEU C 450 -37.58 -49.67 -42.95
N ILE C 451 -36.86 -48.54 -43.07
CA ILE C 451 -37.03 -47.34 -42.22
C ILE C 451 -37.98 -46.40 -42.94
N TRP C 452 -38.79 -45.65 -42.20
CA TRP C 452 -39.45 -44.46 -42.78
C TRP C 452 -39.09 -43.24 -41.94
N GLY C 453 -39.16 -42.06 -42.57
CA GLY C 453 -38.60 -40.81 -42.02
C GLY C 453 -39.46 -40.20 -40.93
N GLY C 454 -40.47 -40.93 -40.43
CA GLY C 454 -41.35 -40.45 -39.38
C GLY C 454 -42.28 -39.38 -39.91
N ASN C 455 -42.65 -38.43 -39.04
CA ASN C 455 -43.59 -37.32 -39.33
C ASN C 455 -42.81 -36.09 -39.79
N GLN C 456 -42.94 -35.73 -41.07
CA GLN C 456 -42.64 -34.37 -41.58
C GLN C 456 -43.91 -33.51 -41.44
N SER C 457 -43.73 -32.21 -41.28
CA SER C 457 -44.78 -31.19 -41.55
C SER C 457 -45.17 -31.30 -43.02
N VAL C 458 -46.40 -30.92 -43.34
CA VAL C 458 -46.90 -30.87 -44.73
C VAL C 458 -46.39 -29.56 -45.35
N ASP C 459 -45.08 -29.42 -45.54
CA ASP C 459 -44.50 -28.18 -46.08
C ASP C 459 -43.13 -28.44 -46.67
N PHE C 460 -42.55 -27.38 -47.24
CA PHE C 460 -41.21 -27.30 -47.82
C PHE C 460 -40.21 -26.70 -46.83
N SER C 461 -40.49 -26.69 -45.53
CA SER C 461 -39.59 -26.03 -44.55
C SER C 461 -38.24 -26.76 -44.51
N ARG C 462 -37.18 -26.02 -44.17
CA ARG C 462 -35.78 -26.51 -44.10
C ARG C 462 -35.64 -27.59 -43.02
N HIS C 463 -36.32 -27.46 -41.90
CA HIS C 463 -36.08 -28.28 -40.70
C HIS C 463 -37.23 -29.26 -40.40
N ASP C 464 -38.32 -29.28 -41.17
CA ASP C 464 -39.36 -30.32 -40.93
C ASP C 464 -40.13 -30.67 -42.22
N GLY C 465 -39.65 -30.28 -43.40
CA GLY C 465 -40.33 -30.52 -44.68
C GLY C 465 -39.65 -31.58 -45.51
N LEU C 466 -40.00 -31.61 -46.80
CA LEU C 466 -39.54 -32.61 -47.80
C LEU C 466 -38.01 -32.80 -47.70
N VAL C 467 -37.24 -31.73 -47.63
CA VAL C 467 -35.74 -31.81 -47.71
C VAL C 467 -35.19 -32.60 -46.53
N THR C 468 -35.86 -32.65 -45.38
CA THR C 468 -35.33 -33.38 -44.20
C THR C 468 -35.31 -34.89 -44.47
N VAL C 469 -36.15 -35.38 -45.38
CA VAL C 469 -36.22 -36.84 -45.72
C VAL C 469 -34.86 -37.25 -46.31
N ILE C 470 -34.28 -36.40 -47.14
CA ILE C 470 -33.00 -36.72 -47.87
C ILE C 470 -31.88 -36.83 -46.84
N CYS C 471 -31.84 -35.90 -45.89
CA CYS C 471 -30.89 -35.93 -44.77
C CYS C 471 -31.04 -37.25 -43.98
N GLY C 472 -32.28 -37.63 -43.67
CA GLY C 472 -32.59 -38.89 -42.97
C GLY C 472 -32.14 -40.14 -43.71
N ALA C 473 -32.40 -40.20 -45.01
CA ALA C 473 -31.94 -41.30 -45.87
C ALA C 473 -30.40 -41.39 -45.88
N LEU C 474 -29.70 -40.27 -46.11
CA LEU C 474 -28.21 -40.29 -46.28
C LEU C 474 -27.59 -40.75 -44.96
N SER C 475 -27.98 -40.15 -43.84
CA SER C 475 -27.41 -40.48 -42.51
C SER C 475 -27.71 -41.95 -42.16
N SER C 476 -28.98 -42.36 -42.20
CA SER C 476 -29.39 -43.72 -41.75
C SER C 476 -28.74 -44.75 -42.66
N GLY C 477 -28.52 -44.40 -43.94
CA GLY C 477 -27.84 -45.26 -44.93
C GLY C 477 -26.38 -45.55 -44.55
N LEU C 478 -25.62 -44.55 -44.10
CA LEU C 478 -24.21 -44.77 -43.68
C LEU C 478 -24.18 -45.64 -42.42
N MET C 479 -25.27 -45.66 -41.64
CA MET C 479 -25.35 -46.43 -40.38
C MET C 479 -25.80 -47.87 -40.67
N GLY C 480 -26.04 -48.22 -41.93
CA GLY C 480 -26.29 -49.62 -42.34
C GLY C 480 -27.77 -49.93 -42.55
N ASN C 481 -28.63 -48.93 -42.60
CA ASN C 481 -30.07 -49.08 -42.99
C ASN C 481 -30.20 -48.79 -44.47
N ALA C 482 -30.24 -49.82 -45.29
CA ALA C 482 -30.10 -49.67 -46.76
C ALA C 482 -31.36 -49.09 -47.38
N TYR C 483 -32.51 -49.17 -46.70
CA TYR C 483 -33.84 -48.85 -47.31
C TYR C 483 -34.57 -47.81 -46.46
N HIS C 484 -34.81 -46.65 -47.07
CA HIS C 484 -35.47 -45.48 -46.44
C HIS C 484 -36.64 -45.05 -47.31
N HIS C 485 -37.72 -44.55 -46.72
CA HIS C 485 -38.79 -43.88 -47.51
C HIS C 485 -39.52 -42.90 -46.63
N SER C 486 -40.41 -42.10 -47.21
CA SER C 486 -41.21 -41.13 -46.42
C SER C 486 -42.68 -41.21 -46.84
N ASP C 487 -43.57 -40.68 -46.02
CA ASP C 487 -44.98 -40.40 -46.38
C ASP C 487 -44.99 -39.39 -47.53
N ILE C 488 -45.53 -39.75 -48.68
CA ILE C 488 -45.68 -38.81 -49.81
C ILE C 488 -46.64 -37.73 -49.36
N GLY C 489 -46.16 -36.48 -49.30
CA GLY C 489 -46.96 -35.29 -48.93
C GLY C 489 -46.84 -34.95 -47.46
N GLY C 490 -45.96 -35.63 -46.72
CA GLY C 490 -45.75 -35.37 -45.29
C GLY C 490 -46.93 -35.85 -44.46
N TYR C 491 -46.87 -35.64 -43.15
CA TYR C 491 -47.84 -36.14 -42.16
C TYR C 491 -48.51 -34.98 -41.42
N THR C 492 -47.74 -34.15 -40.72
CA THR C 492 -48.21 -33.27 -39.62
C THR C 492 -48.88 -32.01 -40.18
N SER C 493 -50.20 -31.95 -40.04
CA SER C 493 -51.03 -30.75 -40.26
C SER C 493 -51.50 -30.22 -38.91
N LEU C 494 -50.91 -29.12 -38.43
CA LEU C 494 -51.31 -28.40 -37.20
C LEU C 494 -51.30 -26.88 -37.49
N PHE C 495 -52.08 -26.09 -36.76
CA PHE C 495 -52.04 -24.60 -36.78
C PHE C 495 -52.34 -24.07 -38.20
N GLY C 496 -53.21 -24.75 -38.94
CA GLY C 496 -53.61 -24.40 -40.32
C GLY C 496 -52.54 -24.63 -41.37
N ASN C 497 -51.46 -25.36 -41.05
CA ASN C 497 -50.46 -25.83 -42.05
C ASN C 497 -51.08 -27.05 -42.73
N VAL C 498 -51.42 -26.93 -44.01
CA VAL C 498 -52.12 -27.97 -44.84
C VAL C 498 -51.34 -28.13 -46.13
N ARG C 499 -51.52 -29.28 -46.79
CA ARG C 499 -50.78 -29.62 -48.03
C ARG C 499 -51.16 -28.68 -49.15
N THR C 500 -50.30 -28.54 -50.15
CA THR C 500 -50.66 -28.02 -51.49
C THR C 500 -50.51 -29.17 -52.51
N ALA C 501 -51.18 -29.05 -53.64
CA ALA C 501 -50.99 -29.93 -54.79
C ALA C 501 -49.48 -30.02 -55.08
N GLU C 502 -48.81 -28.88 -55.14
CA GLU C 502 -47.40 -28.83 -55.59
C GLU C 502 -46.52 -29.64 -54.62
N LEU C 503 -46.78 -29.54 -53.32
CA LEU C 503 -46.05 -30.32 -52.28
C LEU C 503 -46.20 -31.82 -52.55
N ILE C 504 -47.42 -32.31 -52.71
CA ILE C 504 -47.67 -33.76 -53.01
C ILE C 504 -46.86 -34.16 -54.24
N MET C 505 -46.95 -33.39 -55.33
CA MET C 505 -46.32 -33.78 -56.62
C MET C 505 -44.80 -33.79 -56.46
N ARG C 506 -44.21 -32.79 -55.81
CA ARG C 506 -42.75 -32.75 -55.63
C ARG C 506 -42.32 -33.94 -54.76
N TRP C 507 -43.11 -34.28 -53.75
CA TRP C 507 -42.79 -35.39 -52.83
C TRP C 507 -42.87 -36.73 -53.59
N THR C 508 -43.84 -36.88 -54.47
CA THR C 508 -44.03 -38.07 -55.32
C THR C 508 -42.82 -38.23 -56.24
N GLU C 509 -42.34 -37.12 -56.81
CA GLU C 509 -41.18 -37.10 -57.73
C GLU C 509 -39.97 -37.68 -57.00
N MET C 510 -39.75 -37.31 -55.75
CA MET C 510 -38.63 -37.88 -54.98
C MET C 510 -38.90 -39.37 -54.72
N ALA C 511 -40.09 -39.71 -54.23
CA ALA C 511 -40.43 -41.09 -53.75
C ALA C 511 -40.24 -42.14 -54.85
N ALA C 512 -40.51 -41.79 -56.10
CA ALA C 512 -40.37 -42.69 -57.27
C ALA C 512 -38.91 -43.14 -57.43
N PHE C 513 -37.95 -42.39 -56.88
CA PHE C 513 -36.50 -42.72 -56.91
C PHE C 513 -36.04 -43.06 -55.50
N THR C 514 -36.86 -43.82 -54.79
CA THR C 514 -36.56 -44.45 -53.47
C THR C 514 -37.14 -45.87 -53.51
N PRO C 515 -36.75 -46.75 -52.55
CA PRO C 515 -37.23 -48.12 -52.53
C PRO C 515 -38.76 -48.31 -52.52
N VAL C 516 -39.51 -47.42 -51.84
CA VAL C 516 -40.98 -47.63 -51.62
C VAL C 516 -41.72 -46.30 -51.76
N MET C 517 -42.68 -46.25 -52.67
CA MET C 517 -43.68 -45.16 -52.80
C MET C 517 -44.87 -45.50 -51.89
N ARG C 518 -45.12 -44.69 -50.87
CA ARG C 518 -46.25 -44.89 -49.92
C ARG C 518 -46.91 -43.55 -49.62
N THR C 519 -48.24 -43.51 -49.68
CA THR C 519 -49.01 -42.30 -49.32
C THR C 519 -49.55 -42.46 -47.91
N HIS C 520 -50.08 -41.36 -47.36
CA HIS C 520 -50.55 -41.28 -45.97
C HIS C 520 -51.56 -40.13 -45.94
N GLU C 521 -52.75 -40.36 -45.41
CA GLU C 521 -53.78 -39.29 -45.31
C GLU C 521 -53.39 -38.29 -44.21
N GLY C 522 -52.58 -38.69 -43.25
CA GLY C 522 -52.03 -37.80 -42.20
C GLY C 522 -52.94 -37.73 -40.99
N ASN C 523 -52.68 -36.77 -40.08
CA ASN C 523 -53.39 -36.64 -38.79
C ASN C 523 -54.77 -35.98 -39.00
N ARG C 524 -54.97 -35.22 -40.06
CA ARG C 524 -56.27 -34.53 -40.29
C ARG C 524 -56.72 -34.68 -41.73
N PRO C 525 -57.13 -35.91 -42.11
CA PRO C 525 -57.37 -36.26 -43.51
C PRO C 525 -58.31 -35.29 -44.25
N ARG C 526 -59.38 -34.83 -43.60
CA ARG C 526 -60.45 -34.03 -44.26
C ARG C 526 -59.99 -32.58 -44.42
N ASP C 527 -58.93 -32.15 -43.73
CA ASP C 527 -58.37 -30.76 -43.83
C ASP C 527 -57.29 -30.71 -44.92
N ASN C 528 -56.81 -31.86 -45.41
CA ASN C 528 -55.63 -31.91 -46.30
C ASN C 528 -55.97 -32.58 -47.63
N LEU C 529 -55.42 -32.05 -48.71
CA LEU C 529 -55.50 -32.63 -50.06
C LEU C 529 -54.91 -34.04 -50.04
N GLN C 530 -55.61 -34.99 -50.68
CA GLN C 530 -55.16 -36.39 -50.82
C GLN C 530 -54.92 -36.65 -52.30
N ILE C 531 -54.14 -37.69 -52.64
CA ILE C 531 -53.72 -37.97 -54.04
C ILE C 531 -54.92 -38.15 -54.97
N ASP C 532 -56.07 -38.58 -54.45
CA ASP C 532 -57.28 -38.92 -55.26
C ASP C 532 -58.19 -37.71 -55.43
N GLN C 533 -57.88 -36.54 -54.86
CA GLN C 533 -58.86 -35.42 -54.77
C GLN C 533 -58.57 -34.31 -55.78
N ASP C 534 -57.54 -34.41 -56.60
CA ASP C 534 -57.21 -33.40 -57.63
C ASP C 534 -56.75 -34.15 -58.88
N GLU C 535 -57.42 -33.96 -60.02
CA GLU C 535 -57.17 -34.73 -61.27
C GLU C 535 -55.68 -34.59 -61.66
N THR C 536 -55.11 -33.39 -61.56
CA THR C 536 -53.70 -33.11 -61.94
C THR C 536 -52.75 -33.87 -61.01
N VAL C 537 -52.97 -33.82 -59.68
CA VAL C 537 -52.12 -34.55 -58.72
C VAL C 537 -52.22 -36.06 -59.01
N LEU C 538 -53.43 -36.56 -59.19
CA LEU C 538 -53.67 -38.02 -59.40
C LEU C 538 -52.95 -38.49 -60.68
N ALA C 539 -53.09 -37.76 -61.79
CA ALA C 539 -52.47 -38.12 -63.09
C ALA C 539 -50.95 -38.09 -62.92
N HIS C 540 -50.43 -37.09 -62.21
CA HIS C 540 -48.98 -36.95 -61.96
C HIS C 540 -48.54 -38.17 -61.13
N PHE C 541 -49.35 -38.53 -60.13
CA PHE C 541 -49.05 -39.69 -59.25
C PHE C 541 -49.01 -40.97 -60.10
N ALA C 542 -49.98 -41.19 -60.97
CA ALA C 542 -50.07 -42.41 -61.81
C ALA C 542 -48.79 -42.53 -62.64
N ARG C 543 -48.42 -41.45 -63.32
CA ARG C 543 -47.20 -41.43 -64.16
C ARG C 543 -45.98 -41.78 -63.29
N MET C 544 -45.82 -41.20 -62.12
CA MET C 544 -44.60 -41.46 -61.33
C MET C 544 -44.59 -42.93 -60.89
N THR C 545 -45.74 -43.54 -60.62
CA THR C 545 -45.79 -44.98 -60.26
C THR C 545 -45.36 -45.83 -61.47
N ALA C 546 -45.73 -45.45 -62.69
CA ALA C 546 -45.27 -46.17 -63.92
C ALA C 546 -43.75 -46.06 -64.02
N ILE C 547 -43.20 -44.89 -63.70
CA ILE C 547 -41.73 -44.67 -63.74
C ILE C 547 -41.08 -45.57 -62.70
N TYR C 548 -41.63 -45.61 -61.49
CA TYR C 548 -41.10 -46.51 -60.43
C TYR C 548 -41.13 -47.97 -60.92
N VAL C 549 -42.23 -48.42 -61.51
CA VAL C 549 -42.37 -49.85 -61.95
C VAL C 549 -41.35 -50.14 -63.07
N ALA C 550 -41.22 -49.22 -64.02
CA ALA C 550 -40.23 -49.38 -65.12
C ALA C 550 -38.81 -49.42 -64.55
N LEU C 551 -38.52 -48.72 -63.43
CA LEU C 551 -37.15 -48.70 -62.80
C LEU C 551 -36.89 -49.92 -61.91
N ALA C 552 -37.89 -50.77 -61.68
CA ALA C 552 -37.78 -51.93 -60.78
C ALA C 552 -36.50 -52.76 -61.03
N PRO C 553 -36.12 -53.13 -62.27
CA PRO C 553 -34.93 -53.95 -62.47
C PRO C 553 -33.66 -53.26 -61.90
N TYR C 554 -33.58 -51.93 -62.04
CA TYR C 554 -32.45 -51.17 -61.43
C TYR C 554 -32.52 -51.25 -59.90
N LEU C 555 -33.67 -50.97 -59.30
CA LEU C 555 -33.82 -51.00 -57.82
C LEU C 555 -33.53 -52.41 -57.31
N LYS C 556 -34.01 -53.45 -57.99
CA LYS C 556 -33.71 -54.87 -57.62
C LYS C 556 -32.18 -55.08 -57.56
N SER C 557 -31.41 -54.55 -58.52
CA SER C 557 -29.92 -54.66 -58.52
C SER C 557 -29.34 -53.95 -57.30
N LEU C 558 -29.95 -52.81 -56.87
CA LEU C 558 -29.46 -52.04 -55.71
C LEU C 558 -29.76 -52.80 -54.43
N SER C 559 -30.91 -53.46 -54.37
CA SER C 559 -31.28 -54.29 -53.19
C SER C 559 -30.34 -55.50 -53.08
N ALA C 560 -30.02 -56.14 -54.22
CA ALA C 560 -29.02 -57.24 -54.27
C ALA C 560 -27.68 -56.72 -53.75
N GLU C 561 -27.26 -55.56 -54.26
CA GLU C 561 -26.01 -54.89 -53.82
C GLU C 561 -26.06 -54.67 -52.31
N ALA C 562 -27.17 -54.17 -51.77
CA ALA C 562 -27.30 -53.86 -50.32
C ALA C 562 -27.12 -55.15 -49.51
N ALA C 563 -27.75 -56.26 -49.92
CA ALA C 563 -27.62 -57.56 -49.21
C ALA C 563 -26.15 -58.07 -49.28
N LYS C 564 -25.47 -57.95 -50.42
CA LYS C 564 -24.12 -58.51 -50.64
C LYS C 564 -23.04 -57.57 -50.02
N THR C 565 -23.17 -56.24 -50.13
CA THR C 565 -22.10 -55.27 -49.72
C THR C 565 -22.52 -54.35 -48.56
N GLY C 566 -23.81 -54.21 -48.26
CA GLY C 566 -24.25 -53.35 -47.16
C GLY C 566 -24.51 -51.91 -47.61
N LEU C 567 -24.18 -51.54 -48.86
CA LEU C 567 -24.30 -50.14 -49.30
C LEU C 567 -25.78 -49.79 -49.39
N PRO C 568 -26.18 -48.60 -48.89
CA PRO C 568 -27.58 -48.18 -48.96
C PRO C 568 -27.99 -47.84 -50.39
N VAL C 569 -29.28 -47.94 -50.66
CA VAL C 569 -29.86 -47.56 -51.98
C VAL C 569 -29.63 -46.07 -52.24
N GLN C 570 -29.81 -45.22 -51.22
CA GLN C 570 -29.62 -43.75 -51.33
C GLN C 570 -28.27 -43.41 -50.71
N ARG C 571 -27.34 -42.97 -51.54
CA ARG C 571 -25.91 -42.76 -51.18
C ARG C 571 -25.55 -41.28 -51.31
N PRO C 572 -24.69 -40.77 -50.40
CA PRO C 572 -24.12 -39.43 -50.54
C PRO C 572 -23.11 -39.40 -51.69
N LEU C 573 -22.98 -38.27 -52.37
CA LEU C 573 -22.11 -38.16 -53.56
C LEU C 573 -20.68 -38.55 -53.21
N PHE C 574 -20.23 -38.27 -51.98
CA PHE C 574 -18.82 -38.47 -51.57
C PHE C 574 -18.49 -39.97 -51.54
N LEU C 575 -19.50 -40.84 -51.45
CA LEU C 575 -19.24 -42.29 -51.41
C LEU C 575 -18.62 -42.79 -52.72
N HIS C 576 -18.99 -42.21 -53.86
CA HIS C 576 -18.51 -42.61 -55.19
C HIS C 576 -17.58 -41.55 -55.80
N TYR C 577 -17.34 -40.42 -55.13
CA TYR C 577 -16.52 -39.30 -55.67
C TYR C 577 -15.69 -38.73 -54.53
N GLU C 578 -14.83 -39.56 -53.95
CA GLU C 578 -14.00 -39.26 -52.76
C GLU C 578 -13.02 -38.10 -53.05
N ASN C 579 -12.63 -37.91 -54.32
CA ASN C 579 -11.61 -36.90 -54.71
C ASN C 579 -12.28 -35.56 -55.02
N GLU C 580 -13.59 -35.40 -54.79
CA GLU C 580 -14.31 -34.13 -55.06
C GLU C 580 -14.80 -33.52 -53.74
N PRO C 581 -14.03 -32.59 -53.13
CA PRO C 581 -14.38 -31.99 -51.83
C PRO C 581 -15.75 -31.30 -51.74
N GLN C 582 -16.28 -30.80 -52.85
CA GLN C 582 -17.62 -30.14 -52.95
C GLN C 582 -18.74 -31.14 -52.59
N THR C 583 -18.50 -32.45 -52.68
CA THR C 583 -19.54 -33.51 -52.53
C THR C 583 -19.70 -33.91 -51.06
N TYR C 584 -18.88 -33.40 -50.15
CA TYR C 584 -18.72 -33.98 -48.79
C TYR C 584 -19.85 -33.52 -47.87
N ALA C 585 -20.41 -32.33 -48.07
CA ALA C 585 -21.45 -31.80 -47.16
C ALA C 585 -22.81 -31.72 -47.87
N VAL C 586 -22.87 -31.99 -49.19
CA VAL C 586 -24.16 -31.92 -49.96
C VAL C 586 -25.17 -32.87 -49.29
N GLN C 587 -26.37 -32.37 -49.00
CA GLN C 587 -27.43 -33.19 -48.33
C GLN C 587 -28.81 -33.05 -48.99
N ASP C 588 -28.93 -32.38 -50.13
CA ASP C 588 -30.25 -32.26 -50.85
C ASP C 588 -30.16 -32.94 -52.23
N CYS C 589 -29.17 -33.79 -52.44
CA CYS C 589 -28.97 -34.62 -53.64
C CYS C 589 -28.51 -35.98 -53.15
N TYR C 590 -28.79 -37.03 -53.90
CA TYR C 590 -28.28 -38.38 -53.57
C TYR C 590 -27.98 -39.13 -54.85
N LEU C 591 -27.09 -40.11 -54.72
CA LEU C 591 -26.88 -41.13 -55.74
C LEU C 591 -27.87 -42.25 -55.43
N TYR C 592 -28.73 -42.56 -56.39
CA TYR C 592 -29.69 -43.69 -56.32
C TYR C 592 -28.91 -44.84 -56.96
N GLY C 593 -28.24 -45.63 -56.14
CA GLY C 593 -27.18 -46.54 -56.62
C GLY C 593 -26.03 -45.73 -57.17
N ALA C 594 -25.05 -46.36 -57.82
CA ALA C 594 -23.87 -45.65 -58.35
C ALA C 594 -24.25 -44.85 -59.60
N ASP C 595 -25.35 -45.21 -60.27
CA ASP C 595 -25.60 -44.89 -61.69
C ASP C 595 -26.63 -43.78 -61.89
N MET C 596 -27.37 -43.35 -60.88
CA MET C 596 -28.37 -42.25 -61.05
C MET C 596 -28.13 -41.18 -60.00
N LEU C 597 -28.30 -39.93 -60.42
CA LEU C 597 -28.19 -38.75 -59.51
C LEU C 597 -29.58 -38.11 -59.43
N VAL C 598 -30.03 -37.92 -58.19
CA VAL C 598 -31.36 -37.33 -57.91
C VAL C 598 -31.17 -36.07 -57.10
N ALA C 599 -31.76 -34.97 -57.58
CA ALA C 599 -31.72 -33.65 -56.92
C ALA C 599 -33.15 -33.16 -56.77
N PRO C 600 -33.88 -33.64 -55.73
CA PRO C 600 -35.26 -33.23 -55.53
C PRO C 600 -35.39 -31.69 -55.39
N VAL C 601 -36.43 -31.16 -55.98
CA VAL C 601 -36.90 -29.77 -55.73
C VAL C 601 -37.63 -29.79 -54.40
N TRP C 602 -37.20 -28.94 -53.48
CA TRP C 602 -37.71 -28.92 -52.08
C TRP C 602 -38.22 -27.53 -51.70
N LYS C 603 -38.55 -26.70 -52.68
CA LYS C 603 -39.11 -25.34 -52.46
C LYS C 603 -40.29 -25.10 -53.41
N ALA C 604 -41.29 -24.38 -52.91
CA ALA C 604 -42.49 -23.97 -53.66
C ALA C 604 -42.07 -23.02 -54.79
N GLY C 605 -42.68 -23.14 -55.96
CA GLY C 605 -42.65 -22.11 -57.03
C GLY C 605 -41.42 -22.25 -57.90
N GLU C 606 -40.62 -23.31 -57.75
CA GLU C 606 -39.38 -23.53 -58.53
C GLU C 606 -39.76 -24.18 -59.85
N THR C 607 -39.22 -23.66 -60.96
CA THR C 607 -39.35 -24.23 -62.33
C THR C 607 -38.00 -24.84 -62.76
N GLN C 608 -36.95 -24.68 -61.94
CA GLN C 608 -35.54 -24.99 -62.28
C GLN C 608 -34.84 -25.53 -61.04
N ARG C 609 -33.75 -26.29 -61.25
CA ARG C 609 -32.94 -26.84 -60.15
C ARG C 609 -31.47 -26.75 -60.57
N SER C 610 -30.65 -26.24 -59.67
CA SER C 610 -29.17 -26.16 -59.79
C SER C 610 -28.57 -27.26 -58.93
N LEU C 611 -27.57 -27.97 -59.45
CA LEU C 611 -26.88 -29.04 -58.68
C LEU C 611 -25.46 -29.23 -59.24
N TYR C 612 -24.59 -29.80 -58.42
CA TYR C 612 -23.24 -30.23 -58.84
C TYR C 612 -23.33 -31.62 -59.47
N LEU C 613 -22.90 -31.73 -60.72
CA LEU C 613 -22.71 -32.99 -61.47
C LEU C 613 -21.28 -33.48 -61.24
N PRO C 614 -21.04 -34.61 -60.54
CA PRO C 614 -19.68 -35.04 -60.22
C PRO C 614 -19.01 -35.87 -61.33
N GLY C 615 -17.70 -36.12 -61.17
CA GLY C 615 -16.92 -37.12 -61.95
C GLY C 615 -16.48 -36.65 -63.33
N HIS C 616 -16.00 -37.56 -64.16
CA HIS C 616 -15.29 -37.29 -65.44
C HIS C 616 -16.07 -37.91 -66.61
N GLY C 617 -17.27 -38.46 -66.33
CA GLY C 617 -18.10 -39.14 -67.33
C GLY C 617 -19.12 -38.16 -67.94
N GLU C 618 -19.99 -38.69 -68.75
CA GLU C 618 -21.21 -37.95 -69.17
C GLU C 618 -22.37 -38.40 -68.27
N TRP C 619 -23.18 -37.44 -67.85
CA TRP C 619 -24.48 -37.68 -67.18
C TRP C 619 -25.56 -37.35 -68.20
N VAL C 620 -26.56 -38.23 -68.32
CA VAL C 620 -27.68 -38.02 -69.27
C VAL C 620 -28.89 -37.57 -68.47
N HIS C 621 -29.48 -36.45 -68.84
CA HIS C 621 -30.75 -35.96 -68.27
C HIS C 621 -31.86 -36.94 -68.67
N LEU C 622 -32.57 -37.50 -67.68
CA LEU C 622 -33.51 -38.62 -67.88
C LEU C 622 -34.62 -38.23 -68.86
N TRP C 623 -35.13 -37.00 -68.78
CA TRP C 623 -36.37 -36.60 -69.52
C TRP C 623 -36.05 -36.07 -70.92
N SER C 624 -34.87 -35.45 -71.14
CA SER C 624 -34.53 -34.73 -72.40
C SER C 624 -33.59 -35.59 -73.26
N GLY C 625 -32.77 -36.46 -72.65
CA GLY C 625 -31.68 -37.19 -73.33
C GLY C 625 -30.42 -36.34 -73.49
N LYS C 626 -30.42 -35.07 -73.11
CA LYS C 626 -29.26 -34.14 -73.27
C LYS C 626 -28.11 -34.63 -72.37
N ARG C 627 -26.90 -34.71 -72.93
CA ARG C 627 -25.68 -35.19 -72.20
C ARG C 627 -25.01 -33.98 -71.55
N HIS C 628 -24.42 -34.15 -70.37
CA HIS C 628 -23.70 -33.08 -69.62
C HIS C 628 -22.38 -33.68 -69.11
N ALA C 629 -21.30 -32.93 -69.20
CA ALA C 629 -19.96 -33.32 -68.69
C ALA C 629 -19.95 -33.25 -67.16
N GLY C 630 -19.40 -34.27 -66.51
CA GLY C 630 -19.21 -34.26 -65.05
C GLY C 630 -18.22 -33.18 -64.66
N GLY C 631 -18.21 -32.78 -63.39
CA GLY C 631 -17.25 -31.84 -62.81
C GLY C 631 -17.72 -30.38 -62.88
N ARG C 632 -19.03 -30.10 -63.00
CA ARG C 632 -19.54 -28.69 -63.03
C ARG C 632 -20.95 -28.57 -62.44
N ASP C 633 -21.29 -27.35 -61.99
CA ASP C 633 -22.68 -26.95 -61.64
C ASP C 633 -23.48 -26.86 -62.94
N ILE C 634 -24.72 -27.34 -62.92
CA ILE C 634 -25.70 -27.16 -64.04
C ILE C 634 -27.05 -26.74 -63.47
N THR C 635 -27.88 -26.20 -64.35
CA THR C 635 -29.28 -25.83 -64.07
C THR C 635 -30.14 -26.54 -65.11
N VAL C 636 -31.17 -27.29 -64.67
CA VAL C 636 -32.13 -27.91 -65.62
C VAL C 636 -33.54 -27.42 -65.31
N GLU C 637 -34.38 -27.42 -66.34
CA GLU C 637 -35.84 -27.22 -66.22
C GLU C 637 -36.40 -28.40 -65.40
N THR C 638 -37.18 -28.11 -64.36
CA THR C 638 -37.86 -29.12 -63.52
C THR C 638 -39.31 -28.73 -63.38
N PRO C 639 -40.12 -28.75 -64.46
CA PRO C 639 -41.55 -28.58 -64.31
C PRO C 639 -42.07 -29.85 -63.60
N LEU C 640 -43.32 -29.79 -63.15
CA LEU C 640 -43.94 -30.95 -62.46
C LEU C 640 -43.92 -32.14 -63.41
N GLY C 641 -43.39 -33.27 -62.95
CA GLY C 641 -43.31 -34.52 -63.73
C GLY C 641 -41.88 -34.81 -64.17
N GLU C 642 -40.98 -33.83 -64.09
CA GLU C 642 -39.61 -33.96 -64.62
C GLU C 642 -38.61 -33.54 -63.57
N PRO C 643 -38.46 -34.29 -62.46
CA PRO C 643 -37.43 -33.98 -61.48
C PRO C 643 -36.02 -34.03 -62.11
N ALA C 644 -35.08 -33.35 -61.49
CA ALA C 644 -33.67 -33.26 -61.91
C ALA C 644 -33.01 -34.61 -61.63
N VAL C 645 -33.16 -35.53 -62.57
CA VAL C 645 -32.56 -36.89 -62.50
C VAL C 645 -31.66 -37.12 -63.71
N PHE C 646 -30.48 -37.67 -63.45
CA PHE C 646 -29.45 -37.98 -64.47
C PHE C 646 -28.97 -39.43 -64.23
N TYR C 647 -28.49 -40.07 -65.29
CA TYR C 647 -27.84 -41.41 -65.24
C TYR C 647 -26.48 -41.35 -65.94
N ARG C 648 -25.56 -42.18 -65.49
CA ARG C 648 -24.24 -42.36 -66.16
C ARG C 648 -24.46 -42.97 -67.54
N ALA C 649 -23.94 -42.33 -68.58
CA ALA C 649 -24.03 -42.77 -70.00
C ALA C 649 -23.56 -44.24 -70.15
N ASP C 650 -22.57 -44.65 -69.37
CA ASP C 650 -21.93 -45.98 -69.43
C ASP C 650 -22.68 -47.00 -68.55
N SER C 651 -23.83 -46.65 -67.97
CA SER C 651 -24.51 -47.49 -66.93
C SER C 651 -24.89 -48.88 -67.44
N SER C 652 -24.74 -49.92 -66.63
CA SER C 652 -25.24 -51.30 -66.94
C SER C 652 -26.73 -51.31 -67.29
N HIS C 653 -27.53 -50.32 -66.80
CA HIS C 653 -28.99 -50.23 -67.07
C HIS C 653 -29.33 -49.15 -68.09
N HIS C 654 -28.36 -48.65 -68.84
CA HIS C 654 -28.51 -47.49 -69.76
C HIS C 654 -29.66 -47.70 -70.74
N ARG C 655 -29.89 -48.94 -71.19
CA ARG C 655 -30.97 -49.29 -72.16
C ARG C 655 -32.34 -49.05 -71.51
N LEU C 656 -32.49 -49.44 -70.23
CA LEU C 656 -33.73 -49.22 -69.44
C LEU C 656 -33.94 -47.69 -69.28
N PHE C 657 -32.91 -46.96 -68.83
CA PHE C 657 -32.97 -45.50 -68.62
C PHE C 657 -33.32 -44.77 -69.92
N GLU C 658 -32.73 -45.14 -71.05
CA GLU C 658 -33.04 -44.55 -72.38
C GLU C 658 -34.56 -44.65 -72.64
N GLN C 659 -35.22 -45.71 -72.17
CA GLN C 659 -36.68 -45.98 -72.39
C GLN C 659 -37.53 -44.97 -71.58
N LEU C 660 -37.09 -44.53 -70.40
CA LEU C 660 -37.92 -43.75 -69.44
C LEU C 660 -38.43 -42.41 -70.01
N ARG C 661 -37.70 -41.76 -70.93
CA ARG C 661 -38.14 -40.48 -71.56
C ARG C 661 -39.49 -40.68 -72.29
N THR C 662 -39.78 -41.89 -72.79
CA THR C 662 -41.03 -42.22 -73.54
C THR C 662 -42.11 -42.84 -72.61
N ILE C 663 -41.88 -42.98 -71.28
CA ILE C 663 -42.82 -43.59 -70.28
C ILE C 663 -43.24 -42.51 -69.29
N MET D 1 46.62 22.90 64.85
CA MET D 1 45.31 22.28 64.57
C MET D 1 45.19 20.95 65.33
N HIS D 2 43.94 20.58 65.68
CA HIS D 2 43.61 19.42 66.55
C HIS D 2 42.60 18.48 65.88
N PHE D 3 42.77 17.16 66.12
CA PHE D 3 41.74 16.11 65.90
C PHE D 3 40.70 16.25 67.03
N GLU D 4 39.43 16.02 66.73
CA GLU D 4 38.33 15.84 67.70
C GLU D 4 37.45 14.67 67.22
N THR D 5 37.17 13.68 68.06
CA THR D 5 36.30 12.53 67.70
C THR D 5 34.83 12.98 67.85
N THR D 6 33.92 12.44 67.03
CA THR D 6 32.44 12.60 67.12
C THR D 6 31.80 11.21 67.22
N LYS D 7 30.47 11.13 67.29
CA LYS D 7 29.67 9.87 67.27
C LYS D 7 30.27 8.91 66.22
N ASP D 8 30.21 9.31 64.94
CA ASP D 8 30.43 8.43 63.74
C ASP D 8 31.90 8.45 63.28
N GLY D 9 32.62 9.58 63.38
CA GLY D 9 34.04 9.68 62.97
C GLY D 9 34.78 10.81 63.66
N PHE D 10 35.50 11.67 62.90
CA PHE D 10 36.33 12.77 63.46
C PHE D 10 36.23 14.07 62.66
N THR D 11 36.70 15.18 63.26
CA THR D 11 36.92 16.50 62.63
C THR D 11 38.38 16.93 62.84
N ILE D 12 38.89 17.78 61.96
CA ILE D 12 40.16 18.53 62.15
C ILE D 12 39.84 20.03 62.04
N ALA D 13 40.28 20.80 63.03
CA ALA D 13 39.97 22.24 63.16
C ALA D 13 41.26 23.04 63.38
N ILE D 14 41.26 24.31 63.01
CA ILE D 14 42.22 25.34 63.49
C ILE D 14 41.40 26.37 64.26
N GLY D 15 41.57 26.41 65.59
CA GLY D 15 40.74 27.23 66.49
C GLY D 15 39.28 26.80 66.42
N ASN D 16 38.37 27.76 66.28
CA ASN D 16 36.90 27.54 66.20
C ASN D 16 36.54 26.95 64.83
N ARG D 17 37.48 26.85 63.87
CA ARG D 17 37.20 26.63 62.42
C ARG D 17 37.36 25.16 62.03
N ILE D 18 36.24 24.43 61.87
CA ILE D 18 36.27 23.04 61.32
C ILE D 18 36.72 23.13 59.85
N ILE D 19 37.72 22.34 59.49
CA ILE D 19 38.36 22.31 58.15
C ILE D 19 38.03 20.97 57.46
N LEU D 20 38.20 19.84 58.15
CA LEU D 20 37.93 18.47 57.64
C LEU D 20 36.92 17.81 58.56
N SER D 21 35.92 17.13 58.01
CA SER D 21 34.87 16.37 58.73
C SER D 21 34.75 14.99 58.09
N HIS D 22 34.98 13.92 58.84
CA HIS D 22 34.90 12.52 58.34
C HIS D 22 33.84 11.75 59.12
N SER D 23 33.02 10.98 58.40
CA SER D 23 32.16 9.87 58.89
C SER D 23 32.02 8.89 57.75
N PRO D 24 31.74 7.59 57.98
CA PRO D 24 31.52 6.67 56.87
C PRO D 24 30.47 7.17 55.86
N ASP D 25 29.41 7.85 56.32
CA ASP D 25 28.29 8.34 55.49
C ASP D 25 28.68 9.63 54.77
N LYS D 26 29.58 10.45 55.34
CA LYS D 26 30.08 11.74 54.76
C LYS D 26 31.61 11.73 54.84
N PRO D 27 32.30 10.96 53.97
CA PRO D 27 33.76 10.88 54.04
C PRO D 27 34.42 12.18 53.58
N ALA D 28 35.68 12.36 53.97
CA ALA D 28 36.55 13.53 53.66
C ALA D 28 37.42 13.23 52.45
N PHE D 29 37.79 11.95 52.25
CA PHE D 29 38.81 11.54 51.26
C PHE D 29 38.24 10.46 50.35
N PHE D 30 38.59 10.55 49.07
CA PHE D 30 38.30 9.56 48.03
C PHE D 30 39.62 9.30 47.31
N ALA D 31 39.90 8.06 46.93
CA ALA D 31 41.13 7.66 46.25
C ALA D 31 40.81 6.79 45.05
N GLY D 32 41.62 6.88 44.00
CA GLY D 32 41.50 5.96 42.88
C GLY D 32 42.56 6.15 41.82
N PHE D 33 42.15 5.94 40.58
CA PHE D 33 43.06 5.70 39.43
C PHE D 33 42.41 6.33 38.21
N GLY D 34 43.21 6.98 37.37
CA GLY D 34 42.78 7.56 36.08
C GLY D 34 43.84 7.36 35.02
N GLU D 35 43.45 7.41 33.75
CA GLU D 35 44.34 7.47 32.57
C GLU D 35 44.06 8.80 31.87
N GLU D 36 44.98 9.75 31.96
CA GLU D 36 44.79 11.10 31.38
C GLU D 36 45.28 11.11 29.90
N ARG D 37 44.70 11.99 29.10
CA ARG D 37 45.22 12.49 27.82
C ARG D 37 45.54 13.97 28.03
N MET D 38 46.75 14.42 27.71
CA MET D 38 47.17 15.84 27.81
C MET D 38 47.95 16.18 26.54
N ASP D 39 47.24 16.40 25.44
CA ASP D 39 47.85 16.69 24.12
C ASP D 39 48.18 18.18 24.05
N MET D 40 49.42 18.50 23.69
CA MET D 40 49.86 19.90 23.62
C MET D 40 49.87 20.33 22.15
N TYR D 41 49.33 21.51 21.88
CA TYR D 41 49.48 22.20 20.59
C TYR D 41 49.95 23.64 20.86
N ARG D 42 51.24 23.94 20.64
CA ARG D 42 51.83 25.30 20.81
C ARG D 42 51.44 25.86 22.18
N GLY D 43 51.60 25.08 23.24
CA GLY D 43 51.39 25.54 24.62
C GLY D 43 49.95 25.47 25.09
N ASN D 44 49.00 25.18 24.20
CA ASN D 44 47.58 24.90 24.56
C ASN D 44 47.41 23.40 24.84
N PHE D 45 46.74 23.04 25.92
CA PHE D 45 46.56 21.65 26.36
C PHE D 45 45.10 21.25 26.19
N ASP D 46 44.89 20.14 25.48
CA ASP D 46 43.60 19.43 25.41
C ASP D 46 43.70 18.32 26.46
N ILE D 47 43.05 18.50 27.60
CA ILE D 47 43.18 17.61 28.77
C ILE D 47 41.82 16.93 28.99
N GLU D 48 41.84 15.62 29.07
CA GLU D 48 40.65 14.80 29.42
C GLU D 48 41.12 13.62 30.29
N ASP D 49 40.50 13.44 31.44
CA ASP D 49 40.79 12.30 32.33
C ASP D 49 39.80 11.18 31.99
N TYR D 50 40.24 9.94 32.09
CA TYR D 50 39.34 8.76 32.16
C TYR D 50 39.46 8.16 33.57
N VAL D 51 38.50 8.46 34.44
CA VAL D 51 38.50 7.99 35.86
C VAL D 51 38.01 6.54 35.85
N ILE D 52 38.87 5.62 36.24
CA ILE D 52 38.59 4.16 36.28
C ILE D 52 38.13 3.77 37.68
N GLU D 53 38.67 4.39 38.73
CA GLU D 53 38.19 4.23 40.12
C GLU D 53 38.16 5.58 40.85
N ARG D 54 37.09 5.81 41.60
CA ARG D 54 37.01 6.87 42.63
C ARG D 54 36.23 6.25 43.80
N THR D 55 36.91 5.99 44.92
CA THR D 55 36.36 5.16 46.03
C THR D 55 36.50 5.92 47.34
N ALA D 56 35.39 6.20 47.99
CA ALA D 56 35.37 6.86 49.31
C ALA D 56 36.19 6.02 50.29
N LEU D 57 37.05 6.67 51.06
CA LEU D 57 37.76 6.08 52.22
C LEU D 57 36.84 6.28 53.43
N ARG D 58 35.93 5.32 53.64
CA ARG D 58 34.81 5.42 54.61
C ARG D 58 35.29 5.06 56.02
N HIS D 59 36.38 4.27 56.15
CA HIS D 59 36.82 3.72 57.46
C HIS D 59 38.12 4.39 57.92
N ALA D 60 38.05 5.04 59.09
CA ALA D 60 39.18 5.73 59.76
C ALA D 60 39.54 5.04 61.09
N GLU D 61 40.82 4.66 61.28
CA GLU D 61 41.41 4.27 62.59
C GLU D 61 42.30 5.41 63.11
N VAL D 62 41.84 6.15 64.12
CA VAL D 62 42.49 7.35 64.72
C VAL D 62 43.40 6.87 65.86
N SER D 63 44.69 7.20 65.82
CA SER D 63 45.77 6.73 66.73
C SER D 63 46.64 7.93 67.13
N GLY D 64 46.09 8.83 67.97
CA GLY D 64 46.77 10.01 68.54
C GLY D 64 46.67 11.21 67.60
N ASP D 65 47.78 11.59 66.95
CA ASP D 65 47.83 12.69 65.95
C ASP D 65 47.70 12.11 64.52
N SER D 66 47.64 10.77 64.38
CA SER D 66 47.70 10.03 63.08
C SER D 66 46.36 9.34 62.80
N VAL D 67 45.89 9.31 61.55
CA VAL D 67 44.70 8.48 61.16
C VAL D 67 45.06 7.63 59.94
N THR D 68 44.63 6.38 59.97
CA THR D 68 44.76 5.42 58.84
C THR D 68 43.36 5.31 58.21
N LEU D 69 43.30 5.35 56.88
CA LEU D 69 42.04 5.39 56.10
C LEU D 69 41.99 4.22 55.12
N SER D 70 40.87 3.51 55.08
CA SER D 70 40.60 2.37 54.17
C SER D 70 39.21 2.56 53.53
N SER D 71 38.97 1.88 52.41
CA SER D 71 37.67 1.91 51.68
C SER D 71 36.54 1.51 52.63
N ALA D 72 36.74 0.43 53.40
CA ALA D 72 35.74 -0.17 54.32
C ALA D 72 36.42 -0.93 55.45
N PRO D 73 35.71 -1.20 56.58
CA PRO D 73 36.26 -1.98 57.69
C PRO D 73 36.73 -3.36 57.22
N GLY D 74 37.96 -3.73 57.57
CA GLY D 74 38.57 -5.04 57.25
C GLY D 74 39.49 -4.97 56.06
N GLN D 75 39.31 -3.98 55.17
CA GLN D 75 40.07 -3.87 53.89
C GLN D 75 41.42 -3.20 54.18
N ALA D 76 42.42 -3.40 53.31
CA ALA D 76 43.81 -2.92 53.50
C ALA D 76 43.84 -1.39 53.51
N PRO D 77 44.52 -0.76 54.49
CA PRO D 77 44.59 0.70 54.54
C PRO D 77 45.28 1.30 53.31
N ARG D 78 44.82 2.48 52.84
CA ARG D 78 45.26 3.07 51.54
C ARG D 78 46.01 4.41 51.75
N LEU D 79 45.65 5.16 52.79
CA LEU D 79 46.19 6.50 53.06
C LEU D 79 46.43 6.67 54.57
N ARG D 80 47.52 7.32 54.96
CA ARG D 80 47.77 7.79 56.35
C ARG D 80 47.80 9.33 56.39
N LEU D 81 47.05 9.93 57.32
CA LEU D 81 47.13 11.37 57.74
C LEU D 81 47.96 11.45 59.02
N THR D 82 48.87 12.43 59.13
CA THR D 82 49.47 12.85 60.44
C THR D 82 49.40 14.37 60.53
N LEU D 83 48.82 14.94 61.59
CA LEU D 83 48.98 16.38 61.93
C LEU D 83 50.40 16.60 62.49
N ASP D 84 51.23 17.39 61.80
CA ASP D 84 52.52 17.98 62.28
C ASP D 84 52.45 19.52 62.16
N GLY D 85 52.05 20.17 63.25
CA GLY D 85 51.98 21.64 63.33
C GLY D 85 50.82 22.16 62.49
N ASN D 86 51.13 23.04 61.54
CA ASN D 86 50.17 23.71 60.64
C ASN D 86 49.93 22.86 59.38
N ALA D 87 50.38 21.61 59.37
CA ALA D 87 50.39 20.75 58.17
C ALA D 87 49.68 19.42 58.43
N ILE D 88 48.91 18.91 57.44
CA ILE D 88 48.44 17.50 57.34
C ILE D 88 49.39 16.80 56.36
N ARG D 89 50.24 15.90 56.84
CA ARG D 89 51.14 15.04 56.01
C ARG D 89 50.32 13.85 55.52
N LEU D 90 50.53 13.45 54.26
CA LEU D 90 49.78 12.33 53.64
C LEU D 90 50.81 11.33 53.13
N THR D 91 50.59 10.05 53.43
CA THR D 91 51.40 8.94 52.90
C THR D 91 50.44 7.97 52.22
N ALA D 92 50.65 7.73 50.93
CA ALA D 92 50.02 6.65 50.16
C ALA D 92 50.51 5.30 50.72
N LEU D 93 49.61 4.48 51.25
CA LEU D 93 49.91 3.08 51.67
C LEU D 93 49.63 2.13 50.51
N ASP D 94 48.85 2.56 49.52
CA ASP D 94 48.57 1.82 48.27
C ASP D 94 49.30 2.54 47.12
N GLU D 95 50.26 1.87 46.49
CA GLU D 95 51.12 2.43 45.41
C GLU D 95 50.30 2.72 44.14
N THR D 96 49.10 2.17 43.98
CA THR D 96 48.29 2.27 42.72
C THR D 96 47.51 3.59 42.61
N ILE D 97 47.30 4.30 43.70
CA ILE D 97 46.52 5.59 43.71
C ILE D 97 47.27 6.63 42.87
N ASN D 98 46.66 7.17 41.80
CA ASN D 98 47.17 8.40 41.13
C ASN D 98 46.06 9.47 41.10
N ARG D 99 44.99 9.25 41.86
CA ARG D 99 43.87 10.22 41.96
C ARG D 99 43.46 10.33 43.42
N LEU D 100 43.45 11.54 43.99
CA LEU D 100 43.01 11.79 45.38
C LEU D 100 42.06 12.97 45.39
N TRP D 101 40.93 12.82 46.07
CA TRP D 101 39.94 13.90 46.27
C TRP D 101 39.82 14.14 47.77
N LEU D 102 39.83 15.41 48.15
CA LEU D 102 39.78 15.83 49.57
C LEU D 102 38.70 16.90 49.70
N ARG D 103 37.75 16.71 50.59
CA ARG D 103 36.68 17.71 50.82
C ARG D 103 37.04 18.52 52.05
N VAL D 104 37.01 19.84 51.93
CA VAL D 104 37.12 20.73 53.10
C VAL D 104 35.80 21.46 53.26
N VAL D 105 35.37 21.52 54.52
CA VAL D 105 34.10 22.11 54.99
C VAL D 105 34.04 23.56 54.51
N ALA D 106 32.86 23.98 54.08
CA ALA D 106 32.62 25.34 53.56
C ALA D 106 31.26 25.84 54.07
N GLU D 107 31.08 27.14 54.14
CA GLU D 107 29.78 27.79 54.44
C GLU D 107 29.21 28.25 53.09
N THR D 108 27.88 28.36 52.98
CA THR D 108 27.18 28.67 51.70
C THR D 108 27.68 30.02 51.14
N ASP D 109 27.99 30.99 51.99
CA ASP D 109 28.27 32.40 51.62
C ASP D 109 29.78 32.71 51.66
N GLU D 110 30.61 31.67 51.79
CA GLU D 110 32.10 31.77 51.83
C GLU D 110 32.66 32.17 50.45
N HIS D 111 33.64 33.08 50.45
CA HIS D 111 34.46 33.46 49.28
C HIS D 111 35.80 32.74 49.36
N VAL D 112 36.38 32.41 48.21
CA VAL D 112 37.74 31.82 48.11
C VAL D 112 38.50 32.55 47.00
N TRP D 113 39.71 32.98 47.30
CA TRP D 113 40.57 33.70 46.33
C TRP D 113 41.91 33.00 46.22
N GLY D 114 42.63 33.30 45.15
CA GLY D 114 43.99 32.80 44.88
C GLY D 114 44.00 31.93 43.66
N GLY D 115 44.50 30.70 43.79
CA GLY D 115 44.64 29.79 42.64
C GLY D 115 45.78 30.25 41.72
N GLY D 116 46.68 31.08 42.22
CA GLY D 116 47.77 31.66 41.43
C GLY D 116 47.35 33.00 40.89
N GLU D 117 47.66 33.25 39.62
CA GLU D 117 47.23 34.44 38.88
C GLU D 117 46.00 34.05 38.04
N GLN D 118 44.81 34.34 38.53
CA GLN D 118 43.53 34.05 37.83
C GLN D 118 43.19 35.30 37.03
N MET D 119 42.78 35.13 35.78
CA MET D 119 42.59 36.22 34.81
C MET D 119 41.09 36.54 34.68
N SER D 120 40.19 35.59 34.92
CA SER D 120 38.73 35.79 34.76
C SER D 120 38.03 36.05 36.11
N TYR D 121 38.20 35.18 37.11
CA TYR D 121 37.40 35.20 38.36
C TYR D 121 38.31 35.31 39.57
N PHE D 122 38.11 36.35 40.36
CA PHE D 122 38.95 36.62 41.56
C PHE D 122 38.40 35.76 42.69
N ASP D 123 37.14 35.96 43.07
CA ASP D 123 36.37 35.00 43.91
C ASP D 123 36.06 33.77 43.05
N MET D 124 36.69 32.64 43.35
CA MET D 124 36.57 31.39 42.58
C MET D 124 35.32 30.60 43.01
N ARG D 125 34.55 31.07 44.00
CA ARG D 125 33.39 30.29 44.51
C ARG D 125 32.39 30.04 43.38
N GLY D 126 31.88 28.81 43.28
CA GLY D 126 30.82 28.44 42.32
C GLY D 126 31.33 27.78 41.07
N ARG D 127 32.65 27.71 40.87
CA ARG D 127 33.25 27.21 39.60
C ARG D 127 34.39 26.25 39.92
N ARG D 128 34.91 25.57 38.89
CA ARG D 128 36.04 24.62 39.00
C ARG D 128 37.26 25.21 38.30
N PHE D 129 38.41 25.07 38.93
CA PHE D 129 39.69 25.63 38.43
C PHE D 129 40.76 24.54 38.38
N PRO D 130 40.95 23.92 37.21
CA PRO D 130 42.16 23.15 36.96
C PRO D 130 43.42 24.05 37.06
N LEU D 131 44.53 23.46 37.49
CA LEU D 131 45.78 24.17 37.86
C LEU D 131 46.95 23.50 37.15
N TRP D 132 47.17 23.97 35.92
CA TRP D 132 48.16 23.45 34.95
C TRP D 132 48.63 24.62 34.12
N THR D 133 49.91 24.96 34.21
CA THR D 133 50.46 26.13 33.49
C THR D 133 50.31 25.85 31.99
N SER D 134 49.83 26.83 31.23
CA SER D 134 49.65 26.72 29.76
C SER D 134 49.56 28.10 29.16
N GLU D 135 49.50 28.18 27.83
CA GLU D 135 48.90 29.35 27.16
C GLU D 135 47.52 29.57 27.83
N PRO D 136 47.23 30.81 28.27
CA PRO D 136 45.97 31.10 28.95
C PRO D 136 44.75 31.18 28.01
N GLY D 137 45.00 31.24 26.70
CA GLY D 137 43.98 31.33 25.66
C GLY D 137 43.89 32.72 25.06
N VAL D 138 43.45 32.79 23.80
CA VAL D 138 43.10 34.06 23.09
C VAL D 138 41.55 34.15 23.09
N GLY D 139 40.99 35.16 23.76
CA GLY D 139 39.55 35.36 23.95
C GLY D 139 39.06 34.77 25.27
N ARG D 140 39.33 33.49 25.50
CA ARG D 140 39.12 32.80 26.80
C ARG D 140 37.63 32.78 27.15
N ASP D 141 36.75 32.88 26.16
CA ASP D 141 35.28 32.93 26.37
C ASP D 141 34.60 32.30 25.13
N LYS D 142 34.00 31.12 25.29
CA LYS D 142 33.48 30.32 24.16
C LYS D 142 32.35 31.06 23.43
N THR D 143 31.80 32.13 24.00
CA THR D 143 30.72 32.92 23.34
C THR D 143 31.30 34.04 22.47
N THR D 144 32.61 34.27 22.42
CA THR D 144 33.14 35.34 21.54
C THR D 144 33.72 34.74 20.25
N GLU D 145 33.66 35.52 19.17
CA GLU D 145 34.18 35.20 17.83
C GLU D 145 35.70 35.00 17.89
N ILE D 146 36.41 35.80 18.67
CA ILE D 146 37.89 35.69 18.83
C ILE D 146 38.20 34.29 19.38
N THR D 147 37.48 33.85 20.41
CA THR D 147 37.75 32.55 21.05
C THR D 147 37.46 31.45 20.04
N PHE D 148 36.29 31.55 19.39
CA PHE D 148 35.83 30.58 18.36
C PHE D 148 36.91 30.45 17.28
N LYS D 149 37.37 31.58 16.73
CA LYS D 149 38.34 31.52 15.62
C LYS D 149 39.70 30.96 16.11
N SER D 150 40.11 31.29 17.33
CA SER D 150 41.36 30.76 17.94
C SER D 150 41.22 29.23 18.12
N ASP D 151 40.07 28.75 18.58
CA ASP D 151 39.82 27.29 18.75
C ASP D 151 39.89 26.60 17.38
N VAL D 152 39.20 27.12 16.38
CA VAL D 152 39.16 26.52 15.00
C VAL D 152 40.58 26.53 14.40
N SER D 153 41.31 27.64 14.49
CA SER D 153 42.60 27.75 13.75
C SER D 153 43.72 27.07 14.55
N GLY D 154 43.70 27.04 15.89
CA GLY D 154 44.84 26.53 16.69
C GLY D 154 44.51 25.91 18.05
N LYS D 155 43.28 25.53 18.34
CA LYS D 155 42.88 25.03 19.70
C LYS D 155 43.39 26.01 20.78
N ALA D 156 43.31 27.30 20.49
CA ALA D 156 44.07 28.38 21.15
C ALA D 156 43.13 29.32 21.92
N GLY D 157 41.82 29.05 21.94
CA GLY D 157 40.84 29.96 22.57
C GLY D 157 40.93 29.93 24.10
N GLY D 158 41.19 28.76 24.68
CA GLY D 158 41.19 28.53 26.14
C GLY D 158 39.83 28.87 26.76
N ASP D 159 39.83 29.19 28.05
CA ASP D 159 38.61 29.32 28.86
C ASP D 159 38.99 30.01 30.18
N TYR D 160 38.01 30.26 31.04
CA TYR D 160 38.07 31.17 32.21
C TYR D 160 39.18 30.74 33.19
N TYR D 161 39.55 29.46 33.22
CA TYR D 161 40.45 28.88 34.26
C TYR D 161 41.90 28.82 33.76
N ASN D 162 42.15 28.94 32.46
CA ASN D 162 43.50 28.79 31.89
C ASN D 162 44.38 29.96 32.39
N THR D 163 45.62 29.68 32.73
CA THR D 163 46.58 30.67 33.27
C THR D 163 48.03 30.20 33.04
N ASN D 164 48.90 31.18 32.77
CA ASN D 164 50.38 31.02 32.72
C ASN D 164 50.87 30.65 34.13
N TYR D 165 50.10 30.98 35.16
CA TYR D 165 50.55 30.90 36.59
C TYR D 165 49.41 30.38 37.46
N PRO D 166 49.21 29.06 37.48
CA PRO D 166 48.33 28.47 38.48
C PRO D 166 49.09 28.24 39.79
N GLN D 167 48.40 28.12 40.91
CA GLN D 167 49.01 27.71 42.19
C GLN D 167 47.94 27.09 43.07
N PRO D 168 48.19 25.87 43.61
CA PRO D 168 47.22 25.18 44.44
C PRO D 168 47.24 25.75 45.87
N THR D 169 46.86 27.03 45.96
CA THR D 169 46.77 27.82 47.22
C THR D 169 45.48 28.61 47.17
N TRP D 170 44.71 28.60 48.26
CA TRP D 170 43.54 29.50 48.37
C TRP D 170 43.52 30.19 49.72
N LEU D 171 42.93 31.38 49.75
CA LEU D 171 42.57 32.13 50.95
C LEU D 171 41.06 32.06 51.05
N SER D 172 40.54 31.70 52.22
CA SER D 172 39.10 31.58 52.51
C SER D 172 38.64 32.81 53.30
N SER D 173 37.44 33.29 53.03
CA SER D 173 36.80 34.38 53.81
C SER D 173 36.57 33.94 55.28
N ARG D 174 36.73 32.66 55.60
CA ARG D 174 36.73 32.13 56.98
C ARG D 174 38.08 32.37 57.66
N LYS D 175 39.01 33.10 57.04
CA LYS D 175 40.30 33.54 57.64
C LYS D 175 41.21 32.33 57.89
N TYR D 176 41.41 31.55 56.84
CA TYR D 176 42.53 30.59 56.75
C TYR D 176 42.93 30.53 55.28
N ALA D 177 44.17 30.17 55.02
CA ALA D 177 44.68 29.78 53.70
C ALA D 177 45.08 28.33 53.76
N LEU D 178 45.02 27.67 52.61
CA LEU D 178 45.34 26.26 52.39
C LEU D 178 46.36 26.24 51.25
N HIS D 179 47.42 25.47 51.40
CA HIS D 179 48.44 25.25 50.35
C HIS D 179 48.63 23.76 50.21
N VAL D 180 48.54 23.26 48.96
CA VAL D 180 48.85 21.86 48.62
C VAL D 180 50.28 21.82 48.08
N GLU D 181 51.16 21.06 48.75
CA GLU D 181 52.57 20.84 48.28
C GLU D 181 52.53 19.71 47.25
N THR D 182 52.36 20.07 46.00
CA THR D 182 52.42 19.16 44.82
C THR D 182 52.74 20.02 43.60
N SER D 183 53.33 19.39 42.59
CA SER D 183 53.46 19.96 41.22
C SER D 183 52.57 19.19 40.25
N ALA D 184 51.82 18.21 40.74
CA ALA D 184 50.91 17.43 39.87
C ALA D 184 49.74 18.33 39.45
N TYR D 185 49.13 17.98 38.33
CA TYR D 185 47.80 18.51 37.93
C TYR D 185 46.88 18.39 39.15
N SER D 186 46.08 19.43 39.38
CA SER D 186 45.11 19.48 40.46
C SER D 186 43.94 20.36 40.01
N VAL D 187 42.81 20.20 40.69
CA VAL D 187 41.58 20.99 40.41
C VAL D 187 41.04 21.47 41.74
N PHE D 188 40.77 22.77 41.85
CA PHE D 188 39.90 23.33 42.91
C PHE D 188 38.46 23.34 42.43
N ASP D 189 37.61 22.53 43.06
CA ASP D 189 36.17 22.44 42.71
C ASP D 189 35.36 23.15 43.78
N PHE D 190 34.92 24.37 43.49
CA PHE D 190 34.13 25.22 44.40
C PHE D 190 32.64 25.27 44.03
N ARG D 191 32.11 24.22 43.40
CA ARG D 191 30.73 24.21 42.86
C ARG D 191 29.69 23.87 43.96
N ASN D 192 30.08 23.35 45.10
CA ASN D 192 29.14 22.80 46.12
C ASN D 192 29.07 23.74 47.32
N GLY D 193 27.86 23.91 47.88
CA GLY D 193 27.61 24.92 48.94
C GLY D 193 28.30 24.57 50.25
N ASP D 194 28.46 23.28 50.55
CA ASP D 194 28.77 22.74 51.90
C ASP D 194 30.23 22.29 51.98
N PHE D 195 30.93 22.18 50.83
CA PHE D 195 32.33 21.75 50.82
C PHE D 195 33.03 22.24 49.54
N HIS D 196 34.32 22.49 49.69
CA HIS D 196 35.30 22.62 48.58
C HIS D 196 35.88 21.23 48.34
N GLU D 197 36.11 20.85 47.09
CA GLU D 197 36.79 19.58 46.77
C GLU D 197 38.07 19.88 45.98
N ILE D 198 39.17 19.33 46.47
CA ILE D 198 40.49 19.35 45.81
C ILE D 198 40.68 17.98 45.17
N GLU D 199 40.94 17.97 43.87
CA GLU D 199 41.42 16.80 43.09
C GLU D 199 42.92 16.95 42.85
N ILE D 200 43.69 15.90 43.10
CA ILE D 200 45.15 15.88 42.84
C ILE D 200 45.45 14.60 42.08
N TRP D 201 46.23 14.69 40.98
CA TRP D 201 46.68 13.53 40.20
C TRP D 201 47.97 13.00 40.83
N ALA D 202 47.98 12.87 42.15
CA ALA D 202 49.06 12.34 43.01
C ALA D 202 48.57 12.37 44.46
N VAL D 203 49.30 11.72 45.37
CA VAL D 203 49.12 11.96 46.83
C VAL D 203 50.14 13.01 47.22
N PRO D 204 49.73 14.25 47.54
CA PRO D 204 50.69 15.28 47.92
C PRO D 204 51.37 14.94 49.25
N GLU D 205 52.63 15.35 49.43
CA GLU D 205 53.43 15.13 50.66
C GLU D 205 52.66 15.74 51.83
N LYS D 206 52.14 16.96 51.69
CA LYS D 206 51.42 17.66 52.80
C LYS D 206 50.47 18.72 52.26
N ILE D 207 49.53 19.12 53.13
CA ILE D 207 48.64 20.30 52.96
C ILE D 207 48.89 21.21 54.16
N GLU D 208 49.24 22.46 53.91
CA GLU D 208 49.69 23.42 54.95
C GLU D 208 48.59 24.46 55.15
N PHE D 209 48.40 24.92 56.38
CA PHE D 209 47.32 25.83 56.78
C PHE D 209 47.92 27.08 57.44
N PHE D 210 47.29 28.23 57.22
CA PHE D 210 47.69 29.54 57.80
C PHE D 210 46.43 30.22 58.30
N ALA D 211 46.39 30.60 59.57
CA ALA D 211 45.17 31.14 60.21
C ALA D 211 45.56 32.36 60.99
N GLY D 212 44.73 33.39 61.04
CA GLY D 212 45.05 34.68 61.66
C GLY D 212 43.79 35.47 61.92
N ASP D 213 43.92 36.56 62.64
CA ASP D 213 42.78 37.43 63.03
C ASP D 213 42.44 38.33 61.84
N SER D 214 43.36 38.54 60.89
CA SER D 214 43.10 39.40 59.71
C SER D 214 43.60 38.75 58.41
N PHE D 215 43.04 39.17 57.27
CA PHE D 215 43.46 38.70 55.93
C PHE D 215 44.92 39.17 55.71
N ALA D 216 45.22 40.40 56.09
CA ALA D 216 46.57 41.01 55.97
C ALA D 216 47.62 40.08 56.62
N ASP D 217 47.33 39.55 57.81
CA ASP D 217 48.28 38.68 58.56
C ASP D 217 48.44 37.36 57.83
N ILE D 218 47.37 36.81 57.25
CA ILE D 218 47.49 35.52 56.51
C ILE D 218 48.31 35.76 55.24
N VAL D 219 48.11 36.88 54.54
CA VAL D 219 48.94 37.21 53.35
C VAL D 219 50.43 37.34 53.75
N SER D 220 50.72 38.04 54.86
CA SER D 220 52.09 38.15 55.44
C SER D 220 52.66 36.77 55.65
N ALA D 221 51.93 35.85 56.29
CA ALA D 221 52.42 34.48 56.58
C ALA D 221 52.59 33.69 55.27
N LEU D 222 51.71 33.83 54.28
CA LEU D 222 51.89 33.14 52.97
C LEU D 222 53.15 33.66 52.27
N SER D 223 53.36 34.98 52.25
CA SER D 223 54.53 35.59 51.57
C SER D 223 55.83 35.11 52.24
N LEU D 224 55.84 34.96 53.56
CA LEU D 224 57.02 34.47 54.30
C LEU D 224 57.27 33.02 53.88
N HIS D 225 56.21 32.24 53.67
CA HIS D 225 56.33 30.80 53.33
C HIS D 225 56.83 30.62 51.88
N PHE D 226 56.37 31.42 50.93
CA PHE D 226 56.80 31.29 49.51
C PHE D 226 58.09 32.08 49.26
N GLY D 227 58.35 33.11 50.05
CA GLY D 227 59.50 34.04 49.87
C GLY D 227 59.04 35.35 49.26
N ARG D 228 59.62 36.45 49.70
CA ARG D 228 59.27 37.82 49.27
C ARG D 228 60.25 38.29 48.21
N GLN D 229 59.91 39.37 47.52
CA GLN D 229 60.72 39.96 46.43
C GLN D 229 61.57 41.08 47.04
N PRO D 230 62.72 41.40 46.42
CA PRO D 230 63.46 42.61 46.77
C PRO D 230 62.57 43.81 46.52
N GLU D 231 62.94 44.96 47.10
CA GLU D 231 62.32 46.26 46.77
C GLU D 231 62.54 46.53 45.27
N LEU D 232 61.66 47.32 44.66
CA LEU D 232 61.88 47.76 43.25
C LEU D 232 63.19 48.56 43.20
N PRO D 233 64.03 48.38 42.16
CA PRO D 233 65.25 49.17 42.02
C PRO D 233 64.88 50.65 41.82
N ASP D 234 65.75 51.55 42.28
CA ASP D 234 65.55 53.02 42.19
C ASP D 234 65.36 53.47 40.74
N TRP D 235 66.02 52.87 39.77
CA TRP D 235 65.98 53.38 38.37
C TRP D 235 64.56 53.26 37.76
N VAL D 236 63.74 52.30 38.23
CA VAL D 236 62.35 52.08 37.74
C VAL D 236 61.54 53.37 37.88
N TYR D 237 61.77 54.11 38.96
CA TYR D 237 60.98 55.30 39.36
C TYR D 237 61.25 56.47 38.42
N ASN D 238 62.18 56.33 37.49
CA ASN D 238 62.49 57.44 36.55
C ASN D 238 61.41 57.57 35.48
N GLY D 239 60.55 56.56 35.29
CA GLY D 239 59.43 56.66 34.35
C GLY D 239 59.13 55.35 33.64
N ALA D 240 58.62 55.43 32.40
CA ALA D 240 58.11 54.25 31.67
C ALA D 240 59.26 53.50 31.00
N ILE D 241 59.12 52.20 30.88
CA ILE D 241 59.95 51.34 30.02
C ILE D 241 59.29 51.31 28.64
N ILE D 242 59.93 51.92 27.64
CA ILE D 242 59.37 51.98 26.26
C ILE D 242 59.75 50.69 25.54
N GLY D 243 58.74 49.86 25.20
CA GLY D 243 58.91 48.67 24.36
C GLY D 243 58.86 48.98 22.88
N LEU D 244 59.96 48.71 22.18
CA LEU D 244 60.04 48.87 20.70
C LEU D 244 60.77 47.65 20.14
N LYS D 245 60.37 47.18 18.98
CA LYS D 245 61.02 46.02 18.31
C LYS D 245 61.27 46.41 16.86
N ASP D 246 61.78 47.62 16.63
CA ASP D 246 61.91 48.24 15.28
C ASP D 246 63.41 48.39 14.91
N GLY D 247 64.28 47.55 15.46
CA GLY D 247 65.72 47.62 15.16
C GLY D 247 66.30 49.02 15.39
N VAL D 248 67.16 49.47 14.48
CA VAL D 248 67.85 50.79 14.60
C VAL D 248 66.82 51.91 14.65
N ASN D 249 65.68 51.74 13.98
CA ASN D 249 64.60 52.77 13.99
C ASN D 249 64.01 52.94 15.42
N SER D 250 64.20 51.99 16.33
CA SER D 250 63.73 52.09 17.73
C SER D 250 64.25 53.37 18.35
N PHE D 251 65.51 53.74 18.09
CA PHE D 251 66.20 54.88 18.75
C PHE D 251 65.60 56.21 18.31
N ALA D 252 65.30 56.38 17.02
CA ALA D 252 64.67 57.61 16.51
C ALA D 252 63.26 57.73 17.12
N ARG D 253 62.56 56.60 17.29
CA ARG D 253 61.18 56.60 17.85
C ARG D 253 61.28 56.96 19.33
N LEU D 254 62.26 56.41 20.05
CA LEU D 254 62.49 56.78 21.47
C LEU D 254 62.70 58.31 21.57
N GLU D 255 63.47 58.91 20.67
CA GLU D 255 63.76 60.37 20.72
C GLU D 255 62.44 61.16 20.58
N LYS D 256 61.56 60.79 19.64
CA LYS D 256 60.25 61.47 19.42
C LYS D 256 59.39 61.32 20.71
N ILE D 257 59.41 60.17 21.36
CA ILE D 257 58.65 59.94 22.62
C ILE D 257 59.22 60.85 23.72
N ARG D 258 60.54 60.95 23.82
CA ARG D 258 61.20 61.82 24.83
C ARG D 258 60.90 63.31 24.53
N ALA D 259 60.88 63.72 23.27
CA ALA D 259 60.61 65.12 22.85
C ALA D 259 59.22 65.57 23.33
N ALA D 260 58.27 64.65 23.54
CA ALA D 260 56.90 65.00 24.01
C ALA D 260 56.88 65.20 25.54
N GLY D 261 58.01 65.03 26.22
CA GLY D 261 58.12 65.22 27.67
C GLY D 261 57.97 63.92 28.44
N THR D 262 57.85 62.77 27.76
CA THR D 262 57.68 61.44 28.38
C THR D 262 58.82 61.21 29.35
N LYS D 263 58.50 60.74 30.56
CA LYS D 263 59.53 60.30 31.53
C LYS D 263 59.84 58.84 31.22
N VAL D 264 61.12 58.56 30.95
CA VAL D 264 61.58 57.23 30.47
C VAL D 264 62.61 56.70 31.44
N SER D 265 62.37 55.52 32.01
CA SER D 265 63.34 54.78 32.85
C SER D 265 64.18 53.81 32.00
N GLY D 266 63.65 53.33 30.88
CA GLY D 266 64.21 52.16 30.17
C GLY D 266 63.76 52.09 28.72
N LEU D 267 64.61 51.54 27.87
CA LEU D 267 64.27 51.12 26.51
C LEU D 267 64.32 49.60 26.51
N TRP D 268 63.21 48.96 26.16
CA TRP D 268 63.09 47.48 26.16
C TRP D 268 62.92 47.05 24.71
N CYS D 269 63.93 46.37 24.17
CA CYS D 269 63.98 45.90 22.77
C CYS D 269 64.05 44.38 22.78
N GLU D 270 62.89 43.72 22.68
CA GLU D 270 62.82 42.25 22.71
C GLU D 270 63.51 41.70 21.45
N ASP D 271 63.61 42.51 20.38
CA ASP D 271 64.29 42.12 19.12
C ASP D 271 65.82 42.35 19.21
N TRP D 272 66.38 42.49 20.41
CA TRP D 272 67.85 42.63 20.58
C TRP D 272 68.55 41.37 20.03
N VAL D 273 67.84 40.25 19.92
CA VAL D 273 68.33 38.95 19.37
C VAL D 273 67.97 38.79 17.89
N GLY D 274 67.28 39.76 17.29
CA GLY D 274 66.84 39.70 15.90
C GLY D 274 65.35 39.42 15.85
N LEU D 275 64.69 40.01 14.85
CA LEU D 275 63.26 39.79 14.53
C LEU D 275 63.16 38.61 13.55
N ARG D 276 62.34 37.61 13.87
CA ARG D 276 61.91 36.57 12.93
C ARG D 276 60.55 37.02 12.40
N GLN D 277 60.50 37.78 11.31
CA GLN D 277 59.24 38.20 10.68
C GLN D 277 58.63 37.01 9.95
N THR D 278 57.37 36.74 10.22
CA THR D 278 56.56 35.74 9.47
C THR D 278 55.31 36.42 8.91
N SER D 279 54.60 35.72 8.03
CA SER D 279 53.28 36.14 7.50
C SER D 279 52.28 36.27 8.66
N PHE D 280 52.53 35.66 9.83
CA PHE D 280 51.59 35.48 10.96
C PHE D 280 51.87 36.51 12.07
N GLY D 281 53.09 36.98 12.18
CA GLY D 281 53.48 38.09 13.07
C GLY D 281 54.99 38.29 13.17
N ALA D 282 55.39 39.30 13.91
CA ALA D 282 56.79 39.68 14.17
C ALA D 282 57.25 38.91 15.40
N ARG D 283 57.81 37.72 15.19
CA ARG D 283 58.39 36.91 16.29
C ARG D 283 59.86 37.26 16.44
N LEU D 284 60.54 36.64 17.42
CA LEU D 284 61.98 36.86 17.73
C LEU D 284 62.77 35.63 17.30
N PHE D 285 64.08 35.80 17.05
CA PHE D 285 65.06 34.70 16.82
C PHE D 285 65.49 34.18 18.20
N TRP D 286 65.10 32.97 18.55
CA TRP D 286 65.36 32.38 19.89
C TRP D 286 66.80 31.85 19.99
N ASP D 287 67.77 32.77 19.98
CA ASP D 287 69.21 32.52 20.25
C ASP D 287 69.70 33.69 21.08
N TRP D 288 70.02 33.45 22.35
CA TRP D 288 70.09 34.51 23.39
C TRP D 288 71.47 35.18 23.41
N GLN D 289 71.77 35.95 22.36
CA GLN D 289 72.90 36.91 22.33
C GLN D 289 72.56 38.07 21.42
N ALA D 290 73.20 39.23 21.67
CA ALA D 290 72.97 40.46 20.89
C ALA D 290 73.17 40.13 19.39
N ASN D 291 72.28 40.63 18.55
CA ASN D 291 72.31 40.37 17.10
C ASN D 291 72.87 41.61 16.39
N ASP D 292 74.11 41.51 15.91
CA ASP D 292 74.89 42.60 15.27
C ASP D 292 74.23 43.01 13.93
N THR D 293 73.40 42.18 13.32
CA THR D 293 72.67 42.55 12.07
C THR D 293 71.54 43.53 12.42
N ARG D 294 70.78 43.24 13.49
CA ARG D 294 69.57 44.02 13.89
C ARG D 294 69.95 45.30 14.62
N TYR D 295 70.90 45.21 15.57
CA TYR D 295 71.45 46.35 16.37
C TYR D 295 72.96 46.36 16.27
N PRO D 296 73.54 46.95 15.21
CA PRO D 296 74.99 46.83 14.95
C PRO D 296 75.86 47.54 15.99
N HIS D 297 75.29 48.49 16.75
CA HIS D 297 76.01 49.32 17.71
C HIS D 297 75.43 49.16 19.12
N LEU D 298 74.88 48.01 19.48
CA LEU D 298 74.02 47.89 20.68
C LEU D 298 74.84 48.21 21.95
N ARG D 299 76.05 47.68 22.09
CA ARG D 299 76.87 47.91 23.31
C ARG D 299 77.09 49.43 23.49
N GLN D 300 77.35 50.16 22.41
CA GLN D 300 77.64 51.62 22.42
C GLN D 300 76.33 52.34 22.74
N LYS D 301 75.21 51.95 22.12
CA LYS D 301 73.87 52.56 22.36
C LYS D 301 73.49 52.32 23.83
N ILE D 302 73.78 51.17 24.41
CA ILE D 302 73.50 50.92 25.85
C ILE D 302 74.24 51.94 26.73
N ALA D 303 75.52 52.19 26.43
CA ALA D 303 76.36 53.10 27.25
C ALA D 303 75.90 54.55 27.03
N GLU D 304 75.53 54.92 25.80
CA GLU D 304 74.99 56.24 25.46
C GLU D 304 73.69 56.46 26.25
N LEU D 305 72.77 55.50 26.25
CA LEU D 305 71.47 55.64 26.98
C LEU D 305 71.75 55.70 28.49
N ALA D 306 72.71 54.94 29.00
CA ALA D 306 73.04 54.94 30.45
C ALA D 306 73.47 56.34 30.88
N ASP D 307 74.24 57.05 30.05
CA ASP D 307 74.69 58.43 30.39
C ASP D 307 73.48 59.38 30.44
N GLN D 308 72.36 59.03 29.80
CA GLN D 308 71.12 59.87 29.80
C GLN D 308 70.14 59.39 30.91
N GLY D 309 70.55 58.42 31.75
CA GLY D 309 69.72 57.89 32.85
C GLY D 309 68.64 56.92 32.37
N ILE D 310 68.85 56.26 31.23
CA ILE D 310 67.90 55.31 30.60
C ILE D 310 68.57 53.92 30.55
N ARG D 311 67.97 52.95 31.24
CA ARG D 311 68.50 51.57 31.22
C ARG D 311 68.05 50.91 29.93
N PHE D 312 68.65 49.76 29.63
CA PHE D 312 68.29 48.93 28.46
C PHE D 312 67.87 47.55 28.93
N LEU D 313 66.74 47.04 28.39
CA LEU D 313 66.17 45.72 28.74
C LEU D 313 66.01 44.88 27.48
N GLY D 314 66.19 43.57 27.63
CA GLY D 314 66.04 42.63 26.52
C GLY D 314 64.99 41.58 26.81
N TYR D 315 65.29 40.36 26.35
CA TYR D 315 64.32 39.25 26.21
C TYR D 315 65.11 37.96 26.21
N VAL D 316 64.61 36.97 26.94
CA VAL D 316 65.17 35.59 26.93
C VAL D 316 64.03 34.63 27.30
N ASN D 317 64.13 33.40 26.86
CA ASN D 317 63.19 32.34 27.26
C ASN D 317 64.03 31.07 27.32
N PRO D 318 63.51 29.98 27.94
CA PRO D 318 64.32 28.83 28.30
C PRO D 318 64.44 27.76 27.22
N TYR D 319 64.14 28.10 25.97
CA TYR D 319 64.18 27.20 24.80
C TYR D 319 65.25 27.72 23.81
N LEU D 320 65.79 26.89 22.96
CA LEU D 320 66.80 27.27 21.92
C LEU D 320 66.33 26.71 20.57
N CYS D 321 66.25 27.54 19.55
CA CYS D 321 65.76 27.13 18.21
C CYS D 321 66.87 26.35 17.50
N VAL D 322 66.47 25.40 16.66
CA VAL D 322 67.39 24.41 16.00
C VAL D 322 68.39 25.12 15.09
N ASP D 323 68.03 26.24 14.50
CA ASP D 323 68.85 26.95 13.48
C ASP D 323 69.76 28.00 14.16
N GLY D 324 69.79 28.08 15.49
CA GLY D 324 70.65 29.05 16.21
C GLY D 324 72.00 28.45 16.64
N PRO D 325 73.08 29.26 16.72
CA PRO D 325 74.40 28.75 17.10
C PRO D 325 74.52 28.23 18.55
N LEU D 326 73.64 28.62 19.49
CA LEU D 326 73.67 28.05 20.85
C LEU D 326 73.12 26.62 20.87
N PHE D 327 72.22 26.24 19.98
CA PHE D 327 71.56 24.90 20.01
C PHE D 327 72.62 23.80 19.99
N PRO D 328 73.58 23.78 19.03
CA PRO D 328 74.63 22.76 18.96
C PRO D 328 75.51 22.69 20.22
N VAL D 329 75.77 23.83 20.85
CA VAL D 329 76.57 23.88 22.10
C VAL D 329 75.83 23.06 23.15
N ALA D 330 74.53 23.33 23.29
CA ALA D 330 73.73 22.72 24.37
C ALA D 330 73.53 21.25 24.05
N GLU D 331 73.29 20.92 22.78
CA GLU D 331 73.06 19.51 22.35
C GLU D 331 74.31 18.67 22.65
N SER D 332 75.48 19.22 22.32
CA SER D 332 76.79 18.54 22.49
C SER D 332 77.06 18.29 23.99
N ALA D 333 76.70 19.21 24.88
CA ALA D 333 76.91 19.06 26.34
C ALA D 333 75.83 18.16 26.98
N GLY D 334 74.78 17.79 26.27
CA GLY D 334 73.67 16.98 26.83
C GLY D 334 72.75 17.78 27.74
N TYR D 335 72.45 19.02 27.37
CA TYR D 335 71.69 20.00 28.21
C TYR D 335 70.21 20.05 27.80
N PHE D 336 69.77 19.26 26.84
CA PHE D 336 68.36 19.24 26.34
C PHE D 336 67.57 18.07 26.94
N ALA D 337 66.27 18.31 27.16
CA ALA D 337 65.28 17.27 27.46
C ALA D 337 65.22 16.33 26.25
N THR D 338 64.96 15.04 26.47
CA THR D 338 65.08 13.99 25.43
C THR D 338 63.71 13.34 25.21
N ASP D 339 63.50 12.73 24.05
CA ASP D 339 62.27 11.96 23.72
C ASP D 339 62.47 10.51 24.21
N VAL D 340 61.52 9.62 23.90
CA VAL D 340 61.55 8.20 24.37
C VAL D 340 62.84 7.50 23.88
N ASP D 341 63.33 7.81 22.67
CA ASP D 341 64.52 7.17 22.04
C ASP D 341 65.84 7.87 22.45
N GLY D 342 65.84 8.82 23.38
CA GLY D 342 67.07 9.46 23.89
C GLY D 342 67.56 10.62 23.00
N LYS D 343 66.88 10.93 21.89
CA LYS D 343 67.23 12.09 21.02
C LYS D 343 66.72 13.39 21.69
N THR D 344 67.34 14.52 21.36
CA THR D 344 66.86 15.87 21.72
C THR D 344 65.37 15.99 21.31
N ALA D 345 64.50 16.25 22.29
CA ALA D 345 63.05 16.46 22.05
C ALA D 345 62.87 17.87 21.47
N LEU D 346 62.27 17.93 20.28
CA LEU D 346 61.96 19.20 19.60
C LEU D 346 60.48 19.52 19.87
N VAL D 347 60.20 20.76 20.25
CA VAL D 347 58.82 21.24 20.54
C VAL D 347 58.46 22.23 19.44
N ASP D 348 57.24 22.10 18.91
CA ASP D 348 56.73 23.00 17.85
C ASP D 348 56.13 24.24 18.51
N PHE D 349 56.75 25.40 18.31
CA PHE D 349 56.26 26.71 18.85
C PHE D 349 55.40 27.41 17.81
N GLY D 350 55.31 26.86 16.59
CA GLY D 350 54.49 27.37 15.47
C GLY D 350 55.26 27.42 14.18
N GLU D 351 56.03 28.48 13.97
CA GLU D 351 56.80 28.72 12.71
C GLU D 351 58.17 28.05 12.84
N PHE D 352 58.52 27.46 13.99
CA PHE D 352 59.91 27.02 14.28
C PHE D 352 59.89 26.02 15.43
N ASP D 353 60.91 25.17 15.45
CA ASP D 353 61.14 24.07 16.43
C ASP D 353 62.31 24.45 17.34
N CYS D 354 62.23 24.08 18.60
CA CYS D 354 63.23 24.46 19.63
C CYS D 354 63.45 23.29 20.58
N GLY D 355 64.63 23.22 21.16
CA GLY D 355 64.94 22.31 22.29
C GLY D 355 64.59 22.98 23.61
N VAL D 356 64.33 22.14 24.60
CA VAL D 356 64.00 22.54 25.99
C VAL D 356 65.25 22.34 26.84
N VAL D 357 65.84 23.42 27.34
CA VAL D 357 67.04 23.34 28.21
C VAL D 357 66.62 22.65 29.52
N ASP D 358 67.26 21.53 29.87
CA ASP D 358 66.74 20.65 30.95
C ASP D 358 67.24 21.18 32.30
N PHE D 359 66.48 22.04 32.97
CA PHE D 359 66.91 22.67 34.23
C PHE D 359 66.94 21.65 35.37
N THR D 360 66.51 20.40 35.17
CA THR D 360 66.66 19.34 36.21
C THR D 360 68.11 18.81 36.21
N ASN D 361 68.87 19.05 35.12
CA ASN D 361 70.32 18.83 35.02
C ASN D 361 71.03 20.06 35.60
N PRO D 362 71.67 19.98 36.79
CA PRO D 362 72.28 21.14 37.42
C PRO D 362 73.30 21.87 36.52
N ALA D 363 74.05 21.11 35.72
CA ALA D 363 75.08 21.68 34.82
C ALA D 363 74.37 22.51 33.72
N ALA D 364 73.22 22.07 33.23
CA ALA D 364 72.43 22.79 32.21
C ALA D 364 71.90 24.11 32.80
N ALA D 365 71.35 24.05 34.01
CA ALA D 365 70.85 25.22 34.77
C ALA D 365 71.99 26.20 35.02
N ASP D 366 73.14 25.71 35.49
CA ASP D 366 74.34 26.53 35.77
C ASP D 366 74.86 27.12 34.45
N TRP D 367 74.91 26.35 33.38
CA TRP D 367 75.34 26.86 32.06
C TRP D 367 74.44 28.03 31.62
N PHE D 368 73.11 27.88 31.73
CA PHE D 368 72.15 28.93 31.27
C PHE D 368 72.38 30.20 32.08
N ALA D 369 72.52 30.05 33.41
CA ALA D 369 72.72 31.17 34.35
C ALA D 369 74.04 31.89 34.05
N ALA D 370 75.13 31.16 33.83
CA ALA D 370 76.48 31.76 33.64
C ALA D 370 76.64 32.32 32.21
N ALA D 371 76.39 31.50 31.18
CA ALA D 371 76.66 31.83 29.77
C ALA D 371 75.65 32.84 29.21
N ILE D 372 74.36 32.70 29.54
CA ILE D 372 73.32 33.51 28.87
C ILE D 372 72.93 34.66 29.80
N ILE D 373 72.42 34.39 30.99
CA ILE D 373 71.98 35.48 31.91
C ILE D 373 73.22 36.33 32.27
N GLY D 374 74.30 35.67 32.71
CA GLY D 374 75.53 36.35 33.13
C GLY D 374 76.27 37.04 31.99
N LYS D 375 76.86 36.25 31.07
CA LYS D 375 77.76 36.78 30.01
C LYS D 375 76.97 37.55 28.96
N ASN D 376 75.96 36.95 28.33
CA ASN D 376 75.29 37.54 27.14
C ASN D 376 74.34 38.67 27.52
N MET D 377 73.84 38.72 28.75
CA MET D 377 72.83 39.74 29.12
C MET D 377 73.40 40.76 30.12
N LEU D 378 73.66 40.36 31.36
CA LEU D 378 74.13 41.29 32.42
C LEU D 378 75.50 41.89 32.06
N ASP D 379 76.48 41.07 31.67
CA ASP D 379 77.83 41.61 31.31
C ASP D 379 77.74 42.43 30.01
N PHE D 380 76.75 42.20 29.16
CA PHE D 380 76.57 43.00 27.92
C PHE D 380 76.00 44.41 28.27
N GLY D 381 75.43 44.58 29.46
CA GLY D 381 74.90 45.88 29.92
C GLY D 381 73.39 45.95 30.11
N LEU D 382 72.65 44.84 29.98
CA LEU D 382 71.18 44.81 30.24
C LEU D 382 70.94 44.98 31.75
N SER D 383 70.02 45.89 32.14
CA SER D 383 69.57 46.08 33.53
C SER D 383 68.32 45.22 33.79
N GLY D 384 67.84 44.51 32.78
CA GLY D 384 66.60 43.72 32.93
C GLY D 384 66.13 43.15 31.61
N TRP D 385 65.07 42.36 31.68
CA TRP D 385 64.53 41.63 30.50
C TRP D 385 63.18 41.01 30.85
N MET D 386 62.40 40.77 29.81
CA MET D 386 61.30 39.79 29.81
C MET D 386 61.94 38.39 29.91
N ALA D 387 61.59 37.65 30.96
CA ALA D 387 61.95 36.23 31.14
C ALA D 387 60.70 35.41 30.84
N ASP D 388 60.55 35.01 29.58
CA ASP D 388 59.28 34.61 28.96
C ASP D 388 59.12 33.09 29.07
N PHE D 389 57.90 32.62 28.80
CA PHE D 389 57.54 31.19 28.63
C PHE D 389 57.81 30.46 29.95
N GLY D 390 57.95 29.15 29.88
CA GLY D 390 57.93 28.28 31.07
C GLY D 390 56.76 27.32 31.09
N GLU D 391 55.82 27.39 30.16
CA GLU D 391 54.55 26.64 30.31
C GLU D 391 54.41 25.57 29.24
N TYR D 392 55.45 25.32 28.44
CA TYR D 392 55.32 24.44 27.25
C TYR D 392 55.95 23.07 27.46
N LEU D 393 56.10 22.57 28.69
CA LEU D 393 56.72 21.22 28.83
C LEU D 393 55.66 20.16 28.50
N PRO D 394 55.82 19.38 27.42
CA PRO D 394 54.88 18.29 27.11
C PRO D 394 55.15 17.11 28.06
N ILE D 395 54.15 16.28 28.29
CA ILE D 395 54.24 15.19 29.30
C ILE D 395 54.90 13.93 28.71
N ASP D 396 55.25 13.92 27.42
CA ASP D 396 55.86 12.74 26.74
C ASP D 396 57.40 12.89 26.61
N ILE D 397 58.02 13.87 27.29
CA ILE D 397 59.48 14.17 27.24
C ILE D 397 60.14 13.60 28.51
N LYS D 398 61.44 13.30 28.45
CA LYS D 398 62.23 12.66 29.54
C LYS D 398 63.22 13.70 30.10
N LEU D 399 63.34 13.76 31.40
CA LEU D 399 64.18 14.75 32.09
C LEU D 399 65.30 14.02 32.83
N SER D 400 66.45 14.68 32.88
CA SER D 400 67.72 14.23 33.47
C SER D 400 67.48 13.71 34.89
N ASN D 401 66.65 14.36 35.72
CA ASN D 401 66.43 13.91 37.13
C ASN D 401 65.53 12.67 37.21
N GLY D 402 65.03 12.14 36.09
CA GLY D 402 64.18 10.92 36.08
C GLY D 402 62.78 11.14 36.66
N VAL D 403 62.37 12.39 36.99
CA VAL D 403 61.00 12.66 37.49
C VAL D 403 60.10 12.77 36.25
N ASP D 404 58.93 12.17 36.30
CA ASP D 404 57.92 12.19 35.20
C ASP D 404 57.61 13.65 34.82
N ALA D 405 57.53 13.92 33.53
CA ALA D 405 57.13 15.24 32.97
C ALA D 405 55.76 15.67 33.52
N LYS D 406 54.91 14.72 33.90
CA LYS D 406 53.62 14.96 34.57
C LYS D 406 53.80 15.72 35.88
N LEU D 407 54.94 15.55 36.56
CA LEU D 407 55.26 16.28 37.81
C LEU D 407 56.16 17.48 37.52
N MET D 408 56.95 17.47 36.44
CA MET D 408 57.92 18.55 36.19
C MET D 408 57.24 19.68 35.43
N HIS D 409 56.14 19.41 34.72
CA HIS D 409 55.44 20.45 33.90
C HIS D 409 55.16 21.69 34.75
N ASN D 410 54.44 21.55 35.85
CA ASN D 410 54.09 22.69 36.71
C ASN D 410 55.33 23.26 37.42
N ALA D 411 56.37 22.46 37.67
CA ALA D 411 57.59 22.94 38.40
C ALA D 411 58.43 23.83 37.47
N TRP D 412 58.23 23.77 36.16
CA TRP D 412 59.13 24.39 35.17
C TRP D 412 59.27 25.89 35.39
N PRO D 413 58.17 26.66 35.56
CA PRO D 413 58.31 28.11 35.76
C PRO D 413 59.18 28.47 36.96
N THR D 414 59.10 27.71 38.04
CA THR D 414 59.87 27.95 39.29
C THR D 414 61.36 27.65 39.03
N LEU D 415 61.69 26.57 38.33
CA LEU D 415 63.09 26.26 37.93
C LEU D 415 63.62 27.40 37.03
N TRP D 416 62.79 27.89 36.12
CA TRP D 416 63.18 28.94 35.14
C TRP D 416 63.42 30.25 35.91
N ALA D 417 62.55 30.54 36.86
CA ALA D 417 62.69 31.73 37.71
C ALA D 417 64.04 31.69 38.44
N GLU D 418 64.40 30.52 38.94
CA GLU D 418 65.61 30.30 39.78
C GLU D 418 66.86 30.51 38.91
N VAL D 419 66.85 30.00 37.69
CA VAL D 419 67.97 30.23 36.74
C VAL D 419 68.18 31.73 36.58
N ASN D 420 67.13 32.51 36.36
CA ASN D 420 67.23 33.96 36.16
C ASN D 420 67.82 34.57 37.44
N ALA D 421 67.29 34.19 38.60
CA ALA D 421 67.69 34.76 39.91
C ALA D 421 69.16 34.43 40.18
N LYS D 422 69.61 33.21 39.88
CA LYS D 422 71.02 32.79 40.10
C LYS D 422 71.96 33.62 39.22
N GLY D 423 71.62 33.83 37.96
CA GLY D 423 72.44 34.64 37.06
C GLY D 423 72.58 36.05 37.59
N VAL D 424 71.46 36.63 38.05
CA VAL D 424 71.41 37.98 38.65
C VAL D 424 72.32 38.00 39.90
N GLU D 425 72.22 36.99 40.76
CA GLU D 425 72.95 36.92 42.05
C GLU D 425 74.46 36.80 41.76
N SER D 426 74.83 36.08 40.70
CA SER D 426 76.24 35.84 40.30
C SER D 426 76.93 37.15 39.91
N ARG D 427 76.18 38.21 39.59
CA ARG D 427 76.72 39.55 39.23
C ARG D 427 76.50 40.52 40.40
N GLY D 428 76.03 40.05 41.56
CA GLY D 428 75.66 40.91 42.71
C GLY D 428 74.60 41.94 42.37
N LYS D 429 73.59 41.61 41.54
CA LYS D 429 72.65 42.62 40.99
C LYS D 429 71.21 42.31 41.45
N THR D 430 71.04 41.46 42.46
CA THR D 430 69.72 41.21 43.10
C THR D 430 69.22 42.54 43.69
N GLY D 431 68.01 42.95 43.35
CA GLY D 431 67.44 44.25 43.79
C GLY D 431 67.79 45.38 42.85
N GLU D 432 68.56 45.12 41.77
CA GLU D 432 68.96 46.18 40.79
C GLU D 432 68.54 45.72 39.38
N ALA D 433 68.87 44.49 38.97
CA ALA D 433 68.37 43.92 37.69
C ALA D 433 66.88 43.64 37.84
N LEU D 434 66.09 43.96 36.83
CA LEU D 434 64.63 43.75 36.83
C LEU D 434 64.24 42.79 35.72
N PHE D 435 64.04 41.51 36.04
CA PHE D 435 63.43 40.60 35.05
C PHE D 435 61.97 40.38 35.48
N PHE D 436 61.13 40.13 34.48
CA PHE D 436 59.67 39.92 34.71
C PHE D 436 59.21 38.68 33.97
N MET D 437 58.35 37.92 34.64
CA MET D 437 57.84 36.62 34.19
C MET D 437 56.30 36.68 34.05
N ARG D 438 55.78 35.93 33.08
CA ARG D 438 54.32 35.71 32.90
C ARG D 438 53.97 34.34 33.49
N ALA D 439 54.89 33.38 33.48
CA ALA D 439 54.60 32.01 33.97
C ALA D 439 55.00 31.87 35.44
N GLY D 440 54.39 30.93 36.13
CA GLY D 440 54.64 30.76 37.56
C GLY D 440 54.05 29.46 38.07
N PHE D 441 54.47 29.10 39.27
CA PHE D 441 53.95 28.03 40.12
C PHE D 441 54.48 28.30 41.52
N THR D 442 54.12 27.48 42.48
CA THR D 442 54.62 27.56 43.87
C THR D 442 56.13 27.86 43.86
N GLY D 443 56.55 28.95 44.47
CA GLY D 443 57.97 29.25 44.74
C GLY D 443 58.56 30.28 43.80
N VAL D 444 57.87 30.62 42.73
CA VAL D 444 58.30 31.66 41.74
C VAL D 444 58.49 32.97 42.52
N GLN D 445 57.75 33.14 43.61
CA GLN D 445 57.77 34.35 44.46
C GLN D 445 59.20 34.63 45.00
N ALA D 446 59.96 33.58 45.32
CA ALA D 446 61.27 33.68 45.98
C ALA D 446 62.34 34.17 45.00
N HIS D 447 62.11 34.01 43.70
CA HIS D 447 63.13 34.18 42.64
C HIS D 447 62.80 35.38 41.75
N CYS D 448 61.53 35.54 41.35
CA CYS D 448 61.11 36.52 40.35
C CYS D 448 60.72 37.83 41.03
N PRO D 449 61.35 38.97 40.66
CA PRO D 449 61.05 40.25 41.31
C PRO D 449 59.79 41.00 40.80
N LEU D 450 59.23 40.58 39.67
CA LEU D 450 58.13 41.30 38.98
C LEU D 450 57.39 40.33 38.08
N ILE D 451 56.06 40.24 38.22
CA ILE D 451 55.16 39.46 37.33
C ILE D 451 54.61 40.42 36.27
N TRP D 452 54.35 39.93 35.06
CA TRP D 452 53.48 40.65 34.11
C TRP D 452 52.33 39.73 33.69
N GLY D 453 51.22 40.34 33.28
CA GLY D 453 49.93 39.62 33.10
C GLY D 453 49.90 38.81 31.81
N GLY D 454 51.02 38.64 31.13
CA GLY D 454 51.10 37.85 29.91
C GLY D 454 50.47 38.60 28.75
N ASN D 455 49.89 37.86 27.81
CA ASN D 455 49.25 38.37 26.57
C ASN D 455 47.75 38.58 26.81
N GLN D 456 47.30 39.83 26.85
CA GLN D 456 45.87 40.22 26.70
C GLN D 456 45.61 40.46 25.21
N SER D 457 44.38 40.25 24.79
CA SER D 457 43.87 40.78 23.50
C SER D 457 43.96 42.31 23.55
N VAL D 458 44.07 42.93 22.39
CA VAL D 458 44.07 44.40 22.27
C VAL D 458 42.62 44.86 22.31
N ASP D 459 41.93 44.69 23.45
CA ASP D 459 40.50 45.04 23.51
C ASP D 459 40.08 45.24 24.96
N PHE D 460 38.80 45.61 25.11
CA PHE D 460 38.10 45.79 26.40
C PHE D 460 37.28 44.54 26.76
N SER D 461 37.56 43.38 26.21
CA SER D 461 36.72 42.18 26.46
C SER D 461 36.84 41.75 27.94
N ARG D 462 35.78 41.13 28.46
CA ARG D 462 35.63 40.68 29.85
C ARG D 462 36.69 39.62 30.18
N HIS D 463 36.99 38.73 29.23
CA HIS D 463 37.80 37.52 29.53
C HIS D 463 39.20 37.58 28.92
N ASP D 464 39.54 38.60 28.15
CA ASP D 464 40.92 38.69 27.63
C ASP D 464 41.40 40.14 27.43
N GLY D 465 40.70 41.15 27.93
CA GLY D 465 41.05 42.56 27.76
C GLY D 465 41.60 43.19 29.03
N LEU D 466 41.61 44.52 29.06
CA LEU D 466 42.20 45.36 30.12
C LEU D 466 41.78 44.85 31.50
N VAL D 467 40.49 44.56 31.69
CA VAL D 467 39.94 44.24 33.05
C VAL D 467 40.60 42.96 33.59
N THR D 468 41.11 42.05 32.76
CA THR D 468 41.65 40.77 33.26
C THR D 468 42.97 41.03 33.98
N VAL D 469 43.66 42.13 33.66
CA VAL D 469 44.94 42.51 34.32
C VAL D 469 44.69 42.73 35.83
N ILE D 470 43.57 43.34 36.17
CA ILE D 470 43.24 43.70 37.57
C ILE D 470 43.01 42.41 38.34
N CYS D 471 42.27 41.49 37.77
CA CYS D 471 42.02 40.15 38.35
C CYS D 471 43.36 39.45 38.60
N GLY D 472 44.25 39.47 37.61
CA GLY D 472 45.61 38.89 37.74
C GLY D 472 46.43 39.52 38.85
N ALA D 473 46.44 40.84 38.95
CA ALA D 473 47.13 41.56 40.05
C ALA D 473 46.58 41.15 41.42
N LEU D 474 45.24 41.16 41.61
CA LEU D 474 44.63 40.90 42.94
C LEU D 474 44.94 39.46 43.37
N SER D 475 44.71 38.49 42.49
CA SER D 475 44.94 37.06 42.82
C SER D 475 46.44 36.83 43.10
N SER D 476 47.31 37.22 42.19
CA SER D 476 48.77 36.92 42.29
C SER D 476 49.33 37.63 43.52
N GLY D 477 48.75 38.78 43.88
CA GLY D 477 49.12 39.58 45.05
C GLY D 477 48.85 38.82 46.35
N LEU D 478 47.69 38.16 46.48
CA LEU D 478 47.37 37.37 47.70
C LEU D 478 48.30 36.16 47.79
N MET D 479 48.86 35.72 46.66
CA MET D 479 49.76 34.53 46.62
C MET D 479 51.21 34.96 46.93
N GLY D 480 51.46 36.23 47.15
CA GLY D 480 52.75 36.74 47.65
C GLY D 480 53.62 37.35 46.56
N ASN D 481 53.06 37.60 45.37
CA ASN D 481 53.74 38.37 44.31
C ASN D 481 53.31 39.84 44.46
N ALA D 482 54.18 40.65 45.05
CA ALA D 482 53.81 42.01 45.49
C ALA D 482 53.73 42.95 44.28
N TYR D 483 54.35 42.61 43.16
CA TYR D 483 54.53 43.54 42.01
C TYR D 483 54.01 42.87 40.74
N HIS D 484 53.00 43.50 40.14
CA HIS D 484 52.31 43.05 38.91
C HIS D 484 52.29 44.21 37.92
N HIS D 485 52.36 43.95 36.62
CA HIS D 485 52.08 45.00 35.60
C HIS D 485 51.59 44.33 34.31
N SER D 486 51.23 45.11 33.31
CA SER D 486 50.77 44.58 32.02
C SER D 486 51.39 45.39 30.89
N ASP D 487 51.36 44.82 29.69
CA ASP D 487 51.64 45.56 28.44
C ASP D 487 50.61 46.68 28.32
N ILE D 488 51.03 47.94 28.27
CA ILE D 488 50.11 49.06 27.95
C ILE D 488 49.59 48.85 26.52
N GLY D 489 48.29 48.63 26.37
CA GLY D 489 47.61 48.45 25.08
C GLY D 489 47.43 46.99 24.73
N GLY D 490 47.79 46.08 25.61
CA GLY D 490 47.64 44.64 25.35
C GLY D 490 48.65 44.14 24.31
N TYR D 491 48.57 42.86 23.98
CA TYR D 491 49.53 42.16 23.09
C TYR D 491 48.85 41.62 21.81
N THR D 492 47.84 40.76 21.97
CA THR D 492 47.37 39.82 20.90
C THR D 492 46.45 40.54 19.94
N SER D 493 46.92 40.76 18.73
CA SER D 493 46.14 41.25 17.56
C SER D 493 46.00 40.10 16.56
N LEU D 494 44.84 39.47 16.51
CA LEU D 494 44.50 38.40 15.54
C LEU D 494 43.08 38.65 15.02
N PHE D 495 42.78 38.16 13.82
CA PHE D 495 41.42 38.13 13.23
C PHE D 495 40.89 39.55 13.08
N GLY D 496 41.78 40.49 12.74
CA GLY D 496 41.42 41.92 12.59
C GLY D 496 41.12 42.67 13.90
N ASN D 497 41.36 42.07 15.08
CA ASN D 497 41.26 42.78 16.39
C ASN D 497 42.53 43.62 16.56
N VAL D 498 42.38 44.94 16.52
CA VAL D 498 43.49 45.94 16.53
C VAL D 498 43.19 46.99 17.60
N ARG D 499 44.24 47.65 18.08
CA ARG D 499 44.14 48.68 19.13
C ARG D 499 43.34 49.87 18.65
N THR D 500 42.71 50.59 19.58
CA THR D 500 42.23 51.97 19.34
C THR D 500 43.04 52.93 20.21
N ALA D 501 43.05 54.21 19.85
CA ALA D 501 43.61 55.27 20.70
C ALA D 501 43.03 55.13 22.12
N GLU D 502 41.72 54.95 22.24
CA GLU D 502 41.03 54.98 23.54
C GLU D 502 41.55 53.83 24.39
N LEU D 503 41.72 52.62 23.81
CA LEU D 503 42.25 51.45 24.52
C LEU D 503 43.62 51.78 25.12
N ILE D 504 44.55 52.27 24.31
CA ILE D 504 45.91 52.63 24.81
C ILE D 504 45.79 53.60 25.98
N MET D 505 45.01 54.67 25.83
CA MET D 505 44.93 55.74 26.87
C MET D 505 44.32 55.15 28.14
N ARG D 506 43.25 54.35 28.04
CA ARG D 506 42.65 53.77 29.27
C ARG D 506 43.67 52.84 29.95
N TRP D 507 44.41 52.08 29.15
CA TRP D 507 45.42 51.13 29.68
C TRP D 507 46.56 51.89 30.38
N THR D 508 46.98 53.01 29.80
CA THR D 508 48.03 53.90 30.34
C THR D 508 47.58 54.44 31.71
N GLU D 509 46.32 54.84 31.80
CA GLU D 509 45.70 55.42 33.02
C GLU D 509 45.83 54.40 34.13
N MET D 510 45.52 53.12 33.85
CA MET D 510 45.65 52.09 34.90
C MET D 510 47.15 51.93 35.26
N ALA D 511 48.01 51.79 34.25
CA ALA D 511 49.43 51.38 34.43
C ALA D 511 50.18 52.41 35.30
N ALA D 512 49.83 53.69 35.21
CA ALA D 512 50.46 54.77 36.01
C ALA D 512 50.23 54.54 37.51
N PHE D 513 49.22 53.74 37.89
CA PHE D 513 48.93 53.38 39.31
C PHE D 513 49.21 51.90 39.51
N THR D 514 50.33 51.46 38.94
CA THR D 514 50.92 50.11 39.14
C THR D 514 52.43 50.30 39.26
N PRO D 515 53.17 49.31 39.79
CA PRO D 515 54.61 49.42 39.99
C PRO D 515 55.44 49.82 38.76
N VAL D 516 55.05 49.38 37.56
CA VAL D 516 55.89 49.58 36.32
C VAL D 516 54.96 49.91 35.15
N MET D 517 55.24 51.03 34.47
CA MET D 517 54.67 51.39 33.16
C MET D 517 55.58 50.84 32.08
N ARG D 518 55.08 49.92 31.26
CA ARG D 518 55.83 49.34 30.11
C ARG D 518 54.92 49.21 28.90
N THR D 519 55.38 49.62 27.74
CA THR D 519 54.66 49.47 26.47
C THR D 519 55.23 48.25 25.72
N HIS D 520 54.56 47.85 24.65
CA HIS D 520 54.80 46.63 23.86
C HIS D 520 54.21 46.88 22.47
N GLU D 521 54.98 46.69 21.41
CA GLU D 521 54.45 46.87 20.02
C GLU D 521 53.53 45.69 19.65
N GLY D 522 53.65 44.54 20.33
CA GLY D 522 52.73 43.38 20.18
C GLY D 522 53.16 42.44 19.06
N ASN D 523 52.27 41.51 18.65
CA ASN D 523 52.59 40.46 17.66
C ASN D 523 52.56 41.01 16.22
N ARG D 524 51.85 42.10 15.98
CA ARG D 524 51.70 42.67 14.62
C ARG D 524 51.86 44.18 14.64
N PRO D 525 53.09 44.67 14.91
CA PRO D 525 53.34 46.08 15.17
C PRO D 525 52.77 47.04 14.13
N ARG D 526 52.88 46.71 12.85
CA ARG D 526 52.49 47.65 11.76
C ARG D 526 50.98 47.66 11.59
N ASP D 527 50.23 46.71 12.16
CA ASP D 527 48.75 46.65 12.07
C ASP D 527 48.11 47.42 13.24
N ASN D 528 48.90 47.77 14.25
CA ASN D 528 48.39 48.32 15.53
C ASN D 528 48.97 49.71 15.78
N LEU D 529 48.14 50.60 16.29
CA LEU D 529 48.56 51.90 16.85
C LEU D 529 49.58 51.68 17.98
N GLN D 530 50.64 52.47 17.96
CA GLN D 530 51.72 52.48 18.98
C GLN D 530 51.71 53.87 19.63
N ILE D 531 52.28 54.01 20.83
CA ILE D 531 52.11 55.25 21.66
C ILE D 531 52.68 56.48 20.93
N ASP D 532 53.62 56.31 20.01
CA ASP D 532 54.31 57.43 19.31
C ASP D 532 53.56 57.83 18.03
N GLN D 533 52.45 57.19 17.65
CA GLN D 533 51.90 57.37 16.27
C GLN D 533 50.65 58.27 16.26
N ASP D 534 50.19 58.76 17.39
CA ASP D 534 49.03 59.68 17.46
C ASP D 534 49.36 60.77 18.49
N GLU D 535 49.30 62.05 18.07
CA GLU D 535 49.71 63.21 18.93
C GLU D 535 48.93 63.17 20.27
N THR D 536 47.62 62.89 20.23
CA THR D 536 46.74 62.84 21.44
C THR D 536 47.19 61.69 22.37
N VAL D 537 47.41 60.51 21.83
CA VAL D 537 47.83 59.33 22.65
C VAL D 537 49.19 59.63 23.29
N LEU D 538 50.12 60.17 22.51
CA LEU D 538 51.49 60.44 22.98
C LEU D 538 51.47 61.47 24.12
N ALA D 539 50.72 62.58 23.94
CA ALA D 539 50.58 63.64 24.96
C ALA D 539 49.97 63.05 26.23
N HIS D 540 48.95 62.21 26.06
CA HIS D 540 48.27 61.56 27.22
C HIS D 540 49.27 60.67 27.91
N PHE D 541 50.07 59.93 27.13
CA PHE D 541 51.10 59.02 27.69
C PHE D 541 52.12 59.84 28.48
N ALA D 542 52.63 60.93 27.92
CA ALA D 542 53.65 61.77 28.61
C ALA D 542 53.13 62.23 29.97
N ARG D 543 51.91 62.76 29.99
CA ARG D 543 51.27 63.27 31.23
C ARG D 543 51.17 62.11 32.24
N MET D 544 50.73 60.92 31.84
CA MET D 544 50.56 59.85 32.84
C MET D 544 51.93 59.45 33.38
N THR D 545 52.99 59.51 32.58
CA THR D 545 54.36 59.19 33.09
C THR D 545 54.79 60.24 34.12
N ALA D 546 54.44 61.51 33.94
CA ALA D 546 54.75 62.58 34.92
C ALA D 546 54.01 62.26 36.24
N ILE D 547 52.76 61.79 36.13
CA ILE D 547 51.95 61.38 37.31
C ILE D 547 52.65 60.22 38.01
N TYR D 548 53.09 59.22 37.24
CA TYR D 548 53.79 58.05 37.81
C TYR D 548 55.04 58.53 38.55
N VAL D 549 55.84 59.42 37.95
CA VAL D 549 57.14 59.87 38.56
C VAL D 549 56.83 60.65 39.84
N ALA D 550 55.83 61.53 39.80
CA ALA D 550 55.43 62.31 41.00
C ALA D 550 54.95 61.36 42.10
N LEU D 551 54.34 60.21 41.79
CA LEU D 551 53.84 59.21 42.78
C LEU D 551 54.96 58.32 43.32
N ALA D 552 56.16 58.38 42.77
CA ALA D 552 57.29 57.51 43.16
C ALA D 552 57.47 57.42 44.68
N PRO D 553 57.45 58.53 45.46
CA PRO D 553 57.69 58.40 46.90
C PRO D 553 56.62 57.51 47.55
N TYR D 554 55.38 57.59 47.06
CA TYR D 554 54.28 56.73 47.58
C TYR D 554 54.55 55.27 47.21
N LEU D 555 54.84 54.99 45.93
CA LEU D 555 55.13 53.59 45.47
C LEU D 555 56.33 53.03 46.24
N LYS D 556 57.37 53.84 46.43
CA LYS D 556 58.58 53.42 47.22
C LYS D 556 58.14 52.95 48.61
N SER D 557 57.20 53.65 49.27
CA SER D 557 56.74 53.28 50.63
C SER D 557 56.01 51.92 50.56
N LEU D 558 55.26 51.68 49.46
CA LEU D 558 54.52 50.42 49.27
C LEU D 558 55.50 49.26 49.03
N SER D 559 56.58 49.51 48.28
CA SER D 559 57.64 48.52 48.04
C SER D 559 58.37 48.18 49.36
N ALA D 560 58.69 49.17 50.19
CA ALA D 560 59.26 48.96 51.53
C ALA D 560 58.30 48.09 52.36
N GLU D 561 57.02 48.45 52.35
CA GLU D 561 55.95 47.68 53.05
C GLU D 561 55.97 46.24 52.52
N ALA D 562 56.03 46.03 51.20
CA ALA D 562 56.01 44.68 50.59
C ALA D 562 57.20 43.85 51.11
N ALA D 563 58.39 44.43 51.14
CA ALA D 563 59.60 43.72 51.65
C ALA D 563 59.46 43.40 53.16
N LYS D 564 58.91 44.31 53.98
CA LYS D 564 58.81 44.15 55.46
C LYS D 564 57.62 43.24 55.83
N THR D 565 56.45 43.35 55.18
CA THR D 565 55.18 42.68 55.60
C THR D 565 54.67 41.68 54.56
N GLY D 566 55.10 41.75 53.32
CA GLY D 566 54.63 40.81 52.28
C GLY D 566 53.38 41.30 51.53
N LEU D 567 52.71 42.36 51.99
CA LEU D 567 51.46 42.84 51.35
C LEU D 567 51.77 43.33 49.93
N PRO D 568 50.92 42.98 48.95
CA PRO D 568 51.14 43.42 47.58
C PRO D 568 50.80 44.89 47.39
N VAL D 569 51.38 45.50 46.38
CA VAL D 569 51.13 46.94 46.06
C VAL D 569 49.66 47.13 45.69
N GLN D 570 49.08 46.21 44.90
CA GLN D 570 47.68 46.22 44.45
C GLN D 570 46.91 45.25 45.34
N ARG D 571 46.02 45.79 46.15
CA ARG D 571 45.28 45.05 47.21
C ARG D 571 43.79 45.04 46.90
N PRO D 572 43.11 43.93 47.25
CA PRO D 572 41.65 43.87 47.19
C PRO D 572 41.05 44.72 48.32
N LEU D 573 39.90 45.34 48.09
CA LEU D 573 39.27 46.26 49.07
C LEU D 573 39.05 45.52 50.39
N PHE D 574 38.77 44.22 50.37
CA PHE D 574 38.40 43.45 51.58
C PHE D 574 39.60 43.34 52.53
N LEU D 575 40.81 43.52 52.01
CA LEU D 575 42.03 43.42 52.84
C LEU D 575 42.06 44.54 53.89
N HIS D 576 41.54 45.73 53.59
CA HIS D 576 41.54 46.88 54.53
C HIS D 576 40.13 47.23 55.01
N TYR D 577 39.09 46.49 54.59
CA TYR D 577 37.67 46.80 54.92
C TYR D 577 36.93 45.49 55.18
N GLU D 578 37.39 44.71 56.16
CA GLU D 578 36.91 43.33 56.43
C GLU D 578 35.41 43.30 56.76
N ASN D 579 34.87 44.38 57.34
CA ASN D 579 33.49 44.40 57.87
C ASN D 579 32.52 44.87 56.78
N GLU D 580 32.97 45.06 55.54
CA GLU D 580 32.10 45.56 54.43
C GLU D 580 31.94 44.48 53.37
N PRO D 581 30.83 43.70 53.42
CA PRO D 581 30.62 42.56 52.52
C PRO D 581 30.67 42.88 51.01
N GLN D 582 30.35 44.11 50.63
CA GLN D 582 30.34 44.59 49.21
C GLN D 582 31.76 44.54 48.62
N THR D 583 32.81 44.51 49.46
CA THR D 583 34.22 44.59 49.03
C THR D 583 34.81 43.21 48.69
N TYR D 584 34.09 42.12 48.95
CA TYR D 584 34.68 40.76 49.01
C TYR D 584 34.89 40.17 47.61
N ALA D 585 34.04 40.52 46.65
CA ALA D 585 34.10 39.94 45.29
C ALA D 585 34.56 41.00 44.28
N VAL D 586 34.73 42.27 44.66
CA VAL D 586 35.09 43.36 43.71
C VAL D 586 36.44 43.00 43.06
N GLN D 587 36.49 43.01 41.71
CA GLN D 587 37.72 42.61 40.99
C GLN D 587 38.07 43.59 39.86
N ASP D 588 37.37 44.71 39.74
CA ASP D 588 37.70 45.76 38.73
C ASP D 588 38.13 47.06 39.44
N CYS D 589 38.47 46.98 40.73
CA CYS D 589 38.99 48.09 41.53
C CYS D 589 40.06 47.51 42.43
N TYR D 590 41.01 48.33 42.82
CA TYR D 590 42.04 47.89 43.79
C TYR D 590 42.42 49.06 44.68
N LEU D 591 42.92 48.72 45.85
CA LEU D 591 43.62 49.65 46.75
C LEU D 591 45.10 49.66 46.32
N TYR D 592 45.61 50.81 45.92
CA TYR D 592 47.04 51.03 45.58
C TYR D 592 47.68 51.46 46.89
N GLY D 593 48.20 50.52 47.64
CA GLY D 593 48.51 50.70 49.07
C GLY D 593 47.22 50.90 49.85
N ALA D 594 47.30 51.26 51.13
CA ALA D 594 46.15 51.47 52.00
C ALA D 594 45.44 52.79 51.62
N ASP D 595 46.13 53.73 50.98
CA ASP D 595 45.73 55.16 50.95
C ASP D 595 45.12 55.59 49.61
N MET D 596 45.21 54.80 48.54
CA MET D 596 44.59 55.17 47.24
C MET D 596 43.66 54.05 46.76
N LEU D 597 42.59 54.45 46.08
CA LEU D 597 41.61 53.54 45.47
C LEU D 597 41.60 53.82 43.98
N VAL D 598 41.76 52.78 43.17
CA VAL D 598 41.82 52.89 41.70
C VAL D 598 40.71 52.03 41.11
N ALA D 599 39.90 52.64 40.25
CA ALA D 599 38.77 52.00 39.54
C ALA D 599 38.94 52.25 38.05
N PRO D 600 39.82 51.47 37.37
CA PRO D 600 40.04 51.66 35.94
C PRO D 600 38.75 51.54 35.15
N VAL D 601 38.62 52.39 34.13
CA VAL D 601 37.60 52.22 33.06
C VAL D 601 38.12 51.13 32.12
N TRP D 602 37.32 50.09 31.94
CA TRP D 602 37.64 48.88 31.16
C TRP D 602 36.64 48.66 30.03
N LYS D 603 35.89 49.68 29.62
CA LYS D 603 34.89 49.63 28.52
C LYS D 603 35.02 50.85 27.61
N ALA D 604 34.84 50.62 26.32
CA ALA D 604 34.87 51.65 25.25
C ALA D 604 33.68 52.60 25.47
N GLY D 605 33.89 53.88 25.24
CA GLY D 605 32.84 54.91 25.11
C GLY D 605 32.32 55.40 26.46
N GLU D 606 32.94 55.03 27.58
CA GLU D 606 32.50 55.43 28.93
C GLU D 606 33.09 56.83 29.21
N THR D 607 32.24 57.74 29.70
CA THR D 607 32.61 59.11 30.15
C THR D 607 32.54 59.18 31.68
N GLN D 608 32.06 58.10 32.31
CA GLN D 608 31.75 58.02 33.76
C GLN D 608 32.18 56.65 34.30
N ARG D 609 32.38 56.55 35.61
CA ARG D 609 32.68 55.27 36.29
C ARG D 609 31.93 55.25 37.62
N SER D 610 31.24 54.13 37.88
CA SER D 610 30.55 53.82 39.14
C SER D 610 31.41 52.82 39.91
N LEU D 611 31.55 53.01 41.21
CA LEU D 611 32.32 52.08 42.08
C LEU D 611 31.75 52.16 43.49
N TYR D 612 31.99 51.15 44.30
CA TYR D 612 31.78 51.19 45.75
C TYR D 612 32.99 51.85 46.41
N LEU D 613 32.74 52.95 47.13
CA LEU D 613 33.72 53.66 47.99
C LEU D 613 33.62 53.05 49.38
N PRO D 614 34.66 52.37 49.91
CA PRO D 614 34.56 51.72 51.21
C PRO D 614 34.84 52.66 52.40
N GLY D 615 34.59 52.19 53.62
CA GLY D 615 35.04 52.85 54.87
C GLY D 615 34.00 53.83 55.44
N HIS D 616 34.34 54.42 56.58
CA HIS D 616 33.46 55.38 57.33
C HIS D 616 34.09 56.79 57.31
N GLY D 617 35.19 56.97 56.57
CA GLY D 617 35.91 58.25 56.40
C GLY D 617 35.50 58.94 55.10
N GLU D 618 36.34 59.84 54.61
CA GLU D 618 36.13 60.55 53.31
C GLU D 618 37.26 60.15 52.35
N TRP D 619 36.93 60.05 51.07
CA TRP D 619 37.91 59.85 49.97
C TRP D 619 37.97 61.14 49.17
N VAL D 620 39.15 61.57 48.73
CA VAL D 620 39.32 62.76 47.85
C VAL D 620 39.54 62.29 46.40
N HIS D 621 38.74 62.78 45.48
CA HIS D 621 38.93 62.58 44.03
C HIS D 621 40.21 63.29 43.61
N LEU D 622 41.13 62.56 43.01
CA LEU D 622 42.51 63.01 42.75
C LEU D 622 42.52 64.26 41.87
N TRP D 623 41.65 64.34 40.87
CA TRP D 623 41.75 65.39 39.81
C TRP D 623 41.00 66.67 40.23
N SER D 624 39.89 66.56 40.97
CA SER D 624 38.95 67.68 41.29
C SER D 624 39.22 68.24 42.71
N GLY D 625 39.72 67.44 43.65
CA GLY D 625 39.81 67.80 45.08
C GLY D 625 38.48 67.59 45.83
N LYS D 626 37.41 67.22 45.13
CA LYS D 626 36.06 67.01 45.72
C LYS D 626 36.11 65.79 46.64
N ARG D 627 35.59 65.92 47.87
CA ARG D 627 35.50 64.82 48.86
C ARG D 627 34.22 64.01 48.62
N HIS D 628 34.26 62.70 48.90
CA HIS D 628 33.15 61.75 48.79
C HIS D 628 33.12 60.89 50.05
N ALA D 629 31.94 60.60 50.59
CA ALA D 629 31.80 59.85 51.86
C ALA D 629 31.98 58.35 51.59
N GLY D 630 32.75 57.65 52.41
CA GLY D 630 32.85 56.18 52.35
C GLY D 630 31.53 55.53 52.63
N GLY D 631 31.40 54.26 52.21
CA GLY D 631 30.27 53.38 52.59
C GLY D 631 29.12 53.43 51.61
N ARG D 632 29.33 53.89 50.36
CA ARG D 632 28.25 54.01 49.32
C ARG D 632 28.84 53.90 47.91
N ASP D 633 27.97 53.55 46.94
CA ASP D 633 28.24 53.62 45.49
C ASP D 633 28.33 55.10 45.10
N ILE D 634 29.31 55.44 44.24
CA ILE D 634 29.53 56.80 43.70
C ILE D 634 29.73 56.69 42.19
N THR D 635 29.44 57.77 41.48
CA THR D 635 29.68 57.91 40.03
C THR D 635 30.51 59.17 39.84
N VAL D 636 31.65 59.10 39.14
CA VAL D 636 32.47 60.30 38.85
C VAL D 636 32.66 60.39 37.33
N GLU D 637 32.92 61.61 36.85
CA GLU D 637 33.32 61.88 35.47
C GLU D 637 34.72 61.27 35.30
N THR D 638 34.92 60.51 34.22
CA THR D 638 36.24 59.93 33.86
C THR D 638 36.52 60.22 32.40
N PRO D 639 36.73 61.48 32.00
CA PRO D 639 37.19 61.76 30.65
C PRO D 639 38.63 61.21 30.54
N LEU D 640 39.14 61.10 29.31
CA LEU D 640 40.53 60.62 29.09
C LEU D 640 41.49 61.52 29.85
N GLY D 641 42.36 60.93 30.66
CA GLY D 641 43.33 61.67 31.48
C GLY D 641 42.98 61.65 32.96
N GLU D 642 41.73 61.30 33.29
CA GLU D 642 41.20 61.49 34.68
C GLU D 642 40.55 60.20 35.13
N PRO D 643 41.32 59.11 35.31
CA PRO D 643 40.77 57.88 35.85
C PRO D 643 40.16 58.10 37.24
N ALA D 644 39.24 57.22 37.61
CA ALA D 644 38.53 57.28 38.91
C ALA D 644 39.55 56.83 39.96
N VAL D 645 40.33 57.78 40.44
CA VAL D 645 41.34 57.55 41.52
C VAL D 645 41.02 58.47 42.70
N PHE D 646 41.07 57.92 43.90
CA PHE D 646 40.76 58.63 45.17
C PHE D 646 41.85 58.30 46.18
N TYR D 647 42.06 59.21 47.13
CA TYR D 647 42.97 59.02 48.28
C TYR D 647 42.23 59.33 49.58
N ARG D 648 42.60 58.66 50.66
CA ARG D 648 41.98 58.89 52.00
C ARG D 648 42.32 60.31 52.44
N ALA D 649 41.32 61.10 52.81
CA ALA D 649 41.49 62.51 53.27
C ALA D 649 42.54 62.59 54.40
N ASP D 650 42.58 61.58 55.26
CA ASP D 650 43.49 61.52 56.45
C ASP D 650 44.87 60.94 56.09
N SER D 651 45.18 60.73 54.79
CA SER D 651 46.46 60.13 54.33
C SER D 651 47.67 61.01 54.73
N SER D 652 48.72 60.40 55.27
CA SER D 652 50.00 61.08 55.60
C SER D 652 50.65 61.64 54.32
N HIS D 653 50.27 61.13 53.14
CA HIS D 653 50.84 61.56 51.84
C HIS D 653 49.94 62.57 51.14
N HIS D 654 48.97 63.18 51.86
CA HIS D 654 47.99 64.13 51.27
C HIS D 654 48.70 65.22 50.45
N ARG D 655 49.86 65.70 50.91
CA ARG D 655 50.62 66.81 50.26
C ARG D 655 51.08 66.35 48.88
N LEU D 656 51.60 65.12 48.79
CA LEU D 656 51.99 64.50 47.49
C LEU D 656 50.79 64.38 46.56
N PHE D 657 49.69 63.79 47.04
CA PHE D 657 48.45 63.58 46.24
C PHE D 657 47.89 64.92 45.75
N GLU D 658 47.85 65.94 46.61
CA GLU D 658 47.41 67.32 46.24
C GLU D 658 48.21 67.80 45.03
N GLN D 659 49.50 67.46 44.93
CA GLN D 659 50.44 67.93 43.86
C GLN D 659 50.06 67.31 42.51
N LEU D 660 49.56 66.06 42.47
CA LEU D 660 49.19 65.36 41.20
C LEU D 660 48.09 66.09 40.45
N ARG D 661 47.16 66.73 41.19
CA ARG D 661 46.05 67.55 40.65
C ARG D 661 46.61 68.62 39.69
N THR D 662 47.77 69.20 40.00
CA THR D 662 48.35 70.36 39.24
C THR D 662 49.21 69.88 38.06
N ILE D 663 49.99 68.82 38.23
CA ILE D 663 50.65 68.15 37.06
C ILE D 663 49.54 67.89 36.05
N GLY D 664 48.48 67.22 36.53
CA GLY D 664 47.18 67.01 35.86
C GLY D 664 46.63 68.22 35.09
N LEU D 665 46.51 69.40 35.73
CA LEU D 665 45.84 70.62 35.18
C LEU D 665 46.74 71.37 34.18
C4 VCW E . 10.79 22.50 15.19
C5 VCW E . 12.19 22.66 15.71
C6 VCW E . 12.30 23.80 16.71
C7 VCW E . 9.59 19.77 12.99
C8 VCW E . 9.23 20.62 11.74
C1 VCW E . 6.65 22.85 13.57
C2 VCW E . 7.98 22.19 13.24
C3 VCW E . 9.60 20.64 14.24
C9 VCW E . 7.90 21.32 11.99
O1 VCW E . 7.34 25.30 14.01
S1 VCW E . 6.70 24.22 14.69
O2 VCW E . 7.34 23.81 15.92
O3 VCW E . 5.27 24.45 14.96
O4 VCW E . 8.41 21.41 14.38
O5 VCW E . 10.70 21.51 14.15
O6 VCW E . 12.56 21.43 16.31
O7 VCW E . 13.52 23.72 17.43
O8 VCW E . 10.83 19.09 12.89
O9 VCW E . 9.10 19.87 10.53
O10 VCW E . 7.59 22.15 10.89
C4 VCW F . -33.08 2.42 -26.98
C5 VCW F . -33.24 0.90 -26.92
C6 VCW F . -32.76 0.21 -28.18
C7 VCW F . -33.58 4.58 -23.96
C8 VCW F . -34.75 5.47 -24.46
C1 VCW F . -32.76 6.95 -27.43
C2 VCW F . -33.44 5.92 -26.56
C3 VCW F . -32.84 3.99 -25.16
C9 VCW F . -34.25 6.54 -25.42
O1 VCW F . -33.39 5.98 -29.77
S1 VCW F . -32.23 6.31 -29.00
O2 VCW F . -31.28 5.26 -28.67
O3 VCW F . -31.49 7.46 -29.70
O4 VCW F . -32.42 5.03 -26.05
O5 VCW F . -33.69 3.08 -25.84
O6 VCW F . -32.54 0.44 -25.77
O7 VCW F . -32.67 -1.22 -28.05
O8 VCW F . -34.00 3.51 -23.12
O9 VCW F . -35.40 6.17 -23.39
O10 VCW F . -35.37 7.22 -25.96
C4 VCW G . -48.16 -39.76 -34.35
C5 VCW G . -47.35 -38.61 -33.77
C6 VCW G . -48.00 -37.98 -32.55
C7 VCW G . -47.09 -42.15 -37.00
C8 VCW G . -48.18 -41.83 -37.98
C1 VCW G . -50.89 -43.01 -35.57
C2 VCW G . -49.82 -42.12 -36.13
C3 VCW G . -47.49 -41.71 -35.59
C9 VCW G . -49.44 -42.56 -37.54
O1 VCW G . -50.78 -42.08 -33.12
S1 VCW G . -51.76 -42.38 -34.18
O2 VCW G . -52.74 -43.36 -33.86
O3 VCW G . -52.43 -41.13 -34.72
O4 VCW G . -48.73 -42.27 -35.21
O5 VCW G . -47.56 -40.30 -35.54
O6 VCW G . -46.08 -39.16 -33.44
O7 VCW G . -47.10 -37.05 -31.94
O8 VCW G . -45.87 -41.54 -37.43
O9 VCW G . -47.79 -42.22 -39.30
O10 VCW G . -50.49 -42.28 -38.47
C4 VCW H . 54.19 34.65 22.51
C5 VCW H . 52.83 33.96 22.55
C6 VCW H . 52.70 33.01 21.36
C7 VCW H . 55.44 37.08 25.03
C8 VCW H . 55.46 38.32 24.15
C1 VCW H . 57.94 36.66 21.70
C2 VCW H . 56.64 36.99 22.41
C3 VCW H . 55.43 35.81 24.18
C9 VCW H . 56.66 38.29 23.20
O1 VCW H . 57.04 36.51 19.35
S1 VCW H . 57.74 35.68 20.25
O2 VCW H . 57.15 34.43 20.60
O3 VCW H . 59.18 35.35 19.89
O4 VCW H . 56.51 35.83 23.26
O5 VCW H . 54.25 35.72 23.46
O6 VCW H . 52.65 33.29 23.80
O7 VCW H . 51.64 32.08 21.59
O8 VCW H . 54.34 37.08 25.94
O9 VCW H . 55.48 39.51 24.94
O10 VCW H . 56.61 39.44 22.32
#